data_1DDB
#
_entry.id   1DDB
#
_cell.length_a   1.000
_cell.length_b   1.000
_cell.length_c   1.000
_cell.angle_alpha   90.00
_cell.angle_beta   90.00
_cell.angle_gamma   90.00
#
_symmetry.space_group_name_H-M   'P 1'
#
_entity_poly.entity_id   1
_entity_poly.type   'polypeptide(L)'
_entity_poly.pdbx_seq_one_letter_code
;MDSEVSNGSGLGAKHITDLLVFGFLQSSGCTRQELEVLGRELPVQAYWEADLEDELQTDGSQASRSFNQGRIEPDSESQE
EIIHNIARHLAQIGDEMDHNIQPTLVRQLAAQFMNGSLSEEDKRNCLAKALDEVKTAFPRDMENDKAMLIMTMLLAKKVA
SHAPSLLRDVFHTTVNFINQNLFSYVRNLVRNEMD
;
_entity_poly.pdbx_strand_id   A
#
# COMPACT_ATOMS: atom_id res chain seq x y z
N MET A 1 28.29 -30.71 2.64
CA MET A 1 27.29 -29.81 2.10
C MET A 1 26.00 -29.85 2.92
N ASP A 2 25.50 -28.66 3.22
CA ASP A 2 24.28 -28.54 4.01
C ASP A 2 24.09 -27.08 4.44
N SER A 3 22.91 -26.56 4.14
CA SER A 3 22.59 -25.18 4.49
C SER A 3 21.22 -24.81 3.93
N GLU A 4 20.39 -24.27 4.82
CA GLU A 4 19.04 -23.88 4.44
C GLU A 4 18.27 -23.38 5.67
N VAL A 5 17.84 -22.14 5.60
CA VAL A 5 17.08 -21.54 6.69
C VAL A 5 16.39 -20.27 6.19
N SER A 6 15.22 -20.02 6.75
CA SER A 6 14.46 -18.84 6.37
C SER A 6 13.02 -18.97 6.91
N ASN A 7 12.58 -17.91 7.59
CA ASN A 7 11.25 -17.89 8.15
C ASN A 7 11.06 -16.59 8.95
N GLY A 8 9.81 -16.25 9.18
CA GLY A 8 9.48 -15.05 9.93
C GLY A 8 8.24 -14.35 9.34
N SER A 9 7.18 -14.37 10.11
CA SER A 9 5.93 -13.75 9.68
C SER A 9 5.16 -13.22 10.89
N GLY A 10 4.25 -12.29 10.62
CA GLY A 10 3.44 -11.71 11.67
C GLY A 10 3.71 -10.20 11.78
N LEU A 11 3.13 -9.59 12.80
CA LEU A 11 3.29 -8.17 13.03
C LEU A 11 2.62 -7.40 11.88
N GLY A 12 1.90 -6.36 12.27
CA GLY A 12 1.21 -5.53 11.28
C GLY A 12 -0.31 -5.63 11.47
N ALA A 13 -1.02 -5.47 10.35
CA ALA A 13 -2.46 -5.52 10.38
C ALA A 13 -3.01 -4.25 11.00
N LYS A 14 -3.95 -3.64 10.28
CA LYS A 14 -4.56 -2.41 10.76
C LYS A 14 -5.77 -2.08 9.87
N HIS A 15 -6.78 -1.49 10.51
CA HIS A 15 -7.99 -1.12 9.79
C HIS A 15 -7.66 -0.06 8.74
N ILE A 16 -6.99 0.99 9.19
CA ILE A 16 -6.62 2.09 8.30
C ILE A 16 -5.65 1.55 7.24
N THR A 17 -4.87 0.56 7.63
CA THR A 17 -3.91 -0.04 6.72
C THR A 17 -4.59 -0.50 5.44
N ASP A 18 -5.51 -1.45 5.60
CA ASP A 18 -6.25 -1.97 4.47
C ASP A 18 -6.86 -0.81 3.68
N LEU A 19 -7.27 0.21 4.41
CA LEU A 19 -7.87 1.38 3.79
C LEU A 19 -6.90 1.97 2.77
N LEU A 20 -5.62 1.84 3.08
CA LEU A 20 -4.58 2.36 2.20
C LEU A 20 -4.61 1.58 0.88
N VAL A 21 -4.77 0.26 1.00
CA VAL A 21 -4.81 -0.59 -0.16
C VAL A 21 -6.03 -0.25 -1.01
N PHE A 22 -7.20 -0.46 -0.41
CA PHE A 22 -8.45 -0.17 -1.09
C PHE A 22 -8.57 1.32 -1.39
N GLY A 23 -8.00 2.13 -0.52
CA GLY A 23 -8.04 3.57 -0.68
C GLY A 23 -7.08 4.02 -1.79
N PHE A 24 -5.92 3.39 -1.83
CA PHE A 24 -4.92 3.72 -2.82
C PHE A 24 -5.51 3.67 -4.23
N LEU A 25 -6.10 2.53 -4.55
CA LEU A 25 -6.72 2.35 -5.87
C LEU A 25 -7.84 3.39 -6.04
N GLN A 26 -8.61 3.56 -4.98
CA GLN A 26 -9.71 4.51 -5.02
C GLN A 26 -9.24 5.85 -5.55
N SER A 27 -7.99 6.17 -5.25
CA SER A 27 -7.41 7.43 -5.70
C SER A 27 -6.89 7.28 -7.13
N SER A 28 -6.01 6.32 -7.31
CA SER A 28 -5.44 6.06 -8.63
C SER A 28 -5.20 4.57 -8.81
N GLY A 29 -4.08 4.25 -9.47
CA GLY A 29 -3.72 2.87 -9.72
C GLY A 29 -4.47 2.32 -10.94
N CYS A 30 -4.83 1.05 -10.85
CA CYS A 30 -5.54 0.40 -11.94
C CYS A 30 -6.80 1.21 -12.24
N THR A 31 -7.95 0.62 -11.90
CA THR A 31 -9.22 1.27 -12.13
C THR A 31 -10.17 1.00 -10.95
N ARG A 32 -11.28 1.72 -10.97
CA ARG A 32 -12.28 1.56 -9.91
C ARG A 32 -12.59 0.09 -9.69
N GLN A 33 -12.99 -0.57 -10.77
CA GLN A 33 -13.33 -1.98 -10.70
C GLN A 33 -12.20 -2.77 -10.05
N GLU A 34 -10.99 -2.23 -10.18
CA GLU A 34 -9.82 -2.88 -9.61
C GLU A 34 -9.88 -2.82 -8.09
N LEU A 35 -9.98 -1.59 -7.58
CA LEU A 35 -10.04 -1.38 -6.14
C LEU A 35 -11.06 -2.36 -5.53
N GLU A 36 -12.08 -2.65 -6.31
CA GLU A 36 -13.13 -3.56 -5.86
C GLU A 36 -12.57 -4.98 -5.74
N VAL A 37 -11.85 -5.39 -6.77
CA VAL A 37 -11.25 -6.72 -6.78
C VAL A 37 -10.20 -6.83 -5.68
N LEU A 38 -9.23 -5.92 -5.74
CA LEU A 38 -8.16 -5.90 -4.76
C LEU A 38 -8.74 -5.50 -3.40
N GLY A 39 -9.51 -4.41 -3.41
CA GLY A 39 -10.12 -3.93 -2.18
C GLY A 39 -11.00 -5.00 -1.54
N ARG A 40 -11.73 -5.71 -2.38
CA ARG A 40 -12.61 -6.76 -1.91
C ARG A 40 -11.84 -7.71 -0.99
N GLU A 41 -12.00 -7.48 0.31
CA GLU A 41 -11.32 -8.30 1.30
C GLU A 41 -12.23 -8.50 2.52
N LEU A 42 -12.36 -9.75 2.92
CA LEU A 42 -13.19 -10.09 4.07
C LEU A 42 -12.29 -10.32 5.28
N PRO A 43 -12.30 -9.32 6.21
CA PRO A 43 -11.50 -9.41 7.41
C PRO A 43 -12.11 -10.39 8.42
N VAL A 44 -11.65 -10.29 9.66
CA VAL A 44 -12.15 -11.15 10.72
C VAL A 44 -13.38 -10.52 11.34
N GLN A 45 -14.54 -10.80 10.75
CA GLN A 45 -15.78 -10.26 11.25
C GLN A 45 -16.85 -10.30 10.14
N ALA A 46 -16.94 -9.20 9.42
CA ALA A 46 -17.91 -9.09 8.34
C ALA A 46 -17.88 -7.66 7.78
N TYR A 47 -16.73 -7.30 7.23
CA TYR A 47 -16.57 -5.98 6.65
C TYR A 47 -17.81 -5.55 5.87
N TRP A 48 -17.88 -4.26 5.59
CA TRP A 48 -19.01 -3.72 4.85
C TRP A 48 -19.06 -2.21 5.10
N GLU A 49 -19.30 -1.48 4.03
CA GLU A 49 -19.38 -0.03 4.11
C GLU A 49 -20.41 0.51 3.12
N ALA A 50 -20.16 1.73 2.66
CA ALA A 50 -21.05 2.37 1.71
C ALA A 50 -20.78 3.88 1.70
N ASP A 51 -21.27 4.53 0.66
CA ASP A 51 -21.09 5.96 0.50
C ASP A 51 -21.93 6.46 -0.68
N LEU A 52 -22.99 7.17 -0.34
CA LEU A 52 -23.87 7.70 -1.37
C LEU A 52 -23.04 8.11 -2.59
N GLU A 53 -23.69 8.03 -3.75
CA GLU A 53 -23.03 8.38 -4.99
C GLU A 53 -23.42 9.79 -5.43
N ASP A 54 -22.76 10.27 -6.47
CA ASP A 54 -23.04 11.60 -6.99
C ASP A 54 -23.45 11.50 -8.46
N GLU A 55 -23.93 12.61 -8.99
CA GLU A 55 -24.36 12.65 -10.38
C GLU A 55 -24.26 14.08 -10.91
N LEU A 56 -24.63 14.23 -12.18
CA LEU A 56 -24.58 15.53 -12.82
C LEU A 56 -25.66 15.60 -13.90
N GLN A 57 -25.71 16.74 -14.58
CA GLN A 57 -26.69 16.94 -15.63
C GLN A 57 -26.29 18.13 -16.50
N THR A 58 -26.23 17.87 -17.81
CA THR A 58 -25.86 18.91 -18.76
C THR A 58 -27.10 19.69 -19.20
N ASP A 59 -26.91 20.50 -20.23
CA ASP A 59 -27.99 21.31 -20.76
C ASP A 59 -27.70 21.65 -22.22
N GLY A 60 -28.78 21.95 -22.95
CA GLY A 60 -28.65 22.30 -24.35
C GLY A 60 -29.32 23.64 -24.64
N SER A 61 -30.54 23.56 -25.15
CA SER A 61 -31.29 24.77 -25.47
C SER A 61 -30.82 25.33 -26.82
N GLN A 62 -31.73 26.03 -27.47
CA GLN A 62 -31.41 26.63 -28.76
C GLN A 62 -31.92 28.07 -28.82
N ALA A 63 -33.24 28.21 -28.80
CA ALA A 63 -33.86 29.51 -28.84
C ALA A 63 -33.34 30.36 -27.68
N SER A 64 -32.68 31.46 -28.04
CA SER A 64 -32.13 32.36 -27.04
C SER A 64 -31.72 33.67 -27.70
N ARG A 65 -32.26 34.76 -27.14
CA ARG A 65 -31.96 36.08 -27.66
C ARG A 65 -30.76 36.68 -26.93
N SER A 66 -29.97 37.44 -27.67
CA SER A 66 -28.80 38.08 -27.10
C SER A 66 -29.08 38.51 -25.67
N PHE A 67 -28.51 37.77 -24.73
CA PHE A 67 -28.70 38.06 -23.32
C PHE A 67 -27.90 37.09 -22.45
N ASN A 68 -26.70 37.52 -22.09
CA ASN A 68 -25.83 36.70 -21.26
C ASN A 68 -24.48 37.40 -21.10
N GLN A 69 -23.79 37.04 -20.02
CA GLN A 69 -22.50 37.62 -19.74
C GLN A 69 -21.87 36.95 -18.51
N GLY A 70 -21.41 35.73 -18.72
CA GLY A 70 -20.79 34.97 -17.65
C GLY A 70 -20.63 33.50 -18.03
N ARG A 71 -19.44 32.97 -17.78
CA ARG A 71 -19.15 31.59 -18.10
C ARG A 71 -18.12 31.01 -17.12
N ILE A 72 -18.35 31.31 -15.85
CA ILE A 72 -17.45 30.84 -14.80
C ILE A 72 -17.92 29.47 -14.32
N GLU A 73 -16.94 28.65 -13.94
CA GLU A 73 -17.25 27.31 -13.46
C GLU A 73 -17.26 27.29 -11.93
N PRO A 74 -17.95 26.24 -11.38
CA PRO A 74 -18.04 26.11 -9.93
C PRO A 74 -16.73 25.59 -9.34
N ASP A 75 -16.55 25.87 -8.05
CA ASP A 75 -15.34 25.45 -7.36
C ASP A 75 -15.63 25.35 -5.86
N SER A 76 -15.62 24.12 -5.37
CA SER A 76 -15.88 23.87 -3.97
C SER A 76 -15.10 22.64 -3.50
N GLU A 77 -14.28 22.86 -2.48
CA GLU A 77 -13.48 21.78 -1.94
C GLU A 77 -13.82 21.54 -0.46
N SER A 78 -14.28 20.34 -0.17
CA SER A 78 -14.65 19.98 1.18
C SER A 78 -14.73 18.46 1.33
N GLN A 79 -13.69 17.89 1.93
CA GLN A 79 -13.63 16.46 2.14
C GLN A 79 -13.20 16.15 3.57
N GLU A 80 -14.04 15.38 4.26
CA GLU A 80 -13.76 15.00 5.63
C GLU A 80 -12.74 13.86 5.66
N GLU A 81 -12.12 13.71 6.82
CA GLU A 81 -11.12 12.66 7.01
C GLU A 81 -9.89 12.95 6.15
N ILE A 82 -8.78 13.18 6.82
CA ILE A 82 -7.53 13.46 6.13
C ILE A 82 -6.69 12.18 6.06
N ILE A 83 -6.75 11.42 7.13
CA ILE A 83 -6.00 10.17 7.20
C ILE A 83 -6.30 9.33 5.96
N HIS A 84 -7.59 9.06 5.76
CA HIS A 84 -8.02 8.27 4.62
C HIS A 84 -7.48 8.90 3.33
N ASN A 85 -7.50 10.22 3.30
CA ASN A 85 -7.02 10.95 2.13
C ASN A 85 -5.60 10.50 1.82
N ILE A 86 -4.79 10.38 2.86
CA ILE A 86 -3.41 9.97 2.71
C ILE A 86 -3.37 8.56 2.11
N ALA A 87 -4.35 7.76 2.50
CA ALA A 87 -4.43 6.39 2.02
C ALA A 87 -4.51 6.40 0.49
N ARG A 88 -5.54 7.07 -0.01
CA ARG A 88 -5.73 7.18 -1.45
C ARG A 88 -4.58 7.93 -2.10
N HIS A 89 -4.10 8.94 -1.38
CA HIS A 89 -3.00 9.76 -1.87
C HIS A 89 -1.79 8.86 -2.16
N LEU A 90 -1.75 7.74 -1.47
CA LEU A 90 -0.66 6.80 -1.63
C LEU A 90 -0.54 6.41 -3.10
N ALA A 91 -1.61 5.85 -3.62
CA ALA A 91 -1.65 5.43 -5.01
C ALA A 91 -1.29 6.62 -5.90
N GLN A 92 -2.00 7.72 -5.69
CA GLN A 92 -1.77 8.92 -6.46
C GLN A 92 -0.27 9.24 -6.51
N ILE A 93 0.41 8.94 -5.42
CA ILE A 93 1.83 9.19 -5.33
C ILE A 93 2.57 8.20 -6.25
N GLY A 94 2.02 7.00 -6.33
CA GLY A 94 2.62 5.97 -7.17
C GLY A 94 2.74 6.43 -8.62
N ASP A 95 1.63 6.89 -9.16
CA ASP A 95 1.60 7.37 -10.53
C ASP A 95 2.58 8.54 -10.67
N GLU A 96 2.42 9.52 -9.79
CA GLU A 96 3.28 10.69 -9.81
C GLU A 96 4.74 10.28 -9.68
N MET A 97 4.99 9.31 -8.81
CA MET A 97 6.33 8.82 -8.59
C MET A 97 7.00 8.42 -9.91
N ASP A 98 6.23 7.70 -10.72
CA ASP A 98 6.73 7.26 -12.01
C ASP A 98 7.58 8.36 -12.64
N HIS A 99 7.25 9.59 -12.30
CA HIS A 99 7.98 10.73 -12.81
C HIS A 99 9.47 10.54 -12.58
N ASN A 100 9.82 10.27 -11.33
CA ASN A 100 11.20 10.06 -10.95
C ASN A 100 11.28 9.05 -9.81
N ILE A 101 11.29 7.79 -10.18
CA ILE A 101 11.36 6.72 -9.19
C ILE A 101 12.64 5.90 -9.41
N GLN A 102 13.75 6.51 -9.04
CA GLN A 102 15.04 5.86 -9.21
C GLN A 102 16.17 6.90 -9.25
N PRO A 103 16.21 7.74 -8.17
CA PRO A 103 17.22 8.79 -8.09
C PRO A 103 18.58 8.19 -7.72
N THR A 104 18.63 6.87 -7.71
CA THR A 104 19.86 6.17 -7.37
C THR A 104 19.63 4.65 -7.37
N LEU A 105 18.44 4.27 -7.81
CA LEU A 105 18.09 2.86 -7.85
C LEU A 105 17.10 2.55 -6.72
N VAL A 106 16.30 3.55 -6.39
CA VAL A 106 15.32 3.39 -5.33
C VAL A 106 14.31 2.29 -5.73
N ARG A 107 13.33 2.71 -6.52
CA ARG A 107 12.31 1.79 -6.97
C ARG A 107 12.95 0.55 -7.62
N GLN A 108 14.22 0.70 -7.99
CA GLN A 108 14.96 -0.38 -8.62
C GLN A 108 15.08 -1.56 -7.65
N LEU A 109 15.53 -1.25 -6.44
CA LEU A 109 15.69 -2.28 -5.43
C LEU A 109 14.34 -2.90 -5.12
N ALA A 110 13.42 -2.06 -4.65
CA ALA A 110 12.09 -2.51 -4.31
C ALA A 110 11.53 -3.36 -5.45
N ALA A 111 11.85 -2.95 -6.67
CA ALA A 111 11.39 -3.66 -7.84
C ALA A 111 12.12 -5.00 -7.94
N GLN A 112 13.28 -5.05 -7.31
CA GLN A 112 14.09 -6.26 -7.31
C GLN A 112 13.26 -7.45 -6.80
N PHE A 113 12.67 -7.25 -5.62
CA PHE A 113 11.86 -8.29 -5.02
C PHE A 113 10.58 -8.53 -5.82
N MET A 114 10.01 -7.43 -6.31
CA MET A 114 8.79 -7.50 -7.09
C MET A 114 8.95 -8.44 -8.29
N ASN A 115 9.14 -9.72 -7.96
CA ASN A 115 9.31 -10.73 -8.99
C ASN A 115 8.67 -12.04 -8.52
N GLY A 116 8.29 -12.86 -9.50
CA GLY A 116 7.68 -14.14 -9.21
C GLY A 116 6.38 -13.94 -8.41
N SER A 117 5.49 -14.92 -8.54
CA SER A 117 4.22 -14.88 -7.85
C SER A 117 4.38 -15.43 -6.43
N LEU A 118 5.63 -15.63 -6.05
CA LEU A 118 5.93 -16.15 -4.72
C LEU A 118 7.45 -16.24 -4.54
N SER A 119 8.01 -15.15 -4.04
CA SER A 119 9.45 -15.10 -3.82
C SER A 119 9.75 -15.19 -2.32
N GLU A 120 10.85 -15.88 -2.02
CA GLU A 120 11.25 -16.05 -0.63
C GLU A 120 10.20 -16.84 0.13
N GLU A 121 9.49 -17.69 -0.59
CA GLU A 121 8.44 -18.50 0.01
C GLU A 121 7.48 -17.62 0.81
N ASP A 122 6.73 -16.80 0.08
CA ASP A 122 5.78 -15.90 0.70
C ASP A 122 5.55 -14.69 -0.20
N LYS A 123 4.38 -14.68 -0.84
CA LYS A 123 4.03 -13.58 -1.74
C LYS A 123 3.63 -12.36 -0.91
N ARG A 124 4.64 -11.68 -0.39
CA ARG A 124 4.41 -10.49 0.42
C ARG A 124 5.69 -10.09 1.15
N ASN A 125 6.50 -11.10 1.45
CA ASN A 125 7.75 -10.86 2.15
C ASN A 125 8.70 -10.10 1.24
N CYS A 126 8.70 -10.48 -0.03
CA CYS A 126 9.56 -9.85 -1.02
C CYS A 126 9.38 -8.33 -0.90
N LEU A 127 8.13 -7.91 -1.02
CA LEU A 127 7.81 -6.50 -0.93
C LEU A 127 8.43 -5.91 0.34
N ALA A 128 7.87 -6.30 1.47
CA ALA A 128 8.36 -5.83 2.75
C ALA A 128 9.89 -5.88 2.76
N LYS A 129 10.43 -6.80 2.00
CA LYS A 129 11.87 -6.96 1.90
C LYS A 129 12.47 -5.69 1.28
N ALA A 130 11.67 -5.03 0.47
CA ALA A 130 12.10 -3.81 -0.18
C ALA A 130 12.17 -2.67 0.85
N LEU A 131 11.11 -2.57 1.63
CA LEU A 131 11.05 -1.53 2.66
C LEU A 131 12.40 -1.41 3.34
N ASP A 132 12.96 -2.56 3.70
CA ASP A 132 14.25 -2.59 4.35
C ASP A 132 15.33 -2.16 3.37
N GLU A 133 15.18 -2.62 2.13
CA GLU A 133 16.13 -2.29 1.09
C GLU A 133 16.06 -0.79 0.75
N VAL A 134 14.89 -0.38 0.30
CA VAL A 134 14.67 1.02 -0.06
C VAL A 134 15.30 1.92 1.01
N LYS A 135 15.11 1.52 2.26
CA LYS A 135 15.64 2.28 3.38
C LYS A 135 17.16 2.08 3.44
N THR A 136 17.58 0.87 3.09
CA THR A 136 18.99 0.54 3.10
C THR A 136 19.77 1.50 2.20
N ALA A 137 19.07 2.05 1.22
CA ALA A 137 19.68 2.98 0.29
C ALA A 137 19.27 4.40 0.65
N PHE A 138 17.97 4.58 0.82
CA PHE A 138 17.42 5.88 1.17
C PHE A 138 16.73 5.84 2.53
N PRO A 139 17.53 5.52 3.59
CA PRO A 139 17.00 5.44 4.94
C PRO A 139 16.74 6.84 5.50
N ARG A 140 15.84 6.90 6.47
CA ARG A 140 15.49 8.16 7.11
C ARG A 140 14.08 8.08 7.69
N ASP A 141 13.58 9.25 8.10
CA ASP A 141 12.26 9.32 8.68
C ASP A 141 11.24 9.56 7.57
N MET A 142 10.78 10.80 7.48
CA MET A 142 9.80 11.16 6.47
C MET A 142 10.36 10.96 5.07
N GLU A 143 11.66 11.16 4.94
CA GLU A 143 12.34 11.00 3.66
C GLU A 143 12.34 9.52 3.25
N ASN A 144 12.99 8.72 4.08
CA ASN A 144 13.09 7.29 3.81
C ASN A 144 11.70 6.66 3.96
N ASP A 145 11.15 6.80 5.16
CA ASP A 145 9.84 6.25 5.46
C ASP A 145 8.92 6.47 4.24
N LYS A 146 8.86 7.71 3.81
CA LYS A 146 8.03 8.06 2.67
C LYS A 146 8.60 7.40 1.41
N ALA A 147 9.91 7.22 1.41
CA ALA A 147 10.58 6.60 0.29
C ALA A 147 10.09 5.16 0.11
N MET A 148 10.28 4.37 1.16
CA MET A 148 9.86 2.99 1.15
C MET A 148 8.41 2.87 0.70
N LEU A 149 7.58 3.74 1.25
CA LEU A 149 6.16 3.73 0.93
C LEU A 149 5.99 3.81 -0.60
N ILE A 150 6.78 4.69 -1.20
CA ILE A 150 6.74 4.86 -2.64
C ILE A 150 6.91 3.51 -3.33
N MET A 151 7.67 2.65 -2.67
CA MET A 151 7.93 1.31 -3.20
C MET A 151 6.63 0.51 -3.29
N THR A 152 5.95 0.41 -2.16
CA THR A 152 4.71 -0.34 -2.08
C THR A 152 3.84 -0.04 -3.30
N MET A 153 3.63 1.25 -3.54
CA MET A 153 2.83 1.68 -4.68
C MET A 153 3.54 1.41 -5.99
N LEU A 154 4.87 1.35 -5.92
CA LEU A 154 5.68 1.09 -7.09
C LEU A 154 5.25 -0.24 -7.72
N LEU A 155 5.22 -1.27 -6.88
CA LEU A 155 4.83 -2.59 -7.33
C LEU A 155 3.50 -2.51 -8.07
N ALA A 156 2.49 -1.99 -7.37
CA ALA A 156 1.17 -1.85 -7.94
C ALA A 156 1.26 -1.03 -9.23
N LYS A 157 1.86 0.14 -9.11
CA LYS A 157 2.03 1.03 -10.25
C LYS A 157 2.47 0.21 -11.46
N LYS A 158 3.54 -0.53 -11.28
CA LYS A 158 4.07 -1.36 -12.35
C LYS A 158 3.24 -2.63 -12.46
N VAL A 159 3.16 -3.36 -11.36
CA VAL A 159 2.40 -4.59 -11.32
C VAL A 159 1.01 -4.34 -11.90
N ALA A 160 0.30 -3.40 -11.29
CA ALA A 160 -1.04 -3.06 -11.74
C ALA A 160 -1.13 -3.24 -13.26
N SER A 161 -0.06 -2.85 -13.94
CA SER A 161 0.00 -2.97 -15.39
C SER A 161 1.11 -3.93 -15.79
N HIS A 162 1.95 -4.27 -14.82
CA HIS A 162 3.06 -5.17 -15.05
C HIS A 162 2.63 -6.60 -14.70
N ALA A 163 2.06 -6.74 -13.51
CA ALA A 163 1.60 -8.03 -13.05
C ALA A 163 0.09 -8.00 -12.87
N PRO A 164 -0.63 -8.18 -14.01
CA PRO A 164 -2.09 -8.19 -13.99
C PRO A 164 -2.64 -9.49 -13.41
N SER A 165 -1.72 -10.39 -13.09
CA SER A 165 -2.08 -11.67 -12.53
C SER A 165 -1.94 -11.63 -11.01
N LEU A 166 -1.29 -10.59 -10.53
CA LEU A 166 -1.09 -10.42 -9.11
C LEU A 166 -1.91 -9.22 -8.61
N LEU A 167 -3.12 -9.13 -9.14
CA LEU A 167 -4.01 -8.04 -8.76
C LEU A 167 -4.10 -7.97 -7.23
N ARG A 168 -4.58 -9.06 -6.65
CA ARG A 168 -4.72 -9.13 -5.20
C ARG A 168 -3.39 -8.80 -4.52
N ASP A 169 -2.33 -9.39 -5.05
CA ASP A 169 -1.01 -9.16 -4.50
C ASP A 169 -0.63 -7.69 -4.68
N VAL A 170 -1.02 -7.15 -5.83
CA VAL A 170 -0.74 -5.76 -6.15
C VAL A 170 -1.11 -4.88 -4.95
N PHE A 171 -2.37 -5.01 -4.54
CA PHE A 171 -2.86 -4.23 -3.42
C PHE A 171 -2.08 -4.54 -2.14
N HIS A 172 -1.91 -5.83 -1.89
CA HIS A 172 -1.19 -6.28 -0.72
C HIS A 172 0.19 -5.61 -0.68
N THR A 173 0.76 -5.43 -1.86
CA THR A 173 2.07 -4.79 -1.97
C THR A 173 2.03 -3.39 -1.37
N THR A 174 1.01 -2.64 -1.75
CA THR A 174 0.87 -1.28 -1.25
C THR A 174 0.69 -1.29 0.27
N VAL A 175 -0.40 -1.90 0.70
CA VAL A 175 -0.70 -1.98 2.12
C VAL A 175 0.30 -2.93 2.79
N ASN A 176 1.30 -3.33 2.02
CA ASN A 176 2.33 -4.23 2.53
C ASN A 176 3.30 -3.45 3.40
N PHE A 177 3.92 -2.46 2.79
CA PHE A 177 4.88 -1.62 3.50
C PHE A 177 4.21 -0.90 4.67
N ILE A 178 3.13 -0.22 4.36
CA ILE A 178 2.39 0.53 5.38
C ILE A 178 1.98 -0.43 6.50
N ASN A 179 1.52 -1.60 6.09
CA ASN A 179 1.09 -2.61 7.05
C ASN A 179 2.29 -3.06 7.88
N GLN A 180 3.41 -3.26 7.19
CA GLN A 180 4.63 -3.68 7.86
C GLN A 180 5.27 -2.50 8.59
N ASN A 181 4.95 -1.31 8.12
CA ASN A 181 5.49 -0.10 8.72
C ASN A 181 4.43 0.53 9.63
N LEU A 182 4.56 1.84 9.80
CA LEU A 182 3.63 2.57 10.65
C LEU A 182 2.51 3.16 9.78
N PHE A 183 1.60 2.28 9.36
CA PHE A 183 0.49 2.69 8.53
C PHE A 183 0.81 4.01 7.80
N SER A 184 0.53 5.10 8.49
CA SER A 184 0.78 6.43 7.92
C SER A 184 1.84 7.15 8.75
N TYR A 185 2.99 7.38 8.12
CA TYR A 185 4.10 8.06 8.78
C TYR A 185 3.59 9.28 9.55
N VAL A 186 2.53 9.88 9.03
CA VAL A 186 1.95 11.05 9.66
C VAL A 186 1.24 10.64 10.95
N ARG A 187 0.58 9.48 10.88
CA ARG A 187 -0.14 8.96 12.03
C ARG A 187 0.78 8.88 13.25
N ASN A 188 1.90 8.21 13.05
CA ASN A 188 2.88 8.04 14.12
C ASN A 188 3.39 9.42 14.53
N LEU A 189 3.70 10.23 13.53
CA LEU A 189 4.20 11.57 13.78
C LEU A 189 3.25 12.31 14.72
N VAL A 190 1.96 12.17 14.42
CA VAL A 190 0.93 12.82 15.22
C VAL A 190 1.06 12.36 16.67
N ARG A 191 1.21 11.05 16.83
CA ARG A 191 1.34 10.48 18.16
C ARG A 191 2.56 11.05 18.87
N ASN A 192 3.68 11.01 18.18
CA ASN A 192 4.92 11.54 18.74
C ASN A 192 4.71 12.99 19.17
N GLU A 193 4.14 13.76 18.27
CA GLU A 193 3.88 15.17 18.53
C GLU A 193 2.73 15.31 19.54
N MET A 194 2.68 16.46 20.19
CA MET A 194 1.64 16.74 21.17
C MET A 194 1.83 15.88 22.43
N ASP A 195 1.62 16.52 23.56
CA ASP A 195 1.77 15.83 24.85
C ASP A 195 0.43 15.23 25.25
N MET A 1 -16.08 7.03 -4.45
CA MET A 1 -16.56 5.68 -4.71
C MET A 1 -16.85 4.93 -3.41
N ASP A 2 -18.10 4.52 -3.26
CA ASP A 2 -18.51 3.80 -2.07
C ASP A 2 -17.58 2.60 -1.86
N SER A 3 -17.57 2.11 -0.62
CA SER A 3 -16.73 0.97 -0.28
C SER A 3 -17.34 0.23 0.91
N GLU A 4 -17.33 -1.09 0.81
CA GLU A 4 -17.87 -1.93 1.86
C GLU A 4 -16.73 -2.51 2.71
N VAL A 5 -16.11 -1.64 3.49
CA VAL A 5 -15.02 -2.05 4.35
C VAL A 5 -15.56 -2.40 5.73
N SER A 6 -16.66 -1.75 6.09
CA SER A 6 -17.29 -1.99 7.38
C SER A 6 -16.35 -1.57 8.51
N ASN A 7 -16.94 -1.02 9.55
CA ASN A 7 -16.17 -0.57 10.70
C ASN A 7 -16.27 -1.62 11.81
N GLY A 8 -15.23 -1.67 12.63
CA GLY A 8 -15.18 -2.63 13.73
C GLY A 8 -14.77 -1.93 15.04
N SER A 9 -13.66 -2.38 15.58
CA SER A 9 -13.15 -1.81 16.82
C SER A 9 -11.62 -1.69 16.74
N GLY A 10 -11.05 -1.16 17.82
CA GLY A 10 -9.62 -0.98 17.89
C GLY A 10 -9.26 0.50 18.07
N LEU A 11 -7.96 0.75 18.14
CA LEU A 11 -7.48 2.12 18.31
C LEU A 11 -7.66 2.90 17.00
N GLY A 12 -7.02 2.39 15.96
CA GLY A 12 -7.10 3.03 14.65
C GLY A 12 -5.73 3.55 14.21
N ALA A 13 -4.73 2.69 14.35
CA ALA A 13 -3.39 3.05 13.97
C ALA A 13 -2.75 1.89 13.21
N LYS A 14 -3.55 1.28 12.34
CA LYS A 14 -3.08 0.16 11.55
C LYS A 14 -4.21 -0.33 10.65
N HIS A 15 -5.42 -0.32 11.21
CA HIS A 15 -6.59 -0.76 10.47
C HIS A 15 -6.70 0.03 9.16
N ILE A 16 -6.37 1.30 9.25
CA ILE A 16 -6.43 2.17 8.08
C ILE A 16 -5.57 1.58 6.97
N THR A 17 -4.83 0.53 7.33
CA THR A 17 -3.97 -0.14 6.37
C THR A 17 -4.75 -0.51 5.11
N ASP A 18 -5.69 -1.44 5.29
CA ASP A 18 -6.51 -1.90 4.18
C ASP A 18 -7.09 -0.69 3.45
N LEU A 19 -7.44 0.33 4.24
CA LEU A 19 -8.00 1.54 3.68
C LEU A 19 -7.03 2.14 2.68
N LEU A 20 -5.74 1.93 2.94
CA LEU A 20 -4.70 2.44 2.07
C LEU A 20 -4.77 1.74 0.72
N VAL A 21 -4.92 0.42 0.78
CA VAL A 21 -5.01 -0.38 -0.42
C VAL A 21 -6.25 0.03 -1.21
N PHE A 22 -7.40 -0.15 -0.59
CA PHE A 22 -8.67 0.20 -1.22
C PHE A 22 -8.73 1.69 -1.52
N GLY A 23 -8.08 2.47 -0.66
CA GLY A 23 -8.06 3.91 -0.81
C GLY A 23 -7.14 4.33 -1.96
N PHE A 24 -6.03 3.60 -2.08
CA PHE A 24 -5.07 3.88 -3.12
C PHE A 24 -5.71 3.81 -4.51
N LEU A 25 -6.25 2.64 -4.81
CA LEU A 25 -6.90 2.42 -6.10
C LEU A 25 -7.98 3.47 -6.30
N GLN A 26 -8.72 3.75 -5.23
CA GLN A 26 -9.78 4.72 -5.28
C GLN A 26 -9.22 6.12 -5.56
N SER A 27 -7.99 6.31 -5.11
CA SER A 27 -7.31 7.59 -5.31
C SER A 27 -7.42 8.00 -6.78
N SER A 28 -6.87 7.16 -7.64
CA SER A 28 -6.88 7.42 -9.07
C SER A 28 -7.96 6.57 -9.75
N GLY A 29 -7.99 5.31 -9.37
CA GLY A 29 -8.96 4.37 -9.93
C GLY A 29 -8.39 3.66 -11.16
N CYS A 30 -7.75 2.53 -10.90
CA CYS A 30 -7.15 1.75 -11.98
C CYS A 30 -8.26 0.93 -12.64
N THR A 31 -8.89 0.09 -11.83
CA THR A 31 -9.96 -0.76 -12.33
C THR A 31 -11.07 -0.88 -11.28
N ARG A 32 -12.25 -0.44 -11.66
CA ARG A 32 -13.40 -0.49 -10.77
C ARG A 32 -13.46 -1.85 -10.08
N GLN A 33 -13.57 -2.89 -10.89
CA GLN A 33 -13.63 -4.25 -10.37
C GLN A 33 -12.38 -4.56 -9.54
N GLU A 34 -11.31 -3.87 -9.87
CA GLU A 34 -10.05 -4.06 -9.17
C GLU A 34 -10.17 -3.57 -7.73
N LEU A 35 -10.41 -2.28 -7.59
CA LEU A 35 -10.54 -1.66 -6.28
C LEU A 35 -11.49 -2.52 -5.42
N GLU A 36 -12.53 -3.01 -6.07
CA GLU A 36 -13.51 -3.84 -5.37
C GLU A 36 -12.90 -5.20 -5.02
N VAL A 37 -12.27 -5.80 -6.02
CA VAL A 37 -11.65 -7.10 -5.84
C VAL A 37 -10.46 -6.95 -4.88
N LEU A 38 -9.55 -6.06 -5.25
CA LEU A 38 -8.38 -5.82 -4.43
C LEU A 38 -8.80 -5.19 -3.10
N GLY A 39 -9.67 -4.21 -3.20
CA GLY A 39 -10.17 -3.53 -2.01
C GLY A 39 -10.69 -4.52 -0.98
N ARG A 40 -11.50 -5.47 -1.46
CA ARG A 40 -12.07 -6.48 -0.59
C ARG A 40 -13.04 -7.36 -1.37
N GLU A 41 -12.88 -8.66 -1.20
CA GLU A 41 -13.72 -9.62 -1.89
C GLU A 41 -14.69 -10.27 -0.90
N LEU A 42 -15.93 -10.44 -1.35
CA LEU A 42 -16.95 -11.05 -0.51
C LEU A 42 -17.12 -12.52 -0.91
N PRO A 43 -17.00 -13.41 0.11
CA PRO A 43 -17.14 -14.84 -0.11
C PRO A 43 -18.60 -15.22 -0.33
N VAL A 44 -18.87 -16.51 -0.21
CA VAL A 44 -20.22 -17.01 -0.39
C VAL A 44 -21.20 -16.10 0.34
N GLN A 45 -22.46 -16.19 -0.07
CA GLN A 45 -23.50 -15.38 0.53
C GLN A 45 -23.24 -13.89 0.25
N ALA A 46 -22.99 -13.61 -1.02
CA ALA A 46 -22.73 -12.24 -1.44
C ALA A 46 -22.75 -12.16 -2.97
N TYR A 47 -23.96 -12.12 -3.51
CA TYR A 47 -24.13 -12.05 -4.95
C TYR A 47 -23.00 -11.25 -5.59
N TRP A 48 -22.05 -11.98 -6.18
CA TRP A 48 -20.92 -11.35 -6.83
C TRP A 48 -21.40 -10.04 -7.47
N GLU A 49 -20.69 -8.98 -7.15
CA GLU A 49 -21.04 -7.67 -7.68
C GLU A 49 -21.32 -7.77 -9.18
N ALA A 50 -22.05 -6.77 -9.67
CA ALA A 50 -22.41 -6.73 -11.08
C ALA A 50 -23.57 -5.77 -11.28
N ASP A 51 -23.35 -4.52 -10.90
CA ASP A 51 -24.37 -3.51 -11.03
C ASP A 51 -23.82 -2.15 -10.56
N LEU A 52 -24.50 -1.09 -10.95
CA LEU A 52 -24.08 0.25 -10.58
C LEU A 52 -25.05 1.27 -11.19
N GLU A 53 -26.31 1.15 -10.80
CA GLU A 53 -27.33 2.05 -11.30
C GLU A 53 -28.64 1.83 -10.55
N ASP A 54 -28.64 2.23 -9.28
CA ASP A 54 -29.82 2.08 -8.45
C ASP A 54 -29.87 3.24 -7.44
N GLU A 55 -31.08 3.51 -6.98
CA GLU A 55 -31.28 4.59 -6.02
C GLU A 55 -32.56 4.35 -5.21
N LEU A 56 -32.39 4.25 -3.90
CA LEU A 56 -33.51 4.02 -3.01
C LEU A 56 -33.57 5.15 -1.97
N GLN A 57 -34.66 5.15 -1.22
CA GLN A 57 -34.86 6.16 -0.19
C GLN A 57 -36.12 5.85 0.62
N THR A 58 -35.90 5.37 1.83
CA THR A 58 -37.01 5.03 2.71
C THR A 58 -37.44 6.26 3.51
N ASP A 59 -36.46 6.97 4.04
CA ASP A 59 -36.73 8.16 4.82
C ASP A 59 -35.41 8.78 5.27
N GLY A 60 -35.51 9.98 5.80
CA GLY A 60 -34.32 10.70 6.28
C GLY A 60 -34.67 12.13 6.67
N SER A 61 -34.94 12.32 7.95
CA SER A 61 -35.28 13.63 8.46
C SER A 61 -34.64 13.84 9.84
N GLN A 62 -33.36 14.16 9.82
CA GLN A 62 -32.62 14.38 11.05
C GLN A 62 -32.65 13.13 11.92
N ALA A 63 -31.45 12.62 12.21
CA ALA A 63 -31.33 11.42 13.02
C ALA A 63 -29.93 11.39 13.65
N SER A 64 -29.72 12.29 14.61
CA SER A 64 -28.45 12.37 15.29
C SER A 64 -28.59 11.91 16.75
N ARG A 65 -28.06 10.72 17.02
CA ARG A 65 -28.13 10.16 18.36
C ARG A 65 -26.94 9.24 18.61
N SER A 66 -26.82 8.24 17.74
CA SER A 66 -25.74 7.28 17.86
C SER A 66 -26.13 5.97 17.17
N PHE A 67 -25.57 5.76 15.98
CA PHE A 67 -25.86 4.56 15.23
C PHE A 67 -24.68 3.59 15.28
N ASN A 68 -24.99 2.32 15.04
CA ASN A 68 -23.97 1.28 15.07
C ASN A 68 -24.63 -0.08 14.81
N GLN A 69 -24.69 -0.44 13.55
CA GLN A 69 -25.28 -1.71 13.16
C GLN A 69 -24.49 -2.87 13.74
N GLY A 70 -25.16 -4.00 13.87
CA GLY A 70 -24.53 -5.20 14.42
C GLY A 70 -24.01 -6.10 13.30
N ARG A 71 -23.13 -5.53 12.49
CA ARG A 71 -22.55 -6.27 11.38
C ARG A 71 -21.21 -6.88 11.78
N ILE A 72 -20.47 -7.33 10.78
CA ILE A 72 -19.17 -7.94 11.02
C ILE A 72 -18.25 -6.90 11.67
N GLU A 73 -17.15 -7.39 12.23
CA GLU A 73 -16.19 -6.53 12.88
C GLU A 73 -14.80 -6.72 12.26
N PRO A 74 -14.62 -6.12 11.05
CA PRO A 74 -13.36 -6.23 10.35
C PRO A 74 -12.30 -5.32 10.98
N ASP A 75 -11.22 -5.11 10.24
CA ASP A 75 -10.14 -4.27 10.73
C ASP A 75 -10.35 -2.84 10.23
N SER A 76 -11.08 -2.07 11.03
CA SER A 76 -11.38 -0.69 10.68
C SER A 76 -12.05 0.02 11.86
N GLU A 77 -11.88 1.33 11.89
CA GLU A 77 -12.46 2.13 12.96
C GLU A 77 -12.37 3.61 12.62
N SER A 78 -13.01 3.98 11.51
CA SER A 78 -13.01 5.36 11.07
C SER A 78 -13.39 5.43 9.59
N GLN A 79 -13.80 6.62 9.17
CA GLN A 79 -14.19 6.83 7.79
C GLN A 79 -14.50 8.31 7.55
N GLU A 80 -13.62 9.16 8.07
CA GLU A 80 -13.79 10.60 7.92
C GLU A 80 -12.61 11.33 8.55
N GLU A 81 -11.62 11.65 7.71
CA GLU A 81 -10.44 12.34 8.17
C GLU A 81 -9.45 12.51 7.02
N ILE A 82 -8.29 13.05 7.36
CA ILE A 82 -7.25 13.27 6.37
C ILE A 82 -6.44 11.98 6.19
N ILE A 83 -6.53 11.12 7.19
CA ILE A 83 -5.82 9.86 7.16
C ILE A 83 -6.13 9.13 5.85
N HIS A 84 -7.42 9.01 5.57
CA HIS A 84 -7.87 8.35 4.36
C HIS A 84 -7.26 9.04 3.14
N ASN A 85 -7.19 10.36 3.21
CA ASN A 85 -6.63 11.14 2.12
C ASN A 85 -5.24 10.61 1.78
N ILE A 86 -4.46 10.37 2.84
CA ILE A 86 -3.11 9.87 2.67
C ILE A 86 -3.17 8.49 2.00
N ALA A 87 -4.15 7.71 2.42
CA ALA A 87 -4.32 6.37 1.87
C ALA A 87 -4.38 6.45 0.35
N ARG A 88 -5.31 7.26 -0.12
CA ARG A 88 -5.50 7.44 -1.56
C ARG A 88 -4.27 8.14 -2.16
N HIS A 89 -3.73 9.08 -1.41
CA HIS A 89 -2.57 9.82 -1.86
C HIS A 89 -1.46 8.85 -2.24
N LEU A 90 -1.53 7.66 -1.68
CA LEU A 90 -0.55 6.63 -1.95
C LEU A 90 -0.52 6.33 -3.45
N ALA A 91 -1.66 5.85 -3.94
CA ALA A 91 -1.79 5.52 -5.34
C ALA A 91 -1.39 6.74 -6.18
N GLN A 92 -2.03 7.85 -5.89
CA GLN A 92 -1.75 9.09 -6.62
C GLN A 92 -0.24 9.32 -6.68
N ILE A 93 0.44 8.93 -5.63
CA ILE A 93 1.88 9.09 -5.55
C ILE A 93 2.55 8.12 -6.52
N GLY A 94 1.90 6.98 -6.71
CA GLY A 94 2.42 5.96 -7.62
C GLY A 94 2.55 6.50 -9.04
N ASP A 95 1.45 7.05 -9.53
CA ASP A 95 1.42 7.61 -10.87
C ASP A 95 2.44 8.74 -10.97
N GLU A 96 2.33 9.67 -10.03
CA GLU A 96 3.24 10.81 -10.00
C GLU A 96 4.68 10.34 -9.80
N MET A 97 4.82 9.33 -8.95
CA MET A 97 6.14 8.78 -8.66
C MET A 97 6.89 8.44 -9.95
N ASP A 98 6.17 7.83 -10.88
CA ASP A 98 6.75 7.45 -12.15
C ASP A 98 7.71 8.54 -12.61
N HIS A 99 7.40 9.77 -12.22
CA HIS A 99 8.23 10.91 -12.59
C HIS A 99 9.69 10.60 -12.26
N ASN A 100 9.89 10.00 -11.10
CA ASN A 100 11.23 9.65 -10.65
C ASN A 100 11.17 8.35 -9.86
N ILE A 101 11.30 7.25 -10.58
CA ILE A 101 11.27 5.93 -9.95
C ILE A 101 12.62 5.24 -10.15
N GLN A 102 13.61 5.74 -9.43
CA GLN A 102 14.94 5.18 -9.52
C GLN A 102 15.99 6.24 -9.15
N PRO A 103 15.77 6.87 -7.97
CA PRO A 103 16.67 7.90 -7.47
C PRO A 103 17.95 7.28 -6.94
N THR A 104 18.80 6.84 -7.87
CA THR A 104 20.06 6.23 -7.50
C THR A 104 19.91 4.71 -7.37
N LEU A 105 18.71 4.24 -7.72
CA LEU A 105 18.43 2.82 -7.65
C LEU A 105 17.54 2.54 -6.44
N VAL A 106 16.78 3.55 -6.05
CA VAL A 106 15.90 3.42 -4.91
C VAL A 106 14.72 2.52 -5.28
N ARG A 107 13.73 3.12 -5.93
CA ARG A 107 12.55 2.39 -6.34
C ARG A 107 12.94 1.18 -7.18
N GLN A 108 14.18 1.21 -7.66
CA GLN A 108 14.69 0.12 -8.48
C GLN A 108 14.84 -1.14 -7.63
N LEU A 109 15.50 -0.98 -6.48
CA LEU A 109 15.71 -2.10 -5.58
C LEU A 109 14.37 -2.74 -5.24
N ALA A 110 13.46 -1.92 -4.75
CA ALA A 110 12.13 -2.40 -4.37
C ALA A 110 11.57 -3.24 -5.52
N ALA A 111 11.80 -2.78 -6.74
CA ALA A 111 11.33 -3.48 -7.92
C ALA A 111 12.04 -4.83 -8.03
N GLN A 112 13.20 -4.90 -7.41
CA GLN A 112 13.99 -6.12 -7.42
C GLN A 112 13.16 -7.29 -6.87
N PHE A 113 12.61 -7.08 -5.69
CA PHE A 113 11.81 -8.10 -5.05
C PHE A 113 10.51 -8.36 -5.84
N MET A 114 9.95 -7.28 -6.35
CA MET A 114 8.72 -7.36 -7.12
C MET A 114 8.85 -8.42 -8.23
N ASN A 115 8.72 -9.67 -7.83
CA ASN A 115 8.81 -10.76 -8.77
C ASN A 115 7.85 -11.88 -8.35
N GLY A 116 8.10 -13.06 -8.90
CA GLY A 116 7.27 -14.22 -8.59
C GLY A 116 5.78 -13.88 -8.75
N SER A 117 4.95 -14.89 -8.54
CA SER A 117 3.51 -14.72 -8.65
C SER A 117 2.79 -15.79 -7.83
N LEU A 118 2.83 -15.61 -6.51
CA LEU A 118 2.19 -16.54 -5.60
C LEU A 118 3.01 -17.83 -5.56
N SER A 119 3.95 -17.86 -4.62
CA SER A 119 4.80 -19.03 -4.46
C SER A 119 4.73 -19.53 -3.02
N GLU A 120 4.23 -20.74 -2.87
CA GLU A 120 4.09 -21.35 -1.55
C GLU A 120 2.80 -20.90 -0.89
N GLU A 121 2.41 -19.66 -1.20
CA GLU A 121 1.19 -19.11 -0.64
C GLU A 121 1.28 -17.58 -0.60
N ASP A 122 1.56 -17.00 -1.76
CA ASP A 122 1.67 -15.57 -1.89
C ASP A 122 3.03 -15.12 -1.36
N LYS A 123 3.50 -14.00 -1.90
CA LYS A 123 4.79 -13.47 -1.49
C LYS A 123 4.60 -12.51 -0.31
N ARG A 124 4.59 -11.23 -0.62
CA ARG A 124 4.41 -10.21 0.41
C ARG A 124 5.75 -9.88 1.06
N ASN A 125 6.58 -10.89 1.21
CA ASN A 125 7.90 -10.72 1.80
C ASN A 125 8.78 -9.90 0.85
N CYS A 126 8.66 -10.23 -0.43
CA CYS A 126 9.43 -9.53 -1.44
C CYS A 126 9.22 -8.02 -1.28
N LEU A 127 7.95 -7.64 -1.26
CA LEU A 127 7.60 -6.25 -1.11
C LEU A 127 8.20 -5.71 0.19
N ALA A 128 7.66 -6.18 1.30
CA ALA A 128 8.14 -5.75 2.60
C ALA A 128 9.66 -5.86 2.65
N LYS A 129 10.18 -6.82 1.87
CA LYS A 129 11.62 -7.04 1.82
C LYS A 129 12.30 -5.80 1.25
N ALA A 130 11.55 -5.07 0.42
CA ALA A 130 12.07 -3.87 -0.19
C ALA A 130 12.26 -2.80 0.88
N LEU A 131 11.21 -2.61 1.67
CA LEU A 131 11.24 -1.62 2.74
C LEU A 131 12.61 -1.68 3.43
N ASP A 132 13.05 -2.89 3.71
CA ASP A 132 14.32 -3.09 4.37
C ASP A 132 15.44 -2.65 3.43
N GLU A 133 15.30 -2.99 2.17
CA GLU A 133 16.29 -2.62 1.16
C GLU A 133 16.28 -1.11 0.93
N VAL A 134 15.12 -0.63 0.48
CA VAL A 134 14.97 0.80 0.22
C VAL A 134 15.58 1.59 1.36
N LYS A 135 15.46 1.04 2.56
CA LYS A 135 16.00 1.69 3.75
C LYS A 135 17.51 1.53 3.78
N THR A 136 17.96 0.31 3.50
CA THR A 136 19.38 0.01 3.49
C THR A 136 20.11 0.99 2.56
N ALA A 137 19.38 1.52 1.61
CA ALA A 137 19.95 2.46 0.66
C ALA A 137 19.58 3.89 1.07
N PHE A 138 18.29 4.10 1.28
CA PHE A 138 17.78 5.41 1.67
C PHE A 138 17.11 5.33 3.04
N PRO A 139 17.92 4.97 4.07
CA PRO A 139 17.41 4.87 5.43
C PRO A 139 17.20 6.25 6.04
N ARG A 140 16.29 6.30 7.00
CA ARG A 140 15.99 7.56 7.67
C ARG A 140 14.59 7.51 8.30
N ASP A 141 14.13 8.66 8.73
CA ASP A 141 12.82 8.75 9.35
C ASP A 141 11.76 9.00 8.27
N MET A 142 11.32 10.26 8.19
CA MET A 142 10.32 10.64 7.21
C MET A 142 10.85 10.44 5.79
N GLU A 143 12.15 10.64 5.64
CA GLU A 143 12.80 10.49 4.35
C GLU A 143 12.77 9.01 3.90
N ASN A 144 13.43 8.19 4.69
CA ASN A 144 13.49 6.77 4.40
C ASN A 144 12.10 6.16 4.54
N ASP A 145 11.54 6.33 5.73
CA ASP A 145 10.21 5.80 6.03
C ASP A 145 9.31 6.04 4.81
N LYS A 146 9.27 7.28 4.37
CA LYS A 146 8.46 7.64 3.22
C LYS A 146 9.00 6.95 1.96
N ALA A 147 10.31 6.75 1.97
CA ALA A 147 10.96 6.10 0.83
C ALA A 147 10.41 4.68 0.68
N MET A 148 10.53 3.91 1.75
CA MET A 148 10.04 2.54 1.74
C MET A 148 8.60 2.47 1.24
N LEU A 149 7.74 3.25 1.90
CA LEU A 149 6.34 3.29 1.53
C LEU A 149 6.21 3.61 0.03
N ILE A 150 7.03 4.55 -0.40
CA ILE A 150 7.03 4.96 -1.80
C ILE A 150 7.15 3.73 -2.69
N MET A 151 7.88 2.74 -2.18
CA MET A 151 8.08 1.51 -2.93
C MET A 151 6.75 0.79 -3.15
N THR A 152 6.05 0.53 -2.06
CA THR A 152 4.77 -0.15 -2.13
C THR A 152 3.98 0.34 -3.34
N MET A 153 3.94 1.65 -3.50
CA MET A 153 3.21 2.27 -4.60
C MET A 153 3.93 1.99 -5.93
N LEU A 154 5.23 1.80 -5.84
CA LEU A 154 6.04 1.53 -7.02
C LEU A 154 5.60 0.20 -7.64
N LEU A 155 5.40 -0.78 -6.77
CA LEU A 155 4.98 -2.09 -7.22
C LEU A 155 3.73 -1.96 -8.10
N ALA A 156 2.69 -1.43 -7.49
CA ALA A 156 1.43 -1.24 -8.21
C ALA A 156 1.65 -0.29 -9.38
N LYS A 157 2.22 0.87 -9.07
CA LYS A 157 2.48 1.87 -10.08
C LYS A 157 3.19 1.21 -11.27
N LYS A 158 4.09 0.30 -10.95
CA LYS A 158 4.84 -0.42 -11.97
C LYS A 158 3.90 -1.35 -12.73
N VAL A 159 3.19 -2.16 -11.97
CA VAL A 159 2.25 -3.11 -12.56
C VAL A 159 0.84 -2.54 -12.46
N ALA A 160 0.32 -2.50 -11.24
CA ALA A 160 -1.02 -1.98 -10.99
C ALA A 160 -1.32 -0.86 -12.00
N SER A 161 -0.26 -0.15 -12.37
CA SER A 161 -0.39 0.95 -13.31
C SER A 161 0.03 0.48 -14.71
N HIS A 162 0.67 -0.67 -14.75
CA HIS A 162 1.13 -1.23 -16.01
C HIS A 162 0.56 -2.64 -16.17
N ALA A 163 0.46 -3.35 -15.06
CA ALA A 163 -0.05 -4.70 -15.07
C ALA A 163 -1.36 -4.75 -14.26
N PRO A 164 -2.45 -4.25 -14.89
CA PRO A 164 -3.75 -4.22 -14.24
C PRO A 164 -4.36 -5.62 -14.22
N SER A 165 -3.53 -6.60 -13.89
CA SER A 165 -3.99 -7.98 -13.82
C SER A 165 -3.42 -8.66 -12.57
N LEU A 166 -3.29 -7.86 -11.52
CA LEU A 166 -2.77 -8.38 -10.26
C LEU A 166 -3.82 -8.22 -9.17
N LEU A 167 -4.24 -9.36 -8.63
CA LEU A 167 -5.26 -9.37 -7.59
C LEU A 167 -4.70 -8.66 -6.34
N ARG A 168 -5.06 -9.20 -5.19
CA ARG A 168 -4.60 -8.63 -3.92
C ARG A 168 -3.08 -8.58 -3.89
N ASP A 169 -2.47 -9.19 -4.90
CA ASP A 169 -1.02 -9.23 -4.99
C ASP A 169 -0.49 -7.79 -5.07
N VAL A 170 -0.95 -7.07 -6.08
CA VAL A 170 -0.53 -5.70 -6.28
C VAL A 170 -1.04 -4.85 -5.12
N PHE A 171 -2.34 -4.94 -4.88
CA PHE A 171 -2.95 -4.18 -3.81
C PHE A 171 -2.25 -4.46 -2.48
N HIS A 172 -1.96 -5.72 -2.24
CA HIS A 172 -1.30 -6.12 -1.01
C HIS A 172 0.07 -5.44 -0.92
N THR A 173 0.70 -5.27 -2.08
CA THR A 173 2.00 -4.64 -2.14
C THR A 173 1.95 -3.26 -1.48
N THR A 174 1.07 -2.42 -2.01
CA THR A 174 0.92 -1.07 -1.48
C THR A 174 0.61 -1.12 0.02
N VAL A 175 -0.48 -1.80 0.35
CA VAL A 175 -0.89 -1.92 1.74
C VAL A 175 0.07 -2.86 2.47
N ASN A 176 1.10 -3.28 1.75
CA ASN A 176 2.11 -4.17 2.31
C ASN A 176 3.10 -3.36 3.15
N PHE A 177 3.73 -2.39 2.48
CA PHE A 177 4.70 -1.54 3.15
C PHE A 177 4.07 -0.84 4.36
N ILE A 178 2.94 -0.21 4.11
CA ILE A 178 2.23 0.51 5.17
C ILE A 178 1.97 -0.45 6.34
N ASN A 179 1.49 -1.63 5.99
CA ASN A 179 1.20 -2.64 7.00
C ASN A 179 2.49 -3.01 7.74
N GLN A 180 3.58 -3.01 6.98
CA GLN A 180 4.88 -3.36 7.55
C GLN A 180 5.20 -2.44 8.72
N ASN A 181 6.07 -1.48 8.47
CA ASN A 181 6.48 -0.53 9.49
C ASN A 181 6.24 0.89 8.99
N LEU A 182 5.66 0.97 7.80
CA LEU A 182 5.37 2.27 7.20
C LEU A 182 3.92 2.64 7.49
N PHE A 183 3.33 1.93 8.43
CA PHE A 183 1.95 2.18 8.82
C PHE A 183 1.62 3.68 8.74
N SER A 184 0.74 4.00 7.80
CA SER A 184 0.33 5.38 7.61
C SER A 184 1.51 6.32 7.88
N TYR A 185 2.42 6.36 6.92
CA TYR A 185 3.60 7.21 7.04
C TYR A 185 3.26 8.53 7.74
N VAL A 186 2.21 9.17 7.25
CA VAL A 186 1.77 10.43 7.81
C VAL A 186 1.47 10.25 9.30
N ARG A 187 0.71 9.20 9.60
CA ARG A 187 0.36 8.91 10.97
C ARG A 187 1.62 8.79 11.83
N ASN A 188 2.60 8.09 11.30
CA ASN A 188 3.87 7.90 12.01
C ASN A 188 4.41 9.26 12.43
N LEU A 189 4.35 10.21 11.50
CA LEU A 189 4.84 11.55 11.76
C LEU A 189 4.11 12.12 12.98
N VAL A 190 2.80 12.03 12.94
CA VAL A 190 1.98 12.53 14.03
C VAL A 190 2.40 11.86 15.33
N ARG A 191 2.52 10.54 15.26
CA ARG A 191 2.92 9.76 16.42
C ARG A 191 4.23 10.28 16.99
N ASN A 192 5.17 10.51 16.08
CA ASN A 192 6.48 11.01 16.47
C ASN A 192 6.31 12.29 17.30
N GLU A 193 5.51 13.20 16.76
CA GLU A 193 5.26 14.46 17.43
C GLU A 193 6.58 15.14 17.81
N MET A 194 6.48 16.08 18.74
CA MET A 194 7.66 16.80 19.20
C MET A 194 7.65 16.95 20.72
N ASP A 195 8.03 15.86 21.39
CA ASP A 195 8.07 15.86 22.84
C ASP A 195 6.77 16.47 23.39
N MET A 1 27.69 -21.30 1.36
CA MET A 1 26.93 -20.17 1.82
C MET A 1 25.49 -20.57 2.14
N ASP A 2 24.81 -19.71 2.89
CA ASP A 2 23.44 -19.96 3.27
C ASP A 2 23.41 -20.84 4.53
N SER A 3 24.56 -20.93 5.17
CA SER A 3 24.68 -21.71 6.38
C SER A 3 23.55 -21.37 7.35
N GLU A 4 23.52 -20.12 7.75
CA GLU A 4 22.51 -19.65 8.67
C GLU A 4 21.49 -18.76 7.94
N VAL A 5 20.32 -18.64 8.54
CA VAL A 5 19.26 -17.84 7.96
C VAL A 5 18.73 -16.86 9.01
N SER A 6 17.96 -15.89 8.54
CA SER A 6 17.38 -14.89 9.43
C SER A 6 16.19 -14.22 8.75
N ASN A 7 15.01 -14.78 9.01
CA ASN A 7 13.78 -14.25 8.43
C ASN A 7 12.58 -14.81 9.19
N GLY A 8 11.53 -14.01 9.25
CA GLY A 8 10.32 -14.41 9.93
C GLY A 8 9.96 -13.41 11.05
N SER A 9 9.37 -12.31 10.63
CA SER A 9 8.98 -11.27 11.57
C SER A 9 7.54 -10.83 11.29
N GLY A 10 6.62 -11.41 12.05
CA GLY A 10 5.21 -11.09 11.89
C GLY A 10 4.81 -9.92 12.79
N LEU A 11 4.27 -8.89 12.16
CA LEU A 11 3.84 -7.70 12.88
C LEU A 11 2.32 -7.56 12.77
N GLY A 12 1.74 -6.99 13.81
CA GLY A 12 0.30 -6.79 13.85
C GLY A 12 -0.19 -6.07 12.59
N ALA A 13 -1.37 -6.46 12.14
CA ALA A 13 -1.96 -5.86 10.95
C ALA A 13 -2.32 -4.40 11.25
N LYS A 14 -2.73 -3.71 10.20
CA LYS A 14 -3.11 -2.31 10.33
C LYS A 14 -4.43 -2.07 9.60
N HIS A 15 -5.45 -1.75 10.37
CA HIS A 15 -6.76 -1.49 9.80
C HIS A 15 -6.70 -0.28 8.88
N ILE A 16 -6.12 0.79 9.41
CA ILE A 16 -5.98 2.02 8.65
C ILE A 16 -5.29 1.72 7.31
N THR A 17 -4.16 1.04 7.41
CA THR A 17 -3.40 0.68 6.22
C THR A 17 -4.28 -0.06 5.21
N ASP A 18 -5.04 -1.02 5.74
CA ASP A 18 -5.93 -1.80 4.91
C ASP A 18 -6.74 -0.87 4.01
N LEU A 19 -7.16 0.25 4.60
CA LEU A 19 -7.95 1.23 3.89
C LEU A 19 -7.08 1.88 2.80
N LEU A 20 -5.78 1.90 3.07
CA LEU A 20 -4.84 2.49 2.14
C LEU A 20 -4.84 1.68 0.84
N VAL A 21 -4.82 0.36 1.00
CA VAL A 21 -4.83 -0.53 -0.15
C VAL A 21 -6.11 -0.31 -0.95
N PHE A 22 -7.23 -0.59 -0.30
CA PHE A 22 -8.53 -0.44 -0.94
C PHE A 22 -8.76 1.02 -1.36
N GLY A 23 -8.23 1.93 -0.55
CA GLY A 23 -8.37 3.35 -0.82
C GLY A 23 -7.41 3.79 -1.93
N PHE A 24 -6.24 3.19 -1.92
CA PHE A 24 -5.22 3.51 -2.92
C PHE A 24 -5.80 3.43 -4.33
N LEU A 25 -6.30 2.24 -4.67
CA LEU A 25 -6.88 2.02 -5.98
C LEU A 25 -8.03 3.00 -6.20
N GLN A 26 -8.84 3.17 -5.17
CA GLN A 26 -9.97 4.07 -5.23
C GLN A 26 -9.51 5.47 -5.66
N SER A 27 -8.29 5.80 -5.25
CA SER A 27 -7.72 7.10 -5.59
C SER A 27 -7.43 7.18 -7.09
N SER A 28 -6.19 6.91 -7.44
CA SER A 28 -5.78 6.95 -8.83
C SER A 28 -4.80 5.81 -9.12
N GLY A 29 -4.83 4.81 -8.25
CA GLY A 29 -3.96 3.65 -8.40
C GLY A 29 -4.18 2.97 -9.75
N CYS A 30 -4.79 1.79 -9.69
CA CYS A 30 -5.07 1.03 -10.90
C CYS A 30 -6.37 1.54 -11.50
N THR A 31 -7.45 0.84 -11.19
CA THR A 31 -8.77 1.21 -11.69
C THR A 31 -9.83 1.00 -10.61
N ARG A 32 -10.88 1.79 -10.68
CA ARG A 32 -11.97 1.71 -9.73
C ARG A 32 -12.31 0.23 -9.45
N GLN A 33 -12.59 -0.48 -10.53
CA GLN A 33 -12.93 -1.89 -10.42
C GLN A 33 -11.80 -2.66 -9.75
N GLU A 34 -10.59 -2.12 -9.88
CA GLU A 34 -9.42 -2.75 -9.29
C GLU A 34 -9.51 -2.70 -7.77
N LEU A 35 -9.64 -1.49 -7.25
CA LEU A 35 -9.74 -1.29 -5.81
C LEU A 35 -10.69 -2.34 -5.22
N GLU A 36 -11.76 -2.60 -5.96
CA GLU A 36 -12.75 -3.57 -5.52
C GLU A 36 -12.25 -4.99 -5.78
N VAL A 37 -11.61 -5.16 -6.92
CA VAL A 37 -11.07 -6.46 -7.29
C VAL A 37 -10.03 -6.90 -6.25
N LEU A 38 -9.02 -6.06 -6.09
CA LEU A 38 -7.96 -6.33 -5.14
C LEU A 38 -8.49 -6.15 -3.72
N GLY A 39 -9.30 -5.12 -3.56
CA GLY A 39 -9.88 -4.82 -2.26
C GLY A 39 -10.54 -6.06 -1.65
N ARG A 40 -11.40 -6.68 -2.43
CA ARG A 40 -12.10 -7.88 -1.98
C ARG A 40 -13.13 -8.32 -3.03
N GLU A 41 -13.21 -9.62 -3.23
CA GLU A 41 -14.14 -10.18 -4.18
C GLU A 41 -14.78 -11.46 -3.64
N LEU A 42 -15.97 -11.31 -3.08
CA LEU A 42 -16.69 -12.44 -2.52
C LEU A 42 -17.75 -12.91 -3.51
N PRO A 43 -17.92 -14.26 -3.58
CA PRO A 43 -18.89 -14.84 -4.49
C PRO A 43 -20.32 -14.68 -3.94
N VAL A 44 -21.27 -15.05 -4.76
CA VAL A 44 -22.68 -14.95 -4.38
C VAL A 44 -22.90 -15.71 -3.08
N GLN A 45 -22.68 -15.00 -1.97
CA GLN A 45 -22.86 -15.59 -0.66
C GLN A 45 -22.23 -14.70 0.41
N ALA A 46 -22.48 -13.40 0.27
CA ALA A 46 -21.95 -12.43 1.22
C ALA A 46 -22.39 -11.02 0.80
N TYR A 47 -22.02 -10.06 1.62
CA TYR A 47 -22.36 -8.67 1.34
C TYR A 47 -22.35 -8.40 -0.16
N TRP A 48 -23.49 -7.90 -0.64
CA TRP A 48 -23.64 -7.59 -2.05
C TRP A 48 -25.07 -7.11 -2.29
N GLU A 49 -26.01 -7.99 -1.99
CA GLU A 49 -27.42 -7.68 -2.16
C GLU A 49 -27.80 -7.77 -3.64
N ALA A 50 -29.06 -7.47 -3.91
CA ALA A 50 -29.57 -7.52 -5.27
C ALA A 50 -31.10 -7.62 -5.24
N ASP A 51 -31.73 -6.47 -5.39
CA ASP A 51 -33.19 -6.42 -5.38
C ASP A 51 -33.74 -7.55 -6.24
N LEU A 52 -34.96 -7.98 -5.91
CA LEU A 52 -35.60 -9.05 -6.63
C LEU A 52 -37.00 -9.30 -6.05
N GLU A 53 -37.91 -8.41 -6.40
CA GLU A 53 -39.28 -8.51 -5.90
C GLU A 53 -40.24 -8.68 -7.08
N ASP A 54 -41.49 -8.95 -6.74
CA ASP A 54 -42.52 -9.13 -7.75
C ASP A 54 -43.66 -8.14 -7.50
N GLU A 55 -43.73 -7.14 -8.37
CA GLU A 55 -44.76 -6.13 -8.25
C GLU A 55 -45.53 -5.98 -9.57
N LEU A 56 -46.84 -5.83 -9.45
CA LEU A 56 -47.68 -5.69 -10.62
C LEU A 56 -49.07 -5.23 -10.19
N GLN A 57 -49.74 -6.10 -9.45
CA GLN A 57 -51.09 -5.80 -8.97
C GLN A 57 -52.06 -5.68 -10.15
N THR A 58 -52.84 -6.73 -10.34
CA THR A 58 -53.81 -6.76 -11.41
C THR A 58 -55.18 -6.28 -10.91
N ASP A 59 -55.75 -5.34 -11.65
CA ASP A 59 -57.04 -4.80 -11.30
C ASP A 59 -57.52 -3.86 -12.41
N GLY A 60 -58.70 -4.17 -12.94
CA GLY A 60 -59.28 -3.38 -14.00
C GLY A 60 -58.52 -3.60 -15.32
N SER A 61 -58.69 -2.65 -16.23
CA SER A 61 -58.03 -2.71 -17.52
C SER A 61 -56.65 -2.08 -17.44
N GLN A 62 -55.87 -2.32 -18.49
CA GLN A 62 -54.52 -1.77 -18.55
C GLN A 62 -53.94 -1.96 -19.95
N ALA A 63 -53.51 -0.85 -20.53
CA ALA A 63 -52.93 -0.88 -21.86
C ALA A 63 -51.64 -1.70 -21.84
N SER A 64 -50.66 -1.18 -21.12
CA SER A 64 -49.38 -1.85 -21.00
C SER A 64 -48.46 -1.07 -20.06
N ARG A 65 -47.40 -1.74 -19.61
CA ARG A 65 -46.44 -1.12 -18.72
C ARG A 65 -45.04 -1.66 -18.99
N SER A 66 -44.05 -0.94 -18.46
CA SER A 66 -42.67 -1.33 -18.63
C SER A 66 -41.74 -0.16 -18.31
N PHE A 67 -40.47 -0.48 -18.13
CA PHE A 67 -39.48 0.53 -17.81
C PHE A 67 -38.08 0.08 -18.23
N ASN A 68 -37.18 1.04 -18.33
CA ASN A 68 -35.81 0.77 -18.71
C ASN A 68 -34.86 1.47 -17.74
N GLN A 69 -33.68 0.88 -17.60
CA GLN A 69 -32.67 1.43 -16.70
C GLN A 69 -31.27 1.15 -17.25
N GLY A 70 -30.29 1.78 -16.61
CA GLY A 70 -28.91 1.60 -17.02
C GLY A 70 -28.00 1.43 -15.81
N ARG A 71 -26.74 1.11 -16.09
CA ARG A 71 -25.76 0.91 -15.03
C ARG A 71 -24.58 1.87 -15.21
N ILE A 72 -24.54 2.88 -14.36
CA ILE A 72 -23.47 3.87 -14.42
C ILE A 72 -22.68 3.84 -13.12
N GLU A 73 -21.41 4.18 -13.22
CA GLU A 73 -20.54 4.21 -12.06
C GLU A 73 -20.40 5.62 -11.52
N PRO A 74 -20.94 5.83 -10.28
CA PRO A 74 -20.88 7.12 -9.64
C PRO A 74 -19.47 7.42 -9.12
N ASP A 75 -19.22 8.70 -8.90
CA ASP A 75 -17.92 9.13 -8.41
C ASP A 75 -17.81 8.80 -6.92
N SER A 76 -16.85 7.95 -6.61
CA SER A 76 -16.63 7.54 -5.23
C SER A 76 -16.10 8.72 -4.41
N GLU A 77 -16.05 8.50 -3.10
CA GLU A 77 -15.56 9.54 -2.20
C GLU A 77 -14.96 8.91 -0.95
N SER A 78 -14.37 9.77 -0.12
CA SER A 78 -13.75 9.31 1.11
C SER A 78 -14.51 9.86 2.32
N GLN A 79 -14.14 9.36 3.49
CA GLN A 79 -14.79 9.79 4.72
C GLN A 79 -14.06 11.01 5.30
N GLU A 80 -14.60 11.51 6.39
CA GLU A 80 -14.02 12.66 7.06
C GLU A 80 -12.80 12.25 7.87
N GLU A 81 -11.64 12.34 7.24
CA GLU A 81 -10.39 11.98 7.89
C GLU A 81 -9.20 12.43 7.05
N ILE A 82 -8.11 12.73 7.73
CA ILE A 82 -6.90 13.16 7.06
C ILE A 82 -6.06 11.95 6.69
N ILE A 83 -5.97 11.01 7.62
CA ILE A 83 -5.21 9.80 7.40
C ILE A 83 -5.67 9.13 6.11
N HIS A 84 -6.97 8.84 6.06
CA HIS A 84 -7.55 8.20 4.90
C HIS A 84 -7.22 9.02 3.65
N ASN A 85 -7.21 10.34 3.82
CA ASN A 85 -6.92 11.23 2.73
C ASN A 85 -5.56 10.87 2.12
N ILE A 86 -4.60 10.65 3.00
CA ILE A 86 -3.25 10.29 2.57
C ILE A 86 -3.30 8.95 1.82
N ALA A 87 -4.19 8.08 2.30
CA ALA A 87 -4.34 6.77 1.70
C ALA A 87 -4.63 6.93 0.20
N ARG A 88 -5.56 7.83 -0.10
CA ARG A 88 -5.93 8.08 -1.48
C ARG A 88 -4.74 8.69 -2.24
N HIS A 89 -4.20 9.76 -1.66
CA HIS A 89 -3.07 10.43 -2.27
C HIS A 89 -1.90 9.46 -2.43
N LEU A 90 -2.02 8.33 -1.74
CA LEU A 90 -0.98 7.31 -1.80
C LEU A 90 -0.88 6.77 -3.23
N ALA A 91 -1.93 6.08 -3.65
CA ALA A 91 -1.97 5.50 -4.98
C ALA A 91 -1.66 6.60 -6.01
N GLN A 92 -2.41 7.68 -5.90
CA GLN A 92 -2.23 8.81 -6.82
C GLN A 92 -0.75 9.19 -6.89
N ILE A 93 -0.06 9.00 -5.78
CA ILE A 93 1.36 9.32 -5.71
C ILE A 93 2.14 8.34 -6.59
N GLY A 94 1.66 7.11 -6.61
CA GLY A 94 2.31 6.07 -7.40
C GLY A 94 2.31 6.43 -8.88
N ASP A 95 1.13 6.77 -9.37
CA ASP A 95 0.98 7.13 -10.77
C ASP A 95 1.90 8.31 -11.09
N GLU A 96 1.80 9.34 -10.27
CA GLU A 96 2.63 10.52 -10.45
C GLU A 96 4.10 10.18 -10.28
N MET A 97 4.36 9.30 -9.31
CA MET A 97 5.72 8.88 -9.02
C MET A 97 6.43 8.43 -10.30
N ASP A 98 5.68 7.76 -11.16
CA ASP A 98 6.21 7.27 -12.42
C ASP A 98 7.00 8.39 -13.10
N HIS A 99 6.35 9.53 -13.21
CA HIS A 99 6.96 10.68 -13.84
C HIS A 99 8.41 10.83 -13.36
N ASN A 100 8.60 10.53 -12.09
CA ASN A 100 9.93 10.62 -11.49
C ASN A 100 10.06 9.54 -10.42
N ILE A 101 10.48 8.36 -10.85
CA ILE A 101 10.65 7.25 -9.93
C ILE A 101 12.01 6.58 -10.21
N GLN A 102 12.99 6.96 -9.40
CA GLN A 102 14.33 6.41 -9.54
C GLN A 102 15.35 7.34 -8.89
N PRO A 103 15.03 7.76 -7.64
CA PRO A 103 15.90 8.65 -6.89
C PRO A 103 17.12 7.88 -6.35
N THR A 104 18.00 7.52 -7.27
CA THR A 104 19.20 6.79 -6.90
C THR A 104 18.97 5.28 -7.04
N LEU A 105 17.80 4.93 -7.56
CA LEU A 105 17.45 3.54 -7.74
C LEU A 105 16.51 3.10 -6.61
N VAL A 106 15.77 4.07 -6.10
CA VAL A 106 14.82 3.80 -5.03
C VAL A 106 13.76 2.81 -5.51
N ARG A 107 12.91 3.31 -6.40
CA ARG A 107 11.85 2.48 -6.95
C ARG A 107 12.42 1.16 -7.48
N GLN A 108 13.57 1.27 -8.12
CA GLN A 108 14.23 0.10 -8.68
C GLN A 108 14.60 -0.88 -7.55
N LEU A 109 14.78 -0.33 -6.36
CA LEU A 109 15.14 -1.13 -5.21
C LEU A 109 14.00 -2.11 -4.90
N ALA A 110 12.92 -1.56 -4.36
CA ALA A 110 11.77 -2.36 -4.01
C ALA A 110 11.36 -3.22 -5.21
N ALA A 111 11.56 -2.65 -6.40
CA ALA A 111 11.23 -3.35 -7.63
C ALA A 111 12.18 -4.54 -7.80
N GLN A 112 13.36 -4.40 -7.22
CA GLN A 112 14.36 -5.45 -7.31
C GLN A 112 13.77 -6.79 -6.86
N PHE A 113 13.32 -6.83 -5.62
CA PHE A 113 12.72 -8.03 -5.07
C PHE A 113 11.54 -8.50 -5.91
N MET A 114 10.72 -7.53 -6.32
CA MET A 114 9.56 -7.83 -7.13
C MET A 114 9.94 -8.66 -8.35
N ASN A 115 9.99 -9.97 -8.15
CA ASN A 115 10.33 -10.88 -9.23
C ASN A 115 9.48 -12.15 -9.12
N GLY A 116 9.75 -12.93 -8.08
CA GLY A 116 9.02 -14.15 -7.84
C GLY A 116 7.85 -13.92 -6.90
N SER A 117 7.04 -14.96 -6.73
CA SER A 117 5.88 -14.89 -5.86
C SER A 117 6.30 -15.17 -4.42
N LEU A 118 6.21 -16.45 -4.05
CA LEU A 118 6.57 -16.86 -2.71
C LEU A 118 6.15 -18.32 -2.50
N SER A 119 4.84 -18.50 -2.38
CA SER A 119 4.29 -19.84 -2.18
C SER A 119 2.98 -19.98 -2.96
N GLU A 120 2.41 -21.18 -2.87
CA GLU A 120 1.16 -21.46 -3.55
C GLU A 120 0.17 -20.31 -3.35
N GLU A 121 0.50 -19.44 -2.40
CA GLU A 121 -0.35 -18.30 -2.11
C GLU A 121 0.00 -17.73 -0.73
N ASP A 122 1.14 -17.04 -0.68
CA ASP A 122 1.59 -16.43 0.56
C ASP A 122 2.62 -15.34 0.24
N LYS A 123 2.17 -14.36 -0.52
CA LYS A 123 3.04 -13.25 -0.90
C LYS A 123 2.89 -12.13 0.13
N ARG A 124 4.02 -11.51 0.43
CA ARG A 124 4.03 -10.41 1.39
C ARG A 124 5.46 -10.15 1.89
N ASN A 125 6.24 -11.23 1.93
CA ASN A 125 7.61 -11.13 2.37
C ASN A 125 8.44 -10.38 1.33
N CYS A 126 8.22 -10.74 0.07
CA CYS A 126 8.93 -10.11 -1.02
C CYS A 126 8.75 -8.59 -0.90
N LEU A 127 7.49 -8.17 -0.87
CA LEU A 127 7.17 -6.76 -0.76
C LEU A 127 7.86 -6.18 0.48
N ALA A 128 7.36 -6.60 1.64
CA ALA A 128 7.91 -6.13 2.89
C ALA A 128 9.44 -6.25 2.86
N LYS A 129 9.91 -7.23 2.10
CA LYS A 129 11.33 -7.45 1.96
C LYS A 129 11.99 -6.19 1.40
N ALA A 130 11.23 -5.49 0.57
CA ALA A 130 11.72 -4.26 -0.04
C ALA A 130 11.77 -3.15 1.00
N LEU A 131 10.70 -3.06 1.77
CA LEU A 131 10.61 -2.05 2.81
C LEU A 131 11.95 -1.96 3.55
N ASP A 132 12.49 -3.12 3.86
CA ASP A 132 13.77 -3.18 4.56
C ASP A 132 14.88 -2.69 3.62
N GLU A 133 14.89 -3.24 2.43
CA GLU A 133 15.89 -2.86 1.44
C GLU A 133 15.88 -1.34 1.22
N VAL A 134 14.73 -0.87 0.76
CA VAL A 134 14.56 0.56 0.51
C VAL A 134 14.96 1.35 1.75
N LYS A 135 14.55 0.82 2.90
CA LYS A 135 14.86 1.46 4.16
C LYS A 135 16.25 1.03 4.63
N THR A 136 16.96 0.38 3.73
CA THR A 136 18.31 -0.08 4.02
C THR A 136 19.30 0.44 2.98
N ALA A 137 18.75 0.88 1.86
CA ALA A 137 19.58 1.41 0.78
C ALA A 137 19.53 2.93 0.81
N PHE A 138 18.31 3.46 0.83
CA PHE A 138 18.11 4.90 0.86
C PHE A 138 17.23 5.31 2.04
N PRO A 139 17.73 4.98 3.26
CA PRO A 139 17.00 5.31 4.47
C PRO A 139 17.12 6.80 4.79
N ARG A 140 16.18 7.28 5.61
CA ARG A 140 16.16 8.67 5.99
C ARG A 140 14.89 9.00 6.78
N ASP A 141 14.37 10.19 6.53
CA ASP A 141 13.15 10.62 7.21
C ASP A 141 12.00 10.64 6.21
N MET A 142 11.65 11.85 5.78
CA MET A 142 10.57 12.02 4.83
C MET A 142 10.97 11.50 3.44
N GLU A 143 12.25 11.62 3.15
CA GLU A 143 12.78 11.17 1.86
C GLU A 143 12.68 9.65 1.76
N ASN A 144 13.36 8.98 2.68
CA ASN A 144 13.36 7.53 2.71
C ASN A 144 11.95 7.02 3.04
N ASP A 145 11.42 7.53 4.13
CA ASP A 145 10.08 7.14 4.56
C ASP A 145 9.16 7.06 3.34
N LYS A 146 9.10 8.16 2.61
CA LYS A 146 8.27 8.22 1.42
C LYS A 146 8.77 7.20 0.39
N ALA A 147 10.08 6.98 0.42
CA ALA A 147 10.70 6.04 -0.50
C ALA A 147 10.12 4.64 -0.25
N MET A 148 10.20 4.20 0.99
CA MET A 148 9.69 2.90 1.37
C MET A 148 8.26 2.71 0.86
N LEU A 149 7.40 3.63 1.24
CA LEU A 149 6.00 3.57 0.83
C LEU A 149 5.93 3.46 -0.70
N ILE A 150 6.75 4.27 -1.36
CA ILE A 150 6.79 4.27 -2.81
C ILE A 150 7.02 2.83 -3.30
N MET A 151 7.76 2.08 -2.51
CA MET A 151 8.06 0.70 -2.86
C MET A 151 6.78 -0.10 -3.09
N THR A 152 5.92 -0.10 -2.09
CA THR A 152 4.66 -0.81 -2.17
C THR A 152 3.86 -0.35 -3.39
N MET A 153 3.69 0.97 -3.48
CA MET A 153 2.96 1.55 -4.59
C MET A 153 3.70 1.34 -5.91
N LEU A 154 4.99 1.09 -5.80
CA LEU A 154 5.82 0.87 -6.97
C LEU A 154 5.30 -0.35 -7.73
N LEU A 155 5.32 -1.49 -7.04
CA LEU A 155 4.86 -2.73 -7.62
C LEU A 155 3.48 -2.52 -8.25
N ALA A 156 2.62 -1.87 -7.49
CA ALA A 156 1.27 -1.59 -7.96
C ALA A 156 1.33 -0.69 -9.19
N LYS A 157 2.02 0.43 -9.04
CA LYS A 157 2.17 1.37 -10.13
C LYS A 157 2.55 0.62 -11.40
N LYS A 158 3.57 -0.22 -11.28
CA LYS A 158 4.03 -1.00 -12.43
C LYS A 158 3.04 -2.14 -12.68
N VAL A 159 2.77 -2.89 -11.63
CA VAL A 159 1.84 -4.01 -11.73
C VAL A 159 0.43 -3.54 -11.36
N ALA A 160 -0.55 -4.31 -11.80
CA ALA A 160 -1.94 -3.98 -11.53
C ALA A 160 -2.30 -2.66 -12.21
N SER A 161 -1.49 -1.65 -11.92
CA SER A 161 -1.71 -0.33 -12.50
C SER A 161 -1.03 -0.24 -13.86
N HIS A 162 -0.21 -1.24 -14.14
CA HIS A 162 0.51 -1.28 -15.41
C HIS A 162 0.72 -2.73 -15.84
N ALA A 163 0.95 -3.58 -14.84
CA ALA A 163 1.16 -5.00 -15.09
C ALA A 163 0.01 -5.80 -14.50
N PRO A 164 -0.99 -6.09 -15.37
CA PRO A 164 -2.15 -6.85 -14.94
C PRO A 164 -1.82 -8.33 -14.78
N SER A 165 -0.85 -8.60 -13.92
CA SER A 165 -0.43 -9.96 -13.66
C SER A 165 -1.01 -10.46 -12.34
N LEU A 166 -0.51 -9.88 -11.25
CA LEU A 166 -0.97 -10.25 -9.93
C LEU A 166 -1.47 -9.00 -9.20
N LEU A 167 -2.52 -8.41 -9.75
CA LEU A 167 -3.09 -7.22 -9.16
C LEU A 167 -3.34 -7.45 -7.66
N ARG A 168 -3.58 -8.71 -7.33
CA ARG A 168 -3.83 -9.08 -5.94
C ARG A 168 -2.59 -8.78 -5.08
N ASP A 169 -1.46 -9.25 -5.55
CA ASP A 169 -0.21 -9.03 -4.84
C ASP A 169 0.13 -7.54 -4.84
N VAL A 170 -0.25 -6.88 -5.93
CA VAL A 170 0.00 -5.46 -6.07
C VAL A 170 -0.64 -4.72 -4.89
N PHE A 171 -1.96 -4.78 -4.85
CA PHE A 171 -2.70 -4.11 -3.79
C PHE A 171 -2.10 -4.44 -2.41
N HIS A 172 -1.96 -5.74 -2.17
CA HIS A 172 -1.40 -6.19 -0.90
C HIS A 172 0.05 -5.75 -0.79
N THR A 173 0.66 -5.52 -1.94
CA THR A 173 2.05 -5.08 -1.98
C THR A 173 2.16 -3.60 -1.61
N THR A 174 0.99 -2.97 -1.49
CA THR A 174 0.94 -1.55 -1.15
C THR A 174 0.77 -1.39 0.37
N VAL A 175 -0.30 -1.96 0.88
CA VAL A 175 -0.59 -1.88 2.30
C VAL A 175 0.35 -2.82 3.06
N ASN A 176 1.50 -3.08 2.45
CA ASN A 176 2.47 -3.96 3.07
C ASN A 176 3.35 -3.15 4.02
N PHE A 177 4.12 -2.24 3.43
CA PHE A 177 5.01 -1.40 4.22
C PHE A 177 4.23 -0.55 5.23
N ILE A 178 3.26 0.18 4.69
CA ILE A 178 2.43 1.03 5.52
C ILE A 178 1.85 0.21 6.69
N ASN A 179 1.41 -0.99 6.36
CA ASN A 179 0.84 -1.88 7.36
C ASN A 179 1.94 -2.30 8.34
N GLN A 180 3.13 -2.52 7.79
CA GLN A 180 4.27 -2.92 8.61
C GLN A 180 4.30 -2.13 9.92
N ASN A 181 5.21 -1.17 9.96
CA ASN A 181 5.35 -0.33 11.15
C ASN A 181 5.35 1.14 10.72
N LEU A 182 5.17 1.35 9.43
CA LEU A 182 5.15 2.70 8.89
C LEU A 182 3.71 3.21 8.83
N PHE A 183 2.84 2.52 9.57
CA PHE A 183 1.45 2.88 9.62
C PHE A 183 1.26 4.39 9.39
N SER A 184 0.99 4.73 8.15
CA SER A 184 0.79 6.13 7.78
C SER A 184 2.03 6.95 8.14
N TYR A 185 2.96 6.99 7.20
CA TYR A 185 4.20 7.73 7.40
C TYR A 185 3.95 9.00 8.23
N VAL A 186 2.88 9.70 7.88
CA VAL A 186 2.52 10.92 8.57
C VAL A 186 2.36 10.62 10.06
N ARG A 187 1.54 9.62 10.35
CA ARG A 187 1.30 9.24 11.73
C ARG A 187 2.62 8.93 12.44
N ASN A 188 3.48 8.23 11.75
CA ASN A 188 4.78 7.87 12.30
C ASN A 188 5.49 9.14 12.78
N LEU A 189 5.35 10.19 11.98
CA LEU A 189 5.96 11.46 12.30
C LEU A 189 5.33 12.02 13.58
N VAL A 190 4.01 11.94 13.63
CA VAL A 190 3.27 12.43 14.78
C VAL A 190 3.72 11.67 16.03
N ARG A 191 3.59 10.35 15.97
CA ARG A 191 3.98 9.52 17.09
C ARG A 191 5.47 9.69 17.39
N ASN A 192 6.26 9.71 16.32
CA ASN A 192 7.70 9.86 16.46
C ASN A 192 7.99 11.13 17.27
N GLU A 193 7.28 12.19 16.93
CA GLU A 193 7.45 13.46 17.61
C GLU A 193 7.10 13.32 19.09
N MET A 194 7.78 14.11 19.91
CA MET A 194 7.54 14.09 21.34
C MET A 194 6.06 13.94 21.66
N ASP A 195 5.75 12.91 22.42
CA ASP A 195 4.37 12.64 22.80
C ASP A 195 4.34 11.99 24.18
N MET A 1 -38.40 -26.22 -9.22
CA MET A 1 -37.49 -25.09 -9.26
C MET A 1 -36.64 -25.04 -7.98
N ASP A 2 -35.58 -24.24 -8.05
CA ASP A 2 -34.68 -24.09 -6.92
C ASP A 2 -33.57 -23.10 -7.29
N SER A 3 -33.01 -22.49 -6.25
CA SER A 3 -31.94 -21.53 -6.45
C SER A 3 -31.52 -20.93 -5.10
N GLU A 4 -30.34 -20.32 -5.09
CA GLU A 4 -29.83 -19.71 -3.89
C GLU A 4 -28.46 -19.06 -4.16
N VAL A 5 -28.14 -18.07 -3.36
CA VAL A 5 -26.87 -17.37 -3.50
C VAL A 5 -26.69 -16.41 -2.32
N SER A 6 -25.42 -16.18 -1.98
CA SER A 6 -25.10 -15.30 -0.87
C SER A 6 -23.59 -15.28 -0.65
N ASN A 7 -23.12 -14.21 -0.02
CA ASN A 7 -21.71 -14.05 0.26
C ASN A 7 -21.47 -12.70 0.91
N GLY A 8 -20.31 -12.57 1.54
CA GLY A 8 -19.94 -11.33 2.22
C GLY A 8 -18.84 -11.58 3.25
N SER A 9 -17.87 -10.68 3.27
CA SER A 9 -16.77 -10.78 4.20
C SER A 9 -16.24 -9.38 4.54
N GLY A 10 -15.56 -9.30 5.68
CA GLY A 10 -15.00 -8.05 6.12
C GLY A 10 -14.65 -8.09 7.61
N LEU A 11 -13.40 -7.78 7.92
CA LEU A 11 -12.92 -7.79 9.29
C LEU A 11 -11.49 -7.28 9.33
N GLY A 12 -11.12 -6.74 10.48
CA GLY A 12 -9.79 -6.21 10.67
C GLY A 12 -9.80 -4.95 11.54
N ALA A 13 -8.71 -4.75 12.27
CA ALA A 13 -8.59 -3.60 13.14
C ALA A 13 -7.92 -2.45 12.38
N LYS A 14 -6.82 -2.79 11.72
CA LYS A 14 -6.08 -1.80 10.96
C LYS A 14 -6.88 -1.43 9.71
N HIS A 15 -7.99 -0.74 9.94
CA HIS A 15 -8.85 -0.32 8.84
C HIS A 15 -8.08 0.64 7.94
N ILE A 16 -7.37 1.57 8.58
CA ILE A 16 -6.59 2.55 7.84
C ILE A 16 -5.64 1.84 6.89
N THR A 17 -5.06 0.75 7.39
CA THR A 17 -4.12 -0.03 6.58
C THR A 17 -4.78 -0.46 5.27
N ASP A 18 -5.66 -1.45 5.38
CA ASP A 18 -6.36 -1.96 4.22
C ASP A 18 -6.95 -0.79 3.43
N LEU A 19 -7.38 0.22 4.17
CA LEU A 19 -7.96 1.41 3.55
C LEU A 19 -6.96 2.02 2.57
N LEU A 20 -5.69 1.90 2.93
CA LEU A 20 -4.62 2.43 2.09
C LEU A 20 -4.58 1.67 0.78
N VAL A 21 -4.71 0.36 0.88
CA VAL A 21 -4.68 -0.50 -0.30
C VAL A 21 -5.88 -0.16 -1.19
N PHE A 22 -7.07 -0.37 -0.64
CA PHE A 22 -8.29 -0.09 -1.38
C PHE A 22 -8.43 1.41 -1.66
N GLY A 23 -7.89 2.21 -0.75
CA GLY A 23 -7.93 3.65 -0.90
C GLY A 23 -7.00 4.13 -2.01
N PHE A 24 -5.82 3.53 -2.03
CA PHE A 24 -4.82 3.88 -3.03
C PHE A 24 -5.39 3.77 -4.44
N LEU A 25 -5.97 2.61 -4.72
CA LEU A 25 -6.56 2.37 -6.03
C LEU A 25 -7.61 3.44 -6.32
N GLN A 26 -8.40 3.75 -5.30
CA GLN A 26 -9.44 4.75 -5.44
C GLN A 26 -8.84 6.07 -5.91
N SER A 27 -7.64 6.36 -5.42
CA SER A 27 -6.95 7.58 -5.78
C SER A 27 -6.71 7.62 -7.29
N SER A 28 -5.95 6.65 -7.76
CA SER A 28 -5.63 6.56 -9.18
C SER A 28 -5.60 5.10 -9.62
N GLY A 29 -4.56 4.40 -9.18
CA GLY A 29 -4.40 3.00 -9.52
C GLY A 29 -5.20 2.64 -10.78
N CYS A 30 -6.11 1.70 -10.61
CA CYS A 30 -6.95 1.26 -11.72
C CYS A 30 -8.30 1.97 -11.60
N THR A 31 -9.32 1.18 -11.27
CA THR A 31 -10.67 1.72 -11.13
C THR A 31 -11.39 1.05 -9.96
N ARG A 32 -12.59 1.53 -9.70
CA ARG A 32 -13.40 0.98 -8.62
C ARG A 32 -13.40 -0.54 -8.68
N GLN A 33 -13.75 -1.06 -9.84
CA GLN A 33 -13.79 -2.50 -10.05
C GLN A 33 -12.49 -3.14 -9.57
N GLU A 34 -11.41 -2.39 -9.71
CA GLU A 34 -10.11 -2.87 -9.30
C GLU A 34 -10.04 -3.01 -7.78
N LEU A 35 -10.38 -1.93 -7.10
CA LEU A 35 -10.38 -1.91 -5.65
C LEU A 35 -11.03 -3.19 -5.13
N GLU A 36 -12.07 -3.62 -5.83
CA GLU A 36 -12.78 -4.83 -5.45
C GLU A 36 -11.88 -6.05 -5.60
N VAL A 37 -11.26 -6.14 -6.77
CA VAL A 37 -10.36 -7.26 -7.05
C VAL A 37 -9.18 -7.21 -6.08
N LEU A 38 -8.44 -6.12 -6.15
CA LEU A 38 -7.28 -5.94 -5.30
C LEU A 38 -7.73 -5.85 -3.84
N GLY A 39 -8.77 -5.06 -3.63
CA GLY A 39 -9.31 -4.87 -2.29
C GLY A 39 -9.55 -6.23 -1.62
N ARG A 40 -10.15 -7.14 -2.37
CA ARG A 40 -10.44 -8.47 -1.86
C ARG A 40 -9.17 -9.10 -1.26
N GLU A 41 -9.08 -9.01 0.06
CA GLU A 41 -7.94 -9.57 0.76
C GLU A 41 -8.39 -10.29 2.03
N LEU A 42 -7.73 -11.40 2.31
CA LEU A 42 -8.05 -12.20 3.49
C LEU A 42 -7.05 -11.86 4.61
N PRO A 43 -7.59 -11.81 5.85
CA PRO A 43 -6.76 -11.51 7.01
C PRO A 43 -5.90 -12.71 7.40
N VAL A 44 -5.07 -13.14 6.45
CA VAL A 44 -4.20 -14.27 6.68
C VAL A 44 -3.31 -14.00 7.90
N GLN A 45 -2.25 -14.77 8.01
CA GLN A 45 -1.32 -14.62 9.11
C GLN A 45 -0.49 -15.89 9.29
N ALA A 46 0.82 -15.71 9.31
CA ALA A 46 1.74 -16.82 9.47
C ALA A 46 2.71 -16.53 10.62
N TYR A 47 3.32 -17.59 11.11
CA TYR A 47 4.27 -17.45 12.21
C TYR A 47 5.02 -16.12 12.12
N TRP A 48 5.83 -16.00 11.07
CA TRP A 48 6.60 -14.79 10.86
C TRP A 48 7.87 -15.17 10.09
N GLU A 49 8.72 -14.18 9.88
CA GLU A 49 9.97 -14.39 9.16
C GLU A 49 11.02 -13.39 9.62
N ALA A 50 12.15 -13.40 8.93
CA ALA A 50 13.25 -12.51 9.25
C ALA A 50 14.51 -12.98 8.54
N ASP A 51 15.50 -12.10 8.53
CA ASP A 51 16.77 -12.41 7.89
C ASP A 51 17.74 -11.23 8.06
N LEU A 52 18.99 -11.48 7.72
CA LEU A 52 20.02 -10.46 7.84
C LEU A 52 21.36 -11.04 7.41
N GLU A 53 22.18 -10.17 6.82
CA GLU A 53 23.50 -10.59 6.36
C GLU A 53 24.49 -9.43 6.50
N ASP A 54 24.14 -8.30 5.91
CA ASP A 54 24.98 -7.13 5.96
C ASP A 54 26.25 -7.38 5.13
N GLU A 55 26.92 -6.29 4.78
CA GLU A 55 28.13 -6.38 4.00
C GLU A 55 28.65 -4.98 3.65
N LEU A 56 29.94 -4.91 3.36
CA LEU A 56 30.56 -3.65 3.01
C LEU A 56 31.65 -3.89 1.96
N GLN A 57 32.08 -2.81 1.35
CA GLN A 57 33.11 -2.89 0.32
C GLN A 57 33.52 -1.48 -0.14
N THR A 58 34.79 -1.18 0.06
CA THR A 58 35.32 0.12 -0.33
C THR A 58 35.77 0.09 -1.79
N ASP A 59 36.44 1.16 -2.19
CA ASP A 59 36.93 1.28 -3.55
C ASP A 59 37.37 2.72 -3.81
N GLY A 60 38.26 2.88 -4.78
CA GLY A 60 38.75 4.20 -5.14
C GLY A 60 39.93 4.09 -6.13
N SER A 61 40.29 5.24 -6.68
CA SER A 61 41.38 5.28 -7.64
C SER A 61 42.30 6.47 -7.33
N GLN A 62 41.78 7.65 -7.63
CA GLN A 62 42.54 8.87 -7.39
C GLN A 62 41.67 10.11 -7.67
N ALA A 63 41.48 10.91 -6.63
CA ALA A 63 40.67 12.11 -6.75
C ALA A 63 40.87 12.99 -5.52
N SER A 64 40.32 12.52 -4.41
CA SER A 64 40.42 13.25 -3.16
C SER A 64 39.95 14.68 -3.35
N ARG A 65 38.88 14.83 -4.11
CA ARG A 65 38.31 16.13 -4.37
C ARG A 65 36.79 16.08 -4.31
N SER A 66 36.27 16.37 -3.12
CA SER A 66 34.82 16.36 -2.92
C SER A 66 34.51 16.11 -1.44
N PHE A 67 33.47 16.77 -0.96
CA PHE A 67 33.05 16.63 0.42
C PHE A 67 31.56 16.29 0.51
N ASN A 68 31.08 16.20 1.74
CA ASN A 68 29.69 15.88 1.98
C ASN A 68 29.29 16.38 3.37
N GLN A 69 27.98 16.34 3.64
CA GLN A 69 27.45 16.78 4.91
C GLN A 69 25.94 16.95 4.83
N GLY A 70 25.32 17.01 6.00
CA GLY A 70 23.88 17.17 6.07
C GLY A 70 23.32 16.56 7.37
N ARG A 71 23.00 17.45 8.30
CA ARG A 71 22.46 17.02 9.58
C ARG A 71 21.07 17.63 9.81
N ILE A 72 20.05 16.85 9.46
CA ILE A 72 18.69 17.30 9.62
C ILE A 72 18.00 16.45 10.68
N GLU A 73 17.06 17.08 11.38
CA GLU A 73 16.33 16.40 12.43
C GLU A 73 14.89 16.92 12.51
N PRO A 74 14.00 16.30 11.69
CA PRO A 74 12.60 16.70 11.66
C PRO A 74 11.87 16.20 12.90
N ASP A 75 10.64 16.68 13.04
CA ASP A 75 9.81 16.29 14.18
C ASP A 75 8.45 16.98 14.07
N SER A 76 7.41 16.19 14.29
CA SER A 76 6.05 16.71 14.22
C SER A 76 5.04 15.57 14.33
N GLU A 77 3.77 15.93 14.19
CA GLU A 77 2.71 14.94 14.27
C GLU A 77 1.35 15.60 13.98
N SER A 78 0.41 14.78 13.55
CA SER A 78 -0.92 15.27 13.25
C SER A 78 -1.79 14.12 12.72
N GLN A 79 -3.08 14.26 12.94
CA GLN A 79 -4.03 13.24 12.50
C GLN A 79 -5.42 13.86 12.29
N GLU A 80 -6.29 13.09 11.66
CA GLU A 80 -7.65 13.55 11.40
C GLU A 80 -8.33 12.62 10.39
N GLU A 81 -9.50 13.05 9.95
CA GLU A 81 -10.27 12.27 8.99
C GLU A 81 -9.54 12.24 7.64
N ILE A 82 -8.61 13.16 7.49
CA ILE A 82 -7.83 13.24 6.26
C ILE A 82 -6.94 12.01 6.13
N ILE A 83 -6.90 11.24 7.22
CA ILE A 83 -6.09 10.03 7.24
C ILE A 83 -6.40 9.19 6.00
N HIS A 84 -7.70 9.00 5.77
CA HIS A 84 -8.15 8.21 4.64
C HIS A 84 -7.70 8.88 3.34
N ASN A 85 -7.93 10.18 3.28
CA ASN A 85 -7.55 10.96 2.10
C ASN A 85 -6.08 10.68 1.76
N ILE A 86 -5.28 10.64 2.81
CA ILE A 86 -3.85 10.40 2.64
C ILE A 86 -3.64 9.01 2.02
N ALA A 87 -4.47 8.07 2.48
CA ALA A 87 -4.38 6.70 1.98
C ALA A 87 -4.39 6.73 0.44
N ARG A 88 -5.34 7.50 -0.09
CA ARG A 88 -5.47 7.61 -1.54
C ARG A 88 -4.25 8.31 -2.12
N HIS A 89 -3.75 9.29 -1.38
CA HIS A 89 -2.59 10.03 -1.83
C HIS A 89 -1.45 9.08 -2.15
N LEU A 90 -1.50 7.91 -1.51
CA LEU A 90 -0.48 6.90 -1.71
C LEU A 90 -0.38 6.58 -3.21
N ALA A 91 -1.47 6.04 -3.75
CA ALA A 91 -1.53 5.70 -5.15
C ALA A 91 -1.18 6.92 -5.99
N GLN A 92 -1.94 7.98 -5.78
CA GLN A 92 -1.74 9.23 -6.51
C GLN A 92 -0.26 9.61 -6.47
N ILE A 93 0.40 9.26 -5.38
CA ILE A 93 1.81 9.57 -5.21
C ILE A 93 2.62 8.70 -6.16
N GLY A 94 2.12 7.50 -6.42
CA GLY A 94 2.79 6.57 -7.31
C GLY A 94 2.91 7.15 -8.72
N ASP A 95 1.77 7.59 -9.25
CA ASP A 95 1.74 8.17 -10.58
C ASP A 95 2.67 9.38 -10.63
N GLU A 96 2.45 10.29 -9.69
CA GLU A 96 3.26 11.49 -9.61
C GLU A 96 4.73 11.14 -9.35
N MET A 97 4.92 10.13 -8.51
CA MET A 97 6.26 9.68 -8.17
C MET A 97 7.09 9.44 -9.44
N ASP A 98 6.45 8.84 -10.42
CA ASP A 98 7.11 8.54 -11.68
C ASP A 98 8.03 9.71 -12.05
N HIS A 99 7.64 10.89 -11.60
CA HIS A 99 8.41 12.09 -11.88
C HIS A 99 9.91 11.77 -11.78
N ASN A 100 10.32 11.41 -10.58
CA ASN A 100 11.72 11.08 -10.34
C ASN A 100 11.79 9.94 -9.31
N ILE A 101 11.78 8.72 -9.83
CA ILE A 101 11.85 7.54 -8.98
C ILE A 101 12.96 6.63 -9.48
N GLN A 102 14.17 6.92 -9.03
CA GLN A 102 15.33 6.12 -9.42
C GLN A 102 16.59 6.99 -9.40
N PRO A 103 16.82 7.63 -8.23
CA PRO A 103 17.99 8.48 -8.05
C PRO A 103 19.26 7.64 -7.90
N THR A 104 19.12 6.35 -8.15
CA THR A 104 20.24 5.44 -8.02
C THR A 104 19.75 3.98 -8.02
N LEU A 105 18.44 3.84 -8.20
CA LEU A 105 17.84 2.52 -8.21
C LEU A 105 17.02 2.32 -6.94
N VAL A 106 16.35 3.39 -6.54
CA VAL A 106 15.52 3.35 -5.34
C VAL A 106 14.31 2.45 -5.59
N ARG A 107 13.29 3.05 -6.19
CA ARG A 107 12.07 2.32 -6.49
C ARG A 107 12.39 1.05 -7.27
N GLN A 108 13.47 1.11 -8.04
CA GLN A 108 13.90 -0.03 -8.83
C GLN A 108 14.33 -1.17 -7.92
N LEU A 109 14.87 -0.80 -6.78
CA LEU A 109 15.33 -1.79 -5.81
C LEU A 109 14.13 -2.60 -5.31
N ALA A 110 13.17 -1.89 -4.73
CA ALA A 110 11.98 -2.52 -4.21
C ALA A 110 11.41 -3.48 -5.26
N ALA A 111 11.28 -2.96 -6.47
CA ALA A 111 10.76 -3.76 -7.57
C ALA A 111 11.70 -4.94 -7.83
N GLN A 112 12.92 -4.80 -7.35
CA GLN A 112 13.92 -5.84 -7.53
C GLN A 112 13.43 -7.16 -6.92
N PHE A 113 12.93 -7.06 -5.70
CA PHE A 113 12.43 -8.23 -5.00
C PHE A 113 11.19 -8.79 -5.71
N MET A 114 10.36 -7.89 -6.20
CA MET A 114 9.15 -8.30 -6.90
C MET A 114 9.45 -9.37 -7.95
N ASN A 115 8.85 -10.52 -7.75
CA ASN A 115 9.03 -11.64 -8.67
C ASN A 115 7.73 -11.88 -9.44
N GLY A 116 7.56 -13.12 -9.85
CA GLY A 116 6.37 -13.51 -10.61
C GLY A 116 5.50 -14.47 -9.80
N SER A 117 6.17 -15.39 -9.12
CA SER A 117 5.48 -16.39 -8.31
C SER A 117 6.41 -16.93 -7.23
N LEU A 118 6.71 -16.07 -6.27
CA LEU A 118 7.58 -16.45 -5.17
C LEU A 118 7.31 -17.91 -4.79
N SER A 119 6.09 -18.14 -4.33
CA SER A 119 5.69 -19.48 -3.92
C SER A 119 4.23 -19.73 -4.33
N GLU A 120 4.03 -19.89 -5.62
CA GLU A 120 2.70 -20.14 -6.15
C GLU A 120 1.83 -18.91 -5.99
N GLU A 121 2.20 -18.07 -5.03
CA GLU A 121 1.46 -16.85 -4.77
C GLU A 121 1.66 -16.40 -3.32
N ASP A 122 2.91 -16.07 -3.01
CA ASP A 122 3.25 -15.63 -1.67
C ASP A 122 4.05 -14.32 -1.75
N LYS A 123 3.48 -13.38 -2.49
CA LYS A 123 4.12 -12.08 -2.66
C LYS A 123 3.70 -11.16 -1.51
N ARG A 124 4.41 -11.29 -0.40
CA ARG A 124 4.14 -10.47 0.77
C ARG A 124 5.43 -10.11 1.48
N ASN A 125 6.24 -11.12 1.73
CA ASN A 125 7.51 -10.91 2.41
C ASN A 125 8.48 -10.18 1.47
N CYS A 126 8.42 -10.56 0.20
CA CYS A 126 9.27 -9.95 -0.80
C CYS A 126 9.13 -8.42 -0.69
N LEU A 127 7.89 -7.97 -0.81
CA LEU A 127 7.61 -6.55 -0.72
C LEU A 127 8.26 -5.97 0.54
N ALA A 128 7.74 -6.41 1.68
CA ALA A 128 8.26 -5.95 2.96
C ALA A 128 9.79 -6.00 2.93
N LYS A 129 10.30 -6.95 2.17
CA LYS A 129 11.74 -7.12 2.04
C LYS A 129 12.34 -5.87 1.40
N ALA A 130 11.51 -5.19 0.62
CA ALA A 130 11.95 -3.98 -0.06
C ALA A 130 12.11 -2.86 0.97
N LEU A 131 11.08 -2.70 1.79
CA LEU A 131 11.09 -1.67 2.82
C LEU A 131 12.47 -1.63 3.48
N ASP A 132 12.97 -2.81 3.79
CA ASP A 132 14.27 -2.93 4.43
C ASP A 132 15.36 -2.48 3.45
N GLU A 133 15.18 -2.89 2.19
CA GLU A 133 16.13 -2.54 1.16
C GLU A 133 16.07 -1.04 0.86
N VAL A 134 14.91 -0.60 0.38
CA VAL A 134 14.70 0.80 0.06
C VAL A 134 15.33 1.66 1.16
N LYS A 135 15.27 1.15 2.38
CA LYS A 135 15.82 1.87 3.52
C LYS A 135 17.35 1.76 3.49
N THR A 136 17.82 0.56 3.18
CA THR A 136 19.25 0.32 3.13
C THR A 136 19.93 1.35 2.21
N ALA A 137 19.16 1.83 1.25
CA ALA A 137 19.67 2.81 0.31
C ALA A 137 19.15 4.20 0.69
N PHE A 138 17.83 4.29 0.84
CA PHE A 138 17.21 5.54 1.21
C PHE A 138 16.44 5.40 2.53
N PRO A 139 17.21 5.24 3.63
CA PRO A 139 16.61 5.10 4.95
C PRO A 139 16.10 6.44 5.47
N ARG A 140 15.67 6.43 6.72
CA ARG A 140 15.17 7.64 7.34
C ARG A 140 13.64 7.55 7.50
N ASP A 141 13.06 8.65 7.96
CA ASP A 141 11.62 8.71 8.16
C ASP A 141 10.96 9.24 6.89
N MET A 142 10.66 10.53 6.90
CA MET A 142 10.02 11.17 5.77
C MET A 142 10.74 10.81 4.46
N GLU A 143 12.06 10.66 4.58
CA GLU A 143 12.87 10.31 3.42
C GLU A 143 12.63 8.86 3.01
N ASN A 144 13.04 7.95 3.88
CA ASN A 144 12.87 6.53 3.62
C ASN A 144 11.39 6.16 3.78
N ASP A 145 10.87 6.42 4.97
CA ASP A 145 9.48 6.12 5.26
C ASP A 145 8.64 6.36 4.01
N LYS A 146 8.79 7.53 3.44
CA LYS A 146 8.05 7.90 2.25
C LYS A 146 8.62 7.12 1.06
N ALA A 147 9.93 6.94 1.07
CA ALA A 147 10.60 6.21 0.01
C ALA A 147 10.10 4.77 -0.02
N MET A 148 10.26 4.11 1.11
CA MET A 148 9.83 2.72 1.25
C MET A 148 8.39 2.56 0.77
N LEU A 149 7.54 3.45 1.25
CA LEU A 149 6.13 3.41 0.89
C LEU A 149 6.00 3.40 -0.64
N ILE A 150 6.85 4.19 -1.28
CA ILE A 150 6.84 4.29 -2.72
C ILE A 150 7.10 2.90 -3.32
N MET A 151 7.90 2.13 -2.63
CA MET A 151 8.23 0.78 -3.07
C MET A 151 6.97 -0.05 -3.29
N THR A 152 6.15 -0.10 -2.25
CA THR A 152 4.91 -0.86 -2.32
C THR A 152 4.08 -0.41 -3.52
N MET A 153 3.87 0.89 -3.60
CA MET A 153 3.09 1.47 -4.69
C MET A 153 3.74 1.17 -6.04
N LEU A 154 5.07 1.05 -6.01
CA LEU A 154 5.83 0.77 -7.21
C LEU A 154 5.28 -0.49 -7.87
N LEU A 155 5.25 -1.57 -7.09
CA LEU A 155 4.76 -2.84 -7.58
C LEU A 155 3.39 -2.65 -8.22
N ALA A 156 2.54 -1.92 -7.50
CA ALA A 156 1.19 -1.65 -7.98
C ALA A 156 1.27 -0.78 -9.23
N LYS A 157 1.98 0.33 -9.10
CA LYS A 157 2.13 1.25 -10.22
C LYS A 157 2.48 0.46 -11.48
N LYS A 158 3.50 -0.37 -11.35
CA LYS A 158 3.95 -1.18 -12.47
C LYS A 158 2.97 -2.35 -12.67
N VAL A 159 2.71 -3.06 -11.58
CA VAL A 159 1.81 -4.19 -11.62
C VAL A 159 0.40 -3.72 -11.26
N ALA A 160 -0.58 -4.46 -11.75
CA ALA A 160 -1.98 -4.14 -11.50
C ALA A 160 -2.34 -2.86 -12.25
N SER A 161 -1.50 -1.86 -12.10
CA SER A 161 -1.71 -0.58 -12.76
C SER A 161 -0.96 -0.54 -14.10
N HIS A 162 -0.14 -1.56 -14.31
CA HIS A 162 0.63 -1.66 -15.53
C HIS A 162 0.95 -3.13 -15.82
N ALA A 163 1.19 -3.87 -14.74
CA ALA A 163 1.51 -5.28 -14.87
C ALA A 163 0.36 -6.11 -14.28
N PRO A 164 -0.53 -6.58 -15.18
CA PRO A 164 -1.67 -7.39 -14.76
C PRO A 164 -1.24 -8.81 -14.40
N SER A 165 -0.14 -8.89 -13.64
CA SER A 165 0.38 -10.18 -13.22
C SER A 165 0.03 -10.44 -11.76
N LEU A 166 0.00 -9.35 -10.99
CA LEU A 166 -0.32 -9.46 -9.58
C LEU A 166 -1.34 -8.37 -9.21
N LEU A 167 -2.61 -8.73 -9.29
CA LEU A 167 -3.68 -7.81 -8.97
C LEU A 167 -3.77 -7.64 -7.46
N ARG A 168 -4.41 -8.61 -6.83
CA ARG A 168 -4.57 -8.58 -5.37
C ARG A 168 -3.22 -8.42 -4.69
N ASP A 169 -2.22 -9.09 -5.26
CA ASP A 169 -0.88 -9.03 -4.71
C ASP A 169 -0.39 -7.58 -4.74
N VAL A 170 -0.68 -6.90 -5.83
CA VAL A 170 -0.29 -5.52 -5.99
C VAL A 170 -0.77 -4.70 -4.80
N PHE A 171 -2.08 -4.77 -4.58
CA PHE A 171 -2.69 -4.05 -3.47
C PHE A 171 -1.95 -4.35 -2.16
N HIS A 172 -1.84 -5.63 -1.86
CA HIS A 172 -1.17 -6.07 -0.64
C HIS A 172 0.20 -5.40 -0.55
N THR A 173 0.73 -5.05 -1.71
CA THR A 173 2.04 -4.41 -1.77
C THR A 173 2.00 -3.07 -1.03
N THR A 174 1.13 -2.20 -1.50
CA THR A 174 0.98 -0.89 -0.89
C THR A 174 0.72 -1.02 0.62
N VAL A 175 -0.35 -1.73 0.94
CA VAL A 175 -0.72 -1.93 2.32
C VAL A 175 0.21 -2.96 2.95
N ASN A 176 1.26 -3.30 2.20
CA ASN A 176 2.23 -4.27 2.67
C ASN A 176 3.20 -3.60 3.64
N PHE A 177 3.82 -2.53 3.17
CA PHE A 177 4.76 -1.79 3.99
C PHE A 177 4.06 -1.15 5.19
N ILE A 178 3.01 -0.39 4.90
CA ILE A 178 2.26 0.28 5.93
C ILE A 178 1.80 -0.75 6.97
N ASN A 179 1.27 -1.85 6.46
CA ASN A 179 0.79 -2.91 7.33
C ASN A 179 1.97 -3.53 8.08
N GLN A 180 3.08 -3.67 7.36
CA GLN A 180 4.28 -4.24 7.93
C GLN A 180 5.01 -3.19 8.78
N ASN A 181 4.51 -1.97 8.71
CA ASN A 181 5.10 -0.87 9.47
C ASN A 181 4.36 -0.71 10.79
N LEU A 182 4.15 0.54 11.16
CA LEU A 182 3.45 0.85 12.41
C LEU A 182 1.96 0.94 12.13
N PHE A 183 1.62 1.54 10.99
CA PHE A 183 0.23 1.70 10.60
C PHE A 183 0.13 2.37 9.23
N SER A 184 0.76 3.52 9.12
CA SER A 184 0.74 4.27 7.88
C SER A 184 1.28 5.69 8.10
N TYR A 185 2.23 6.07 7.25
CA TYR A 185 2.83 7.39 7.35
C TYR A 185 1.83 8.48 6.99
N VAL A 186 0.71 8.48 7.71
CA VAL A 186 -0.32 9.47 7.47
C VAL A 186 0.04 10.77 8.18
N ARG A 187 0.59 10.63 9.38
CA ARG A 187 0.98 11.78 10.17
C ARG A 187 1.93 12.67 9.36
N ASN A 188 2.99 12.05 8.85
CA ASN A 188 3.97 12.77 8.06
C ASN A 188 3.31 13.29 6.78
N LEU A 189 2.61 12.40 6.11
CA LEU A 189 1.92 12.76 4.87
C LEU A 189 1.06 13.99 5.11
N VAL A 190 0.35 13.97 6.23
CA VAL A 190 -0.52 15.07 6.60
C VAL A 190 0.30 16.36 6.68
N ARG A 191 1.45 16.24 7.32
CA ARG A 191 2.34 17.38 7.49
C ARG A 191 2.81 17.89 6.12
N ASN A 192 3.18 16.94 5.27
CA ASN A 192 3.64 17.28 3.92
C ASN A 192 2.56 18.08 3.21
N GLU A 193 1.35 17.53 3.22
CA GLU A 193 0.23 18.18 2.57
C GLU A 193 -0.13 19.47 3.29
N MET A 194 0.37 20.58 2.75
CA MET A 194 0.12 21.88 3.34
C MET A 194 1.02 22.12 4.55
N ASP A 195 0.91 23.33 5.09
CA ASP A 195 1.71 23.70 6.25
C ASP A 195 3.19 23.43 5.95
N MET A 1 -12.21 -19.29 -21.65
CA MET A 1 -12.17 -17.95 -21.09
C MET A 1 -12.09 -17.99 -19.56
N ASP A 2 -12.04 -16.81 -18.97
CA ASP A 2 -11.96 -16.71 -17.52
C ASP A 2 -13.24 -16.07 -16.99
N SER A 3 -13.36 -16.07 -15.67
CA SER A 3 -14.53 -15.50 -15.03
C SER A 3 -14.13 -14.82 -13.72
N GLU A 4 -15.14 -14.30 -13.03
CA GLU A 4 -14.89 -13.61 -11.77
C GLU A 4 -15.81 -14.18 -10.67
N VAL A 5 -15.56 -13.73 -9.45
CA VAL A 5 -16.35 -14.19 -8.32
C VAL A 5 -17.45 -13.16 -8.02
N SER A 6 -18.12 -13.37 -6.89
CA SER A 6 -19.18 -12.47 -6.49
C SER A 6 -18.62 -11.34 -5.63
N ASN A 7 -18.24 -11.69 -4.41
CA ASN A 7 -17.68 -10.72 -3.49
C ASN A 7 -17.18 -11.44 -2.23
N GLY A 8 -16.70 -10.65 -1.29
CA GLY A 8 -16.19 -11.20 -0.04
C GLY A 8 -15.39 -10.16 0.73
N SER A 9 -15.78 -9.95 1.98
CA SER A 9 -15.11 -8.98 2.83
C SER A 9 -14.91 -9.57 4.23
N GLY A 10 -14.15 -8.84 5.04
CA GLY A 10 -13.88 -9.28 6.40
C GLY A 10 -12.37 -9.45 6.62
N LEU A 11 -11.90 -8.80 7.68
CA LEU A 11 -10.48 -8.87 8.02
C LEU A 11 -10.26 -8.20 9.37
N GLY A 12 -9.00 -8.22 9.80
CA GLY A 12 -8.64 -7.62 11.07
C GLY A 12 -7.20 -7.09 11.04
N ALA A 13 -6.88 -6.29 12.05
CA ALA A 13 -5.55 -5.72 12.15
C ALA A 13 -5.27 -4.86 10.92
N LYS A 14 -4.33 -3.94 11.07
CA LYS A 14 -3.96 -3.05 9.98
C LYS A 14 -5.23 -2.56 9.27
N HIS A 15 -6.19 -2.14 10.09
CA HIS A 15 -7.45 -1.65 9.56
C HIS A 15 -7.20 -0.44 8.67
N ILE A 16 -6.48 0.53 9.23
CA ILE A 16 -6.15 1.74 8.50
C ILE A 16 -5.46 1.37 7.19
N THR A 17 -4.42 0.54 7.31
CA THR A 17 -3.66 0.11 6.15
C THR A 17 -4.60 -0.47 5.10
N ASP A 18 -5.51 -1.31 5.55
CA ASP A 18 -6.48 -1.94 4.66
C ASP A 18 -7.12 -0.87 3.77
N LEU A 19 -7.46 0.24 4.41
CA LEU A 19 -8.09 1.35 3.70
C LEU A 19 -7.08 1.95 2.71
N LEU A 20 -5.80 1.77 3.03
CA LEU A 20 -4.74 2.29 2.19
C LEU A 20 -4.78 1.57 0.84
N VAL A 21 -4.83 0.25 0.91
CA VAL A 21 -4.87 -0.56 -0.29
C VAL A 21 -6.13 -0.21 -1.10
N PHE A 22 -7.28 -0.42 -0.46
CA PHE A 22 -8.54 -0.14 -1.11
C PHE A 22 -8.66 1.35 -1.46
N GLY A 23 -8.06 2.17 -0.62
CA GLY A 23 -8.09 3.61 -0.81
C GLY A 23 -7.15 4.02 -1.94
N PHE A 24 -6.01 3.34 -2.01
CA PHE A 24 -5.02 3.62 -3.03
C PHE A 24 -5.65 3.58 -4.43
N LEU A 25 -6.23 2.44 -4.75
CA LEU A 25 -6.88 2.26 -6.04
C LEU A 25 -7.94 3.34 -6.23
N GLN A 26 -8.72 3.55 -5.18
CA GLN A 26 -9.78 4.54 -5.21
C GLN A 26 -9.22 5.91 -5.61
N SER A 27 -7.96 6.13 -5.24
CA SER A 27 -7.30 7.39 -5.54
C SER A 27 -6.98 7.45 -7.03
N SER A 28 -5.77 7.03 -7.37
CA SER A 28 -5.33 7.04 -8.76
C SER A 28 -4.48 5.79 -9.04
N GLY A 29 -5.06 4.64 -8.76
CA GLY A 29 -4.38 3.38 -8.98
C GLY A 29 -4.83 2.72 -10.28
N CYS A 30 -5.90 1.95 -10.18
CA CYS A 30 -6.45 1.27 -11.33
C CYS A 30 -7.85 1.82 -11.60
N THR A 31 -8.85 1.05 -11.19
CA THR A 31 -10.23 1.46 -11.39
C THR A 31 -11.07 1.07 -10.18
N ARG A 32 -12.24 1.69 -10.08
CA ARG A 32 -13.14 1.43 -8.97
C ARG A 32 -13.34 -0.08 -8.79
N GLN A 33 -13.78 -0.71 -9.86
CA GLN A 33 -14.02 -2.15 -9.84
C GLN A 33 -12.75 -2.88 -9.39
N GLU A 34 -11.61 -2.24 -9.66
CA GLU A 34 -10.33 -2.82 -9.30
C GLU A 34 -10.17 -2.85 -7.77
N LEU A 35 -10.31 -1.68 -7.17
CA LEU A 35 -10.19 -1.56 -5.73
C LEU A 35 -11.03 -2.64 -5.06
N GLU A 36 -12.12 -3.00 -5.73
CA GLU A 36 -13.03 -4.01 -5.21
C GLU A 36 -12.36 -5.38 -5.25
N VAL A 37 -11.79 -5.69 -6.41
CA VAL A 37 -11.11 -6.97 -6.60
C VAL A 37 -9.87 -7.03 -5.69
N LEU A 38 -9.00 -6.04 -5.87
CA LEU A 38 -7.79 -5.97 -5.08
C LEU A 38 -8.16 -5.71 -3.61
N GLY A 39 -9.11 -4.82 -3.42
CA GLY A 39 -9.55 -4.48 -2.07
C GLY A 39 -9.85 -5.73 -1.26
N ARG A 40 -10.51 -6.68 -1.90
CA ARG A 40 -10.86 -7.93 -1.25
C ARG A 40 -11.72 -8.79 -2.17
N GLU A 41 -11.14 -9.91 -2.58
CA GLU A 41 -11.84 -10.84 -3.47
C GLU A 41 -11.51 -12.28 -3.09
N LEU A 42 -12.55 -13.11 -3.11
CA LEU A 42 -12.39 -14.52 -2.76
C LEU A 42 -12.35 -15.34 -4.05
N PRO A 43 -11.13 -15.83 -4.38
CA PRO A 43 -10.95 -16.63 -5.58
C PRO A 43 -11.49 -18.04 -5.38
N VAL A 44 -11.91 -18.65 -6.48
CA VAL A 44 -12.46 -19.99 -6.45
C VAL A 44 -11.55 -20.88 -5.58
N GLN A 45 -10.29 -20.93 -5.96
CA GLN A 45 -9.32 -21.73 -5.24
C GLN A 45 -8.14 -22.09 -6.14
N ALA A 46 -7.20 -22.84 -5.59
CA ALA A 46 -6.02 -23.25 -6.33
C ALA A 46 -5.90 -24.78 -6.27
N TYR A 47 -5.45 -25.34 -7.38
CA TYR A 47 -5.27 -26.78 -7.47
C TYR A 47 -4.86 -27.37 -6.12
N TRP A 48 -5.29 -28.60 -5.89
CA TRP A 48 -4.98 -29.29 -4.65
C TRP A 48 -3.57 -28.85 -4.21
N GLU A 49 -2.58 -29.54 -4.75
CA GLU A 49 -1.20 -29.24 -4.42
C GLU A 49 -0.27 -30.32 -5.00
N ALA A 50 -0.60 -31.56 -4.68
CA ALA A 50 0.19 -32.69 -5.15
C ALA A 50 1.62 -32.56 -4.62
N ASP A 51 2.45 -31.89 -5.40
CA ASP A 51 3.84 -31.69 -5.03
C ASP A 51 4.65 -32.94 -5.38
N LEU A 52 5.52 -32.78 -6.35
CA LEU A 52 6.36 -33.89 -6.80
C LEU A 52 6.71 -34.77 -5.61
N GLU A 53 6.81 -36.06 -5.87
CA GLU A 53 7.13 -37.02 -4.83
C GLU A 53 8.64 -37.32 -4.84
N ASP A 54 9.20 -37.30 -6.03
CA ASP A 54 10.63 -37.58 -6.19
C ASP A 54 10.95 -38.92 -5.55
N GLU A 55 10.15 -39.93 -5.88
CA GLU A 55 10.35 -41.26 -5.35
C GLU A 55 10.69 -41.18 -3.85
N LEU A 56 9.70 -40.76 -3.07
CA LEU A 56 9.89 -40.65 -1.64
C LEU A 56 8.54 -40.39 -0.97
N GLN A 57 7.88 -41.47 -0.60
CA GLN A 57 6.57 -41.39 0.03
C GLN A 57 6.65 -41.96 1.46
N THR A 58 7.56 -41.41 2.23
CA THR A 58 7.74 -41.85 3.61
C THR A 58 8.33 -40.74 4.46
N ASP A 59 7.45 -40.09 5.22
CA ASP A 59 7.87 -39.00 6.09
C ASP A 59 6.66 -38.48 6.86
N GLY A 60 5.70 -37.95 6.11
CA GLY A 60 4.50 -37.41 6.71
C GLY A 60 4.82 -36.55 7.93
N SER A 61 5.13 -35.29 7.67
CA SER A 61 5.46 -34.36 8.73
C SER A 61 5.10 -32.93 8.30
N GLN A 62 4.12 -32.38 9.00
CA GLN A 62 3.68 -31.02 8.70
C GLN A 62 2.60 -30.59 9.71
N ALA A 63 2.63 -29.31 10.04
CA ALA A 63 1.67 -28.76 10.99
C ALA A 63 1.76 -27.23 10.97
N SER A 64 0.84 -26.61 11.70
CA SER A 64 0.81 -25.16 11.78
C SER A 64 0.40 -24.72 13.18
N ARG A 65 0.25 -23.41 13.34
CA ARG A 65 -0.15 -22.86 14.63
C ARG A 65 -1.02 -21.62 14.42
N SER A 66 -0.39 -20.58 13.88
CA SER A 66 -1.11 -19.33 13.63
C SER A 66 -1.38 -18.62 14.95
N PHE A 67 -1.65 -17.32 14.84
CA PHE A 67 -1.92 -16.51 16.01
C PHE A 67 -2.16 -15.05 15.62
N ASN A 68 -2.03 -14.17 16.61
CA ASN A 68 -2.22 -12.75 16.39
C ASN A 68 -3.66 -12.51 15.93
N GLN A 69 -4.15 -11.32 16.23
CA GLN A 69 -5.51 -10.94 15.85
C GLN A 69 -5.69 -9.43 15.94
N GLY A 70 -6.91 -8.99 15.70
CA GLY A 70 -7.22 -7.57 15.75
C GLY A 70 -8.67 -7.35 16.20
N ARG A 71 -8.83 -6.38 17.10
CA ARG A 71 -10.15 -6.06 17.61
C ARG A 71 -10.24 -4.56 17.92
N ILE A 72 -10.90 -3.84 17.02
CA ILE A 72 -11.07 -2.41 17.21
C ILE A 72 -12.48 -2.01 16.76
N GLU A 73 -13.16 -1.30 17.65
CA GLU A 73 -14.51 -0.86 17.37
C GLU A 73 -14.49 0.49 16.64
N PRO A 74 -15.14 0.51 15.45
CA PRO A 74 -15.19 1.72 14.65
C PRO A 74 -16.18 2.73 15.24
N ASP A 75 -15.84 4.00 15.12
CA ASP A 75 -16.68 5.06 15.64
C ASP A 75 -17.70 5.46 14.57
N SER A 76 -17.19 6.01 13.48
CA SER A 76 -18.04 6.43 12.38
C SER A 76 -17.19 6.80 11.16
N GLU A 77 -17.87 6.95 10.03
CA GLU A 77 -17.19 7.29 8.80
C GLU A 77 -16.21 8.44 9.03
N SER A 78 -16.76 9.57 9.46
CA SER A 78 -15.94 10.74 9.72
C SER A 78 -15.64 11.48 8.41
N GLN A 79 -14.90 10.78 7.55
CA GLN A 79 -14.53 11.36 6.27
C GLN A 79 -13.45 12.42 6.45
N GLU A 80 -13.78 13.42 7.25
CA GLU A 80 -12.85 14.50 7.52
C GLU A 80 -11.44 13.95 7.76
N GLU A 81 -11.39 12.72 8.25
CA GLU A 81 -10.12 12.07 8.51
C GLU A 81 -9.12 12.39 7.41
N ILE A 82 -7.89 12.65 7.83
CA ILE A 82 -6.83 12.96 6.88
C ILE A 82 -5.97 11.72 6.64
N ILE A 83 -6.01 10.82 7.62
CA ILE A 83 -5.24 9.59 7.53
C ILE A 83 -5.58 8.87 6.21
N HIS A 84 -6.86 8.64 6.00
CA HIS A 84 -7.32 7.98 4.79
C HIS A 84 -6.92 8.80 3.57
N ASN A 85 -6.86 10.11 3.78
CA ASN A 85 -6.48 11.02 2.70
C ASN A 85 -5.13 10.61 2.13
N ILE A 86 -4.20 10.35 3.05
CA ILE A 86 -2.86 9.94 2.64
C ILE A 86 -2.93 8.60 1.91
N ALA A 87 -3.83 7.74 2.40
CA ALA A 87 -4.01 6.43 1.80
C ALA A 87 -4.22 6.59 0.30
N ARG A 88 -5.12 7.50 -0.05
CA ARG A 88 -5.42 7.75 -1.45
C ARG A 88 -4.20 8.34 -2.16
N HIS A 89 -3.54 9.27 -1.48
CA HIS A 89 -2.37 9.90 -2.04
C HIS A 89 -1.29 8.85 -2.31
N LEU A 90 -1.51 7.67 -1.75
CA LEU A 90 -0.57 6.57 -1.92
C LEU A 90 -0.51 6.19 -3.39
N ALA A 91 -1.65 5.71 -3.90
CA ALA A 91 -1.74 5.30 -5.28
C ALA A 91 -1.36 6.48 -6.19
N GLN A 92 -2.06 7.59 -5.98
CA GLN A 92 -1.82 8.79 -6.75
C GLN A 92 -0.32 9.09 -6.82
N ILE A 93 0.36 8.82 -5.70
CA ILE A 93 1.78 9.05 -5.62
C ILE A 93 2.52 8.02 -6.49
N GLY A 94 1.92 6.83 -6.58
CA GLY A 94 2.50 5.76 -7.36
C GLY A 94 2.69 6.19 -8.82
N ASP A 95 1.60 6.65 -9.41
CA ASP A 95 1.63 7.09 -10.79
C ASP A 95 2.55 8.31 -10.91
N GLU A 96 2.37 9.24 -9.98
CA GLU A 96 3.16 10.45 -9.97
C GLU A 96 4.65 10.11 -9.89
N MET A 97 4.96 9.22 -8.95
CA MET A 97 6.34 8.80 -8.75
C MET A 97 6.92 8.22 -10.03
N ASP A 98 6.08 7.51 -10.78
CA ASP A 98 6.49 6.90 -12.02
C ASP A 98 7.45 7.85 -12.75
N HIS A 99 7.24 9.14 -12.54
CA HIS A 99 8.07 10.14 -13.17
C HIS A 99 9.52 9.65 -13.23
N ASN A 100 10.14 9.57 -12.06
CA ASN A 100 11.51 9.12 -11.98
C ASN A 100 11.70 8.33 -10.68
N ILE A 101 11.43 7.03 -10.77
CA ILE A 101 11.57 6.16 -9.61
C ILE A 101 12.91 5.44 -9.67
N GLN A 102 13.96 6.18 -9.34
CA GLN A 102 15.31 5.63 -9.36
C GLN A 102 16.34 6.75 -9.40
N PRO A 103 16.20 7.70 -8.43
CA PRO A 103 17.11 8.83 -8.35
C PRO A 103 18.47 8.40 -7.78
N THR A 104 18.45 7.25 -7.10
CA THR A 104 19.67 6.73 -6.50
C THR A 104 19.59 5.20 -6.40
N LEU A 105 18.55 4.65 -7.02
CA LEU A 105 18.35 3.21 -7.01
C LEU A 105 17.23 2.87 -6.04
N VAL A 106 16.28 3.80 -5.90
CA VAL A 106 15.16 3.60 -5.01
C VAL A 106 14.29 2.44 -5.53
N ARG A 107 13.85 2.59 -6.77
CA ARG A 107 13.03 1.58 -7.39
C ARG A 107 13.85 0.31 -7.67
N GLN A 108 15.16 0.47 -7.59
CA GLN A 108 16.07 -0.65 -7.82
C GLN A 108 15.85 -1.73 -6.77
N LEU A 109 16.17 -1.38 -5.53
CA LEU A 109 16.02 -2.32 -4.43
C LEU A 109 14.57 -2.82 -4.39
N ALA A 110 13.65 -1.87 -4.24
CA ALA A 110 12.24 -2.19 -4.18
C ALA A 110 11.88 -3.10 -5.35
N ALA A 111 12.21 -2.62 -6.55
CA ALA A 111 11.93 -3.38 -7.75
C ALA A 111 12.72 -4.69 -7.73
N GLN A 112 13.74 -4.71 -6.89
CA GLN A 112 14.57 -5.89 -6.76
C GLN A 112 13.74 -7.08 -6.27
N PHE A 113 12.97 -6.84 -5.22
CA PHE A 113 12.13 -7.88 -4.65
C PHE A 113 10.99 -8.24 -5.61
N MET A 114 10.49 -7.23 -6.29
CA MET A 114 9.40 -7.42 -7.23
C MET A 114 9.69 -8.60 -8.17
N ASN A 115 10.96 -8.94 -8.25
CA ASN A 115 11.38 -10.06 -9.10
C ASN A 115 12.33 -10.95 -8.31
N GLY A 116 11.83 -11.47 -7.19
CA GLY A 116 12.62 -12.33 -6.35
C GLY A 116 13.06 -13.59 -7.12
N SER A 117 12.44 -14.71 -6.76
CA SER A 117 12.76 -15.97 -7.40
C SER A 117 11.53 -16.89 -7.37
N LEU A 118 10.89 -16.94 -6.21
CA LEU A 118 9.71 -17.76 -6.03
C LEU A 118 8.84 -17.68 -7.29
N SER A 119 8.14 -16.56 -7.40
CA SER A 119 7.26 -16.34 -8.54
C SER A 119 7.27 -14.86 -8.93
N GLU A 120 6.66 -14.57 -10.08
CA GLU A 120 6.59 -13.20 -10.56
C GLU A 120 6.31 -12.24 -9.41
N GLU A 121 5.85 -12.81 -8.31
CA GLU A 121 5.54 -12.03 -7.12
C GLU A 121 4.53 -12.75 -6.25
N ASP A 122 4.94 -13.92 -5.76
CA ASP A 122 4.08 -14.72 -4.91
C ASP A 122 4.77 -14.93 -3.56
N LYS A 123 5.38 -13.87 -3.06
CA LYS A 123 6.07 -13.92 -1.78
C LYS A 123 5.48 -12.87 -0.85
N ARG A 124 5.00 -11.79 -1.44
CA ARG A 124 4.41 -10.71 -0.67
C ARG A 124 5.49 -9.97 0.12
N ASN A 125 6.24 -10.73 0.91
CA ASN A 125 7.29 -10.17 1.72
C ASN A 125 8.26 -9.40 0.82
N CYS A 126 8.32 -9.83 -0.43
CA CYS A 126 9.20 -9.18 -1.40
C CYS A 126 9.02 -7.67 -1.28
N LEU A 127 7.78 -7.24 -1.46
CA LEU A 127 7.45 -5.83 -1.37
C LEU A 127 7.95 -5.28 -0.03
N ALA A 128 7.46 -5.89 1.04
CA ALA A 128 7.85 -5.46 2.38
C ALA A 128 9.37 -5.54 2.52
N LYS A 129 9.96 -6.44 1.73
CA LYS A 129 11.41 -6.62 1.76
C LYS A 129 12.09 -5.30 1.40
N ALA A 130 11.42 -4.55 0.53
CA ALA A 130 11.96 -3.27 0.09
C ALA A 130 11.85 -2.25 1.23
N LEU A 131 10.74 -2.34 1.96
CA LEU A 131 10.51 -1.45 3.08
C LEU A 131 11.76 -1.40 3.95
N ASP A 132 12.24 -2.58 4.32
CA ASP A 132 13.43 -2.68 5.15
C ASP A 132 14.66 -2.30 4.32
N GLU A 133 14.77 -2.95 3.17
CA GLU A 133 15.89 -2.71 2.28
C GLU A 133 15.77 -1.31 1.65
N VAL A 134 14.70 -1.12 0.91
CA VAL A 134 14.45 0.16 0.26
C VAL A 134 14.62 1.29 1.27
N LYS A 135 14.49 0.93 2.53
CA LYS A 135 14.63 1.89 3.61
C LYS A 135 16.11 2.22 3.81
N THR A 136 16.91 1.17 3.86
CA THR A 136 18.35 1.33 4.04
C THR A 136 18.87 2.48 3.17
N ALA A 137 18.13 2.74 2.10
CA ALA A 137 18.50 3.80 1.17
C ALA A 137 17.86 5.11 1.62
N PHE A 138 16.57 5.03 1.90
CA PHE A 138 15.83 6.21 2.34
C PHE A 138 15.27 6.01 3.75
N PRO A 139 16.19 5.65 4.69
CA PRO A 139 15.80 5.42 6.06
C PRO A 139 15.53 6.75 6.79
N ARG A 140 14.32 6.88 7.28
CA ARG A 140 13.93 8.09 7.99
C ARG A 140 12.44 8.04 8.35
N ASP A 141 11.85 9.21 8.46
CA ASP A 141 10.44 9.32 8.80
C ASP A 141 9.64 9.70 7.54
N MET A 142 8.57 10.43 7.76
CA MET A 142 7.72 10.86 6.67
C MET A 142 8.54 11.39 5.50
N GLU A 143 9.72 11.89 5.84
CA GLU A 143 10.62 12.43 4.83
C GLU A 143 11.08 11.32 3.88
N ASN A 144 11.98 10.48 4.39
CA ASN A 144 12.50 9.38 3.60
C ASN A 144 11.50 8.23 3.60
N ASP A 145 10.97 7.94 4.78
CA ASP A 145 10.00 6.87 4.94
C ASP A 145 9.09 6.84 3.71
N LYS A 146 8.63 8.02 3.33
CA LYS A 146 7.75 8.14 2.18
C LYS A 146 8.37 7.41 0.99
N ALA A 147 9.69 7.44 0.94
CA ALA A 147 10.42 6.78 -0.13
C ALA A 147 10.05 5.29 -0.16
N MET A 148 10.29 4.64 0.97
CA MET A 148 9.99 3.22 1.09
C MET A 148 8.53 2.93 0.71
N LEU A 149 7.64 3.76 1.24
CA LEU A 149 6.22 3.59 0.96
C LEU A 149 5.99 3.74 -0.54
N ILE A 150 6.67 4.72 -1.13
CA ILE A 150 6.54 4.96 -2.55
C ILE A 150 6.73 3.64 -3.32
N MET A 151 7.55 2.78 -2.74
CA MET A 151 7.83 1.49 -3.35
C MET A 151 6.56 0.64 -3.43
N THR A 152 5.86 0.57 -2.30
CA THR A 152 4.63 -0.21 -2.24
C THR A 152 3.74 0.10 -3.45
N MET A 153 3.53 1.38 -3.68
CA MET A 153 2.71 1.82 -4.80
C MET A 153 3.42 1.57 -6.13
N LEU A 154 4.73 1.45 -6.05
CA LEU A 154 5.53 1.22 -7.24
C LEU A 154 5.09 -0.08 -7.90
N LEU A 155 5.18 -1.15 -7.14
CA LEU A 155 4.79 -2.46 -7.64
C LEU A 155 3.38 -2.38 -8.23
N ALA A 156 2.43 -2.02 -7.38
CA ALA A 156 1.05 -1.90 -7.79
C ALA A 156 0.97 -0.96 -9.00
N LYS A 157 1.68 0.15 -8.90
CA LYS A 157 1.70 1.13 -9.98
C LYS A 157 1.94 0.41 -11.31
N LYS A 158 3.07 -0.27 -11.38
CA LYS A 158 3.42 -1.01 -12.58
C LYS A 158 2.64 -2.31 -12.64
N VAL A 159 2.80 -3.10 -11.59
CA VAL A 159 2.12 -4.39 -11.50
C VAL A 159 0.67 -4.21 -11.97
N ALA A 160 0.00 -3.23 -11.40
CA ALA A 160 -1.38 -2.95 -11.76
C ALA A 160 -1.60 -3.31 -13.23
N SER A 161 -0.71 -2.81 -14.07
CA SER A 161 -0.79 -3.08 -15.49
C SER A 161 0.45 -3.81 -15.97
N HIS A 162 1.43 -3.88 -15.08
CA HIS A 162 2.69 -4.55 -15.40
C HIS A 162 2.57 -6.04 -15.06
N ALA A 163 2.01 -6.31 -13.89
CA ALA A 163 1.83 -7.68 -13.46
C ALA A 163 0.34 -7.96 -13.24
N PRO A 164 -0.42 -7.97 -14.37
CA PRO A 164 -1.85 -8.21 -14.32
C PRO A 164 -2.14 -9.70 -14.07
N SER A 165 -1.41 -10.26 -13.11
CA SER A 165 -1.59 -11.65 -12.76
C SER A 165 -1.97 -11.78 -11.29
N LEU A 166 -1.26 -11.05 -10.46
CA LEU A 166 -1.52 -11.07 -9.03
C LEU A 166 -2.21 -9.77 -8.62
N LEU A 167 -3.31 -9.49 -9.30
CA LEU A 167 -4.08 -8.29 -9.02
C LEU A 167 -4.21 -8.11 -7.50
N ARG A 168 -4.72 -9.14 -6.86
CA ARG A 168 -4.91 -9.12 -5.42
C ARG A 168 -3.58 -8.79 -4.73
N ASP A 169 -2.52 -9.39 -5.23
CA ASP A 169 -1.19 -9.18 -4.67
C ASP A 169 -0.80 -7.72 -4.85
N VAL A 170 -1.18 -7.17 -6.00
CA VAL A 170 -0.87 -5.79 -6.31
C VAL A 170 -1.23 -4.91 -5.11
N PHE A 171 -2.47 -5.04 -4.66
CA PHE A 171 -2.95 -4.28 -3.53
C PHE A 171 -2.15 -4.61 -2.27
N HIS A 172 -1.89 -5.89 -2.09
CA HIS A 172 -1.14 -6.36 -0.94
C HIS A 172 0.26 -5.74 -0.96
N THR A 173 0.75 -5.50 -2.16
CA THR A 173 2.07 -4.92 -2.33
C THR A 173 2.10 -3.49 -1.77
N THR A 174 1.11 -2.71 -2.19
CA THR A 174 1.01 -1.33 -1.74
C THR A 174 0.84 -1.27 -0.22
N VAL A 175 -0.27 -1.84 0.24
CA VAL A 175 -0.55 -1.86 1.67
C VAL A 175 0.39 -2.85 2.36
N ASN A 176 1.34 -3.35 1.58
CA ASN A 176 2.31 -4.30 2.11
C ASN A 176 3.33 -3.55 2.98
N PHE A 177 3.96 -2.57 2.37
CA PHE A 177 4.95 -1.76 3.07
C PHE A 177 4.39 -1.24 4.39
N ILE A 178 3.27 -0.54 4.29
CA ILE A 178 2.63 0.03 5.46
C ILE A 178 2.27 -1.11 6.43
N ASN A 179 1.74 -2.19 5.87
CA ASN A 179 1.36 -3.34 6.67
C ASN A 179 2.59 -3.87 7.41
N GLN A 180 3.71 -3.83 6.73
CA GLN A 180 4.96 -4.31 7.30
C GLN A 180 5.74 -3.15 7.91
N ASN A 181 5.16 -1.96 7.80
CA ASN A 181 5.78 -0.76 8.33
C ASN A 181 5.23 -0.48 9.73
N LEU A 182 5.09 0.80 10.03
CA LEU A 182 4.57 1.21 11.32
C LEU A 182 3.07 1.47 11.20
N PHE A 183 2.41 0.57 10.49
CA PHE A 183 0.97 0.69 10.29
C PHE A 183 0.51 2.13 10.48
N SER A 184 0.33 2.81 9.36
CA SER A 184 -0.11 4.20 9.39
C SER A 184 1.09 5.14 9.31
N TYR A 185 1.44 5.49 8.08
CA TYR A 185 2.58 6.37 7.85
C TYR A 185 2.63 7.47 8.91
N VAL A 186 3.80 8.07 9.04
CA VAL A 186 4.01 9.13 10.01
C VAL A 186 2.84 10.13 9.91
N ARG A 187 2.32 10.26 8.71
CA ARG A 187 1.21 11.17 8.46
C ARG A 187 0.07 10.88 9.44
N ASN A 188 -0.34 9.62 9.46
CA ASN A 188 -1.42 9.20 10.33
C ASN A 188 -1.02 9.43 11.79
N LEU A 189 0.22 9.07 12.08
CA LEU A 189 0.75 9.24 13.43
C LEU A 189 0.56 10.69 13.88
N VAL A 190 0.94 11.60 12.98
CA VAL A 190 0.82 13.02 13.26
C VAL A 190 -0.63 13.34 13.62
N ARG A 191 -1.54 12.79 12.83
CA ARG A 191 -2.96 13.02 13.06
C ARG A 191 -3.36 12.49 14.45
N ASN A 192 -2.88 11.28 14.75
CA ASN A 192 -3.18 10.65 16.02
C ASN A 192 -2.75 11.58 17.16
N GLU A 193 -1.50 12.01 17.08
CA GLU A 193 -0.94 12.89 18.09
C GLU A 193 -0.28 14.10 17.43
N MET A 194 -0.69 15.28 17.89
CA MET A 194 -0.14 16.51 17.36
C MET A 194 1.30 16.70 17.78
N ASP A 195 1.49 16.85 19.09
CA ASP A 195 2.83 17.04 19.63
C ASP A 195 3.48 18.26 18.98
N MET A 1 4.82 -33.08 -9.74
CA MET A 1 3.66 -32.57 -9.04
C MET A 1 3.79 -31.07 -8.78
N ASP A 2 2.65 -30.44 -8.51
CA ASP A 2 2.63 -29.02 -8.25
C ASP A 2 1.19 -28.50 -8.35
N SER A 3 0.94 -27.39 -7.68
CA SER A 3 -0.38 -26.79 -7.69
C SER A 3 -0.39 -25.54 -6.83
N GLU A 4 -1.55 -24.90 -6.79
CA GLU A 4 -1.71 -23.67 -6.00
C GLU A 4 -2.63 -23.93 -4.81
N VAL A 5 -2.84 -22.88 -4.03
CA VAL A 5 -3.70 -22.97 -2.86
C VAL A 5 -3.84 -21.58 -2.22
N SER A 6 -4.83 -21.47 -1.35
CA SER A 6 -5.08 -20.20 -0.67
C SER A 6 -5.93 -19.29 -1.55
N ASN A 7 -7.07 -18.88 -1.00
CA ASN A 7 -7.98 -18.01 -1.73
C ASN A 7 -9.22 -17.75 -0.86
N GLY A 8 -9.28 -16.54 -0.33
CA GLY A 8 -10.40 -16.14 0.51
C GLY A 8 -10.31 -14.67 0.89
N SER A 9 -11.26 -14.24 1.71
CA SER A 9 -11.30 -12.86 2.16
C SER A 9 -11.89 -12.79 3.56
N GLY A 10 -11.93 -11.57 4.10
CA GLY A 10 -12.47 -11.34 5.43
C GLY A 10 -12.00 -10.01 5.99
N LEU A 11 -10.84 -9.58 5.51
CA LEU A 11 -10.28 -8.32 5.96
C LEU A 11 -10.06 -8.37 7.47
N GLY A 12 -8.81 -8.54 7.86
CA GLY A 12 -8.45 -8.61 9.27
C GLY A 12 -7.02 -8.14 9.50
N ALA A 13 -6.90 -7.03 10.22
CA ALA A 13 -5.61 -6.46 10.52
C ALA A 13 -5.78 -5.00 10.96
N LYS A 14 -5.50 -4.10 10.03
CA LYS A 14 -5.62 -2.67 10.32
C LYS A 14 -6.57 -2.04 9.29
N HIS A 15 -7.64 -1.46 9.81
CA HIS A 15 -8.62 -0.81 8.96
C HIS A 15 -7.93 0.27 8.12
N ILE A 16 -7.14 1.08 8.79
CA ILE A 16 -6.42 2.16 8.11
C ILE A 16 -5.54 1.57 7.02
N THR A 17 -4.79 0.55 7.40
CA THR A 17 -3.90 -0.11 6.45
C THR A 17 -4.67 -0.57 5.22
N ASP A 18 -5.57 -1.51 5.44
CA ASP A 18 -6.38 -2.03 4.34
C ASP A 18 -7.00 -0.87 3.57
N LEU A 19 -7.35 0.18 4.30
CA LEU A 19 -7.94 1.35 3.69
C LEU A 19 -6.98 1.92 2.64
N LEU A 20 -5.70 1.79 2.93
CA LEU A 20 -4.67 2.28 2.03
C LEU A 20 -4.73 1.49 0.72
N VAL A 21 -4.84 0.18 0.86
CA VAL A 21 -4.90 -0.70 -0.29
C VAL A 21 -6.17 -0.38 -1.10
N PHE A 22 -7.31 -0.64 -0.47
CA PHE A 22 -8.58 -0.39 -1.12
C PHE A 22 -8.75 1.09 -1.46
N GLY A 23 -8.16 1.93 -0.61
CA GLY A 23 -8.23 3.37 -0.81
C GLY A 23 -7.28 3.81 -1.91
N PHE A 24 -6.13 3.16 -1.97
CA PHE A 24 -5.13 3.48 -2.97
C PHE A 24 -5.73 3.44 -4.37
N LEU A 25 -6.30 2.29 -4.70
CA LEU A 25 -6.92 2.11 -6.02
C LEU A 25 -8.00 3.17 -6.21
N GLN A 26 -8.81 3.35 -5.18
CA GLN A 26 -9.90 4.31 -5.23
C GLN A 26 -9.36 5.68 -5.64
N SER A 27 -8.12 5.94 -5.23
CA SER A 27 -7.48 7.21 -5.54
C SER A 27 -7.21 7.31 -7.04
N SER A 28 -5.98 6.98 -7.41
CA SER A 28 -5.59 7.02 -8.81
C SER A 28 -4.64 5.86 -9.12
N GLY A 29 -4.92 4.72 -8.51
CA GLY A 29 -4.10 3.55 -8.72
C GLY A 29 -4.48 2.82 -10.01
N CYS A 30 -5.06 1.64 -9.85
CA CYS A 30 -5.49 0.83 -10.98
C CYS A 30 -6.78 1.43 -11.54
N THR A 31 -7.89 0.82 -11.14
CA THR A 31 -9.20 1.28 -11.59
C THR A 31 -10.24 1.03 -10.50
N ARG A 32 -11.41 1.62 -10.70
CA ARG A 32 -12.50 1.47 -9.76
C ARG A 32 -12.75 -0.01 -9.45
N GLN A 33 -12.96 -0.78 -10.50
CA GLN A 33 -13.21 -2.20 -10.36
C GLN A 33 -12.03 -2.87 -9.65
N GLU A 34 -10.87 -2.26 -9.80
CA GLU A 34 -9.65 -2.78 -9.19
C GLU A 34 -9.73 -2.64 -7.66
N LEU A 35 -9.94 -1.41 -7.22
CA LEU A 35 -10.03 -1.13 -5.81
C LEU A 35 -10.97 -2.13 -5.15
N GLU A 36 -12.05 -2.45 -5.86
CA GLU A 36 -13.03 -3.39 -5.38
C GLU A 36 -12.47 -4.81 -5.40
N VAL A 37 -11.97 -5.19 -6.58
CA VAL A 37 -11.40 -6.51 -6.76
C VAL A 37 -10.30 -6.73 -5.71
N LEU A 38 -9.31 -5.85 -5.74
CA LEU A 38 -8.20 -5.94 -4.81
C LEU A 38 -8.70 -5.66 -3.39
N GLY A 39 -9.53 -4.64 -3.29
CA GLY A 39 -10.09 -4.25 -2.01
C GLY A 39 -10.73 -5.45 -1.30
N ARG A 40 -11.60 -6.13 -2.05
CA ARG A 40 -12.29 -7.29 -1.51
C ARG A 40 -11.44 -8.55 -1.70
N GLU A 41 -10.16 -8.40 -1.43
CA GLU A 41 -9.23 -9.52 -1.57
C GLU A 41 -8.18 -9.47 -0.45
N LEU A 42 -8.40 -10.31 0.55
CA LEU A 42 -7.47 -10.38 1.68
C LEU A 42 -6.48 -11.52 1.45
N PRO A 43 -5.19 -11.22 1.78
CA PRO A 43 -4.14 -12.22 1.61
C PRO A 43 -4.22 -13.29 2.69
N VAL A 44 -3.49 -13.05 3.77
CA VAL A 44 -3.47 -13.98 4.89
C VAL A 44 -3.75 -13.24 6.19
N GLN A 45 -4.50 -13.89 7.06
CA GLN A 45 -4.85 -13.30 8.34
C GLN A 45 -6.14 -13.94 8.89
N ALA A 46 -7.25 -13.57 8.27
CA ALA A 46 -8.54 -14.11 8.68
C ALA A 46 -8.90 -13.53 10.06
N TYR A 47 -8.07 -12.60 10.51
CA TYR A 47 -8.30 -11.97 11.81
C TYR A 47 -9.65 -11.24 11.83
N TRP A 48 -9.61 -10.01 12.33
CA TRP A 48 -10.81 -9.20 12.42
C TRP A 48 -10.57 -8.13 13.49
N GLU A 49 -10.14 -6.97 13.02
CA GLU A 49 -9.86 -5.85 13.92
C GLU A 49 -10.86 -4.72 13.66
N ALA A 50 -10.43 -3.52 14.01
CA ALA A 50 -11.27 -2.34 13.83
C ALA A 50 -10.64 -1.15 14.57
N ASP A 51 -11.21 0.01 14.34
CA ASP A 51 -10.73 1.23 14.96
C ASP A 51 -11.87 2.24 15.07
N LEU A 52 -11.50 3.49 15.32
CA LEU A 52 -12.48 4.55 15.45
C LEU A 52 -11.76 5.87 15.69
N GLU A 53 -11.92 6.79 14.74
CA GLU A 53 -11.29 8.09 14.83
C GLU A 53 -11.54 8.70 16.22
N ASP A 54 -10.83 9.78 16.49
CA ASP A 54 -10.97 10.47 17.77
C ASP A 54 -10.28 11.83 17.68
N GLU A 55 -10.40 12.59 18.76
CA GLU A 55 -9.81 13.92 18.83
C GLU A 55 -10.53 14.86 17.88
N LEU A 56 -10.69 16.10 18.33
CA LEU A 56 -11.36 17.12 17.53
C LEU A 56 -10.72 18.48 17.82
N GLN A 57 -11.26 19.49 17.15
CA GLN A 57 -10.76 20.85 17.31
C GLN A 57 -11.85 21.75 17.86
N THR A 58 -11.83 21.93 19.18
CA THR A 58 -12.82 22.77 19.84
C THR A 58 -12.32 24.21 19.91
N ASP A 59 -13.25 25.11 20.21
CA ASP A 59 -12.92 26.52 20.31
C ASP A 59 -14.22 27.34 20.31
N GLY A 60 -14.13 28.54 20.87
CA GLY A 60 -15.28 29.43 20.95
C GLY A 60 -15.20 30.32 22.18
N SER A 61 -15.72 31.53 22.03
CA SER A 61 -15.72 32.48 23.13
C SER A 61 -16.39 33.79 22.69
N GLN A 62 -17.68 33.87 22.96
CA GLN A 62 -18.44 35.05 22.60
C GLN A 62 -19.84 35.00 23.23
N ALA A 63 -20.11 35.99 24.07
CA ALA A 63 -21.40 36.07 24.74
C ALA A 63 -22.51 35.86 23.72
N SER A 64 -23.56 35.18 24.17
CA SER A 64 -24.70 34.91 23.30
C SER A 64 -25.71 34.01 24.03
N ARG A 65 -26.79 33.71 23.34
CA ARG A 65 -27.83 32.88 23.91
C ARG A 65 -27.54 31.39 23.64
N SER A 66 -27.80 30.58 24.65
CA SER A 66 -27.56 29.14 24.53
C SER A 66 -27.88 28.68 23.10
N PHE A 67 -26.83 28.34 22.37
CA PHE A 67 -26.98 27.88 21.01
C PHE A 67 -26.77 26.37 20.91
N ASN A 68 -27.58 25.74 20.07
CA ASN A 68 -27.49 24.30 19.88
C ASN A 68 -27.78 23.96 18.41
N GLN A 69 -27.28 22.81 17.99
CA GLN A 69 -27.47 22.37 16.62
C GLN A 69 -28.03 20.95 16.59
N GLY A 70 -27.26 20.03 17.15
CA GLY A 70 -27.66 18.64 17.19
C GLY A 70 -26.61 17.73 16.55
N ARG A 71 -27.09 16.75 15.81
CA ARG A 71 -26.21 15.81 15.14
C ARG A 71 -26.67 15.59 13.70
N ILE A 72 -25.73 15.20 12.86
CA ILE A 72 -26.03 14.95 11.45
C ILE A 72 -24.82 14.27 10.79
N GLU A 73 -25.06 13.77 9.59
CA GLU A 73 -24.01 13.10 8.84
C GLU A 73 -23.29 14.08 7.93
N PRO A 74 -21.94 13.93 7.86
CA PRO A 74 -21.13 14.81 7.02
C PRO A 74 -21.28 14.44 5.55
N ASP A 75 -21.86 15.36 4.80
CA ASP A 75 -22.08 15.15 3.37
C ASP A 75 -20.76 14.70 2.73
N SER A 76 -20.90 13.98 1.63
CA SER A 76 -19.73 13.49 0.91
C SER A 76 -18.98 14.66 0.27
N GLU A 77 -18.22 15.36 1.12
CA GLU A 77 -17.45 16.49 0.65
C GLU A 77 -16.14 16.61 1.43
N SER A 78 -15.34 15.54 1.34
CA SER A 78 -14.07 15.51 2.04
C SER A 78 -14.29 15.69 3.54
N GLN A 79 -14.54 14.58 4.20
CA GLN A 79 -14.77 14.60 5.64
C GLN A 79 -13.44 14.79 6.39
N GLU A 80 -13.55 14.88 7.70
CA GLU A 80 -12.37 15.07 8.54
C GLU A 80 -11.56 13.76 8.60
N GLU A 81 -11.14 13.32 7.42
CA GLU A 81 -10.35 12.10 7.33
C GLU A 81 -9.08 12.35 6.53
N ILE A 82 -8.00 12.60 7.25
CA ILE A 82 -6.72 12.87 6.61
C ILE A 82 -5.98 11.55 6.41
N ILE A 83 -6.08 10.69 7.42
CA ILE A 83 -5.43 9.39 7.36
C ILE A 83 -5.84 8.67 6.08
N HIS A 84 -7.14 8.48 5.93
CA HIS A 84 -7.67 7.82 4.76
C HIS A 84 -7.28 8.59 3.50
N ASN A 85 -7.23 9.91 3.65
CA ASN A 85 -6.88 10.78 2.55
C ASN A 85 -5.49 10.39 2.03
N ILE A 86 -4.58 10.20 2.96
CA ILE A 86 -3.22 9.82 2.61
C ILE A 86 -3.22 8.46 1.92
N ALA A 87 -4.13 7.61 2.35
CA ALA A 87 -4.26 6.28 1.78
C ALA A 87 -4.47 6.41 0.27
N ARG A 88 -5.43 7.23 -0.09
CA ARG A 88 -5.75 7.45 -1.50
C ARG A 88 -4.58 8.14 -2.20
N HIS A 89 -4.14 9.24 -1.60
CA HIS A 89 -3.04 10.00 -2.16
C HIS A 89 -1.83 9.09 -2.36
N LEU A 90 -1.87 7.95 -1.68
CA LEU A 90 -0.79 6.98 -1.78
C LEU A 90 -0.68 6.50 -3.23
N ALA A 91 -1.76 5.88 -3.69
CA ALA A 91 -1.80 5.35 -5.05
C ALA A 91 -1.44 6.48 -6.03
N GLN A 92 -2.21 7.55 -5.96
CA GLN A 92 -1.99 8.70 -6.83
C GLN A 92 -0.51 9.08 -6.83
N ILE A 93 0.13 8.84 -5.69
CA ILE A 93 1.54 9.16 -5.54
C ILE A 93 2.37 8.17 -6.36
N GLY A 94 1.87 6.94 -6.41
CA GLY A 94 2.56 5.89 -7.15
C GLY A 94 2.75 6.30 -8.62
N ASP A 95 1.67 6.72 -9.23
CA ASP A 95 1.70 7.15 -10.63
C ASP A 95 2.65 8.33 -10.77
N GLU A 96 2.46 9.31 -9.89
CA GLU A 96 3.28 10.50 -9.91
C GLU A 96 4.75 10.15 -9.70
N MET A 97 4.97 9.24 -8.74
CA MET A 97 6.32 8.80 -8.44
C MET A 97 7.03 8.28 -9.69
N ASP A 98 6.28 7.57 -10.51
CA ASP A 98 6.81 7.02 -11.73
C ASP A 98 7.71 8.05 -12.40
N HIS A 99 7.44 9.32 -12.11
CA HIS A 99 8.21 10.40 -12.68
C HIS A 99 9.69 10.02 -12.72
N ASN A 100 10.25 9.83 -11.54
CA ASN A 100 11.65 9.46 -11.43
C ASN A 100 11.84 8.55 -10.21
N ILE A 101 11.69 7.25 -10.44
CA ILE A 101 11.84 6.28 -9.38
C ILE A 101 13.09 5.43 -9.65
N GLN A 102 14.24 6.04 -9.43
CA GLN A 102 15.51 5.36 -9.64
C GLN A 102 16.64 6.37 -9.83
N PRO A 103 16.79 7.26 -8.81
CA PRO A 103 17.82 8.28 -8.85
C PRO A 103 19.20 7.68 -8.57
N THR A 104 19.24 6.35 -8.60
CA THR A 104 20.49 5.64 -8.36
C THR A 104 20.24 4.13 -8.31
N LEU A 105 18.98 3.78 -8.09
CA LEU A 105 18.60 2.38 -8.01
C LEU A 105 17.57 2.20 -6.89
N VAL A 106 16.73 3.22 -6.73
CA VAL A 106 15.71 3.18 -5.71
C VAL A 106 14.75 2.03 -5.99
N ARG A 107 13.81 2.28 -6.90
CA ARG A 107 12.83 1.29 -7.27
C ARG A 107 13.53 0.00 -7.71
N GLN A 108 14.83 0.11 -7.94
CA GLN A 108 15.62 -1.03 -8.36
C GLN A 108 15.62 -2.12 -7.28
N LEU A 109 15.95 -1.70 -6.07
CA LEU A 109 15.98 -2.62 -4.95
C LEU A 109 14.58 -3.20 -4.73
N ALA A 110 13.65 -2.30 -4.44
CA ALA A 110 12.27 -2.71 -4.20
C ALA A 110 11.79 -3.56 -5.38
N ALA A 111 12.24 -3.18 -6.57
CA ALA A 111 11.86 -3.90 -7.78
C ALA A 111 12.48 -5.30 -7.75
N GLN A 112 13.58 -5.41 -7.01
CA GLN A 112 14.27 -6.69 -6.90
C GLN A 112 13.33 -7.76 -6.36
N PHE A 113 12.67 -7.43 -5.26
CA PHE A 113 11.74 -8.35 -4.63
C PHE A 113 10.50 -8.55 -5.49
N MET A 114 10.02 -7.44 -6.05
CA MET A 114 8.84 -7.48 -6.90
C MET A 114 8.99 -8.54 -7.99
N ASN A 115 10.19 -8.63 -8.52
CA ASN A 115 10.48 -9.61 -9.57
C ASN A 115 11.82 -10.30 -9.28
N GLY A 116 11.79 -11.17 -8.29
CA GLY A 116 12.99 -11.89 -7.90
C GLY A 116 12.79 -13.41 -8.06
N SER A 117 11.58 -13.85 -7.75
CA SER A 117 11.25 -15.27 -7.86
C SER A 117 9.75 -15.44 -8.07
N LEU A 118 8.98 -14.67 -7.30
CA LEU A 118 7.53 -14.74 -7.39
C LEU A 118 7.04 -16.09 -6.90
N SER A 119 6.95 -16.21 -5.58
CA SER A 119 6.49 -17.45 -4.98
C SER A 119 5.09 -17.27 -4.39
N GLU A 120 4.37 -18.38 -4.30
CA GLU A 120 3.03 -18.36 -3.76
C GLU A 120 2.22 -17.22 -4.40
N GLU A 121 2.52 -16.96 -5.66
CA GLU A 121 1.84 -15.90 -6.39
C GLU A 121 2.23 -14.54 -5.84
N ASP A 122 3.52 -14.25 -5.93
CA ASP A 122 4.05 -12.99 -5.45
C ASP A 122 3.64 -12.80 -3.98
N LYS A 123 4.50 -13.31 -3.10
CA LYS A 123 4.24 -13.20 -1.68
C LYS A 123 4.19 -11.73 -1.27
N ARG A 124 4.40 -11.49 0.02
CA ARG A 124 4.39 -10.13 0.54
C ARG A 124 5.73 -9.82 1.22
N ASN A 125 6.51 -10.87 1.43
CA ASN A 125 7.81 -10.72 2.07
C ASN A 125 8.75 -9.96 1.13
N CYS A 126 8.68 -10.32 -0.14
CA CYS A 126 9.51 -9.69 -1.15
C CYS A 126 9.34 -8.17 -1.03
N LEU A 127 8.10 -7.74 -1.16
CA LEU A 127 7.79 -6.33 -1.08
C LEU A 127 8.35 -5.76 0.24
N ALA A 128 7.77 -6.21 1.34
CA ALA A 128 8.20 -5.76 2.65
C ALA A 128 9.72 -5.79 2.71
N LYS A 129 10.32 -6.69 1.94
CA LYS A 129 11.76 -6.82 1.90
C LYS A 129 12.37 -5.53 1.36
N ALA A 130 11.59 -4.86 0.52
CA ALA A 130 12.04 -3.60 -0.07
C ALA A 130 12.02 -2.50 1.00
N LEU A 131 10.99 -2.55 1.83
CA LEU A 131 10.84 -1.57 2.89
C LEU A 131 12.18 -1.40 3.61
N ASP A 132 12.77 -2.53 3.97
CA ASP A 132 14.04 -2.52 4.67
C ASP A 132 15.15 -2.16 3.68
N GLU A 133 15.14 -2.85 2.54
CA GLU A 133 16.14 -2.60 1.52
C GLU A 133 15.93 -1.23 0.88
N VAL A 134 14.74 -1.04 0.33
CA VAL A 134 14.39 0.22 -0.31
C VAL A 134 14.83 1.38 0.58
N LYS A 135 14.65 1.20 1.88
CA LYS A 135 15.02 2.21 2.85
C LYS A 135 16.55 2.24 2.97
N THR A 136 17.15 1.09 2.76
CA THR A 136 18.60 0.96 2.85
C THR A 136 19.27 2.07 2.03
N ALA A 137 18.52 2.60 1.08
CA ALA A 137 19.03 3.67 0.23
C ALA A 137 18.37 4.99 0.62
N PHE A 138 17.05 4.95 0.69
CA PHE A 138 16.29 6.14 1.04
C PHE A 138 15.49 5.91 2.33
N PRO A 139 16.25 5.65 3.43
CA PRO A 139 15.62 5.41 4.72
C PRO A 139 15.13 6.72 5.34
N ARG A 140 16.07 7.44 5.93
CA ARG A 140 15.74 8.71 6.56
C ARG A 140 14.34 8.67 7.16
N ASP A 141 13.72 9.83 7.24
CA ASP A 141 12.39 9.94 7.79
C ASP A 141 11.40 10.26 6.67
N MET A 142 10.46 11.14 6.97
CA MET A 142 9.46 11.53 5.99
C MET A 142 10.08 11.71 4.61
N GLU A 143 11.30 12.23 4.61
CA GLU A 143 12.01 12.47 3.37
C GLU A 143 12.27 11.14 2.65
N ASN A 144 13.11 10.31 3.27
CA ASN A 144 13.44 9.02 2.71
C ASN A 144 12.35 8.02 3.07
N ASP A 145 11.99 8.01 4.34
CA ASP A 145 10.97 7.10 4.83
C ASP A 145 9.83 7.02 3.80
N LYS A 146 9.27 8.18 3.51
CA LYS A 146 8.17 8.26 2.55
C LYS A 146 8.60 7.56 1.25
N ALA A 147 9.90 7.52 1.04
CA ALA A 147 10.44 6.89 -0.16
C ALA A 147 10.01 5.42 -0.20
N MET A 148 10.33 4.71 0.87
CA MET A 148 9.99 3.31 0.96
C MET A 148 8.49 3.09 0.72
N LEU A 149 7.69 3.88 1.42
CA LEU A 149 6.24 3.77 1.29
C LEU A 149 5.87 3.93 -0.19
N ILE A 150 6.39 4.99 -0.80
CA ILE A 150 6.12 5.25 -2.20
C ILE A 150 6.42 4.00 -3.02
N MET A 151 7.32 3.18 -2.49
CA MET A 151 7.70 1.95 -3.17
C MET A 151 6.50 1.01 -3.30
N THR A 152 5.88 0.73 -2.17
CA THR A 152 4.72 -0.15 -2.15
C THR A 152 3.80 0.15 -3.32
N MET A 153 3.57 1.43 -3.55
CA MET A 153 2.71 1.86 -4.64
C MET A 153 3.41 1.68 -5.99
N LEU A 154 4.74 1.68 -5.94
CA LEU A 154 5.52 1.50 -7.15
C LEU A 154 5.18 0.16 -7.79
N LEU A 155 5.21 -0.88 -6.97
CA LEU A 155 4.92 -2.22 -7.45
C LEU A 155 3.58 -2.21 -8.20
N ALA A 156 2.54 -1.80 -7.50
CA ALA A 156 1.22 -1.73 -8.08
C ALA A 156 1.25 -0.82 -9.30
N LYS A 157 1.81 0.37 -9.10
CA LYS A 157 1.91 1.34 -10.17
C LYS A 157 2.42 0.65 -11.44
N LYS A 158 3.56 -0.02 -11.29
CA LYS A 158 4.16 -0.72 -12.41
C LYS A 158 3.42 -2.05 -12.63
N VAL A 159 3.42 -2.87 -11.59
CA VAL A 159 2.76 -4.16 -11.66
C VAL A 159 1.41 -3.99 -12.36
N ALA A 160 0.60 -3.09 -11.83
CA ALA A 160 -0.72 -2.83 -12.38
C ALA A 160 -0.67 -3.03 -13.90
N SER A 161 0.35 -2.43 -14.51
CA SER A 161 0.52 -2.55 -15.95
C SER A 161 1.82 -3.28 -16.27
N HIS A 162 2.62 -3.47 -15.23
CA HIS A 162 3.90 -4.15 -15.38
C HIS A 162 3.70 -5.66 -15.24
N ALA A 163 3.04 -6.03 -14.15
CA ALA A 163 2.78 -7.43 -13.88
C ALA A 163 1.36 -7.77 -14.34
N PRO A 164 1.20 -9.04 -14.82
CA PRO A 164 -0.10 -9.50 -15.29
C PRO A 164 -1.04 -9.79 -14.10
N SER A 165 -0.43 -10.20 -12.99
CA SER A 165 -1.19 -10.50 -11.80
C SER A 165 -1.19 -9.31 -10.85
N LEU A 166 -1.99 -8.32 -11.19
CA LEU A 166 -2.09 -7.12 -10.38
C LEU A 166 -3.28 -7.25 -9.42
N LEU A 167 -3.55 -8.49 -9.04
CA LEU A 167 -4.65 -8.76 -8.13
C LEU A 167 -4.27 -8.31 -6.72
N ARG A 168 -4.65 -9.11 -5.75
CA ARG A 168 -4.36 -8.80 -4.36
C ARG A 168 -2.86 -8.53 -4.18
N ASP A 169 -2.09 -9.00 -5.14
CA ASP A 169 -0.65 -8.82 -5.11
C ASP A 169 -0.34 -7.32 -5.20
N VAL A 170 -0.85 -6.71 -6.25
CA VAL A 170 -0.64 -5.29 -6.47
C VAL A 170 -1.06 -4.51 -5.22
N PHE A 171 -2.32 -4.68 -4.86
CA PHE A 171 -2.87 -4.00 -3.70
C PHE A 171 -2.07 -4.35 -2.43
N HIS A 172 -1.87 -5.65 -2.25
CA HIS A 172 -1.13 -6.13 -1.09
C HIS A 172 0.21 -5.40 -1.00
N THR A 173 0.85 -5.25 -2.16
CA THR A 173 2.13 -4.58 -2.23
C THR A 173 2.05 -3.20 -1.54
N THR A 174 1.01 -2.47 -1.88
CA THR A 174 0.80 -1.15 -1.32
C THR A 174 0.65 -1.24 0.20
N VAL A 175 -0.43 -1.89 0.61
CA VAL A 175 -0.71 -2.05 2.02
C VAL A 175 0.31 -3.03 2.63
N ASN A 176 1.31 -3.35 1.83
CA ASN A 176 2.35 -4.28 2.28
C ASN A 176 3.31 -3.54 3.22
N PHE A 177 3.90 -2.47 2.69
CA PHE A 177 4.84 -1.67 3.47
C PHE A 177 4.13 -1.04 4.68
N ILE A 178 3.06 -0.34 4.40
CA ILE A 178 2.29 0.32 5.44
C ILE A 178 1.92 -0.71 6.52
N ASN A 179 1.51 -1.87 6.05
CA ASN A 179 1.13 -2.95 6.97
C ASN A 179 2.38 -3.48 7.67
N GLN A 180 3.44 -3.63 6.89
CA GLN A 180 4.69 -4.13 7.43
C GLN A 180 5.35 -3.08 8.33
N ASN A 181 4.99 -1.83 8.07
CA ASN A 181 5.53 -0.72 8.83
C ASN A 181 4.43 -0.14 9.73
N LEU A 182 4.57 1.14 10.03
CA LEU A 182 3.61 1.82 10.87
C LEU A 182 2.56 2.52 10.00
N PHE A 183 1.60 1.72 9.53
CA PHE A 183 0.54 2.24 8.69
C PHE A 183 0.99 3.51 7.97
N SER A 184 0.85 4.63 8.68
CA SER A 184 1.23 5.92 8.13
C SER A 184 2.58 6.34 8.69
N TYR A 185 3.34 7.06 7.86
CA TYR A 185 4.64 7.53 8.25
C TYR A 185 4.73 7.74 9.77
N VAL A 186 5.91 7.46 10.31
CA VAL A 186 6.12 7.61 11.74
C VAL A 186 5.42 8.87 12.23
N ARG A 187 5.34 9.85 11.34
CA ARG A 187 4.70 11.11 11.67
C ARG A 187 3.27 10.87 12.18
N ASN A 188 2.51 10.16 11.37
CA ASN A 188 1.13 9.84 11.73
C ASN A 188 1.12 8.99 13.00
N LEU A 189 2.02 8.01 13.03
CA LEU A 189 2.12 7.13 14.18
C LEU A 189 2.27 7.96 15.45
N VAL A 190 3.16 8.94 15.37
CA VAL A 190 3.41 9.82 16.51
C VAL A 190 2.11 10.51 16.91
N ARG A 191 1.39 10.99 15.90
CA ARG A 191 0.13 11.67 16.13
C ARG A 191 -0.86 10.74 16.83
N ASN A 192 -0.98 9.54 16.29
CA ASN A 192 -1.88 8.55 16.86
C ASN A 192 -1.53 8.33 18.33
N GLU A 193 -0.25 8.12 18.58
CA GLU A 193 0.23 7.90 19.93
C GLU A 193 -0.49 8.82 20.91
N MET A 194 -0.78 8.29 22.09
CA MET A 194 -1.45 9.06 23.11
C MET A 194 -0.58 9.22 24.35
N ASP A 195 -0.47 10.47 24.80
CA ASP A 195 0.34 10.77 25.97
C ASP A 195 1.67 10.01 25.88
N MET A 1 -32.91 27.70 -11.12
CA MET A 1 -31.80 27.97 -10.23
C MET A 1 -30.94 26.73 -10.04
N ASP A 2 -30.04 26.82 -9.07
CA ASP A 2 -29.15 25.72 -8.76
C ASP A 2 -28.07 26.20 -7.80
N SER A 3 -27.18 25.27 -7.44
CA SER A 3 -26.09 25.58 -6.53
C SER A 3 -25.27 24.33 -6.25
N GLU A 4 -24.13 24.53 -5.59
CA GLU A 4 -23.24 23.42 -5.26
C GLU A 4 -21.99 23.95 -4.58
N VAL A 5 -21.30 23.05 -3.88
CA VAL A 5 -20.09 23.40 -3.18
C VAL A 5 -19.44 22.14 -2.61
N SER A 6 -18.18 22.28 -2.23
CA SER A 6 -17.44 21.16 -1.66
C SER A 6 -16.12 21.65 -1.06
N ASN A 7 -15.42 20.72 -0.44
CA ASN A 7 -14.14 21.04 0.17
C ASN A 7 -13.48 19.76 0.68
N GLY A 8 -12.30 19.92 1.25
CA GLY A 8 -11.56 18.79 1.79
C GLY A 8 -10.35 19.26 2.61
N SER A 9 -9.64 18.28 3.15
CA SER A 9 -8.46 18.58 3.96
C SER A 9 -7.46 17.43 3.86
N GLY A 10 -6.40 17.54 4.65
CA GLY A 10 -5.36 16.53 4.65
C GLY A 10 -4.96 16.17 6.08
N LEU A 11 -3.84 15.47 6.20
CA LEU A 11 -3.34 15.05 7.50
C LEU A 11 -4.27 13.99 8.08
N GLY A 12 -3.67 13.00 8.71
CA GLY A 12 -4.43 11.93 9.33
C GLY A 12 -3.50 10.87 9.93
N ALA A 13 -4.03 9.66 10.03
CA ALA A 13 -3.26 8.56 10.58
C ALA A 13 -2.84 7.62 9.45
N LYS A 14 -2.11 6.57 9.83
CA LYS A 14 -1.64 5.60 8.86
C LYS A 14 -2.01 4.19 9.35
N HIS A 15 -2.70 4.15 10.48
CA HIS A 15 -3.11 2.87 11.06
C HIS A 15 -4.03 2.15 10.09
N ILE A 16 -4.96 2.91 9.52
CA ILE A 16 -5.91 2.34 8.58
C ILE A 16 -5.18 1.95 7.30
N THR A 17 -4.06 1.25 7.48
CA THR A 17 -3.26 0.81 6.35
C THR A 17 -4.14 0.11 5.31
N ASP A 18 -4.91 -0.86 5.79
CA ASP A 18 -5.79 -1.60 4.92
C ASP A 18 -6.58 -0.63 4.04
N LEU A 19 -7.00 0.46 4.66
CA LEU A 19 -7.76 1.48 3.94
C LEU A 19 -6.89 2.09 2.85
N LEU A 20 -5.59 2.07 3.09
CA LEU A 20 -4.64 2.62 2.13
C LEU A 20 -4.69 1.78 0.85
N VAL A 21 -4.71 0.47 1.04
CA VAL A 21 -4.75 -0.45 -0.09
C VAL A 21 -6.01 -0.19 -0.91
N PHE A 22 -7.16 -0.41 -0.28
CA PHE A 22 -8.43 -0.20 -0.93
C PHE A 22 -8.62 1.27 -1.32
N GLY A 23 -8.05 2.14 -0.50
CA GLY A 23 -8.15 3.57 -0.74
C GLY A 23 -7.22 4.00 -1.89
N PHE A 24 -6.07 3.34 -1.95
CA PHE A 24 -5.10 3.64 -2.99
C PHE A 24 -5.73 3.53 -4.38
N LEU A 25 -6.26 2.35 -4.68
CA LEU A 25 -6.89 2.12 -5.96
C LEU A 25 -8.00 3.15 -6.18
N GLN A 26 -8.77 3.37 -5.12
CA GLN A 26 -9.87 4.33 -5.19
C GLN A 26 -9.36 5.68 -5.67
N SER A 27 -8.11 5.98 -5.31
CA SER A 27 -7.50 7.24 -5.70
C SER A 27 -7.26 7.26 -7.21
N SER A 28 -6.04 6.91 -7.58
CA SER A 28 -5.67 6.87 -8.99
C SER A 28 -4.74 5.69 -9.26
N GLY A 29 -4.79 4.71 -8.36
CA GLY A 29 -3.97 3.52 -8.49
C GLY A 29 -4.25 2.81 -9.81
N CYS A 30 -5.00 1.71 -9.71
CA CYS A 30 -5.33 0.93 -10.89
C CYS A 30 -6.67 1.45 -11.43
N THR A 31 -7.73 0.76 -11.03
CA THR A 31 -9.07 1.13 -11.46
C THR A 31 -10.08 0.88 -10.34
N ARG A 32 -11.17 1.65 -10.38
CA ARG A 32 -12.21 1.53 -9.38
C ARG A 32 -12.51 0.05 -9.11
N GLN A 33 -12.86 -0.65 -10.18
CA GLN A 33 -13.18 -2.06 -10.08
C GLN A 33 -12.02 -2.82 -9.43
N GLU A 34 -10.83 -2.26 -9.57
CA GLU A 34 -9.64 -2.86 -9.01
C GLU A 34 -9.69 -2.83 -7.48
N LEU A 35 -9.87 -1.62 -6.96
CA LEU A 35 -9.94 -1.43 -5.52
C LEU A 35 -10.89 -2.45 -4.92
N GLU A 36 -11.94 -2.76 -5.69
CA GLU A 36 -12.93 -3.73 -5.25
C GLU A 36 -12.33 -5.14 -5.24
N VAL A 37 -11.62 -5.46 -6.31
CA VAL A 37 -11.00 -6.76 -6.44
C VAL A 37 -9.95 -6.92 -5.34
N LEU A 38 -8.97 -6.03 -5.35
CA LEU A 38 -7.90 -6.07 -4.37
C LEU A 38 -8.48 -5.77 -2.99
N GLY A 39 -9.39 -4.81 -2.95
CA GLY A 39 -10.03 -4.42 -1.71
C GLY A 39 -10.55 -5.64 -0.96
N ARG A 40 -11.20 -6.52 -1.72
CA ARG A 40 -11.76 -7.73 -1.15
C ARG A 40 -12.52 -8.52 -2.21
N GLU A 41 -11.98 -9.70 -2.52
CA GLU A 41 -12.60 -10.55 -3.53
C GLU A 41 -12.49 -12.02 -3.11
N LEU A 42 -13.58 -12.52 -2.54
CA LEU A 42 -13.61 -13.90 -2.09
C LEU A 42 -14.39 -14.74 -3.11
N PRO A 43 -13.62 -15.57 -3.87
CA PRO A 43 -14.23 -16.42 -4.87
C PRO A 43 -14.93 -17.62 -4.24
N VAL A 44 -16.13 -17.90 -4.73
CA VAL A 44 -16.91 -19.00 -4.21
C VAL A 44 -15.99 -20.18 -3.93
N GLN A 45 -15.68 -20.37 -2.66
CA GLN A 45 -14.81 -21.46 -2.25
C GLN A 45 -14.20 -21.16 -0.88
N ALA A 46 -14.30 -22.14 0.01
CA ALA A 46 -13.75 -21.99 1.35
C ALA A 46 -13.47 -23.37 1.94
N TYR A 47 -14.48 -24.23 1.85
CA TYR A 47 -14.36 -25.58 2.37
C TYR A 47 -12.94 -26.12 2.17
N TRP A 48 -12.36 -26.58 3.27
CA TRP A 48 -11.01 -27.12 3.23
C TRP A 48 -10.44 -27.05 4.64
N GLU A 49 -9.42 -27.86 4.87
CA GLU A 49 -8.77 -27.90 6.17
C GLU A 49 -9.70 -28.51 7.22
N ALA A 50 -9.16 -29.44 7.98
CA ALA A 50 -9.93 -30.12 9.02
C ALA A 50 -9.22 -31.41 9.41
N ASP A 51 -8.83 -31.46 10.69
CA ASP A 51 -8.14 -32.63 11.21
C ASP A 51 -7.88 -32.43 12.71
N LEU A 52 -8.85 -32.86 13.50
CA LEU A 52 -8.74 -32.74 14.94
C LEU A 52 -7.28 -32.92 15.36
N GLU A 53 -6.91 -32.21 16.42
CA GLU A 53 -5.55 -32.28 16.92
C GLU A 53 -5.46 -31.62 18.30
N ASP A 54 -5.09 -32.43 19.28
CA ASP A 54 -4.96 -31.94 20.64
C ASP A 54 -4.40 -33.05 21.53
N GLU A 55 -3.79 -32.63 22.64
CA GLU A 55 -3.21 -33.58 23.57
C GLU A 55 -2.54 -32.85 24.73
N LEU A 56 -3.35 -32.50 25.72
CA LEU A 56 -2.85 -31.80 26.89
C LEU A 56 -2.25 -30.45 26.44
N GLN A 57 -2.30 -29.50 27.36
CA GLN A 57 -1.77 -28.17 27.08
C GLN A 57 -1.97 -27.25 28.28
N THR A 58 -0.88 -27.00 28.99
CA THR A 58 -0.93 -26.14 30.16
C THR A 58 -0.76 -24.68 29.76
N ASP A 59 -1.20 -23.80 30.65
CA ASP A 59 -1.11 -22.38 30.40
C ASP A 59 -1.69 -21.61 31.60
N GLY A 60 -2.95 -21.89 31.87
CA GLY A 60 -3.63 -21.24 32.98
C GLY A 60 -4.76 -20.33 32.47
N SER A 61 -4.41 -19.06 32.31
CA SER A 61 -5.37 -18.07 31.83
C SER A 61 -6.54 -17.96 32.82
N GLN A 62 -7.36 -16.95 32.59
CA GLN A 62 -8.52 -16.73 33.45
C GLN A 62 -8.07 -16.23 34.82
N ALA A 63 -8.86 -15.31 35.35
CA ALA A 63 -8.56 -14.74 36.65
C ALA A 63 -9.79 -14.86 37.56
N SER A 64 -10.85 -14.17 37.15
CA SER A 64 -12.09 -14.19 37.92
C SER A 64 -13.14 -13.35 37.21
N ARG A 65 -12.83 -12.06 37.05
CA ARG A 65 -13.75 -11.15 36.40
C ARG A 65 -12.98 -10.19 35.49
N SER A 66 -13.47 -10.08 34.26
CA SER A 66 -12.84 -9.21 33.28
C SER A 66 -13.33 -9.56 31.87
N PHE A 67 -14.55 -9.16 31.60
CA PHE A 67 -15.15 -9.43 30.31
C PHE A 67 -15.97 -8.22 29.81
N ASN A 68 -15.31 -7.39 29.02
CA ASN A 68 -15.95 -6.20 28.48
C ASN A 68 -15.19 -5.74 27.24
N GLN A 69 -15.83 -5.92 26.09
CA GLN A 69 -15.23 -5.54 24.83
C GLN A 69 -13.94 -6.31 24.60
N GLY A 70 -14.08 -7.50 24.02
CA GLY A 70 -12.93 -8.34 23.73
C GLY A 70 -11.90 -7.59 22.90
N ARG A 71 -12.08 -7.66 21.59
CA ARG A 71 -11.17 -6.99 20.67
C ARG A 71 -11.81 -5.71 20.12
N ILE A 72 -13.05 -5.49 20.52
CA ILE A 72 -13.78 -4.32 20.08
C ILE A 72 -13.34 -3.10 20.91
N GLU A 73 -12.26 -2.49 20.46
CA GLU A 73 -11.71 -1.33 21.14
C GLU A 73 -12.39 -0.05 20.63
N PRO A 74 -12.46 0.98 21.52
CA PRO A 74 -13.06 2.24 21.16
C PRO A 74 -12.15 3.05 20.24
N ASP A 75 -12.00 2.56 19.02
CA ASP A 75 -11.15 3.22 18.04
C ASP A 75 -12.03 3.88 16.98
N SER A 76 -12.72 4.93 17.40
CA SER A 76 -13.60 5.65 16.50
C SER A 76 -12.83 6.11 15.26
N GLU A 77 -13.52 6.11 14.13
CA GLU A 77 -12.90 6.53 12.88
C GLU A 77 -12.89 8.06 12.78
N SER A 78 -12.24 8.68 13.75
CA SER A 78 -12.15 10.13 13.77
C SER A 78 -13.49 10.75 13.37
N GLN A 79 -13.41 11.96 12.84
CA GLN A 79 -14.61 12.66 12.42
C GLN A 79 -14.41 13.27 11.03
N GLU A 80 -13.26 13.91 10.86
CA GLU A 80 -12.92 14.53 9.59
C GLU A 80 -12.76 13.47 8.50
N GLU A 81 -12.51 12.25 8.95
CA GLU A 81 -12.33 11.14 8.02
C GLU A 81 -11.47 11.56 6.83
N ILE A 82 -10.33 12.16 7.17
CA ILE A 82 -9.42 12.63 6.13
C ILE A 82 -8.30 11.58 5.95
N ILE A 83 -8.24 10.67 6.90
CA ILE A 83 -7.23 9.62 6.85
C ILE A 83 -7.29 8.91 5.50
N HIS A 84 -8.52 8.68 5.05
CA HIS A 84 -8.74 8.02 3.77
C HIS A 84 -8.19 8.88 2.64
N ASN A 85 -8.44 10.18 2.75
CA ASN A 85 -7.98 11.12 1.74
C ASN A 85 -6.47 10.92 1.53
N ILE A 86 -5.76 10.81 2.63
CA ILE A 86 -4.31 10.62 2.57
C ILE A 86 -4.00 9.30 1.85
N ALA A 87 -4.67 8.24 2.30
CA ALA A 87 -4.47 6.93 1.71
C ALA A 87 -4.69 7.03 0.20
N ARG A 88 -5.66 7.84 -0.19
CA ARG A 88 -5.98 8.03 -1.58
C ARG A 88 -4.79 8.68 -2.32
N HIS A 89 -4.34 9.79 -1.75
CA HIS A 89 -3.21 10.52 -2.34
C HIS A 89 -2.04 9.56 -2.54
N LEU A 90 -2.08 8.45 -1.82
CA LEU A 90 -1.04 7.45 -1.92
C LEU A 90 -0.93 6.96 -3.37
N ALA A 91 -1.92 6.20 -3.78
CA ALA A 91 -1.95 5.67 -5.13
C ALA A 91 -1.74 6.82 -6.13
N GLN A 92 -2.49 7.89 -5.92
CA GLN A 92 -2.39 9.04 -6.79
C GLN A 92 -0.94 9.46 -6.95
N ILE A 93 -0.20 9.42 -5.85
CA ILE A 93 1.20 9.78 -5.86
C ILE A 93 1.99 8.75 -6.67
N GLY A 94 1.44 7.54 -6.72
CA GLY A 94 2.08 6.46 -7.45
C GLY A 94 2.18 6.79 -8.95
N ASP A 95 1.04 7.15 -9.51
CA ASP A 95 0.98 7.49 -10.93
C ASP A 95 1.94 8.65 -11.20
N GLU A 96 1.78 9.71 -10.41
CA GLU A 96 2.62 10.89 -10.56
C GLU A 96 4.07 10.54 -10.25
N MET A 97 4.25 9.78 -9.19
CA MET A 97 5.58 9.36 -8.78
C MET A 97 6.33 8.69 -9.93
N ASP A 98 5.59 7.89 -10.68
CA ASP A 98 6.17 7.19 -11.82
C ASP A 98 7.14 8.11 -12.55
N HIS A 99 6.87 9.41 -12.44
CA HIS A 99 7.70 10.40 -13.10
C HIS A 99 9.16 9.95 -13.07
N ASN A 100 9.71 9.87 -11.88
CA ASN A 100 11.09 9.45 -11.71
C ASN A 100 11.22 8.67 -10.39
N ILE A 101 11.02 7.38 -10.49
CA ILE A 101 11.12 6.50 -9.33
C ILE A 101 12.42 5.70 -9.40
N GLN A 102 13.51 6.37 -9.06
CA GLN A 102 14.82 5.73 -9.08
C GLN A 102 15.93 6.78 -9.13
N PRO A 103 15.87 7.72 -8.15
CA PRO A 103 16.86 8.78 -8.07
C PRO A 103 18.20 8.25 -7.55
N THR A 104 18.13 7.11 -6.87
CA THR A 104 19.32 6.49 -6.33
C THR A 104 19.20 4.96 -6.37
N LEU A 105 18.14 4.51 -7.01
CA LEU A 105 17.89 3.08 -7.14
C LEU A 105 16.80 2.68 -6.15
N VAL A 106 15.89 3.60 -5.91
CA VAL A 106 14.79 3.36 -4.99
C VAL A 106 13.95 2.19 -5.52
N ARG A 107 13.35 2.41 -6.68
CA ARG A 107 12.52 1.40 -7.30
C ARG A 107 13.38 0.20 -7.73
N GLN A 108 14.69 0.42 -7.73
CA GLN A 108 15.62 -0.63 -8.11
C GLN A 108 15.52 -1.81 -7.15
N LEU A 109 15.80 -1.53 -5.89
CA LEU A 109 15.75 -2.56 -4.87
C LEU A 109 14.33 -3.11 -4.78
N ALA A 110 13.40 -2.23 -4.44
CA ALA A 110 12.01 -2.61 -4.32
C ALA A 110 11.55 -3.30 -5.60
N ALA A 111 12.34 -3.10 -6.65
CA ALA A 111 12.04 -3.70 -7.93
C ALA A 111 12.55 -5.15 -7.95
N GLN A 112 13.83 -5.29 -7.69
CA GLN A 112 14.46 -6.60 -7.67
C GLN A 112 13.52 -7.62 -7.01
N PHE A 113 13.11 -7.29 -5.79
CA PHE A 113 12.22 -8.16 -5.04
C PHE A 113 10.88 -8.33 -5.77
N MET A 114 10.39 -7.23 -6.32
CA MET A 114 9.14 -7.25 -7.05
C MET A 114 9.16 -8.28 -8.18
N ASN A 115 9.38 -9.54 -7.79
CA ASN A 115 9.44 -10.60 -8.76
C ASN A 115 8.82 -11.87 -8.15
N GLY A 116 9.30 -13.01 -8.62
CA GLY A 116 8.81 -14.29 -8.12
C GLY A 116 7.72 -14.85 -9.05
N SER A 117 6.99 -15.82 -8.52
CA SER A 117 5.92 -16.44 -9.30
C SER A 117 4.89 -17.07 -8.35
N LEU A 118 4.45 -16.27 -7.40
CA LEU A 118 3.47 -16.73 -6.42
C LEU A 118 4.11 -17.78 -5.52
N SER A 119 4.69 -17.32 -4.43
CA SER A 119 5.33 -18.22 -3.49
C SER A 119 4.47 -18.37 -2.23
N GLU A 120 4.04 -19.59 -1.98
CA GLU A 120 3.21 -19.88 -0.82
C GLU A 120 1.79 -19.36 -1.04
N GLU A 121 1.49 -19.07 -2.30
CA GLU A 121 0.18 -18.56 -2.65
C GLU A 121 -0.04 -17.18 -2.03
N ASP A 122 0.58 -16.18 -2.66
CA ASP A 122 0.47 -14.81 -2.19
C ASP A 122 1.62 -13.99 -2.74
N LYS A 123 2.73 -14.00 -2.00
CA LYS A 123 3.91 -13.26 -2.41
C LYS A 123 3.90 -11.88 -1.75
N ARG A 124 4.07 -11.89 -0.43
CA ARG A 124 4.08 -10.65 0.34
C ARG A 124 5.48 -10.39 0.91
N ASN A 125 6.31 -11.42 0.83
CA ASN A 125 7.67 -11.31 1.33
C ASN A 125 8.49 -10.43 0.38
N CYS A 126 8.29 -10.65 -0.91
CA CYS A 126 9.00 -9.90 -1.92
C CYS A 126 8.88 -8.41 -1.58
N LEU A 127 7.65 -7.98 -1.41
CA LEU A 127 7.37 -6.59 -1.08
C LEU A 127 8.20 -6.19 0.14
N ALA A 128 7.82 -6.74 1.28
CA ALA A 128 8.51 -6.46 2.52
C ALA A 128 10.02 -6.58 2.30
N LYS A 129 10.38 -7.43 1.35
CA LYS A 129 11.77 -7.66 1.03
C LYS A 129 12.44 -6.31 0.70
N ALA A 130 11.66 -5.45 0.06
CA ALA A 130 12.16 -4.13 -0.31
C ALA A 130 12.30 -3.27 0.94
N LEU A 131 11.31 -3.39 1.82
CA LEU A 131 11.31 -2.62 3.05
C LEU A 131 12.71 -2.65 3.66
N ASP A 132 13.31 -3.83 3.62
CA ASP A 132 14.65 -4.00 4.16
C ASP A 132 15.67 -3.33 3.25
N GLU A 133 15.59 -3.67 1.97
CA GLU A 133 16.49 -3.11 0.98
C GLU A 133 16.11 -1.66 0.68
N VAL A 134 14.88 -1.49 0.22
CA VAL A 134 14.39 -0.16 -0.11
C VAL A 134 14.73 0.80 1.02
N LYS A 135 14.62 0.30 2.24
CA LYS A 135 14.92 1.11 3.41
C LYS A 135 16.44 1.26 3.54
N THR A 136 17.13 0.17 3.24
CA THR A 136 18.59 0.17 3.31
C THR A 136 19.17 1.36 2.55
N ALA A 137 18.36 1.90 1.66
CA ALA A 137 18.78 3.04 0.86
C ALA A 137 18.13 4.31 1.41
N PHE A 138 16.82 4.25 1.56
CA PHE A 138 16.07 5.38 2.09
C PHE A 138 15.35 5.02 3.40
N PRO A 139 16.17 4.74 4.44
CA PRO A 139 15.64 4.38 5.74
C PRO A 139 15.08 5.61 6.46
N ARG A 140 15.95 6.24 7.25
CA ARG A 140 15.56 7.42 7.99
C ARG A 140 14.15 7.24 8.57
N ASP A 141 13.60 8.35 9.06
CA ASP A 141 12.27 8.33 9.63
C ASP A 141 11.26 8.74 8.56
N MET A 142 10.24 9.47 9.00
CA MET A 142 9.20 9.92 8.09
C MET A 142 9.80 10.46 6.80
N GLU A 143 10.96 11.08 6.94
CA GLU A 143 11.64 11.65 5.79
C GLU A 143 11.87 10.58 4.73
N ASN A 144 12.75 9.65 5.04
CA ASN A 144 13.07 8.56 4.13
C ASN A 144 11.96 7.50 4.21
N ASP A 145 11.54 7.22 5.43
CA ASP A 145 10.51 6.23 5.66
C ASP A 145 9.48 6.30 4.52
N LYS A 146 8.99 7.51 4.28
CA LYS A 146 8.01 7.73 3.24
C LYS A 146 8.54 7.16 1.92
N ALA A 147 9.85 7.20 1.78
CA ALA A 147 10.50 6.70 0.59
C ALA A 147 10.07 5.24 0.36
N MET A 148 10.32 4.42 1.37
CA MET A 148 9.98 3.01 1.28
C MET A 148 8.50 2.83 0.90
N LEU A 149 7.66 3.66 1.52
CA LEU A 149 6.24 3.60 1.25
C LEU A 149 5.99 3.76 -0.25
N ILE A 150 6.63 4.77 -0.82
CA ILE A 150 6.50 5.05 -2.24
C ILE A 150 6.76 3.76 -3.03
N MET A 151 7.58 2.90 -2.44
CA MET A 151 7.92 1.64 -3.08
C MET A 151 6.69 0.73 -3.16
N THR A 152 6.03 0.57 -2.03
CA THR A 152 4.84 -0.27 -1.97
C THR A 152 3.95 -0.05 -3.19
N MET A 153 3.68 1.23 -3.46
CA MET A 153 2.85 1.60 -4.59
C MET A 153 3.60 1.36 -5.90
N LEU A 154 4.91 1.42 -5.83
CA LEU A 154 5.74 1.20 -7.00
C LEU A 154 5.38 -0.14 -7.64
N LEU A 155 5.33 -1.17 -6.83
CA LEU A 155 5.00 -2.50 -7.30
C LEU A 155 3.68 -2.43 -8.08
N ALA A 156 2.65 -1.94 -7.41
CA ALA A 156 1.34 -1.82 -8.02
C ALA A 156 1.46 -0.99 -9.30
N LYS A 157 2.06 0.18 -9.15
CA LYS A 157 2.24 1.07 -10.28
C LYS A 157 2.78 0.28 -11.48
N LYS A 158 3.87 -0.43 -11.23
CA LYS A 158 4.50 -1.23 -12.26
C LYS A 158 3.64 -2.47 -12.53
N VAL A 159 3.17 -3.06 -11.44
CA VAL A 159 2.33 -4.25 -11.55
C VAL A 159 0.98 -3.87 -12.15
N ALA A 160 -0.08 -4.38 -11.53
CA ALA A 160 -1.43 -4.11 -11.98
C ALA A 160 -1.44 -2.77 -12.73
N SER A 161 -1.12 -1.72 -11.99
CA SER A 161 -1.09 -0.39 -12.57
C SER A 161 -0.31 -0.39 -13.88
N HIS A 162 0.41 -1.49 -14.10
CA HIS A 162 1.20 -1.63 -15.31
C HIS A 162 1.26 -3.12 -15.71
N ALA A 163 1.49 -3.95 -14.71
CA ALA A 163 1.56 -5.38 -14.94
C ALA A 163 0.31 -6.06 -14.37
N PRO A 164 -0.69 -6.26 -15.26
CA PRO A 164 -1.94 -6.89 -14.84
C PRO A 164 -1.76 -8.40 -14.66
N SER A 165 -1.10 -8.76 -13.57
CA SER A 165 -0.85 -10.16 -13.27
C SER A 165 -1.63 -10.57 -12.03
N LEU A 166 -1.14 -10.11 -10.88
CA LEU A 166 -1.78 -10.42 -9.61
C LEU A 166 -2.16 -9.12 -8.90
N LEU A 167 -3.26 -8.54 -9.33
CA LEU A 167 -3.74 -7.29 -8.75
C LEU A 167 -3.83 -7.46 -7.22
N ARG A 168 -4.00 -8.70 -6.81
CA ARG A 168 -4.10 -9.00 -5.39
C ARG A 168 -2.82 -8.59 -4.66
N ASP A 169 -1.69 -9.02 -5.22
CA ASP A 169 -0.40 -8.70 -4.64
C ASP A 169 -0.16 -7.20 -4.73
N VAL A 170 -0.70 -6.60 -5.79
CA VAL A 170 -0.56 -5.17 -6.00
C VAL A 170 -0.96 -4.42 -4.73
N PHE A 171 -2.24 -4.53 -4.40
CA PHE A 171 -2.77 -3.87 -3.21
C PHE A 171 -1.95 -4.25 -1.98
N HIS A 172 -1.78 -5.55 -1.79
CA HIS A 172 -1.04 -6.05 -0.64
C HIS A 172 0.33 -5.37 -0.59
N THR A 173 0.94 -5.24 -1.77
CA THR A 173 2.24 -4.61 -1.86
C THR A 173 2.20 -3.19 -1.25
N THR A 174 1.10 -2.50 -1.52
CA THR A 174 0.93 -1.16 -1.00
C THR A 174 0.84 -1.18 0.53
N VAL A 175 -0.29 -1.66 1.02
CA VAL A 175 -0.51 -1.74 2.45
C VAL A 175 0.45 -2.76 3.06
N ASN A 176 1.41 -3.18 2.25
CA ASN A 176 2.40 -4.14 2.69
C ASN A 176 3.44 -3.45 3.56
N PHE A 177 4.12 -2.48 2.95
CA PHE A 177 5.14 -1.74 3.66
C PHE A 177 4.54 -0.96 4.83
N ILE A 178 3.52 -0.17 4.52
CA ILE A 178 2.85 0.62 5.54
C ILE A 178 2.46 -0.28 6.71
N ASN A 179 1.87 -1.42 6.37
CA ASN A 179 1.45 -2.38 7.38
C ASN A 179 2.67 -2.87 8.15
N GLN A 180 3.74 -3.11 7.42
CA GLN A 180 4.98 -3.59 8.02
C GLN A 180 5.91 -2.41 8.31
N ASN A 181 5.35 -1.22 8.20
CA ASN A 181 6.13 -0.01 8.45
C ASN A 181 5.90 0.44 9.90
N LEU A 182 5.73 1.74 10.05
CA LEU A 182 5.50 2.31 11.38
C LEU A 182 3.99 2.37 11.65
N PHE A 183 3.26 1.58 10.88
CA PHE A 183 1.81 1.54 11.03
C PHE A 183 1.29 2.82 11.67
N SER A 184 1.74 3.94 11.15
CA SER A 184 1.33 5.24 11.66
C SER A 184 2.38 6.29 11.33
N TYR A 185 2.88 6.23 10.10
CA TYR A 185 3.90 7.18 9.66
C TYR A 185 3.52 8.61 10.04
N VAL A 186 2.35 9.02 9.58
CA VAL A 186 1.86 10.36 9.86
C VAL A 186 1.60 10.50 11.36
N ARG A 187 0.99 9.47 11.93
CA ARG A 187 0.68 9.47 13.35
C ARG A 187 1.96 9.72 14.16
N ASN A 188 3.02 9.04 13.75
CA ASN A 188 4.30 9.16 14.43
C ASN A 188 4.80 10.61 14.30
N LEU A 189 4.62 11.15 13.11
CA LEU A 189 5.05 12.52 12.84
C LEU A 189 4.39 13.46 13.85
N VAL A 190 3.06 13.38 13.92
CA VAL A 190 2.31 14.21 14.83
C VAL A 190 2.71 13.88 16.27
N ARG A 191 2.87 12.58 16.52
CA ARG A 191 3.24 12.11 17.85
C ARG A 191 4.52 12.82 18.31
N ASN A 192 5.56 12.71 17.49
CA ASN A 192 6.83 13.32 17.80
C ASN A 192 6.67 14.84 17.85
N GLU A 193 5.93 15.35 16.87
CA GLU A 193 5.68 16.78 16.79
C GLU A 193 4.48 17.17 17.65
N MET A 194 4.65 17.00 18.95
CA MET A 194 3.60 17.32 19.90
C MET A 194 4.08 17.18 21.34
N ASP A 195 4.79 16.08 21.60
CA ASP A 195 5.31 15.82 22.92
C ASP A 195 6.75 16.33 23.00
N MET A 1 -3.69 -16.21 -18.10
CA MET A 1 -2.92 -16.45 -16.90
C MET A 1 -3.60 -15.79 -15.69
N ASP A 2 -3.80 -16.60 -14.65
CA ASP A 2 -4.43 -16.10 -13.43
C ASP A 2 -4.48 -17.23 -12.41
N SER A 3 -4.90 -16.88 -11.20
CA SER A 3 -5.01 -17.85 -10.13
C SER A 3 -6.47 -17.94 -9.65
N GLU A 4 -6.66 -18.77 -8.63
CA GLU A 4 -7.99 -18.95 -8.07
C GLU A 4 -7.90 -19.14 -6.55
N VAL A 5 -7.24 -18.20 -5.90
CA VAL A 5 -7.07 -18.26 -4.46
C VAL A 5 -6.84 -16.84 -3.93
N SER A 6 -7.07 -16.69 -2.63
CA SER A 6 -6.89 -15.41 -1.98
C SER A 6 -7.47 -15.45 -0.56
N ASN A 7 -6.96 -14.56 0.28
CA ASN A 7 -7.41 -14.49 1.66
C ASN A 7 -6.68 -13.34 2.36
N GLY A 8 -7.13 -13.06 3.58
CA GLY A 8 -6.53 -11.99 4.36
C GLY A 8 -5.46 -12.54 5.30
N SER A 9 -5.31 -11.87 6.44
CA SER A 9 -4.33 -12.28 7.43
C SER A 9 -4.94 -12.22 8.83
N GLY A 10 -4.74 -11.10 9.48
CA GLY A 10 -5.26 -10.90 10.83
C GLY A 10 -4.35 -10.01 11.66
N LEU A 11 -4.22 -10.35 12.93
CA LEU A 11 -3.38 -9.59 13.83
C LEU A 11 -3.99 -8.21 14.06
N GLY A 12 -3.36 -7.46 14.95
CA GLY A 12 -3.83 -6.12 15.27
C GLY A 12 -2.99 -5.06 14.55
N ALA A 13 -3.57 -3.86 14.45
CA ALA A 13 -2.88 -2.76 13.81
C ALA A 13 -2.65 -3.11 12.34
N LYS A 14 -3.50 -2.56 11.48
CA LYS A 14 -3.40 -2.80 10.06
C LYS A 14 -4.75 -2.51 9.40
N HIS A 15 -5.78 -2.48 10.23
CA HIS A 15 -7.12 -2.22 9.74
C HIS A 15 -7.12 -0.94 8.89
N ILE A 16 -6.57 0.12 9.47
CA ILE A 16 -6.49 1.39 8.79
C ILE A 16 -5.82 1.21 7.43
N THR A 17 -4.68 0.52 7.46
CA THR A 17 -3.93 0.27 6.24
C THR A 17 -4.84 -0.37 5.18
N ASP A 18 -5.68 -1.28 5.64
CA ASP A 18 -6.60 -1.96 4.76
C ASP A 18 -7.30 -0.94 3.86
N LEU A 19 -7.63 0.20 4.44
CA LEU A 19 -8.29 1.26 3.71
C LEU A 19 -7.30 1.88 2.72
N LEU A 20 -6.03 1.80 3.07
CA LEU A 20 -4.99 2.34 2.22
C LEU A 20 -5.02 1.64 0.86
N VAL A 21 -4.94 0.32 0.92
CA VAL A 21 -4.96 -0.49 -0.30
C VAL A 21 -6.19 -0.11 -1.12
N PHE A 22 -7.35 -0.32 -0.53
CA PHE A 22 -8.60 -0.02 -1.20
C PHE A 22 -8.65 1.45 -1.63
N GLY A 23 -8.08 2.30 -0.79
CA GLY A 23 -8.05 3.73 -1.07
C GLY A 23 -7.08 4.04 -2.21
N PHE A 24 -5.99 3.29 -2.24
CA PHE A 24 -4.98 3.48 -3.27
C PHE A 24 -5.60 3.41 -4.67
N LEU A 25 -6.24 2.27 -4.94
CA LEU A 25 -6.89 2.06 -6.22
C LEU A 25 -7.91 3.17 -6.46
N GLN A 26 -8.66 3.48 -5.42
CA GLN A 26 -9.68 4.52 -5.50
C GLN A 26 -9.05 5.85 -5.91
N SER A 27 -7.79 6.02 -5.50
CA SER A 27 -7.07 7.24 -5.82
C SER A 27 -6.71 7.27 -7.31
N SER A 28 -5.87 6.33 -7.70
CA SER A 28 -5.45 6.24 -9.09
C SER A 28 -5.31 4.77 -9.50
N GLY A 29 -4.11 4.24 -9.28
CA GLY A 29 -3.85 2.85 -9.62
C GLY A 29 -4.71 2.39 -10.80
N CYS A 30 -5.39 1.27 -10.60
CA CYS A 30 -6.24 0.71 -11.63
C CYS A 30 -7.52 1.56 -11.69
N THR A 31 -8.61 0.96 -11.25
CA THR A 31 -9.89 1.63 -11.25
C THR A 31 -10.72 1.20 -10.05
N ARG A 32 -11.84 1.88 -9.86
CA ARG A 32 -12.74 1.57 -8.75
C ARG A 32 -12.98 0.07 -8.66
N GLN A 33 -13.36 -0.50 -9.79
CA GLN A 33 -13.64 -1.93 -9.86
C GLN A 33 -12.43 -2.72 -9.35
N GLU A 34 -11.25 -2.13 -9.52
CA GLU A 34 -10.02 -2.76 -9.08
C GLU A 34 -9.97 -2.83 -7.55
N LEU A 35 -10.05 -1.66 -6.93
CA LEU A 35 -10.01 -1.57 -5.48
C LEU A 35 -10.93 -2.64 -4.88
N GLU A 36 -12.04 -2.89 -5.59
CA GLU A 36 -13.00 -3.88 -5.14
C GLU A 36 -12.41 -5.29 -5.28
N VAL A 37 -11.69 -5.49 -6.38
CA VAL A 37 -11.07 -6.78 -6.63
C VAL A 37 -10.02 -7.06 -5.55
N LEU A 38 -9.03 -6.20 -5.50
CA LEU A 38 -7.96 -6.34 -4.52
C LEU A 38 -8.55 -6.19 -3.12
N GLY A 39 -9.40 -5.20 -2.95
CA GLY A 39 -10.02 -4.95 -1.67
C GLY A 39 -10.56 -6.24 -1.05
N ARG A 40 -11.35 -6.95 -1.85
CA ARG A 40 -11.91 -8.22 -1.40
C ARG A 40 -12.90 -8.75 -2.44
N GLU A 41 -13.76 -9.65 -1.98
CA GLU A 41 -14.76 -10.25 -2.85
C GLU A 41 -16.08 -10.45 -2.10
N LEU A 42 -16.98 -9.49 -2.28
CA LEU A 42 -18.28 -9.55 -1.63
C LEU A 42 -19.32 -10.09 -2.62
N PRO A 43 -19.99 -11.20 -2.19
CA PRO A 43 -21.01 -11.81 -3.03
C PRO A 43 -22.29 -10.97 -3.03
N VAL A 44 -22.82 -10.76 -1.84
CA VAL A 44 -24.04 -9.98 -1.69
C VAL A 44 -24.00 -8.78 -2.64
N GLN A 45 -22.80 -8.24 -2.80
CA GLN A 45 -22.60 -7.09 -3.68
C GLN A 45 -21.40 -6.27 -3.21
N ALA A 46 -20.84 -5.53 -4.14
CA ALA A 46 -19.69 -4.69 -3.84
C ALA A 46 -20.13 -3.52 -2.97
N TYR A 47 -20.67 -3.85 -1.81
CA TYR A 47 -21.13 -2.84 -0.88
C TYR A 47 -20.26 -1.58 -0.96
N TRP A 48 -20.93 -0.44 -0.88
CA TRP A 48 -20.24 0.84 -0.95
C TRP A 48 -21.22 1.89 -1.47
N GLU A 49 -20.89 3.14 -1.21
CA GLU A 49 -21.74 4.24 -1.64
C GLU A 49 -20.98 5.57 -1.52
N ALA A 50 -21.68 6.64 -1.89
CA ALA A 50 -21.09 7.97 -1.82
C ALA A 50 -19.84 8.02 -2.71
N ASP A 51 -19.52 9.22 -3.17
CA ASP A 51 -18.37 9.41 -4.03
C ASP A 51 -18.39 10.83 -4.58
N LEU A 52 -17.24 11.24 -5.13
CA LEU A 52 -17.11 12.57 -5.69
C LEU A 52 -17.42 13.61 -4.62
N GLU A 53 -16.94 14.81 -4.85
CA GLU A 53 -17.16 15.90 -3.91
C GLU A 53 -16.60 17.21 -4.48
N ASP A 54 -17.52 18.03 -4.98
CA ASP A 54 -17.13 19.32 -5.55
C ASP A 54 -17.37 20.42 -4.53
N GLU A 55 -16.99 21.63 -4.91
CA GLU A 55 -17.15 22.78 -4.02
C GLU A 55 -16.84 24.08 -4.79
N LEU A 56 -17.56 25.12 -4.42
CA LEU A 56 -17.37 26.42 -5.05
C LEU A 56 -18.13 26.45 -6.38
N GLN A 57 -18.62 27.63 -6.72
CA GLN A 57 -19.36 27.81 -7.95
C GLN A 57 -19.58 29.30 -8.23
N THR A 58 -19.70 29.62 -9.52
CA THR A 58 -19.91 30.99 -9.92
C THR A 58 -20.65 31.04 -11.27
N ASP A 59 -21.95 31.30 -11.18
CA ASP A 59 -22.78 31.37 -12.37
C ASP A 59 -23.68 32.59 -12.29
N GLY A 60 -24.15 33.03 -13.45
CA GLY A 60 -25.02 34.19 -13.51
C GLY A 60 -25.71 34.29 -14.88
N SER A 61 -26.72 35.14 -14.94
CA SER A 61 -27.47 35.32 -16.17
C SER A 61 -27.97 36.77 -16.27
N GLN A 62 -27.94 37.29 -17.48
CA GLN A 62 -28.39 38.66 -17.72
C GLN A 62 -28.24 39.02 -19.20
N ALA A 63 -26.98 39.01 -19.65
CA ALA A 63 -26.69 39.34 -21.03
C ALA A 63 -27.72 38.66 -21.94
N SER A 64 -27.67 37.34 -21.94
CA SER A 64 -28.59 36.57 -22.76
C SER A 64 -28.07 36.49 -24.20
N ARG A 65 -27.87 37.66 -24.79
CA ARG A 65 -27.38 37.73 -26.15
C ARG A 65 -25.85 37.70 -26.17
N SER A 66 -25.32 36.49 -26.27
CA SER A 66 -23.88 36.30 -26.29
C SER A 66 -23.52 34.88 -25.81
N PHE A 67 -22.25 34.57 -25.91
CA PHE A 67 -21.75 33.27 -25.49
C PHE A 67 -20.60 33.40 -24.49
N ASN A 68 -20.40 32.33 -23.73
CA ASN A 68 -19.34 32.31 -22.73
C ASN A 68 -19.45 31.03 -21.91
N GLN A 69 -18.73 30.02 -22.37
CA GLN A 69 -18.73 28.74 -21.68
C GLN A 69 -17.65 28.71 -20.59
N GLY A 70 -17.62 27.61 -19.87
CA GLY A 70 -16.64 27.44 -18.80
C GLY A 70 -16.65 26.02 -18.26
N ARG A 71 -15.61 25.70 -17.50
CA ARG A 71 -15.49 24.37 -16.92
C ARG A 71 -15.46 24.46 -15.39
N ILE A 72 -15.41 23.30 -14.77
CA ILE A 72 -15.39 23.24 -13.31
C ILE A 72 -14.00 22.78 -12.86
N GLU A 73 -13.38 23.63 -12.06
CA GLU A 73 -12.05 23.34 -11.55
C GLU A 73 -12.15 22.55 -10.23
N PRO A 74 -11.13 21.69 -10.01
CA PRO A 74 -11.10 20.87 -8.81
C PRO A 74 -10.70 21.71 -7.59
N ASP A 75 -10.75 21.07 -6.43
CA ASP A 75 -10.40 21.75 -5.19
C ASP A 75 -9.75 20.74 -4.24
N SER A 76 -9.44 21.22 -3.03
CA SER A 76 -8.81 20.38 -2.03
C SER A 76 -9.87 19.57 -1.30
N GLU A 77 -9.41 18.75 -0.36
CA GLU A 77 -10.31 17.91 0.42
C GLU A 77 -10.20 18.26 1.91
N SER A 78 -11.24 17.92 2.64
CA SER A 78 -11.28 18.19 4.07
C SER A 78 -12.40 17.38 4.73
N GLN A 79 -12.04 16.70 5.81
CA GLN A 79 -12.99 15.88 6.53
C GLN A 79 -12.30 15.17 7.70
N GLU A 80 -13.11 14.70 8.63
CA GLU A 80 -12.60 13.99 9.80
C GLU A 80 -12.02 12.64 9.38
N GLU A 81 -10.96 12.71 8.58
CA GLU A 81 -10.31 11.50 8.11
C GLU A 81 -9.17 11.85 7.15
N ILE A 82 -8.09 12.38 7.73
CA ILE A 82 -6.93 12.76 6.93
C ILE A 82 -6.09 11.52 6.64
N ILE A 83 -6.07 10.61 7.60
CA ILE A 83 -5.32 9.37 7.45
C ILE A 83 -5.73 8.68 6.16
N HIS A 84 -7.04 8.52 6.00
CA HIS A 84 -7.57 7.87 4.81
C HIS A 84 -7.21 8.69 3.57
N ASN A 85 -7.17 10.00 3.76
CA ASN A 85 -6.84 10.91 2.67
C ASN A 85 -5.47 10.52 2.09
N ILE A 86 -4.52 10.37 2.98
CA ILE A 86 -3.17 10.00 2.58
C ILE A 86 -3.19 8.61 1.92
N ALA A 87 -4.11 7.79 2.41
CA ALA A 87 -4.24 6.44 1.88
C ALA A 87 -4.40 6.51 0.36
N ARG A 88 -5.30 7.39 -0.07
CA ARG A 88 -5.56 7.55 -1.49
C ARG A 88 -4.33 8.17 -2.18
N HIS A 89 -3.73 9.13 -1.51
CA HIS A 89 -2.55 9.80 -2.03
C HIS A 89 -1.46 8.77 -2.33
N LEU A 90 -1.61 7.60 -1.71
CA LEU A 90 -0.65 6.52 -1.90
C LEU A 90 -0.53 6.21 -3.38
N ALA A 91 -1.60 5.62 -3.92
CA ALA A 91 -1.62 5.26 -5.32
C ALA A 91 -1.27 6.48 -6.17
N GLN A 92 -2.00 7.56 -5.91
CA GLN A 92 -1.77 8.80 -6.64
C GLN A 92 -0.29 9.19 -6.57
N ILE A 93 0.36 8.75 -5.51
CA ILE A 93 1.77 9.06 -5.31
C ILE A 93 2.59 8.32 -6.37
N GLY A 94 2.15 7.12 -6.68
CA GLY A 94 2.82 6.29 -7.67
C GLY A 94 2.89 7.00 -9.03
N ASP A 95 1.71 7.42 -9.49
CA ASP A 95 1.61 8.11 -10.77
C ASP A 95 2.55 9.32 -10.76
N GLU A 96 2.46 10.08 -9.69
CA GLU A 96 3.29 11.27 -9.55
C GLU A 96 4.77 10.87 -9.45
N MET A 97 5.01 9.76 -8.77
CA MET A 97 6.36 9.27 -8.60
C MET A 97 7.10 9.20 -9.94
N ASP A 98 6.44 8.60 -10.91
CA ASP A 98 7.02 8.46 -12.23
C ASP A 98 7.78 9.74 -12.59
N HIS A 99 7.28 10.85 -12.06
CA HIS A 99 7.89 12.15 -12.30
C HIS A 99 9.38 12.07 -11.98
N ASN A 100 9.66 11.82 -10.70
CA ASN A 100 11.03 11.72 -10.24
C ASN A 100 11.11 10.72 -9.09
N ILE A 101 11.31 9.46 -9.45
CA ILE A 101 11.41 8.40 -8.46
C ILE A 101 12.68 7.58 -8.73
N GLN A 102 13.72 7.89 -7.98
CA GLN A 102 14.98 7.20 -8.12
C GLN A 102 16.12 8.04 -7.54
N PRO A 103 15.91 8.50 -6.28
CA PRO A 103 16.92 9.31 -5.61
C PRO A 103 18.09 8.46 -5.14
N THR A 104 17.88 7.14 -5.19
CA THR A 104 18.91 6.21 -4.77
C THR A 104 18.64 4.82 -5.34
N LEU A 105 17.57 4.74 -6.14
CA LEU A 105 17.19 3.48 -6.75
C LEU A 105 15.99 2.91 -6.01
N VAL A 106 15.06 3.80 -5.68
CA VAL A 106 13.85 3.40 -4.98
C VAL A 106 13.21 2.21 -5.71
N ARG A 107 12.39 2.54 -6.68
CA ARG A 107 11.71 1.51 -7.46
C ARG A 107 12.71 0.45 -7.92
N GLN A 108 13.97 0.84 -7.96
CA GLN A 108 15.03 -0.07 -8.38
C GLN A 108 15.17 -1.20 -7.37
N LEU A 109 15.32 -0.83 -6.10
CA LEU A 109 15.48 -1.80 -5.04
C LEU A 109 14.16 -2.56 -4.86
N ALA A 110 13.12 -1.82 -4.49
CA ALA A 110 11.82 -2.42 -4.28
C ALA A 110 11.46 -3.30 -5.49
N ALA A 111 12.11 -3.01 -6.61
CA ALA A 111 11.88 -3.76 -7.82
C ALA A 111 12.43 -5.18 -7.66
N GLN A 112 13.69 -5.25 -7.25
CA GLN A 112 14.35 -6.53 -7.04
C GLN A 112 13.48 -7.44 -6.18
N PHE A 113 12.85 -6.83 -5.18
CA PHE A 113 11.98 -7.57 -4.29
C PHE A 113 10.81 -8.21 -5.04
N MET A 114 10.14 -7.39 -5.83
CA MET A 114 9.02 -7.86 -6.62
C MET A 114 9.39 -9.09 -7.44
N ASN A 115 8.59 -10.13 -7.30
CA ASN A 115 8.82 -11.36 -8.02
C ASN A 115 7.49 -11.98 -8.44
N GLY A 116 7.13 -11.75 -9.70
CA GLY A 116 5.89 -12.26 -10.22
C GLY A 116 6.00 -13.76 -10.53
N SER A 117 5.45 -14.56 -9.62
CA SER A 117 5.49 -16.00 -9.77
C SER A 117 4.33 -16.64 -9.00
N LEU A 118 4.24 -16.27 -7.73
CA LEU A 118 3.19 -16.79 -6.87
C LEU A 118 3.44 -18.28 -6.60
N SER A 119 4.16 -18.52 -5.50
CA SER A 119 4.49 -19.88 -5.11
C SER A 119 4.36 -20.04 -3.59
N GLU A 120 3.12 -20.08 -3.13
CA GLU A 120 2.85 -20.22 -1.71
C GLU A 120 1.51 -19.59 -1.36
N GLU A 121 0.84 -19.09 -2.39
CA GLU A 121 -0.46 -18.46 -2.20
C GLU A 121 -0.29 -16.95 -1.98
N ASP A 122 0.49 -16.35 -2.88
CA ASP A 122 0.74 -14.92 -2.79
C ASP A 122 1.87 -14.66 -1.79
N LYS A 123 2.91 -14.00 -2.29
CA LYS A 123 4.06 -13.69 -1.46
C LYS A 123 3.99 -12.21 -1.04
N ARG A 124 4.19 -12.00 0.25
CA ARG A 124 4.15 -10.65 0.79
C ARG A 124 5.50 -10.27 1.41
N ASN A 125 6.32 -11.30 1.59
CA ASN A 125 7.64 -11.10 2.17
C ASN A 125 8.52 -10.36 1.16
N CYS A 126 8.38 -10.74 -0.10
CA CYS A 126 9.15 -10.11 -1.17
C CYS A 126 8.99 -8.60 -1.05
N LEU A 127 7.74 -8.16 -1.02
CA LEU A 127 7.43 -6.74 -0.92
C LEU A 127 8.09 -6.19 0.36
N ALA A 128 7.57 -6.62 1.49
CA ALA A 128 8.09 -6.17 2.78
C ALA A 128 9.61 -6.20 2.73
N LYS A 129 10.14 -7.10 1.92
CA LYS A 129 11.58 -7.25 1.78
C LYS A 129 12.16 -5.96 1.20
N ALA A 130 11.38 -5.32 0.34
CA ALA A 130 11.81 -4.09 -0.29
C ALA A 130 11.80 -2.96 0.76
N LEU A 131 10.76 -2.98 1.58
CA LEU A 131 10.63 -1.97 2.62
C LEU A 131 11.95 -1.84 3.38
N ASP A 132 12.54 -2.98 3.68
CA ASP A 132 13.81 -3.01 4.39
C ASP A 132 14.88 -2.35 3.54
N GLU A 133 14.97 -2.81 2.29
CA GLU A 133 15.95 -2.27 1.37
C GLU A 133 15.83 -0.74 1.28
N VAL A 134 14.68 -0.30 0.80
CA VAL A 134 14.43 1.12 0.67
C VAL A 134 14.66 1.81 2.01
N LYS A 135 14.29 1.11 3.07
CA LYS A 135 14.45 1.63 4.41
C LYS A 135 15.91 1.46 4.85
N THR A 136 16.72 0.99 3.92
CA THR A 136 18.13 0.77 4.18
C THR A 136 18.99 1.59 3.21
N ALA A 137 18.36 1.99 2.12
CA ALA A 137 19.04 2.77 1.10
C ALA A 137 18.70 4.25 1.28
N PHE A 138 17.41 4.53 1.36
CA PHE A 138 16.94 5.88 1.53
C PHE A 138 16.16 6.03 2.84
N PRO A 139 16.84 5.68 3.96
CA PRO A 139 16.22 5.78 5.28
C PRO A 139 16.13 7.24 5.74
N ARG A 140 15.08 7.52 6.49
CA ARG A 140 14.86 8.86 7.00
C ARG A 140 13.44 8.99 7.57
N ASP A 141 12.96 10.23 7.57
CA ASP A 141 11.62 10.49 8.08
C ASP A 141 10.64 10.55 6.91
N MET A 142 10.14 11.75 6.66
CA MET A 142 9.19 11.95 5.58
C MET A 142 9.80 11.57 4.23
N GLU A 143 11.07 11.90 4.09
CA GLU A 143 11.79 11.60 2.85
C GLU A 143 11.87 10.09 2.64
N ASN A 144 12.45 9.42 3.62
CA ASN A 144 12.59 7.98 3.55
C ASN A 144 11.22 7.31 3.69
N ASP A 145 10.58 7.59 4.82
CA ASP A 145 9.26 7.05 5.09
C ASP A 145 8.43 7.08 3.81
N LYS A 146 8.36 8.26 3.22
CA LYS A 146 7.60 8.44 2.00
C LYS A 146 8.21 7.58 0.89
N ALA A 147 9.53 7.44 0.95
CA ALA A 147 10.24 6.64 -0.03
C ALA A 147 9.75 5.20 0.03
N MET A 148 9.83 4.63 1.23
CA MET A 148 9.39 3.26 1.44
C MET A 148 8.00 3.02 0.83
N LEU A 149 7.05 3.81 1.29
CA LEU A 149 5.69 3.69 0.79
C LEU A 149 5.70 3.79 -0.74
N ILE A 150 6.47 4.73 -1.24
CA ILE A 150 6.58 4.93 -2.67
C ILE A 150 6.92 3.60 -3.35
N MET A 151 7.67 2.79 -2.62
CA MET A 151 8.07 1.48 -3.13
C MET A 151 6.86 0.60 -3.43
N THR A 152 6.02 0.44 -2.41
CA THR A 152 4.82 -0.36 -2.55
C THR A 152 4.06 0.03 -3.83
N MET A 153 4.02 1.33 -4.07
CA MET A 153 3.33 1.84 -5.26
C MET A 153 4.06 1.43 -6.54
N LEU A 154 5.37 1.25 -6.40
CA LEU A 154 6.19 0.85 -7.53
C LEU A 154 5.67 -0.47 -8.10
N LEU A 155 5.50 -1.43 -7.21
CA LEU A 155 5.02 -2.74 -7.61
C LEU A 155 3.69 -2.58 -8.35
N ALA A 156 2.75 -1.93 -7.68
CA ALA A 156 1.43 -1.71 -8.27
C ALA A 156 1.58 -0.89 -9.55
N LYS A 157 2.30 0.22 -9.42
CA LYS A 157 2.52 1.10 -10.56
C LYS A 157 2.72 0.26 -11.82
N LYS A 158 3.49 -0.81 -11.66
CA LYS A 158 3.77 -1.71 -12.78
C LYS A 158 2.60 -2.67 -12.95
N VAL A 159 2.39 -3.49 -11.93
CA VAL A 159 1.31 -4.47 -11.96
C VAL A 159 0.02 -3.79 -11.49
N ALA A 160 -1.10 -4.36 -11.93
CA ALA A 160 -2.40 -3.83 -11.57
C ALA A 160 -2.56 -2.44 -12.17
N SER A 161 -2.00 -2.27 -13.35
CA SER A 161 -2.07 -0.99 -14.04
C SER A 161 -1.05 -0.95 -15.18
N HIS A 162 -0.14 -1.92 -15.16
CA HIS A 162 0.89 -2.00 -16.18
C HIS A 162 1.34 -3.46 -16.33
N ALA A 163 1.43 -4.14 -15.20
CA ALA A 163 1.85 -5.53 -15.20
C ALA A 163 0.65 -6.41 -14.83
N PRO A 164 0.01 -6.98 -15.88
CA PRO A 164 -1.14 -7.84 -15.67
C PRO A 164 -0.71 -9.22 -15.15
N SER A 165 -0.84 -9.38 -13.84
CA SER A 165 -0.47 -10.64 -13.21
C SER A 165 -1.47 -10.98 -12.11
N LEU A 166 -1.31 -10.29 -10.98
CA LEU A 166 -2.18 -10.50 -9.84
C LEU A 166 -2.44 -9.16 -9.14
N LEU A 167 -3.51 -8.51 -9.56
CA LEU A 167 -3.89 -7.23 -8.99
C LEU A 167 -4.02 -7.38 -7.47
N ARG A 168 -4.25 -8.61 -7.04
CA ARG A 168 -4.39 -8.89 -5.62
C ARG A 168 -3.12 -8.47 -4.87
N ASP A 169 -2.04 -9.19 -5.14
CA ASP A 169 -0.77 -8.91 -4.50
C ASP A 169 -0.41 -7.45 -4.73
N VAL A 170 -0.78 -6.95 -5.90
CA VAL A 170 -0.50 -5.56 -6.24
C VAL A 170 -0.95 -4.66 -5.09
N PHE A 171 -2.20 -4.81 -4.70
CA PHE A 171 -2.76 -4.02 -3.61
C PHE A 171 -1.97 -4.24 -2.32
N HIS A 172 -1.76 -5.51 -2.00
CA HIS A 172 -1.04 -5.87 -0.80
C HIS A 172 0.30 -5.14 -0.77
N THR A 173 0.90 -5.02 -1.95
CA THR A 173 2.18 -4.34 -2.08
C THR A 173 2.12 -2.95 -1.46
N THR A 174 1.10 -2.20 -1.86
CA THR A 174 0.92 -0.85 -1.36
C THR A 174 0.80 -0.87 0.17
N VAL A 175 -0.30 -1.43 0.64
CA VAL A 175 -0.54 -1.51 2.06
C VAL A 175 0.34 -2.61 2.67
N ASN A 176 1.32 -3.02 1.89
CA ASN A 176 2.25 -4.04 2.33
C ASN A 176 3.25 -3.45 3.32
N PHE A 177 3.94 -2.41 2.85
CA PHE A 177 4.94 -1.75 3.68
C PHE A 177 4.28 -1.10 4.89
N ILE A 178 3.28 -0.27 4.63
CA ILE A 178 2.56 0.41 5.69
C ILE A 178 2.13 -0.62 6.75
N ASN A 179 1.49 -1.67 6.27
CA ASN A 179 1.03 -2.73 7.16
C ASN A 179 2.21 -3.29 7.95
N GLN A 180 3.33 -3.44 7.24
CA GLN A 180 4.54 -3.96 7.86
C GLN A 180 5.43 -2.81 8.36
N ASN A 181 4.94 -1.60 8.16
CA ASN A 181 5.66 -0.42 8.59
C ASN A 181 5.11 0.05 9.93
N LEU A 182 5.17 1.36 10.13
CA LEU A 182 4.68 1.96 11.36
C LEU A 182 3.24 2.45 11.15
N PHE A 183 2.43 1.57 10.59
CA PHE A 183 1.03 1.91 10.33
C PHE A 183 0.85 3.42 10.19
N SER A 184 0.84 3.87 8.95
CA SER A 184 0.67 5.28 8.66
C SER A 184 1.87 6.06 9.20
N TYR A 185 2.86 6.22 8.34
CA TYR A 185 4.07 6.94 8.72
C TYR A 185 3.72 8.21 9.51
N VAL A 186 2.89 9.05 8.91
CA VAL A 186 2.48 10.28 9.55
C VAL A 186 2.05 9.98 10.99
N ARG A 187 1.39 8.85 11.15
CA ARG A 187 0.92 8.44 12.47
C ARG A 187 2.07 8.42 13.47
N ASN A 188 3.19 7.87 13.02
CA ASN A 188 4.37 7.79 13.87
C ASN A 188 4.87 9.20 14.18
N LEU A 189 4.89 10.02 13.15
CA LEU A 189 5.33 11.40 13.30
C LEU A 189 4.50 12.08 14.38
N VAL A 190 3.19 12.01 14.22
CA VAL A 190 2.29 12.62 15.17
C VAL A 190 2.48 11.98 16.55
N ARG A 191 2.61 10.66 16.53
CA ARG A 191 2.82 9.91 17.75
C ARG A 191 4.02 10.45 18.52
N ASN A 192 5.10 10.66 17.78
CA ASN A 192 6.33 11.17 18.37
C ASN A 192 6.04 12.51 19.04
N GLU A 193 5.36 13.38 18.29
CA GLU A 193 5.02 14.69 18.80
C GLU A 193 3.89 14.60 19.83
N MET A 194 3.93 15.48 20.80
CA MET A 194 2.93 15.51 21.85
C MET A 194 3.05 14.28 22.76
N ASP A 195 2.85 14.51 24.05
CA ASP A 195 2.93 13.44 25.02
C ASP A 195 1.56 13.23 25.67
N MET A 1 -26.25 18.72 0.43
CA MET A 1 -25.93 17.50 -0.31
C MET A 1 -24.44 17.17 -0.21
N ASP A 2 -24.11 15.95 -0.60
CA ASP A 2 -22.73 15.50 -0.55
C ASP A 2 -22.64 14.08 -1.11
N SER A 3 -21.49 13.77 -1.69
CA SER A 3 -21.27 12.45 -2.26
C SER A 3 -19.92 11.91 -1.81
N GLU A 4 -19.96 11.08 -0.78
CA GLU A 4 -18.74 10.48 -0.24
C GLU A 4 -18.93 8.97 -0.07
N VAL A 5 -17.85 8.24 -0.29
CA VAL A 5 -17.87 6.79 -0.16
C VAL A 5 -16.71 6.34 0.71
N SER A 6 -17.04 5.77 1.86
CA SER A 6 -16.04 5.30 2.79
C SER A 6 -16.69 4.43 3.87
N ASN A 7 -15.98 3.40 4.28
CA ASN A 7 -16.47 2.50 5.30
C ASN A 7 -15.38 1.48 5.65
N GLY A 8 -15.02 1.45 6.92
CA GLY A 8 -14.00 0.54 7.41
C GLY A 8 -14.21 0.21 8.88
N SER A 9 -13.22 -0.46 9.45
CA SER A 9 -13.28 -0.85 10.85
C SER A 9 -11.93 -0.57 11.53
N GLY A 10 -11.86 -0.96 12.79
CA GLY A 10 -10.65 -0.76 13.57
C GLY A 10 -10.43 -1.90 14.56
N LEU A 11 -9.32 -2.61 14.36
CA LEU A 11 -8.99 -3.72 15.22
C LEU A 11 -7.57 -4.21 14.90
N GLY A 12 -6.64 -3.87 15.78
CA GLY A 12 -5.26 -4.27 15.60
C GLY A 12 -4.31 -3.09 15.82
N ALA A 13 -3.88 -2.50 14.73
CA ALA A 13 -2.98 -1.36 14.80
C ALA A 13 -2.84 -0.73 13.40
N LYS A 14 -2.67 -1.60 12.42
CA LYS A 14 -2.52 -1.16 11.04
C LYS A 14 -3.79 -1.51 10.26
N HIS A 15 -4.90 -1.59 10.99
CA HIS A 15 -6.18 -1.92 10.38
C HIS A 15 -6.54 -0.85 9.34
N ILE A 16 -6.35 0.40 9.74
CA ILE A 16 -6.64 1.51 8.86
C ILE A 16 -5.91 1.32 7.52
N THR A 17 -4.75 0.70 7.62
CA THR A 17 -3.95 0.44 6.43
C THR A 17 -4.78 -0.27 5.37
N ASP A 18 -5.61 -1.20 5.83
CA ASP A 18 -6.47 -1.95 4.92
C ASP A 18 -7.21 -0.99 4.01
N LEU A 19 -7.72 0.08 4.62
CA LEU A 19 -8.45 1.08 3.86
C LEU A 19 -7.51 1.77 2.86
N LEU A 20 -6.25 1.84 3.25
CA LEU A 20 -5.24 2.46 2.41
C LEU A 20 -5.18 1.71 1.07
N VAL A 21 -5.09 0.40 1.16
CA VAL A 21 -5.03 -0.44 -0.02
C VAL A 21 -6.21 -0.13 -0.92
N PHE A 22 -7.40 -0.31 -0.36
CA PHE A 22 -8.63 -0.06 -1.10
C PHE A 22 -8.72 1.41 -1.53
N GLY A 23 -8.11 2.26 -0.72
CA GLY A 23 -8.12 3.69 -1.00
C GLY A 23 -7.14 4.03 -2.12
N PHE A 24 -6.03 3.31 -2.14
CA PHE A 24 -5.01 3.52 -3.15
C PHE A 24 -5.61 3.47 -4.56
N LEU A 25 -6.23 2.34 -4.86
CA LEU A 25 -6.84 2.15 -6.17
C LEU A 25 -7.90 3.24 -6.38
N GLN A 26 -8.64 3.51 -5.32
CA GLN A 26 -9.69 4.52 -5.38
C GLN A 26 -9.12 5.85 -5.88
N SER A 27 -7.88 6.09 -5.50
CA SER A 27 -7.20 7.32 -5.89
C SER A 27 -6.89 7.29 -7.39
N SER A 28 -5.65 6.95 -7.69
CA SER A 28 -5.21 6.87 -9.08
C SER A 28 -4.37 5.61 -9.30
N GLY A 29 -4.53 4.66 -8.38
CA GLY A 29 -3.80 3.42 -8.45
C GLY A 29 -4.06 2.70 -9.77
N CYS A 30 -4.96 1.73 -9.72
CA CYS A 30 -5.31 0.96 -10.91
C CYS A 30 -6.61 1.54 -11.48
N THR A 31 -7.71 0.92 -11.11
CA THR A 31 -9.02 1.36 -11.58
C THR A 31 -10.08 1.11 -10.50
N ARG A 32 -11.12 1.93 -10.56
CA ARG A 32 -12.21 1.83 -9.60
C ARG A 32 -12.57 0.35 -9.37
N GLN A 33 -12.83 -0.34 -10.47
CA GLN A 33 -13.18 -1.74 -10.40
C GLN A 33 -12.06 -2.54 -9.73
N GLU A 34 -10.85 -2.03 -9.87
CA GLU A 34 -9.69 -2.68 -9.28
C GLU A 34 -9.78 -2.65 -7.75
N LEU A 35 -9.89 -1.43 -7.23
CA LEU A 35 -9.99 -1.25 -5.79
C LEU A 35 -11.02 -2.22 -5.22
N GLU A 36 -12.03 -2.51 -6.03
CA GLU A 36 -13.08 -3.43 -5.62
C GLU A 36 -12.54 -4.86 -5.55
N VAL A 37 -11.83 -5.24 -6.60
CA VAL A 37 -11.25 -6.57 -6.67
C VAL A 37 -10.21 -6.73 -5.54
N LEU A 38 -9.22 -5.85 -5.56
CA LEU A 38 -8.18 -5.89 -4.56
C LEU A 38 -8.76 -5.52 -3.20
N GLY A 39 -9.65 -4.54 -3.21
CA GLY A 39 -10.29 -4.09 -1.99
C GLY A 39 -10.82 -5.27 -1.18
N ARG A 40 -11.63 -6.10 -1.84
CA ARG A 40 -12.20 -7.26 -1.20
C ARG A 40 -11.09 -8.16 -0.63
N GLU A 41 -10.51 -7.71 0.47
CA GLU A 41 -9.45 -8.45 1.11
C GLU A 41 -9.85 -8.84 2.54
N LEU A 42 -9.88 -10.15 2.78
CA LEU A 42 -10.26 -10.66 4.09
C LEU A 42 -8.98 -11.04 4.85
N PRO A 43 -8.65 -10.19 5.86
CA PRO A 43 -7.47 -10.43 6.68
C PRO A 43 -7.71 -11.56 7.67
N VAL A 44 -8.94 -11.63 8.16
CA VAL A 44 -9.32 -12.66 9.12
C VAL A 44 -8.11 -12.99 10.00
N GLN A 45 -8.07 -14.23 10.45
CA GLN A 45 -6.99 -14.68 11.31
C GLN A 45 -7.43 -15.88 12.15
N ALA A 46 -6.45 -16.57 12.70
CA ALA A 46 -6.73 -17.75 13.52
C ALA A 46 -5.57 -17.97 14.50
N TYR A 47 -5.83 -17.65 15.76
CA TYR A 47 -4.81 -17.79 16.79
C TYR A 47 -3.93 -19.02 16.51
N TRP A 48 -2.63 -18.82 16.66
CA TRP A 48 -1.68 -19.88 16.43
C TRP A 48 -0.32 -19.25 16.08
N GLU A 49 0.69 -19.67 16.80
CA GLU A 49 2.04 -19.15 16.58
C GLU A 49 3.08 -20.18 16.99
N ALA A 50 3.38 -21.09 16.08
CA ALA A 50 4.36 -22.13 16.33
C ALA A 50 5.49 -21.56 17.20
N ASP A 51 5.60 -22.10 18.41
CA ASP A 51 6.63 -21.65 19.33
C ASP A 51 7.98 -22.17 18.86
N LEU A 52 8.82 -21.24 18.44
CA LEU A 52 10.15 -21.59 17.97
C LEU A 52 10.67 -22.78 18.77
N GLU A 53 11.44 -23.62 18.08
CA GLU A 53 12.01 -24.80 18.72
C GLU A 53 13.18 -25.33 17.90
N ASP A 54 13.93 -26.23 18.50
CA ASP A 54 15.09 -26.83 17.84
C ASP A 54 14.66 -27.34 16.47
N GLU A 55 15.66 -27.63 15.64
CA GLU A 55 15.40 -28.13 14.30
C GLU A 55 14.86 -29.56 14.36
N LEU A 56 13.54 -29.66 14.33
CA LEU A 56 12.87 -30.94 14.38
C LEU A 56 13.01 -31.52 15.79
N GLN A 57 14.24 -31.87 16.14
CA GLN A 57 14.51 -32.43 17.45
C GLN A 57 14.06 -33.90 17.50
N THR A 58 12.77 -34.09 17.25
CA THR A 58 12.21 -35.43 17.27
C THR A 58 10.98 -35.51 16.36
N ASP A 59 10.77 -36.69 15.79
CA ASP A 59 9.64 -36.90 14.90
C ASP A 59 8.51 -37.57 15.68
N GLY A 60 7.42 -36.83 15.84
CA GLY A 60 6.26 -37.35 16.56
C GLY A 60 5.08 -37.57 15.61
N SER A 61 5.28 -38.48 14.67
CA SER A 61 4.25 -38.80 13.71
C SER A 61 4.06 -37.63 12.74
N GLN A 62 3.64 -36.50 13.30
CA GLN A 62 3.42 -35.31 12.50
C GLN A 62 3.03 -34.14 13.40
N ALA A 63 3.90 -33.13 13.42
CA ALA A 63 3.66 -31.95 14.23
C ALA A 63 4.63 -30.85 13.81
N SER A 64 4.35 -29.64 14.30
CA SER A 64 5.19 -28.50 13.97
C SER A 64 5.11 -28.19 12.48
N ARG A 65 4.68 -26.98 12.18
CA ARG A 65 4.55 -26.55 10.79
C ARG A 65 4.73 -25.04 10.70
N SER A 66 5.63 -24.64 9.81
CA SER A 66 5.91 -23.23 9.60
C SER A 66 4.62 -22.42 9.73
N PHE A 67 4.78 -21.18 10.18
CA PHE A 67 3.64 -20.30 10.34
C PHE A 67 4.01 -18.86 10.00
N ASN A 68 2.99 -18.01 9.95
CA ASN A 68 3.18 -16.60 9.63
C ASN A 68 3.42 -15.82 10.93
N GLN A 69 4.19 -14.75 10.80
CA GLN A 69 4.49 -13.91 11.95
C GLN A 69 4.87 -12.50 11.49
N GLY A 70 4.78 -11.56 12.42
CA GLY A 70 5.12 -10.18 12.12
C GLY A 70 4.25 -9.22 12.95
N ARG A 71 4.92 -8.42 13.76
CA ARG A 71 4.23 -7.46 14.60
C ARG A 71 5.11 -6.23 14.84
N ILE A 72 4.45 -5.10 15.04
CA ILE A 72 5.16 -3.85 15.29
C ILE A 72 4.16 -2.77 15.72
N GLU A 73 4.31 -2.34 16.95
CA GLU A 73 3.43 -1.32 17.50
C GLU A 73 4.19 -0.42 18.48
N PRO A 74 4.57 0.79 17.99
CA PRO A 74 5.31 1.73 18.81
C PRO A 74 4.39 2.40 19.83
N ASP A 75 3.39 3.12 19.30
CA ASP A 75 2.43 3.81 20.15
C ASP A 75 1.48 4.63 19.29
N SER A 76 2.07 5.52 18.50
CA SER A 76 1.29 6.37 17.62
C SER A 76 0.14 5.57 17.00
N GLU A 77 -1.07 6.07 17.23
CA GLU A 77 -2.25 5.41 16.71
C GLU A 77 -3.47 6.32 16.85
N SER A 78 -4.31 6.31 15.82
CA SER A 78 -5.50 7.12 15.81
C SER A 78 -6.40 6.74 14.63
N GLN A 79 -7.61 7.27 14.64
CA GLN A 79 -8.56 7.00 13.58
C GLN A 79 -9.36 8.26 13.24
N GLU A 80 -9.50 8.50 11.95
CA GLU A 80 -10.24 9.67 11.48
C GLU A 80 -10.69 9.45 10.03
N GLU A 81 -10.98 10.56 9.37
CA GLU A 81 -11.44 10.51 7.99
C GLU A 81 -10.34 11.04 7.06
N ILE A 82 -9.41 11.77 7.65
CA ILE A 82 -8.31 12.34 6.89
C ILE A 82 -7.33 11.22 6.51
N ILE A 83 -7.16 10.28 7.44
CA ILE A 83 -6.27 9.16 7.21
C ILE A 83 -6.61 8.50 5.88
N HIS A 84 -7.90 8.32 5.66
CA HIS A 84 -8.38 7.70 4.43
C HIS A 84 -7.99 8.56 3.24
N ASN A 85 -7.97 9.87 3.46
CA ASN A 85 -7.62 10.80 2.41
C ASN A 85 -6.20 10.49 1.91
N ILE A 86 -5.28 10.43 2.86
CA ILE A 86 -3.89 10.14 2.53
C ILE A 86 -3.79 8.75 1.90
N ALA A 87 -4.69 7.88 2.34
CA ALA A 87 -4.73 6.52 1.83
C ALA A 87 -4.81 6.55 0.30
N ARG A 88 -5.74 7.36 -0.19
CA ARG A 88 -5.93 7.49 -1.62
C ARG A 88 -4.69 8.10 -2.27
N HIS A 89 -4.24 9.20 -1.69
CA HIS A 89 -3.06 9.89 -2.19
C HIS A 89 -1.91 8.89 -2.37
N LEU A 90 -2.04 7.77 -1.66
CA LEU A 90 -1.02 6.73 -1.72
C LEU A 90 -0.77 6.34 -3.17
N ALA A 91 -1.80 5.74 -3.78
CA ALA A 91 -1.71 5.32 -5.16
C ALA A 91 -1.36 6.52 -6.04
N GLN A 92 -2.00 7.64 -5.73
CA GLN A 92 -1.77 8.87 -6.48
C GLN A 92 -0.28 9.19 -6.53
N ILE A 93 0.36 9.03 -5.38
CA ILE A 93 1.79 9.30 -5.27
C ILE A 93 2.56 8.24 -6.06
N GLY A 94 1.95 7.08 -6.17
CA GLY A 94 2.57 5.97 -6.89
C GLY A 94 2.82 6.34 -8.35
N ASP A 95 1.74 6.73 -9.02
CA ASP A 95 1.82 7.12 -10.43
C ASP A 95 2.64 8.41 -10.54
N GLU A 96 2.26 9.39 -9.73
CA GLU A 96 2.94 10.66 -9.74
C GLU A 96 4.43 10.47 -9.46
N MET A 97 4.72 9.57 -8.53
CA MET A 97 6.10 9.29 -8.16
C MET A 97 6.92 8.90 -9.39
N ASP A 98 6.38 7.96 -10.14
CA ASP A 98 7.06 7.49 -11.34
C ASP A 98 7.68 8.68 -12.08
N HIS A 99 7.06 9.83 -11.90
CA HIS A 99 7.54 11.05 -12.54
C HIS A 99 9.00 11.28 -12.15
N ASN A 100 9.27 11.15 -10.87
CA ASN A 100 10.63 11.34 -10.37
C ASN A 100 10.87 10.37 -9.21
N ILE A 101 11.31 9.16 -9.57
CA ILE A 101 11.59 8.15 -8.57
C ILE A 101 12.82 7.35 -8.99
N GLN A 102 13.93 7.67 -8.35
CA GLN A 102 15.19 6.99 -8.65
C GLN A 102 16.37 7.82 -8.12
N PRO A 103 16.24 8.25 -6.84
CA PRO A 103 17.28 9.04 -6.21
C PRO A 103 18.47 8.16 -5.82
N THR A 104 18.23 6.86 -5.82
CA THR A 104 19.27 5.91 -5.48
C THR A 104 18.90 4.51 -5.97
N LEU A 105 17.83 4.45 -6.75
CA LEU A 105 17.36 3.19 -7.30
C LEU A 105 16.19 2.68 -6.46
N VAL A 106 15.34 3.61 -6.06
CA VAL A 106 14.19 3.27 -5.25
C VAL A 106 13.33 2.25 -5.99
N ARG A 107 12.62 2.74 -7.01
CA ARG A 107 11.77 1.87 -7.81
C ARG A 107 12.50 0.57 -8.16
N GLN A 108 13.75 0.73 -8.58
CA GLN A 108 14.57 -0.41 -8.95
C GLN A 108 14.90 -1.25 -7.71
N LEU A 109 14.97 -0.56 -6.58
CA LEU A 109 15.29 -1.22 -5.32
C LEU A 109 14.15 -2.17 -4.96
N ALA A 110 13.04 -1.58 -4.55
CA ALA A 110 11.88 -2.37 -4.15
C ALA A 110 11.51 -3.31 -5.31
N ALA A 111 11.44 -2.74 -6.50
CA ALA A 111 11.09 -3.51 -7.68
C ALA A 111 12.17 -4.58 -7.91
N GLN A 112 13.31 -4.38 -7.26
CA GLN A 112 14.41 -5.31 -7.39
C GLN A 112 13.98 -6.71 -6.96
N PHE A 113 13.38 -6.77 -5.78
CA PHE A 113 12.91 -8.03 -5.24
C PHE A 113 11.76 -8.60 -6.08
N MET A 114 10.80 -7.74 -6.37
CA MET A 114 9.66 -8.13 -7.17
C MET A 114 10.08 -8.85 -8.45
N ASN A 115 9.66 -10.09 -8.56
CA ASN A 115 10.00 -10.89 -9.73
C ASN A 115 8.82 -11.83 -10.06
N GLY A 116 9.12 -12.82 -10.88
CA GLY A 116 8.10 -13.78 -11.27
C GLY A 116 6.73 -13.11 -11.41
N SER A 117 5.71 -13.81 -10.95
CA SER A 117 4.36 -13.30 -11.03
C SER A 117 3.49 -13.95 -9.93
N LEU A 118 3.73 -13.53 -8.70
CA LEU A 118 2.99 -14.05 -7.57
C LEU A 118 3.46 -15.48 -7.27
N SER A 119 4.45 -15.57 -6.40
CA SER A 119 5.00 -16.86 -6.02
C SER A 119 4.55 -17.23 -4.61
N GLU A 120 4.21 -18.50 -4.43
CA GLU A 120 3.77 -19.00 -3.14
C GLU A 120 2.47 -18.30 -2.73
N GLU A 121 1.72 -17.89 -3.75
CA GLU A 121 0.45 -17.22 -3.50
C GLU A 121 0.68 -15.93 -2.71
N ASP A 122 1.16 -14.91 -3.41
CA ASP A 122 1.43 -13.63 -2.79
C ASP A 122 2.70 -13.73 -1.95
N LYS A 123 3.75 -13.09 -2.43
CA LYS A 123 5.03 -13.09 -1.74
C LYS A 123 4.88 -12.36 -0.40
N ARG A 124 4.52 -11.09 -0.51
CA ARG A 124 4.34 -10.27 0.67
C ARG A 124 5.69 -9.94 1.31
N ASN A 125 6.48 -11.00 1.51
CA ASN A 125 7.79 -10.84 2.10
C ASN A 125 8.70 -10.07 1.13
N CYS A 126 8.54 -10.38 -0.14
CA CYS A 126 9.33 -9.72 -1.17
C CYS A 126 9.19 -8.21 -1.00
N LEU A 127 7.95 -7.75 -1.01
CA LEU A 127 7.67 -6.34 -0.85
C LEU A 127 8.34 -5.83 0.42
N ALA A 128 7.89 -6.37 1.55
CA ALA A 128 8.44 -5.98 2.84
C ALA A 128 9.97 -6.05 2.78
N LYS A 129 10.45 -7.02 2.02
CA LYS A 129 11.89 -7.20 1.87
C LYS A 129 12.52 -5.92 1.32
N ALA A 130 11.72 -5.19 0.55
CA ALA A 130 12.18 -3.95 -0.05
C ALA A 130 12.27 -2.88 1.04
N LEU A 131 11.27 -2.88 1.91
CA LEU A 131 11.23 -1.91 3.00
C LEU A 131 12.63 -1.79 3.62
N ASP A 132 13.21 -2.94 3.94
CA ASP A 132 14.53 -2.97 4.53
C ASP A 132 15.57 -2.55 3.48
N GLU A 133 15.38 -3.06 2.27
CA GLU A 133 16.28 -2.75 1.18
C GLU A 133 16.34 -1.23 0.96
N VAL A 134 15.19 -0.67 0.63
CA VAL A 134 15.09 0.76 0.39
C VAL A 134 15.59 1.51 1.63
N LYS A 135 15.34 0.92 2.78
CA LYS A 135 15.76 1.53 4.04
C LYS A 135 17.23 1.22 4.28
N THR A 136 17.83 0.55 3.31
CA THR A 136 19.24 0.19 3.41
C THR A 136 20.03 0.85 2.28
N ALA A 137 19.31 1.31 1.28
CA ALA A 137 19.93 1.97 0.14
C ALA A 137 19.72 3.48 0.25
N PHE A 138 18.46 3.85 0.41
CA PHE A 138 18.11 5.26 0.53
C PHE A 138 17.32 5.52 1.81
N PRO A 139 17.99 5.26 2.96
CA PRO A 139 17.36 5.47 4.26
C PRO A 139 17.28 6.95 4.60
N ARG A 140 16.37 7.27 5.51
CA ARG A 140 16.18 8.65 5.93
C ARG A 140 14.83 8.81 6.64
N ASP A 141 14.46 10.06 6.84
CA ASP A 141 13.19 10.37 7.50
C ASP A 141 12.06 10.35 6.47
N MET A 142 11.62 11.55 6.12
CA MET A 142 10.54 11.69 5.15
C MET A 142 10.99 11.22 3.77
N GLU A 143 12.28 11.41 3.50
CA GLU A 143 12.84 11.01 2.23
C GLU A 143 12.78 9.49 2.07
N ASN A 144 13.48 8.81 2.96
CA ASN A 144 13.51 7.36 2.93
C ASN A 144 12.12 6.81 3.26
N ASP A 145 11.61 7.22 4.42
CA ASP A 145 10.30 6.79 4.86
C ASP A 145 9.35 6.72 3.65
N LYS A 146 9.26 7.85 2.96
CA LYS A 146 8.41 7.95 1.80
C LYS A 146 8.95 7.02 0.69
N ALA A 147 10.26 6.89 0.68
CA ALA A 147 10.93 6.06 -0.31
C ALA A 147 10.45 4.61 -0.14
N MET A 148 10.45 4.16 1.10
CA MET A 148 10.02 2.81 1.41
C MET A 148 8.59 2.56 0.94
N LEU A 149 7.73 3.53 1.25
CA LEU A 149 6.33 3.44 0.87
C LEU A 149 6.22 3.31 -0.65
N ILE A 150 6.86 4.24 -1.34
CA ILE A 150 6.85 4.25 -2.79
C ILE A 150 7.26 2.86 -3.30
N MET A 151 8.01 2.16 -2.46
CA MET A 151 8.48 0.84 -2.82
C MET A 151 7.31 -0.09 -3.19
N THR A 152 6.38 -0.21 -2.26
CA THR A 152 5.21 -1.04 -2.49
C THR A 152 4.40 -0.53 -3.67
N MET A 153 4.18 0.78 -3.68
CA MET A 153 3.43 1.40 -4.75
C MET A 153 4.10 1.16 -6.11
N LEU A 154 5.42 1.01 -6.06
CA LEU A 154 6.19 0.77 -7.26
C LEU A 154 5.69 -0.49 -7.95
N LEU A 155 5.61 -1.56 -7.17
CA LEU A 155 5.14 -2.83 -7.70
C LEU A 155 3.81 -2.63 -8.42
N ALA A 156 2.83 -2.14 -7.66
CA ALA A 156 1.51 -1.90 -8.22
C ALA A 156 1.64 -0.98 -9.44
N LYS A 157 2.24 0.17 -9.22
CA LYS A 157 2.43 1.14 -10.28
C LYS A 157 2.97 0.42 -11.52
N LYS A 158 3.95 -0.44 -11.29
CA LYS A 158 4.56 -1.19 -12.37
C LYS A 158 3.69 -2.40 -12.71
N VAL A 159 3.22 -3.06 -11.67
CA VAL A 159 2.36 -4.23 -11.84
C VAL A 159 0.99 -3.78 -12.32
N ALA A 160 -0.04 -4.23 -11.61
CA ALA A 160 -1.40 -3.87 -11.95
C ALA A 160 -1.42 -2.54 -12.67
N SER A 161 -0.97 -1.51 -11.96
CA SER A 161 -0.92 -0.17 -12.52
C SER A 161 -0.21 -0.19 -13.87
N HIS A 162 0.43 -1.32 -14.15
CA HIS A 162 1.14 -1.48 -15.41
C HIS A 162 1.16 -2.96 -15.80
N ALA A 163 1.58 -3.78 -14.85
CA ALA A 163 1.65 -5.21 -15.09
C ALA A 163 0.52 -5.91 -14.34
N PRO A 164 -0.55 -6.26 -15.10
CA PRO A 164 -1.71 -6.92 -14.52
C PRO A 164 -1.40 -8.39 -14.21
N SER A 165 -0.24 -8.61 -13.60
CA SER A 165 0.18 -9.95 -13.24
C SER A 165 -0.16 -10.23 -11.78
N LEU A 166 -0.46 -9.17 -11.05
CA LEU A 166 -0.80 -9.29 -9.64
C LEU A 166 -1.87 -8.26 -9.29
N LEU A 167 -3.03 -8.77 -8.90
CA LEU A 167 -4.13 -7.90 -8.53
C LEU A 167 -4.13 -7.69 -7.02
N ARG A 168 -4.69 -8.66 -6.32
CA ARG A 168 -4.76 -8.60 -4.87
C ARG A 168 -3.37 -8.36 -4.28
N ASP A 169 -2.39 -9.03 -4.86
CA ASP A 169 -1.01 -8.90 -4.40
C ASP A 169 -0.58 -7.44 -4.55
N VAL A 170 -0.92 -6.86 -5.69
CA VAL A 170 -0.56 -5.49 -5.97
C VAL A 170 -1.03 -4.60 -4.81
N PHE A 171 -2.33 -4.64 -4.57
CA PHE A 171 -2.92 -3.85 -3.50
C PHE A 171 -2.19 -4.09 -2.18
N HIS A 172 -2.08 -5.36 -1.82
CA HIS A 172 -1.40 -5.74 -0.58
C HIS A 172 -0.03 -5.06 -0.53
N THR A 173 0.60 -4.97 -1.69
CA THR A 173 1.91 -4.36 -1.79
C THR A 173 1.91 -2.98 -1.12
N THR A 174 1.02 -2.13 -1.61
CA THR A 174 0.91 -0.78 -1.07
C THR A 174 0.72 -0.83 0.45
N VAL A 175 -0.43 -1.37 0.86
CA VAL A 175 -0.73 -1.49 2.28
C VAL A 175 0.20 -2.51 2.92
N ASN A 176 1.11 -3.03 2.10
CA ASN A 176 2.07 -4.01 2.58
C ASN A 176 3.22 -3.29 3.30
N PHE A 177 3.88 -2.42 2.56
CA PHE A 177 4.99 -1.66 3.11
C PHE A 177 4.55 -0.85 4.34
N ILE A 178 3.41 -0.19 4.19
CA ILE A 178 2.87 0.61 5.28
C ILE A 178 2.77 -0.24 6.54
N ASN A 179 2.04 -1.35 6.42
CA ASN A 179 1.86 -2.25 7.53
C ASN A 179 3.23 -2.78 7.99
N GLN A 180 4.10 -2.99 7.01
CA GLN A 180 5.43 -3.50 7.30
C GLN A 180 6.35 -2.35 7.73
N ASN A 181 5.87 -1.13 7.51
CA ASN A 181 6.62 0.05 7.87
C ASN A 181 6.05 0.65 9.16
N LEU A 182 6.20 1.96 9.29
CA LEU A 182 5.71 2.66 10.46
C LEU A 182 4.31 3.20 10.17
N PHE A 183 3.43 2.31 9.71
CA PHE A 183 2.07 2.68 9.39
C PHE A 183 1.97 4.19 9.14
N SER A 184 1.71 4.92 10.21
CA SER A 184 1.58 6.36 10.13
C SER A 184 2.95 7.00 9.82
N TYR A 185 3.05 7.52 8.61
CA TYR A 185 4.29 8.16 8.19
C TYR A 185 4.26 9.66 8.44
N VAL A 186 3.83 10.39 7.43
CA VAL A 186 3.73 11.84 7.53
C VAL A 186 2.92 12.21 8.77
N ARG A 187 1.79 11.54 8.93
CA ARG A 187 0.92 11.79 10.07
C ARG A 187 1.72 11.70 11.36
N ASN A 188 2.58 10.70 11.43
CA ASN A 188 3.42 10.50 12.61
C ASN A 188 4.25 11.74 12.86
N LEU A 189 4.95 12.18 11.80
CA LEU A 189 5.79 13.35 11.89
C LEU A 189 4.96 14.54 12.36
N VAL A 190 3.78 14.68 11.77
CA VAL A 190 2.89 15.76 12.11
C VAL A 190 2.50 15.65 13.59
N ARG A 191 2.23 14.42 14.00
CA ARG A 191 1.85 14.16 15.38
C ARG A 191 2.90 14.73 16.34
N ASN A 192 4.14 14.31 16.12
CA ASN A 192 5.23 14.77 16.96
C ASN A 192 5.41 16.28 16.77
N GLU A 193 5.33 16.70 15.52
CA GLU A 193 5.48 18.11 15.19
C GLU A 193 4.23 18.63 14.50
N MET A 194 3.39 19.29 15.28
CA MET A 194 2.15 19.85 14.75
C MET A 194 2.44 21.00 13.78
N ASP A 195 2.69 20.62 12.54
CA ASP A 195 2.98 21.60 11.50
C ASP A 195 2.04 22.79 11.66
N MET A 1 -25.65 16.93 -0.10
CA MET A 1 -24.34 16.30 0.05
C MET A 1 -24.47 14.89 0.62
N ASP A 2 -23.44 14.09 0.35
CA ASP A 2 -23.43 12.71 0.83
C ASP A 2 -21.98 12.27 1.02
N SER A 3 -21.24 12.27 -0.08
CA SER A 3 -19.84 11.88 -0.04
C SER A 3 -19.74 10.38 0.23
N GLU A 4 -18.52 9.87 0.11
CA GLU A 4 -18.27 8.46 0.34
C GLU A 4 -16.77 8.20 0.54
N VAL A 5 -16.34 8.34 1.79
CA VAL A 5 -14.94 8.13 2.11
C VAL A 5 -14.78 8.13 3.64
N SER A 6 -15.62 7.34 4.29
CA SER A 6 -15.59 7.24 5.74
C SER A 6 -16.38 6.02 6.20
N ASN A 7 -15.70 5.17 6.95
CA ASN A 7 -16.34 3.96 7.46
C ASN A 7 -15.69 3.57 8.78
N GLY A 8 -16.43 3.81 9.86
CA GLY A 8 -15.94 3.50 11.19
C GLY A 8 -15.17 2.17 11.19
N SER A 9 -13.86 2.28 11.38
CA SER A 9 -13.00 1.11 11.40
C SER A 9 -11.96 1.25 12.50
N GLY A 10 -11.87 0.22 13.33
CA GLY A 10 -10.92 0.21 14.43
C GLY A 10 -10.70 -1.19 14.97
N LEU A 11 -10.74 -2.15 14.05
CA LEU A 11 -10.55 -3.55 14.42
C LEU A 11 -9.27 -4.07 13.77
N GLY A 12 -9.03 -5.36 13.97
CA GLY A 12 -7.85 -5.99 13.42
C GLY A 12 -6.57 -5.36 13.98
N ALA A 13 -6.09 -4.35 13.27
CA ALA A 13 -4.88 -3.66 13.70
C ALA A 13 -4.51 -2.61 12.64
N LYS A 14 -4.20 -3.11 11.45
CA LYS A 14 -3.82 -2.23 10.35
C LYS A 14 -5.03 -2.02 9.44
N HIS A 15 -6.15 -1.65 10.07
CA HIS A 15 -7.37 -1.42 9.33
C HIS A 15 -7.17 -0.25 8.36
N ILE A 16 -6.64 0.84 8.90
CA ILE A 16 -6.39 2.03 8.10
C ILE A 16 -5.52 1.65 6.89
N THR A 17 -4.62 0.71 7.12
CA THR A 17 -3.72 0.26 6.07
C THR A 17 -4.53 -0.23 4.86
N ASP A 18 -5.31 -1.28 5.10
CA ASP A 18 -6.13 -1.85 4.04
C ASP A 18 -6.84 -0.72 3.30
N LEU A 19 -7.21 0.31 4.04
CA LEU A 19 -7.91 1.45 3.47
C LEU A 19 -6.98 2.14 2.45
N LEU A 20 -5.69 2.08 2.75
CA LEU A 20 -4.69 2.69 1.88
C LEU A 20 -4.72 2.00 0.52
N VAL A 21 -4.40 0.71 0.54
CA VAL A 21 -4.38 -0.08 -0.68
C VAL A 21 -5.75 0.00 -1.36
N PHE A 22 -6.78 -0.38 -0.61
CA PHE A 22 -8.14 -0.36 -1.11
C PHE A 22 -8.52 1.04 -1.58
N GLY A 23 -8.10 2.02 -0.81
CA GLY A 23 -8.39 3.41 -1.14
C GLY A 23 -7.51 3.90 -2.28
N PHE A 24 -6.30 3.37 -2.33
CA PHE A 24 -5.36 3.74 -3.37
C PHE A 24 -5.94 3.49 -4.76
N LEU A 25 -6.38 2.25 -4.96
CA LEU A 25 -6.96 1.86 -6.24
C LEU A 25 -8.14 2.79 -6.57
N GLN A 26 -8.95 3.04 -5.54
CA GLN A 26 -10.10 3.91 -5.71
C GLN A 26 -9.65 5.32 -6.12
N SER A 27 -8.49 5.70 -5.63
CA SER A 27 -7.93 7.01 -5.93
C SER A 27 -7.65 7.12 -7.43
N SER A 28 -6.45 6.72 -7.80
CA SER A 28 -6.04 6.77 -9.20
C SER A 28 -5.16 5.57 -9.53
N GLY A 29 -5.41 4.48 -8.82
CA GLY A 29 -4.65 3.26 -9.02
C GLY A 29 -5.14 2.50 -10.27
N CYS A 30 -5.24 1.19 -10.12
CA CYS A 30 -5.70 0.35 -11.21
C CYS A 30 -7.05 0.87 -11.69
N THR A 31 -8.11 0.24 -11.20
CA THR A 31 -9.46 0.62 -11.56
C THR A 31 -10.40 0.49 -10.37
N ARG A 32 -11.45 1.30 -10.37
CA ARG A 32 -12.42 1.28 -9.30
C ARG A 32 -12.74 -0.17 -8.89
N GLN A 33 -13.21 -0.93 -9.86
CA GLN A 33 -13.56 -2.32 -9.62
C GLN A 33 -12.37 -3.07 -9.00
N GLU A 34 -11.19 -2.55 -9.29
CA GLU A 34 -9.97 -3.15 -8.77
C GLU A 34 -9.89 -2.96 -7.25
N LEU A 35 -10.04 -1.72 -6.84
CA LEU A 35 -9.98 -1.40 -5.42
C LEU A 35 -10.82 -2.42 -4.64
N GLU A 36 -11.99 -2.72 -5.19
CA GLU A 36 -12.88 -3.67 -4.55
C GLU A 36 -12.42 -5.10 -4.84
N VAL A 37 -11.83 -5.27 -6.01
CA VAL A 37 -11.35 -6.57 -6.42
C VAL A 37 -10.27 -7.05 -5.43
N LEU A 38 -9.22 -6.25 -5.33
CA LEU A 38 -8.12 -6.57 -4.43
C LEU A 38 -8.49 -6.13 -3.01
N GLY A 39 -9.13 -4.98 -2.93
CA GLY A 39 -9.53 -4.44 -1.64
C GLY A 39 -10.27 -5.49 -0.81
N ARG A 40 -11.28 -6.09 -1.42
CA ARG A 40 -12.06 -7.10 -0.75
C ARG A 40 -11.15 -8.22 -0.24
N GLU A 41 -10.73 -8.08 1.01
CA GLU A 41 -9.86 -9.06 1.63
C GLU A 41 -10.26 -9.26 3.11
N LEU A 42 -10.19 -10.52 3.53
CA LEU A 42 -10.53 -10.86 4.90
C LEU A 42 -9.25 -11.00 5.72
N PRO A 43 -9.27 -10.37 6.92
CA PRO A 43 -8.12 -10.41 7.81
C PRO A 43 -8.01 -11.78 8.50
N VAL A 44 -7.37 -12.71 7.79
CA VAL A 44 -7.20 -14.05 8.32
C VAL A 44 -6.86 -13.98 9.81
N GLN A 45 -5.95 -13.08 10.14
CA GLN A 45 -5.54 -12.90 11.51
C GLN A 45 -4.75 -14.12 12.00
N ALA A 46 -4.44 -14.11 13.28
CA ALA A 46 -3.69 -15.20 13.89
C ALA A 46 -2.38 -15.39 13.12
N TYR A 47 -1.53 -14.37 13.20
CA TYR A 47 -0.25 -14.42 12.52
C TYR A 47 0.30 -15.85 12.47
N TRP A 48 0.84 -16.20 11.31
CA TRP A 48 1.39 -17.53 11.11
C TRP A 48 2.02 -17.97 12.44
N GLU A 49 1.89 -19.27 12.70
CA GLU A 49 2.44 -19.84 13.93
C GLU A 49 3.67 -20.67 13.61
N ALA A 50 4.82 -20.15 14.03
CA ALA A 50 6.08 -20.85 13.79
C ALA A 50 5.86 -22.35 13.94
N ASP A 51 6.71 -23.11 13.25
CA ASP A 51 6.62 -24.55 13.30
C ASP A 51 8.02 -25.15 13.05
N LEU A 52 8.63 -24.68 11.98
CA LEU A 52 9.96 -25.16 11.62
C LEU A 52 10.76 -25.45 12.90
N GLU A 53 11.52 -26.53 12.84
CA GLU A 53 12.33 -26.93 13.97
C GLU A 53 13.21 -28.14 13.60
N ASP A 54 14.46 -28.07 14.04
CA ASP A 54 15.40 -29.14 13.77
C ASP A 54 16.44 -29.19 14.89
N GLU A 55 16.94 -30.40 15.14
CA GLU A 55 17.93 -30.60 16.17
C GLU A 55 18.59 -31.97 16.02
N LEU A 56 19.75 -31.96 15.36
CA LEU A 56 20.48 -33.19 15.14
C LEU A 56 21.96 -32.97 15.48
N GLN A 57 22.60 -34.04 15.94
CA GLN A 57 24.01 -33.97 16.29
C GLN A 57 24.80 -35.02 15.52
N THR A 58 24.88 -34.81 14.21
CA THR A 58 25.62 -35.73 13.36
C THR A 58 26.14 -35.00 12.12
N ASP A 59 27.32 -35.41 11.69
CA ASP A 59 27.94 -34.80 10.52
C ASP A 59 28.13 -33.31 10.77
N GLY A 60 28.58 -32.62 9.72
CA GLY A 60 28.80 -31.19 9.81
C GLY A 60 27.50 -30.45 10.13
N SER A 61 27.60 -29.50 11.05
CA SER A 61 26.44 -28.71 11.45
C SER A 61 26.82 -27.74 12.56
N GLN A 62 27.50 -28.28 13.57
CA GLN A 62 27.93 -27.48 14.70
C GLN A 62 28.74 -26.27 14.22
N ALA A 63 29.25 -25.51 15.17
CA ALA A 63 30.04 -24.34 14.86
C ALA A 63 29.25 -23.44 13.90
N SER A 64 29.93 -22.41 13.41
CA SER A 64 29.31 -21.47 12.49
C SER A 64 28.10 -20.80 13.15
N ARG A 65 28.30 -19.55 13.55
CA ARG A 65 27.25 -18.80 14.20
C ARG A 65 26.57 -17.86 13.20
N SER A 66 25.50 -17.24 13.65
CA SER A 66 24.76 -16.32 12.80
C SER A 66 23.32 -16.17 13.31
N PHE A 67 22.93 -14.94 13.55
CA PHE A 67 21.60 -14.65 14.04
C PHE A 67 21.18 -13.22 13.72
N ASN A 68 19.92 -12.92 13.99
CA ASN A 68 19.39 -11.58 13.73
C ASN A 68 18.73 -11.05 15.00
N GLN A 69 18.60 -9.73 15.05
CA GLN A 69 18.00 -9.08 16.19
C GLN A 69 16.62 -8.53 15.83
N GLY A 70 16.64 -7.40 15.13
CA GLY A 70 15.41 -6.76 14.71
C GLY A 70 15.09 -5.55 15.59
N ARG A 71 14.13 -4.76 15.14
CA ARG A 71 13.71 -3.58 15.88
C ARG A 71 12.23 -3.29 15.64
N ILE A 72 11.45 -3.54 16.68
CA ILE A 72 10.02 -3.31 16.60
C ILE A 72 9.70 -1.88 17.05
N GLU A 73 8.45 -1.49 16.85
CA GLU A 73 8.01 -0.17 17.22
C GLU A 73 6.67 -0.23 17.94
N PRO A 74 6.56 0.56 19.05
CA PRO A 74 5.34 0.60 19.83
C PRO A 74 4.25 1.40 19.11
N ASP A 75 3.12 1.53 19.79
CA ASP A 75 1.99 2.26 19.24
C ASP A 75 2.39 3.73 19.04
N SER A 76 1.42 4.52 18.64
CA SER A 76 1.64 5.94 18.42
C SER A 76 0.43 6.74 18.89
N GLU A 77 -0.73 6.35 18.38
CA GLU A 77 -1.97 7.02 18.73
C GLU A 77 -3.14 6.42 17.95
N SER A 78 -2.90 6.18 16.67
CA SER A 78 -3.92 5.61 15.80
C SER A 78 -5.04 6.62 15.59
N GLN A 79 -5.43 6.77 14.34
CA GLN A 79 -6.50 7.70 13.99
C GLN A 79 -6.71 7.73 12.48
N GLU A 80 -7.67 8.54 12.06
CA GLU A 80 -7.97 8.67 10.64
C GLU A 80 -8.30 10.13 10.30
N GLU A 81 -9.28 10.29 9.42
CA GLU A 81 -9.70 11.61 9.00
C GLU A 81 -8.87 12.07 7.80
N ILE A 82 -7.59 12.27 8.04
CA ILE A 82 -6.69 12.71 6.99
C ILE A 82 -5.95 11.51 6.41
N ILE A 83 -5.76 10.51 7.28
CA ILE A 83 -5.06 9.30 6.87
C ILE A 83 -5.72 8.74 5.61
N HIS A 84 -7.04 8.79 5.60
CA HIS A 84 -7.79 8.28 4.46
C HIS A 84 -7.43 9.10 3.21
N ASN A 85 -7.35 10.41 3.40
CA ASN A 85 -7.02 11.30 2.30
C ASN A 85 -5.65 10.91 1.73
N ILE A 86 -4.68 10.77 2.63
CA ILE A 86 -3.34 10.40 2.23
C ILE A 86 -3.36 9.01 1.61
N ALA A 87 -4.31 8.21 2.05
CA ALA A 87 -4.45 6.85 1.53
C ALA A 87 -4.64 6.91 0.01
N ARG A 88 -5.66 7.64 -0.40
CA ARG A 88 -5.96 7.78 -1.81
C ARG A 88 -4.80 8.49 -2.53
N HIS A 89 -4.21 9.44 -1.83
CA HIS A 89 -3.09 10.19 -2.39
C HIS A 89 -1.94 9.24 -2.70
N LEU A 90 -1.95 8.09 -2.04
CA LEU A 90 -0.92 7.10 -2.24
C LEU A 90 -0.89 6.68 -3.71
N ALA A 91 -2.02 6.15 -4.17
CA ALA A 91 -2.14 5.72 -5.55
C ALA A 91 -1.77 6.88 -6.48
N GLN A 92 -2.47 7.99 -6.28
CA GLN A 92 -2.23 9.17 -7.10
C GLN A 92 -0.74 9.53 -7.09
N ILE A 93 -0.09 9.22 -5.97
CA ILE A 93 1.32 9.50 -5.83
C ILE A 93 2.12 8.58 -6.75
N GLY A 94 1.64 7.36 -6.87
CA GLY A 94 2.29 6.37 -7.72
C GLY A 94 2.35 6.86 -9.16
N ASP A 95 1.20 7.27 -9.68
CA ASP A 95 1.11 7.75 -11.04
C ASP A 95 2.13 8.88 -11.25
N GLU A 96 2.05 9.86 -10.36
CA GLU A 96 2.95 11.00 -10.43
C GLU A 96 4.39 10.55 -10.18
N MET A 97 4.52 9.57 -9.30
CA MET A 97 5.83 9.05 -8.95
C MET A 97 6.67 8.78 -10.21
N ASP A 98 6.05 8.06 -11.14
CA ASP A 98 6.73 7.73 -12.39
C ASP A 98 7.51 8.94 -12.88
N HIS A 99 7.01 10.13 -12.51
CA HIS A 99 7.65 11.36 -12.89
C HIS A 99 9.13 11.33 -12.50
N ASN A 100 9.38 10.84 -11.30
CA ASN A 100 10.74 10.75 -10.79
C ASN A 100 10.87 9.49 -9.93
N ILE A 101 11.18 8.39 -10.59
CA ILE A 101 11.34 7.12 -9.90
C ILE A 101 12.72 6.54 -10.23
N GLN A 102 13.71 7.02 -9.48
CA GLN A 102 15.08 6.55 -9.68
C GLN A 102 16.07 7.63 -9.24
N PRO A 103 15.86 8.12 -7.98
CA PRO A 103 16.72 9.15 -7.43
C PRO A 103 18.08 8.56 -7.02
N THR A 104 18.30 7.32 -7.43
CA THR A 104 19.55 6.64 -7.11
C THR A 104 19.36 5.12 -7.23
N LEU A 105 18.18 4.73 -7.65
CA LEU A 105 17.86 3.31 -7.80
C LEU A 105 16.93 2.88 -6.67
N VAL A 106 16.17 3.84 -6.16
CA VAL A 106 15.25 3.56 -5.08
C VAL A 106 14.17 2.58 -5.57
N ARG A 107 13.42 3.03 -6.56
CA ARG A 107 12.37 2.20 -7.12
C ARG A 107 12.93 0.84 -7.54
N GLN A 108 14.10 0.89 -8.15
CA GLN A 108 14.75 -0.34 -8.60
C GLN A 108 15.05 -1.24 -7.41
N LEU A 109 15.27 -0.63 -6.26
CA LEU A 109 15.57 -1.37 -5.05
C LEU A 109 14.39 -2.26 -4.70
N ALA A 110 13.33 -1.63 -4.21
CA ALA A 110 12.13 -2.36 -3.84
C ALA A 110 11.64 -3.17 -5.03
N ALA A 111 11.58 -2.51 -6.18
CA ALA A 111 11.13 -3.17 -7.40
C ALA A 111 12.08 -4.32 -7.73
N GLN A 112 13.23 -4.31 -7.06
CA GLN A 112 14.24 -5.34 -7.29
C GLN A 112 13.67 -6.71 -6.91
N PHE A 113 13.05 -6.76 -5.74
CA PHE A 113 12.48 -8.00 -5.25
C PHE A 113 11.30 -8.44 -6.13
N MET A 114 10.48 -7.46 -6.49
CA MET A 114 9.32 -7.73 -7.33
C MET A 114 9.72 -8.54 -8.57
N ASN A 115 9.80 -9.85 -8.37
CA ASN A 115 10.17 -10.74 -9.46
C ASN A 115 9.35 -12.03 -9.37
N GLY A 116 8.08 -11.85 -9.03
CA GLY A 116 7.17 -12.98 -8.90
C GLY A 116 5.82 -12.69 -9.55
N SER A 117 4.84 -13.51 -9.20
CA SER A 117 3.50 -13.35 -9.74
C SER A 117 2.48 -13.99 -8.80
N LEU A 118 2.81 -13.98 -7.51
CA LEU A 118 1.94 -14.55 -6.50
C LEU A 118 2.22 -16.04 -6.37
N SER A 119 3.00 -16.38 -5.35
CA SER A 119 3.36 -17.77 -5.11
C SER A 119 3.41 -18.03 -3.60
N GLU A 120 2.79 -19.14 -3.20
CA GLU A 120 2.76 -19.51 -1.80
C GLU A 120 1.59 -18.84 -1.10
N GLU A 121 1.28 -17.63 -1.54
CA GLU A 121 0.19 -16.88 -0.96
C GLU A 121 0.40 -15.37 -1.18
N ASP A 122 0.33 -14.98 -2.44
CA ASP A 122 0.52 -13.58 -2.80
C ASP A 122 1.85 -13.09 -2.24
N LYS A 123 2.92 -13.45 -2.94
CA LYS A 123 4.25 -13.05 -2.53
C LYS A 123 4.20 -11.65 -1.92
N ARG A 124 4.22 -11.61 -0.60
CA ARG A 124 4.18 -10.35 0.12
C ARG A 124 5.50 -10.11 0.86
N ASN A 125 6.27 -11.18 0.98
CA ASN A 125 7.55 -11.10 1.67
C ASN A 125 8.52 -10.25 0.84
N CYS A 126 8.50 -10.51 -0.46
CA CYS A 126 9.37 -9.78 -1.37
C CYS A 126 9.15 -8.28 -1.15
N LEU A 127 7.90 -7.87 -1.27
CA LEU A 127 7.54 -6.47 -1.08
C LEU A 127 8.09 -5.98 0.26
N ALA A 128 7.50 -6.50 1.33
CA ALA A 128 7.92 -6.12 2.67
C ALA A 128 9.44 -6.19 2.76
N LYS A 129 10.00 -7.16 2.03
CA LYS A 129 11.44 -7.34 2.02
C LYS A 129 12.11 -6.08 1.46
N ALA A 130 11.35 -5.35 0.67
CA ALA A 130 11.85 -4.13 0.05
C ALA A 130 11.92 -3.02 1.12
N LEU A 131 10.90 -3.00 1.96
CA LEU A 131 10.82 -2.01 3.02
C LEU A 131 12.16 -1.97 3.77
N ASP A 132 12.65 -3.15 4.11
CA ASP A 132 13.91 -3.27 4.83
C ASP A 132 15.06 -2.90 3.88
N GLU A 133 14.94 -3.39 2.65
CA GLU A 133 15.96 -3.13 1.64
C GLU A 133 15.97 -1.63 1.28
N VAL A 134 14.82 -1.17 0.79
CA VAL A 134 14.70 0.22 0.39
C VAL A 134 15.22 1.12 1.52
N LYS A 135 14.99 0.67 2.75
CA LYS A 135 15.42 1.41 3.91
C LYS A 135 16.94 1.24 4.09
N THR A 136 17.34 -0.01 4.29
CA THR A 136 18.74 -0.31 4.47
C THR A 136 19.60 0.41 3.43
N ALA A 137 18.95 0.72 2.31
CA ALA A 137 19.63 1.41 1.22
C ALA A 137 19.34 2.90 1.32
N PHE A 138 18.09 3.22 1.58
CA PHE A 138 17.67 4.60 1.69
C PHE A 138 16.97 4.86 3.04
N PRO A 139 17.75 4.64 4.14
CA PRO A 139 17.22 4.84 5.48
C PRO A 139 17.11 6.32 5.80
N ARG A 140 16.11 6.65 6.61
CA ARG A 140 15.88 8.03 7.01
C ARG A 140 14.50 8.18 7.64
N ASP A 141 14.11 9.42 7.86
CA ASP A 141 12.82 9.72 8.45
C ASP A 141 11.77 9.83 7.34
N MET A 142 11.39 11.06 7.03
CA MET A 142 10.40 11.31 6.01
C MET A 142 10.93 10.90 4.62
N GLU A 143 12.24 11.05 4.47
CA GLU A 143 12.88 10.70 3.21
C GLU A 143 12.80 9.19 2.99
N ASN A 144 13.44 8.45 3.88
CA ASN A 144 13.45 7.00 3.79
C ASN A 144 12.04 6.46 3.99
N ASP A 145 11.48 6.78 5.14
CA ASP A 145 10.13 6.35 5.47
C ASP A 145 9.24 6.46 4.22
N LYS A 146 9.27 7.64 3.62
CA LYS A 146 8.47 7.90 2.44
C LYS A 146 9.04 7.09 1.27
N ALA A 147 10.34 6.84 1.35
CA ALA A 147 11.02 6.08 0.31
C ALA A 147 10.44 4.67 0.26
N MET A 148 10.52 4.00 1.40
CA MET A 148 10.00 2.64 1.50
C MET A 148 8.55 2.56 1.04
N LEU A 149 7.76 3.49 1.55
CA LEU A 149 6.34 3.54 1.21
C LEU A 149 6.20 3.62 -0.32
N ILE A 150 7.05 4.43 -0.92
CA ILE A 150 7.04 4.61 -2.36
C ILE A 150 7.19 3.24 -3.03
N MET A 151 7.91 2.36 -2.36
CA MET A 151 8.15 1.03 -2.88
C MET A 151 6.83 0.26 -3.05
N THR A 152 6.06 0.23 -1.98
CA THR A 152 4.78 -0.46 -2.00
C THR A 152 3.95 0.01 -3.20
N MET A 153 3.77 1.32 -3.27
CA MET A 153 3.00 1.91 -4.36
C MET A 153 3.71 1.73 -5.70
N LEU A 154 5.02 1.58 -5.62
CA LEU A 154 5.82 1.39 -6.82
C LEU A 154 5.30 0.17 -7.59
N LEU A 155 5.31 -0.96 -6.92
CA LEU A 155 4.84 -2.20 -7.53
C LEU A 155 3.48 -1.96 -8.19
N ALA A 156 2.61 -1.31 -7.43
CA ALA A 156 1.27 -1.01 -7.92
C ALA A 156 1.37 -0.05 -9.11
N LYS A 157 2.07 1.05 -8.88
CA LYS A 157 2.26 2.06 -9.91
C LYS A 157 2.61 1.36 -11.23
N LYS A 158 3.53 0.42 -11.13
CA LYS A 158 3.96 -0.33 -12.31
C LYS A 158 2.95 -1.43 -12.61
N VAL A 159 2.50 -2.09 -11.56
CA VAL A 159 1.52 -3.16 -11.70
C VAL A 159 0.17 -2.69 -11.17
N ALA A 160 -0.89 -3.22 -11.77
CA ALA A 160 -2.24 -2.86 -11.37
C ALA A 160 -2.81 -1.84 -12.36
N SER A 161 -2.06 -0.76 -12.54
CA SER A 161 -2.47 0.29 -13.46
C SER A 161 -1.47 0.42 -14.60
N HIS A 162 -0.33 -0.22 -14.42
CA HIS A 162 0.72 -0.18 -15.42
C HIS A 162 1.06 -1.61 -15.86
N ALA A 163 1.10 -2.50 -14.89
CA ALA A 163 1.40 -3.89 -15.15
C ALA A 163 0.35 -4.78 -14.49
N PRO A 164 -0.71 -5.09 -15.28
CA PRO A 164 -1.79 -5.93 -14.78
C PRO A 164 -1.36 -7.40 -14.72
N SER A 165 -0.22 -7.63 -14.08
CA SER A 165 0.31 -8.97 -13.93
C SER A 165 0.19 -9.44 -12.48
N LEU A 166 -0.26 -8.52 -11.63
CA LEU A 166 -0.44 -8.82 -10.22
C LEU A 166 -1.70 -8.13 -9.71
N LEU A 167 -2.54 -8.92 -9.07
CA LEU A 167 -3.79 -8.40 -8.52
C LEU A 167 -3.64 -8.19 -7.01
N ARG A 168 -4.06 -9.21 -6.27
CA ARG A 168 -3.98 -9.16 -4.82
C ARG A 168 -2.55 -8.80 -4.38
N ASP A 169 -1.59 -9.26 -5.17
CA ASP A 169 -0.19 -9.00 -4.87
C ASP A 169 0.07 -7.50 -5.00
N VAL A 170 -0.44 -6.92 -6.08
CA VAL A 170 -0.26 -5.50 -6.32
C VAL A 170 -0.80 -4.71 -5.13
N PHE A 171 -2.06 -4.94 -4.82
CA PHE A 171 -2.71 -4.26 -3.71
C PHE A 171 -2.06 -4.65 -2.38
N HIS A 172 -1.96 -5.96 -2.17
CA HIS A 172 -1.36 -6.47 -0.94
C HIS A 172 0.07 -5.96 -0.82
N THR A 173 0.66 -5.63 -1.97
CA THR A 173 2.02 -5.12 -1.99
C THR A 173 2.09 -3.73 -1.36
N THR A 174 1.12 -2.90 -1.74
CA THR A 174 1.06 -1.55 -1.22
C THR A 174 0.82 -1.57 0.30
N VAL A 175 -0.37 -2.02 0.67
CA VAL A 175 -0.73 -2.09 2.07
C VAL A 175 0.19 -3.08 2.78
N ASN A 176 1.19 -3.53 2.05
CA ASN A 176 2.16 -4.47 2.60
C ASN A 176 3.08 -3.75 3.58
N PHE A 177 3.75 -2.72 3.07
CA PHE A 177 4.66 -1.94 3.89
C PHE A 177 3.92 -1.27 5.05
N ILE A 178 2.80 -0.66 4.72
CA ILE A 178 1.99 0.01 5.73
C ILE A 178 1.50 -1.01 6.76
N ASN A 179 1.02 -2.13 6.25
CA ASN A 179 0.52 -3.19 7.10
C ASN A 179 1.62 -3.60 8.09
N GLN A 180 2.85 -3.64 7.57
CA GLN A 180 3.99 -4.00 8.40
C GLN A 180 3.99 -3.19 9.70
N ASN A 181 4.84 -2.17 9.71
CA ASN A 181 4.95 -1.31 10.88
C ASN A 181 4.70 0.14 10.46
N LEU A 182 4.49 0.32 9.16
CA LEU A 182 4.23 1.65 8.62
C LEU A 182 2.72 1.86 8.50
N PHE A 183 2.01 1.40 9.51
CA PHE A 183 0.56 1.52 9.53
C PHE A 183 0.11 2.81 8.83
N SER A 184 0.92 3.84 8.99
CA SER A 184 0.63 5.13 8.39
C SER A 184 1.74 6.13 8.70
N TYR A 185 2.73 6.17 7.82
CA TYR A 185 3.85 7.06 7.99
C TYR A 185 3.38 8.49 8.30
N VAL A 186 2.55 9.01 7.42
CA VAL A 186 2.02 10.36 7.59
C VAL A 186 1.46 10.50 9.01
N ARG A 187 0.74 9.47 9.43
CA ARG A 187 0.15 9.48 10.76
C ARG A 187 1.22 9.73 11.82
N ASN A 188 2.32 9.01 11.70
CA ASN A 188 3.42 9.16 12.63
C ASN A 188 3.85 10.62 12.69
N LEU A 189 3.92 11.23 11.52
CA LEU A 189 4.31 12.63 11.42
C LEU A 189 3.35 13.48 12.27
N VAL A 190 2.07 13.27 12.05
CA VAL A 190 1.05 14.00 12.78
C VAL A 190 1.29 13.82 14.29
N ARG A 191 1.57 12.59 14.66
CA ARG A 191 1.82 12.27 16.06
C ARG A 191 2.94 13.17 16.62
N ASN A 192 4.01 13.26 15.86
CA ASN A 192 5.15 14.09 16.27
C ASN A 192 4.67 15.51 16.54
N GLU A 193 3.85 16.01 15.63
CA GLU A 193 3.31 17.36 15.75
C GLU A 193 2.11 17.54 14.84
N MET A 194 1.24 18.47 15.23
CA MET A 194 0.04 18.74 14.45
C MET A 194 -1.01 17.66 14.66
N ASP A 195 -2.27 18.10 14.67
CA ASP A 195 -3.37 17.18 14.86
C ASP A 195 -4.66 17.83 14.34
N MET A 1 27.31 16.00 14.15
CA MET A 1 26.36 15.02 13.66
C MET A 1 25.99 14.01 14.75
N ASP A 2 24.87 13.34 14.53
CA ASP A 2 24.40 12.34 15.48
C ASP A 2 23.07 11.76 14.99
N SER A 3 22.68 10.66 15.61
CA SER A 3 21.44 10.00 15.24
C SER A 3 21.23 8.76 16.12
N GLU A 4 19.96 8.47 16.38
CA GLU A 4 19.61 7.33 17.20
C GLU A 4 18.10 7.09 17.17
N VAL A 5 17.72 5.83 17.29
CA VAL A 5 16.31 5.46 17.28
C VAL A 5 16.18 3.98 17.61
N SER A 6 15.10 3.66 18.32
CA SER A 6 14.85 2.28 18.71
C SER A 6 13.61 1.76 17.98
N ASN A 7 13.56 0.44 17.83
CA ASN A 7 12.45 -0.20 17.16
C ASN A 7 11.29 -0.38 18.15
N GLY A 8 10.10 -0.03 17.68
CA GLY A 8 8.90 -0.14 18.50
C GLY A 8 8.08 -1.36 18.11
N SER A 9 6.88 -1.42 18.65
CA SER A 9 5.97 -2.52 18.36
C SER A 9 4.57 -1.99 18.07
N GLY A 10 4.10 -2.31 16.87
CA GLY A 10 2.78 -1.87 16.44
C GLY A 10 1.69 -2.43 17.37
N LEU A 11 0.85 -3.29 16.80
CA LEU A 11 -0.22 -3.89 17.56
C LEU A 11 -1.24 -4.52 16.60
N GLY A 12 -2.27 -5.11 17.17
CA GLY A 12 -3.31 -5.74 16.39
C GLY A 12 -4.31 -4.69 15.86
N ALA A 13 -3.82 -3.88 14.94
CA ALA A 13 -4.65 -2.84 14.35
C ALA A 13 -3.98 -2.31 13.08
N LYS A 14 -4.59 -2.65 11.95
CA LYS A 14 -4.06 -2.21 10.67
C LYS A 14 -5.22 -1.97 9.70
N HIS A 15 -6.34 -1.58 10.27
CA HIS A 15 -7.54 -1.31 9.48
C HIS A 15 -7.25 -0.16 8.50
N ILE A 16 -6.69 0.91 9.04
CA ILE A 16 -6.36 2.08 8.24
C ILE A 16 -5.54 1.63 7.03
N THR A 17 -4.65 0.68 7.27
CA THR A 17 -3.79 0.17 6.22
C THR A 17 -4.63 -0.34 5.04
N ASP A 18 -5.45 -1.34 5.33
CA ASP A 18 -6.30 -1.92 4.31
C ASP A 18 -7.00 -0.80 3.55
N LEU A 19 -7.35 0.24 4.27
CA LEU A 19 -8.02 1.39 3.69
C LEU A 19 -7.11 2.03 2.64
N LEU A 20 -5.81 1.96 2.91
CA LEU A 20 -4.83 2.53 2.02
C LEU A 20 -4.85 1.76 0.70
N VAL A 21 -4.97 0.45 0.81
CA VAL A 21 -5.00 -0.41 -0.36
C VAL A 21 -6.19 -0.02 -1.24
N PHE A 22 -7.37 -0.16 -0.67
CA PHE A 22 -8.60 0.17 -1.39
C PHE A 22 -8.68 1.67 -1.66
N GLY A 23 -8.02 2.44 -0.80
CA GLY A 23 -8.01 3.88 -0.95
C GLY A 23 -7.07 4.32 -2.08
N PHE A 24 -5.92 3.66 -2.12
CA PHE A 24 -4.94 3.97 -3.14
C PHE A 24 -5.52 3.84 -4.54
N LEU A 25 -6.11 2.68 -4.79
CA LEU A 25 -6.73 2.40 -6.08
C LEU A 25 -7.77 3.48 -6.39
N GLN A 26 -8.56 3.80 -5.37
CA GLN A 26 -9.60 4.80 -5.51
C GLN A 26 -8.99 6.13 -5.98
N SER A 27 -7.77 6.38 -5.52
CA SER A 27 -7.08 7.60 -5.89
C SER A 27 -6.82 7.62 -7.40
N SER A 28 -5.85 6.81 -7.81
CA SER A 28 -5.49 6.71 -9.21
C SER A 28 -5.14 5.27 -9.57
N GLY A 29 -6.01 4.36 -9.15
CA GLY A 29 -5.81 2.95 -9.42
C GLY A 29 -6.41 2.56 -10.78
N CYS A 30 -7.00 1.38 -10.80
CA CYS A 30 -7.62 0.88 -12.03
C CYS A 30 -9.06 1.41 -12.09
N THR A 31 -9.97 0.60 -11.59
CA THR A 31 -11.37 0.98 -11.59
C THR A 31 -12.07 0.45 -10.32
N ARG A 32 -13.32 0.85 -10.16
CA ARG A 32 -14.10 0.42 -9.01
C ARG A 32 -14.01 -1.09 -8.84
N GLN A 33 -14.34 -1.80 -9.90
CA GLN A 33 -14.30 -3.25 -9.87
C GLN A 33 -12.94 -3.73 -9.37
N GLU A 34 -11.93 -2.93 -9.62
CA GLU A 34 -10.58 -3.26 -9.19
C GLU A 34 -10.48 -3.21 -7.66
N LEU A 35 -10.80 -2.05 -7.12
CA LEU A 35 -10.74 -1.86 -5.67
C LEU A 35 -11.39 -3.06 -4.99
N GLU A 36 -12.44 -3.57 -5.63
CA GLU A 36 -13.17 -4.71 -5.10
C GLU A 36 -12.27 -5.96 -5.10
N VAL A 37 -11.67 -6.21 -6.26
CA VAL A 37 -10.80 -7.36 -6.40
C VAL A 37 -9.58 -7.19 -5.49
N LEU A 38 -8.86 -6.10 -5.72
CA LEU A 38 -7.68 -5.81 -4.92
C LEU A 38 -8.09 -5.52 -3.48
N GLY A 39 -9.06 -4.61 -3.35
CA GLY A 39 -9.55 -4.22 -2.05
C GLY A 39 -10.05 -5.44 -1.26
N ARG A 40 -10.96 -6.18 -1.89
CA ARG A 40 -11.52 -7.36 -1.27
C ARG A 40 -10.62 -8.57 -1.52
N GLU A 41 -9.62 -8.70 -0.65
CA GLU A 41 -8.68 -9.81 -0.76
C GLU A 41 -8.43 -10.43 0.62
N LEU A 42 -8.52 -11.76 0.64
CA LEU A 42 -8.31 -12.49 1.88
C LEU A 42 -6.90 -13.09 1.88
N PRO A 43 -6.01 -12.48 2.69
CA PRO A 43 -4.63 -12.95 2.79
C PRO A 43 -4.55 -14.23 3.62
N VAL A 44 -5.31 -15.23 3.18
CA VAL A 44 -5.34 -16.51 3.86
C VAL A 44 -3.91 -16.89 4.29
N GLN A 45 -3.05 -16.99 3.29
CA GLN A 45 -1.65 -17.34 3.55
C GLN A 45 -1.54 -18.83 3.89
N ALA A 46 -0.51 -19.45 3.33
CA ALA A 46 -0.28 -20.87 3.55
C ALA A 46 1.14 -21.22 3.13
N TYR A 47 2.07 -20.34 3.46
CA TYR A 47 3.47 -20.54 3.12
C TYR A 47 3.81 -22.03 3.08
N TRP A 48 4.71 -22.38 2.18
CA TRP A 48 5.13 -23.77 2.03
C TRP A 48 5.92 -23.88 0.73
N GLU A 49 5.19 -23.87 -0.39
CA GLU A 49 5.81 -23.99 -1.69
C GLU A 49 6.96 -24.98 -1.66
N ALA A 50 7.89 -24.80 -2.58
CA ALA A 50 9.05 -25.68 -2.66
C ALA A 50 8.57 -27.11 -2.96
N ASP A 51 9.44 -27.87 -3.60
CA ASP A 51 9.12 -29.25 -3.95
C ASP A 51 10.29 -29.85 -4.73
N LEU A 52 11.22 -30.43 -3.99
CA LEU A 52 12.39 -31.05 -4.60
C LEU A 52 11.98 -31.68 -5.94
N GLU A 53 12.89 -31.60 -6.90
CA GLU A 53 12.65 -32.15 -8.22
C GLU A 53 13.90 -32.86 -8.74
N ASP A 54 13.67 -33.89 -9.54
CA ASP A 54 14.75 -34.65 -10.11
C ASP A 54 14.46 -34.94 -11.58
N GLU A 55 15.49 -35.38 -12.29
CA GLU A 55 15.36 -35.68 -13.71
C GLU A 55 16.69 -36.19 -14.26
N LEU A 56 16.59 -37.15 -15.18
CA LEU A 56 17.77 -37.72 -15.79
C LEU A 56 17.40 -38.30 -17.16
N GLN A 57 17.46 -37.44 -18.17
CA GLN A 57 17.13 -37.85 -19.53
C GLN A 57 17.51 -36.75 -20.52
N THR A 58 17.29 -37.05 -21.80
CA THR A 58 17.59 -36.10 -22.84
C THR A 58 16.41 -35.16 -23.08
N ASP A 59 16.70 -34.03 -23.72
CA ASP A 59 15.68 -33.05 -24.00
C ASP A 59 16.20 -32.07 -25.07
N GLY A 60 15.29 -31.21 -25.52
CA GLY A 60 15.65 -30.23 -26.53
C GLY A 60 14.82 -28.96 -26.36
N SER A 61 15.08 -27.99 -27.23
CA SER A 61 14.38 -26.72 -27.19
C SER A 61 13.85 -26.37 -28.59
N GLN A 62 13.11 -25.28 -28.65
CA GLN A 62 12.54 -24.83 -29.90
C GLN A 62 13.04 -23.43 -30.25
N ALA A 63 12.39 -22.43 -29.65
CA ALA A 63 12.77 -21.05 -29.88
C ALA A 63 12.03 -20.15 -28.88
N SER A 64 12.24 -18.86 -29.04
CA SER A 64 11.60 -17.89 -28.17
C SER A 64 11.36 -16.57 -28.92
N ARG A 65 10.53 -15.72 -28.32
CA ARG A 65 10.21 -14.45 -28.92
C ARG A 65 9.85 -13.43 -27.84
N SER A 66 9.98 -12.16 -28.20
CA SER A 66 9.67 -11.08 -27.27
C SER A 66 8.45 -11.45 -26.43
N PHE A 67 8.36 -10.84 -25.26
CA PHE A 67 7.25 -11.09 -24.36
C PHE A 67 6.25 -9.94 -24.39
N ASN A 68 6.78 -8.73 -24.25
CA ASN A 68 5.94 -7.54 -24.26
C ASN A 68 6.75 -6.36 -23.72
N GLN A 69 6.07 -5.23 -23.61
CA GLN A 69 6.71 -4.02 -23.11
C GLN A 69 5.97 -3.50 -21.88
N GLY A 70 5.09 -2.54 -22.11
CA GLY A 70 4.32 -1.94 -21.02
C GLY A 70 3.80 -0.56 -21.42
N ARG A 71 2.80 -0.11 -20.67
CA ARG A 71 2.20 1.19 -20.93
C ARG A 71 2.18 2.01 -19.65
N ILE A 72 1.56 3.19 -19.75
CA ILE A 72 1.46 4.08 -18.61
C ILE A 72 0.08 4.76 -18.62
N GLU A 73 -0.25 5.36 -17.48
CA GLU A 73 -1.52 6.04 -17.34
C GLU A 73 -1.38 7.27 -16.44
N PRO A 74 -1.23 8.45 -17.09
CA PRO A 74 -1.08 9.69 -16.35
C PRO A 74 -2.41 10.15 -15.76
N ASP A 75 -2.46 11.42 -15.40
CA ASP A 75 -3.68 11.99 -14.82
C ASP A 75 -3.72 11.65 -13.33
N SER A 76 -4.28 12.59 -12.57
CA SER A 76 -4.39 12.40 -11.13
C SER A 76 -5.59 13.20 -10.60
N GLU A 77 -5.72 13.22 -9.28
CA GLU A 77 -6.80 13.93 -8.64
C GLU A 77 -6.51 14.12 -7.15
N SER A 78 -7.56 14.46 -6.41
CA SER A 78 -7.42 14.67 -4.98
C SER A 78 -8.77 14.46 -4.29
N GLN A 79 -8.74 14.54 -2.97
CA GLN A 79 -9.95 14.36 -2.18
C GLN A 79 -9.81 15.06 -0.83
N GLU A 80 -10.73 14.73 0.07
CA GLU A 80 -10.73 15.32 1.40
C GLU A 80 -10.74 14.22 2.46
N GLU A 81 -9.88 14.39 3.46
CA GLU A 81 -9.79 13.43 4.54
C GLU A 81 -8.44 13.55 5.25
N ILE A 82 -8.26 12.74 6.27
CA ILE A 82 -7.03 12.75 7.04
C ILE A 82 -6.14 11.58 6.60
N ILE A 83 -6.15 10.54 7.42
CA ILE A 83 -5.35 9.35 7.14
C ILE A 83 -5.82 8.74 5.81
N HIS A 84 -7.14 8.70 5.66
CA HIS A 84 -7.72 8.14 4.45
C HIS A 84 -7.30 8.98 3.23
N ASN A 85 -7.26 10.28 3.46
CA ASN A 85 -6.87 11.21 2.40
C ASN A 85 -5.49 10.81 1.87
N ILE A 86 -4.55 10.69 2.79
CA ILE A 86 -3.19 10.33 2.42
C ILE A 86 -3.19 8.94 1.76
N ALA A 87 -4.15 8.13 2.18
CA ALA A 87 -4.28 6.79 1.64
C ALA A 87 -4.40 6.86 0.12
N ARG A 88 -5.33 7.70 -0.32
CA ARG A 88 -5.56 7.87 -1.75
C ARG A 88 -4.32 8.48 -2.41
N HIS A 89 -3.78 9.51 -1.75
CA HIS A 89 -2.61 10.20 -2.27
C HIS A 89 -1.50 9.17 -2.53
N LEU A 90 -1.60 8.04 -1.84
CA LEU A 90 -0.62 6.99 -1.99
C LEU A 90 -0.50 6.61 -3.46
N ALA A 91 -1.58 6.03 -3.97
CA ALA A 91 -1.62 5.62 -5.36
C ALA A 91 -1.21 6.78 -6.26
N GLN A 92 -1.92 7.89 -6.10
CA GLN A 92 -1.63 9.08 -6.88
C GLN A 92 -0.14 9.42 -6.83
N ILE A 93 0.48 9.02 -5.72
CA ILE A 93 1.90 9.27 -5.53
C ILE A 93 2.70 8.33 -6.45
N GLY A 94 2.14 7.15 -6.67
CA GLY A 94 2.79 6.16 -7.51
C GLY A 94 3.00 6.71 -8.92
N ASP A 95 1.92 7.21 -9.50
CA ASP A 95 1.97 7.76 -10.84
C ASP A 95 2.88 8.99 -10.85
N GLU A 96 2.59 9.91 -9.93
CA GLU A 96 3.36 11.13 -9.82
C GLU A 96 4.83 10.80 -9.50
N MET A 97 5.00 9.80 -8.63
CA MET A 97 6.34 9.38 -8.24
C MET A 97 7.22 9.13 -9.46
N ASP A 98 6.70 8.34 -10.39
CA ASP A 98 7.42 8.02 -11.60
C ASP A 98 8.13 9.28 -12.12
N HIS A 99 7.55 10.43 -11.78
CA HIS A 99 8.11 11.69 -12.20
C HIS A 99 9.56 11.81 -11.70
N ASN A 100 9.73 11.50 -10.42
CA ASN A 100 11.05 11.57 -9.82
C ASN A 100 11.20 10.42 -8.82
N ILE A 101 11.59 9.26 -9.35
CA ILE A 101 11.77 8.08 -8.53
C ILE A 101 13.01 7.32 -9.01
N GLN A 102 14.14 7.63 -8.40
CA GLN A 102 15.38 6.98 -8.75
C GLN A 102 16.57 7.92 -8.48
N PRO A 103 16.60 8.44 -7.22
CA PRO A 103 17.67 9.34 -6.81
C PRO A 103 18.97 8.58 -6.57
N THR A 104 18.98 7.33 -7.02
CA THR A 104 20.15 6.48 -6.86
C THR A 104 19.77 5.01 -6.99
N LEU A 105 18.50 4.78 -7.33
CA LEU A 105 18.00 3.43 -7.49
C LEU A 105 17.09 3.09 -6.32
N VAL A 106 16.39 4.10 -5.83
CA VAL A 106 15.48 3.92 -4.71
C VAL A 106 14.37 2.96 -5.11
N ARG A 107 13.37 3.52 -5.79
CA ARG A 107 12.25 2.73 -6.25
C ARG A 107 12.73 1.50 -7.01
N GLN A 108 13.85 1.66 -7.70
CA GLN A 108 14.43 0.57 -8.47
C GLN A 108 14.82 -0.58 -7.55
N LEU A 109 15.25 -0.22 -6.34
CA LEU A 109 15.66 -1.21 -5.36
C LEU A 109 14.46 -2.11 -5.02
N ALA A 110 13.42 -1.47 -4.51
CA ALA A 110 12.21 -2.19 -4.13
C ALA A 110 11.84 -3.16 -5.25
N ALA A 111 11.63 -2.59 -6.43
CA ALA A 111 11.27 -3.39 -7.59
C ALA A 111 12.38 -4.41 -7.87
N GLN A 112 13.54 -4.14 -7.30
CA GLN A 112 14.68 -5.02 -7.48
C GLN A 112 14.40 -6.40 -6.86
N PHE A 113 13.83 -6.36 -5.67
CA PHE A 113 13.51 -7.59 -4.97
C PHE A 113 12.46 -8.40 -5.73
N MET A 114 11.49 -7.69 -6.28
CA MET A 114 10.44 -8.33 -7.05
C MET A 114 11.00 -9.07 -8.26
N ASN A 115 11.88 -10.02 -7.98
CA ASN A 115 12.50 -10.81 -9.04
C ASN A 115 12.74 -12.23 -8.53
N GLY A 116 12.68 -13.17 -9.47
CA GLY A 116 12.90 -14.57 -9.14
C GLY A 116 12.31 -15.49 -10.20
N SER A 117 11.83 -16.64 -9.76
CA SER A 117 11.24 -17.60 -10.67
C SER A 117 9.72 -17.63 -10.49
N LEU A 118 9.28 -17.11 -9.36
CA LEU A 118 7.86 -17.06 -9.06
C LEU A 118 7.08 -16.71 -10.33
N SER A 119 7.07 -15.43 -10.64
CA SER A 119 6.36 -14.95 -11.82
C SER A 119 7.11 -13.75 -12.41
N GLU A 120 6.46 -13.10 -13.37
CA GLU A 120 7.04 -11.96 -14.03
C GLU A 120 7.30 -10.85 -13.01
N GLU A 121 7.51 -11.25 -11.77
CA GLU A 121 7.77 -10.30 -10.71
C GLU A 121 6.48 -9.97 -9.96
N ASP A 122 6.16 -10.82 -8.99
CA ASP A 122 4.95 -10.63 -8.20
C ASP A 122 5.02 -11.51 -6.95
N LYS A 123 6.20 -11.52 -6.34
CA LYS A 123 6.42 -12.31 -5.15
C LYS A 123 5.51 -11.80 -4.02
N ARG A 124 5.79 -12.25 -2.82
CA ARG A 124 5.01 -11.84 -1.66
C ARG A 124 5.84 -10.93 -0.75
N ASN A 125 6.44 -11.54 0.25
CA ASN A 125 7.26 -10.80 1.20
C ASN A 125 8.23 -9.90 0.42
N CYS A 126 8.43 -10.25 -0.84
CA CYS A 126 9.32 -9.49 -1.70
C CYS A 126 9.08 -8.00 -1.43
N LEU A 127 7.80 -7.63 -1.43
CA LEU A 127 7.42 -6.24 -1.19
C LEU A 127 8.05 -5.76 0.11
N ALA A 128 7.55 -6.30 1.21
CA ALA A 128 8.05 -5.93 2.53
C ALA A 128 9.58 -6.05 2.53
N LYS A 129 10.08 -6.95 1.70
CA LYS A 129 11.52 -7.16 1.61
C LYS A 129 12.19 -5.86 1.16
N ALA A 130 11.44 -5.07 0.42
CA ALA A 130 11.94 -3.79 -0.07
C ALA A 130 12.04 -2.80 1.09
N LEU A 131 10.95 -2.74 1.85
CA LEU A 131 10.89 -1.85 2.99
C LEU A 131 12.24 -1.85 3.71
N ASP A 132 12.73 -3.06 3.98
CA ASP A 132 14.01 -3.21 4.64
C ASP A 132 15.13 -2.66 3.76
N GLU A 133 15.16 -3.12 2.52
CA GLU A 133 16.16 -2.68 1.58
C GLU A 133 16.16 -1.16 1.47
N VAL A 134 15.06 -0.63 0.94
CA VAL A 134 14.92 0.80 0.79
C VAL A 134 15.18 1.49 2.13
N LYS A 135 14.71 0.85 3.19
CA LYS A 135 14.88 1.38 4.53
C LYS A 135 16.29 1.05 5.03
N THR A 136 17.13 0.64 4.09
CA THR A 136 18.51 0.30 4.41
C THR A 136 19.47 1.03 3.48
N ALA A 137 18.91 1.57 2.41
CA ALA A 137 19.71 2.29 1.43
C ALA A 137 19.52 3.80 1.64
N PHE A 138 18.27 4.22 1.57
CA PHE A 138 17.94 5.63 1.75
C PHE A 138 16.92 5.81 2.88
N PRO A 139 17.20 5.14 4.02
CA PRO A 139 16.31 5.23 5.17
C PRO A 139 16.45 6.57 5.88
N ARG A 140 15.42 6.93 6.62
CA ARG A 140 15.42 8.19 7.35
C ARG A 140 14.02 8.48 7.90
N ASP A 141 13.68 9.76 7.90
CA ASP A 141 12.37 10.19 8.38
C ASP A 141 11.36 10.13 7.25
N MET A 142 10.41 11.05 7.29
CA MET A 142 9.37 11.10 6.27
C MET A 142 9.98 11.19 4.87
N GLU A 143 11.14 11.82 4.81
CA GLU A 143 11.84 11.98 3.54
C GLU A 143 12.22 10.61 2.98
N ASN A 144 13.06 9.91 3.73
CA ASN A 144 13.52 8.60 3.32
C ASN A 144 12.39 7.58 3.52
N ASP A 145 11.86 7.56 4.73
CA ASP A 145 10.77 6.65 5.06
C ASP A 145 9.81 6.57 3.88
N LYS A 146 9.30 7.72 3.49
CA LYS A 146 8.36 7.79 2.37
C LYS A 146 8.91 6.97 1.21
N ALA A 147 10.23 6.92 1.12
CA ALA A 147 10.89 6.17 0.07
C ALA A 147 10.42 4.71 0.11
N MET A 148 10.58 4.10 1.28
CA MET A 148 10.18 2.72 1.46
C MET A 148 8.72 2.52 1.04
N LEU A 149 7.89 3.48 1.41
CA LEU A 149 6.48 3.42 1.08
C LEU A 149 6.30 3.40 -0.44
N ILE A 150 7.10 4.23 -1.10
CA ILE A 150 7.04 4.31 -2.54
C ILE A 150 7.24 2.92 -3.14
N MET A 151 7.94 2.08 -2.40
CA MET A 151 8.21 0.73 -2.83
C MET A 151 6.92 -0.07 -2.98
N THR A 152 6.09 0.02 -1.95
CA THR A 152 4.82 -0.68 -1.95
C THR A 152 4.01 -0.32 -3.20
N MET A 153 3.80 0.97 -3.37
CA MET A 153 3.05 1.46 -4.52
C MET A 153 3.79 1.19 -5.82
N LEU A 154 5.11 1.06 -5.71
CA LEU A 154 5.94 0.80 -6.87
C LEU A 154 5.42 -0.44 -7.59
N LEU A 155 5.40 -1.54 -6.87
CA LEU A 155 4.94 -2.81 -7.43
C LEU A 155 3.57 -2.59 -8.08
N ALA A 156 2.71 -1.89 -7.34
CA ALA A 156 1.37 -1.61 -7.83
C ALA A 156 1.46 -0.80 -9.12
N LYS A 157 1.99 0.41 -8.99
CA LYS A 157 2.14 1.29 -10.13
C LYS A 157 2.70 0.49 -11.32
N LYS A 158 3.59 -0.44 -11.00
CA LYS A 158 4.20 -1.27 -12.02
C LYS A 158 3.24 -2.40 -12.38
N VAL A 159 2.58 -2.92 -11.36
CA VAL A 159 1.65 -4.02 -11.56
C VAL A 159 0.21 -3.45 -11.58
N ALA A 160 -0.07 -2.61 -10.60
CA ALA A 160 -1.39 -2.00 -10.50
C ALA A 160 -2.04 -1.98 -11.87
N SER A 161 -1.49 -1.16 -12.75
CA SER A 161 -2.01 -1.04 -14.10
C SER A 161 -0.87 -1.20 -15.12
N HIS A 162 0.34 -1.28 -14.59
CA HIS A 162 1.51 -1.44 -15.43
C HIS A 162 1.75 -2.93 -15.71
N ALA A 163 1.60 -3.70 -14.65
CA ALA A 163 1.80 -5.14 -14.77
C ALA A 163 0.62 -5.87 -14.11
N PRO A 164 -0.42 -6.14 -14.95
CA PRO A 164 -1.61 -6.82 -14.46
C PRO A 164 -1.34 -8.32 -14.26
N SER A 165 -0.25 -8.60 -13.57
CA SER A 165 0.13 -9.98 -13.31
C SER A 165 -0.39 -10.41 -11.94
N LEU A 166 -0.61 -9.43 -11.09
CA LEU A 166 -1.11 -9.69 -9.75
C LEU A 166 -2.09 -8.59 -9.34
N LEU A 167 -3.32 -8.98 -9.10
CA LEU A 167 -4.35 -8.04 -8.71
C LEU A 167 -4.31 -7.85 -7.19
N ARG A 168 -4.85 -8.83 -6.49
CA ARG A 168 -4.88 -8.79 -5.03
C ARG A 168 -3.48 -8.48 -4.49
N ASP A 169 -2.49 -9.09 -5.12
CA ASP A 169 -1.11 -8.90 -4.70
C ASP A 169 -0.75 -7.41 -4.81
N VAL A 170 -1.24 -6.80 -5.89
CA VAL A 170 -0.98 -5.39 -6.13
C VAL A 170 -1.36 -4.59 -4.88
N PHE A 171 -2.61 -4.75 -4.47
CA PHE A 171 -3.10 -4.05 -3.30
C PHE A 171 -2.34 -4.46 -2.04
N HIS A 172 -2.26 -5.76 -1.83
CA HIS A 172 -1.56 -6.30 -0.68
C HIS A 172 -0.15 -5.71 -0.62
N THR A 173 0.43 -5.52 -1.80
CA THR A 173 1.78 -4.96 -1.89
C THR A 173 1.81 -3.56 -1.28
N THR A 174 0.89 -2.72 -1.73
CA THR A 174 0.82 -1.36 -1.24
C THR A 174 0.58 -1.35 0.28
N VAL A 175 -0.58 -1.87 0.66
CA VAL A 175 -0.94 -1.93 2.06
C VAL A 175 0.00 -2.90 2.78
N ASN A 176 0.92 -3.46 2.03
CA ASN A 176 1.89 -4.39 2.57
C ASN A 176 2.89 -3.63 3.43
N PHE A 177 3.58 -2.69 2.79
CA PHE A 177 4.57 -1.88 3.47
C PHE A 177 3.99 -1.25 4.74
N ILE A 178 2.78 -0.73 4.60
CA ILE A 178 2.11 -0.10 5.72
C ILE A 178 1.85 -1.13 6.81
N ASN A 179 1.19 -2.21 6.41
CA ASN A 179 0.88 -3.28 7.34
C ASN A 179 2.16 -3.75 8.02
N GLN A 180 3.24 -3.73 7.26
CA GLN A 180 4.53 -4.14 7.78
C GLN A 180 4.83 -3.42 9.10
N ASN A 181 5.67 -2.40 8.99
CA ASN A 181 6.05 -1.62 10.16
C ASN A 181 5.62 -0.17 9.96
N LEU A 182 5.12 0.11 8.76
CA LEU A 182 4.68 1.45 8.43
C LEU A 182 3.18 1.56 8.70
N PHE A 183 2.69 0.69 9.58
CA PHE A 183 1.29 0.69 9.95
C PHE A 183 0.72 2.12 9.97
N SER A 184 1.60 3.06 10.30
CA SER A 184 1.20 4.46 10.37
C SER A 184 2.41 5.35 10.15
N TYR A 185 2.34 6.16 9.10
CA TYR A 185 3.42 7.06 8.77
C TYR A 185 3.34 8.35 9.60
N VAL A 186 4.37 9.17 9.47
CA VAL A 186 4.42 10.42 10.20
C VAL A 186 3.03 11.07 10.19
N ARG A 187 2.33 10.89 9.08
CA ARG A 187 1.00 11.45 8.93
C ARG A 187 0.10 11.00 10.09
N ASN A 188 0.11 9.70 10.33
CA ASN A 188 -0.69 9.15 11.41
C ASN A 188 -0.23 9.73 12.75
N LEU A 189 1.08 9.77 12.91
CA LEU A 189 1.67 10.30 14.13
C LEU A 189 1.11 11.71 14.39
N VAL A 190 1.07 12.49 13.32
CA VAL A 190 0.56 13.85 13.41
C VAL A 190 -0.90 13.82 13.84
N ARG A 191 -1.62 12.86 13.28
CA ARG A 191 -3.03 12.70 13.59
C ARG A 191 -3.25 12.68 15.10
N ASN A 192 -2.59 11.73 15.75
CA ASN A 192 -2.70 11.59 17.19
C ASN A 192 -2.09 12.82 17.87
N GLU A 193 -0.86 13.14 17.47
CA GLU A 193 -0.17 14.28 18.02
C GLU A 193 -0.49 14.43 19.51
N MET A 194 0.18 13.61 20.31
CA MET A 194 -0.01 13.63 21.75
C MET A 194 1.23 13.09 22.48
N ASP A 195 1.26 13.36 23.78
CA ASP A 195 2.37 12.91 24.60
C ASP A 195 2.12 11.47 25.06
N MET A 1 -14.83 -42.19 -7.40
CA MET A 1 -14.09 -40.95 -7.62
C MET A 1 -13.85 -40.21 -6.31
N ASP A 2 -14.95 -39.77 -5.71
CA ASP A 2 -14.89 -39.04 -4.46
C ASP A 2 -14.35 -37.64 -4.72
N SER A 3 -14.52 -36.77 -3.73
CA SER A 3 -14.06 -35.40 -3.83
C SER A 3 -13.28 -35.02 -2.58
N GLU A 4 -12.93 -33.74 -2.51
CA GLU A 4 -12.18 -33.23 -1.37
C GLU A 4 -12.55 -31.77 -1.10
N VAL A 5 -12.16 -30.91 -2.03
CA VAL A 5 -12.44 -29.49 -1.90
C VAL A 5 -12.07 -29.02 -0.49
N SER A 6 -12.46 -27.79 -0.20
CA SER A 6 -12.18 -27.22 1.11
C SER A 6 -12.53 -25.73 1.11
N ASN A 7 -12.20 -25.07 2.22
CA ASN A 7 -12.48 -23.66 2.36
C ASN A 7 -11.48 -23.04 3.33
N GLY A 8 -11.09 -21.81 3.03
CA GLY A 8 -10.15 -21.09 3.87
C GLY A 8 -10.58 -19.64 4.06
N SER A 9 -9.69 -18.87 4.67
CA SER A 9 -9.96 -17.47 4.93
C SER A 9 -8.65 -16.66 4.92
N GLY A 10 -8.79 -15.38 5.21
CA GLY A 10 -7.63 -14.49 5.23
C GLY A 10 -7.08 -14.35 6.66
N LEU A 11 -6.31 -13.29 6.85
CA LEU A 11 -5.71 -13.03 8.15
C LEU A 11 -6.29 -11.73 8.72
N GLY A 12 -5.65 -10.63 8.38
CA GLY A 12 -6.09 -9.33 8.83
C GLY A 12 -4.92 -8.35 8.90
N ALA A 13 -5.25 -7.10 9.22
CA ALA A 13 -4.24 -6.07 9.33
C ALA A 13 -4.88 -4.77 9.81
N LYS A 14 -4.08 -3.72 9.88
CA LYS A 14 -4.56 -2.43 10.33
C LYS A 14 -5.78 -2.03 9.49
N HIS A 15 -6.86 -1.72 10.18
CA HIS A 15 -8.10 -1.33 9.52
C HIS A 15 -7.82 -0.12 8.63
N ILE A 16 -7.13 0.85 9.19
CA ILE A 16 -6.80 2.07 8.46
C ILE A 16 -5.99 1.71 7.22
N THR A 17 -4.90 0.99 7.44
CA THR A 17 -4.04 0.57 6.34
C THR A 17 -4.87 -0.08 5.24
N ASP A 18 -5.80 -0.92 5.64
CA ASP A 18 -6.66 -1.60 4.70
C ASP A 18 -7.30 -0.58 3.75
N LEU A 19 -7.67 0.56 4.34
CA LEU A 19 -8.28 1.62 3.55
C LEU A 19 -7.28 2.14 2.52
N LEU A 20 -6.01 2.05 2.89
CA LEU A 20 -4.95 2.51 2.01
C LEU A 20 -4.96 1.68 0.73
N VAL A 21 -4.99 0.36 0.92
CA VAL A 21 -5.01 -0.56 -0.21
C VAL A 21 -6.22 -0.26 -1.09
N PHE A 22 -7.40 -0.43 -0.51
CA PHE A 22 -8.63 -0.17 -1.23
C PHE A 22 -8.72 1.29 -1.66
N GLY A 23 -8.17 2.16 -0.83
CA GLY A 23 -8.18 3.59 -1.11
C GLY A 23 -7.17 3.95 -2.20
N PHE A 24 -6.06 3.22 -2.19
CA PHE A 24 -5.01 3.45 -3.17
C PHE A 24 -5.57 3.41 -4.59
N LEU A 25 -6.16 2.27 -4.92
CA LEU A 25 -6.73 2.08 -6.24
C LEU A 25 -7.78 3.17 -6.51
N GLN A 26 -8.58 3.44 -5.48
CA GLN A 26 -9.61 4.45 -5.58
C GLN A 26 -9.01 5.78 -6.03
N SER A 27 -7.78 6.02 -5.58
CA SER A 27 -7.08 7.24 -5.92
C SER A 27 -6.75 7.25 -7.42
N SER A 28 -5.54 6.79 -7.74
CA SER A 28 -5.10 6.74 -9.11
C SER A 28 -4.23 5.51 -9.35
N GLY A 29 -4.67 4.40 -8.77
CA GLY A 29 -3.94 3.15 -8.89
C GLY A 29 -4.22 2.49 -10.25
N CYS A 30 -4.78 1.29 -10.19
CA CYS A 30 -5.09 0.56 -11.40
C CYS A 30 -6.37 1.15 -12.00
N THR A 31 -7.50 0.54 -11.64
CA THR A 31 -8.79 0.99 -12.13
C THR A 31 -9.84 0.91 -11.02
N ARG A 32 -10.82 1.79 -11.12
CA ARG A 32 -11.89 1.83 -10.13
C ARG A 32 -12.35 0.42 -9.80
N GLN A 33 -12.72 -0.31 -10.84
CA GLN A 33 -13.19 -1.68 -10.67
C GLN A 33 -12.14 -2.51 -9.93
N GLU A 34 -10.90 -2.08 -10.05
CA GLU A 34 -9.80 -2.76 -9.38
C GLU A 34 -9.90 -2.59 -7.87
N LEU A 35 -9.94 -1.34 -7.44
CA LEU A 35 -10.04 -1.03 -6.04
C LEU A 35 -11.09 -1.94 -5.39
N GLU A 36 -12.14 -2.21 -6.14
CA GLU A 36 -13.21 -3.07 -5.66
C GLU A 36 -12.74 -4.52 -5.57
N VAL A 37 -12.08 -4.95 -6.64
CA VAL A 37 -11.58 -6.31 -6.71
C VAL A 37 -10.57 -6.53 -5.58
N LEU A 38 -9.53 -5.70 -5.59
CA LEU A 38 -8.49 -5.78 -4.57
C LEU A 38 -9.07 -5.36 -3.22
N GLY A 39 -9.86 -4.29 -3.26
CA GLY A 39 -10.47 -3.77 -2.05
C GLY A 39 -11.10 -4.90 -1.22
N ARG A 40 -11.75 -5.81 -1.92
CA ARG A 40 -12.39 -6.94 -1.27
C ARG A 40 -13.13 -7.80 -2.30
N GLU A 41 -12.48 -8.87 -2.71
CA GLU A 41 -13.05 -9.79 -3.69
C GLU A 41 -12.68 -11.23 -3.35
N LEU A 42 -13.67 -12.10 -3.47
CA LEU A 42 -13.46 -13.52 -3.19
C LEU A 42 -13.32 -14.28 -4.51
N PRO A 43 -12.06 -14.67 -4.82
CA PRO A 43 -11.78 -15.41 -6.04
C PRO A 43 -12.24 -16.86 -5.92
N VAL A 44 -12.57 -17.44 -7.07
CA VAL A 44 -13.02 -18.81 -7.10
C VAL A 44 -12.18 -19.65 -6.13
N GLN A 45 -12.84 -20.12 -5.08
CA GLN A 45 -12.15 -20.93 -4.08
C GLN A 45 -11.08 -21.80 -4.74
N ALA A 46 -9.97 -21.94 -4.04
CA ALA A 46 -8.87 -22.75 -4.54
C ALA A 46 -7.99 -23.18 -3.37
N TYR A 47 -8.64 -23.67 -2.33
CA TYR A 47 -7.93 -24.12 -1.14
C TYR A 47 -6.58 -24.74 -1.52
N TRP A 48 -5.64 -24.65 -0.59
CA TRP A 48 -4.31 -25.18 -0.80
C TRP A 48 -3.34 -24.43 0.12
N GLU A 49 -2.43 -25.20 0.69
CA GLU A 49 -1.43 -24.63 1.60
C GLU A 49 -0.60 -25.74 2.24
N ALA A 50 -1.27 -26.85 2.52
CA ALA A 50 -0.60 -27.98 3.14
C ALA A 50 -1.65 -28.93 3.72
N ASP A 51 -1.29 -30.20 3.78
CA ASP A 51 -2.19 -31.21 4.32
C ASP A 51 -1.38 -32.46 4.70
N LEU A 52 -1.38 -32.75 5.98
CA LEU A 52 -0.65 -33.91 6.49
C LEU A 52 0.84 -33.75 6.17
N GLU A 53 1.66 -34.19 7.12
CA GLU A 53 3.09 -34.10 6.95
C GLU A 53 3.73 -35.48 7.09
N ASP A 54 5.03 -35.54 6.80
CA ASP A 54 5.77 -36.78 6.88
C ASP A 54 7.04 -36.56 7.69
N GLU A 55 7.75 -37.66 7.93
CA GLU A 55 8.99 -37.61 8.69
C GLU A 55 9.98 -38.63 8.15
N LEU A 56 11.20 -38.56 8.66
CA LEU A 56 12.25 -39.47 8.24
C LEU A 56 13.50 -39.22 9.08
N GLN A 57 14.53 -40.03 8.83
CA GLN A 57 15.77 -39.91 9.55
C GLN A 57 16.94 -39.81 8.58
N THR A 58 18.00 -39.12 9.02
CA THR A 58 19.18 -38.96 8.20
C THR A 58 20.41 -38.75 9.08
N ASP A 59 21.57 -38.81 8.44
CA ASP A 59 22.82 -38.62 9.15
C ASP A 59 23.86 -38.02 8.20
N GLY A 60 24.77 -37.25 8.77
CA GLY A 60 25.82 -36.62 7.99
C GLY A 60 26.34 -35.36 8.69
N SER A 61 27.33 -34.75 8.06
CA SER A 61 27.92 -33.53 8.61
C SER A 61 27.49 -32.31 7.81
N GLN A 62 27.83 -31.14 8.31
CA GLN A 62 27.48 -29.89 7.65
C GLN A 62 28.49 -28.80 8.01
N ALA A 63 28.28 -27.64 7.41
CA ALA A 63 29.15 -26.51 7.66
C ALA A 63 28.35 -25.21 7.52
N SER A 64 29.07 -24.09 7.64
CA SER A 64 28.43 -22.79 7.53
C SER A 64 27.48 -22.56 8.70
N ARG A 65 27.50 -21.34 9.20
CA ARG A 65 26.65 -20.98 10.33
C ARG A 65 25.56 -19.99 9.88
N SER A 66 26.01 -18.78 9.57
CA SER A 66 25.09 -17.74 9.13
C SER A 66 24.28 -17.22 10.32
N PHE A 67 23.54 -16.15 10.05
CA PHE A 67 22.72 -15.55 11.09
C PHE A 67 21.50 -14.85 10.48
N ASN A 68 20.68 -14.28 11.36
CA ASN A 68 19.48 -13.59 10.92
C ASN A 68 18.92 -12.76 12.08
N GLN A 69 19.06 -11.45 11.95
CA GLN A 69 18.58 -10.54 12.98
C GLN A 69 17.07 -10.30 12.81
N GLY A 70 16.55 -9.39 13.63
CA GLY A 70 15.14 -9.07 13.58
C GLY A 70 14.86 -7.79 14.36
N ARG A 71 13.67 -7.24 14.12
CA ARG A 71 13.26 -6.02 14.80
C ARG A 71 11.74 -6.01 15.01
N ILE A 72 11.31 -5.20 15.96
CA ILE A 72 9.91 -5.08 16.27
C ILE A 72 9.53 -3.61 16.46
N GLU A 73 8.38 -3.26 15.92
CA GLU A 73 7.90 -1.88 16.01
C GLU A 73 7.11 -1.69 17.30
N PRO A 74 7.17 -0.43 17.83
CA PRO A 74 6.46 -0.10 19.06
C PRO A 74 4.96 0.04 18.80
N ASP A 75 4.63 0.97 17.91
CA ASP A 75 3.24 1.22 17.57
C ASP A 75 2.61 2.13 18.63
N SER A 76 1.40 2.58 18.33
CA SER A 76 0.68 3.45 19.25
C SER A 76 -0.80 3.45 18.91
N GLU A 77 -1.51 4.39 19.51
CA GLU A 77 -2.95 4.52 19.27
C GLU A 77 -3.25 4.41 17.79
N SER A 78 -4.54 4.28 17.49
CA SER A 78 -4.98 4.17 16.11
C SER A 78 -6.44 4.62 15.99
N GLN A 79 -6.62 5.73 15.27
CA GLN A 79 -7.96 6.27 15.07
C GLN A 79 -8.24 6.47 13.58
N GLU A 80 -8.16 7.72 13.16
CA GLU A 80 -8.41 8.05 11.77
C GLU A 80 -8.65 9.55 11.60
N GLU A 81 -8.59 10.01 10.37
CA GLU A 81 -8.81 11.41 10.08
C GLU A 81 -8.38 11.73 8.64
N ILE A 82 -7.08 11.97 8.48
CA ILE A 82 -6.54 12.28 7.18
C ILE A 82 -5.84 11.04 6.61
N ILE A 83 -5.60 10.08 7.49
CA ILE A 83 -4.95 8.84 7.08
C ILE A 83 -5.70 8.24 5.91
N HIS A 84 -7.01 8.47 5.90
CA HIS A 84 -7.86 7.95 4.83
C HIS A 84 -7.44 8.59 3.49
N ASN A 85 -7.55 9.92 3.46
CA ASN A 85 -7.20 10.66 2.25
C ASN A 85 -5.77 10.28 1.83
N ILE A 86 -4.88 10.29 2.82
CA ILE A 86 -3.49 9.96 2.55
C ILE A 86 -3.39 8.52 2.05
N ALA A 87 -4.33 7.70 2.52
CA ALA A 87 -4.38 6.30 2.13
C ALA A 87 -4.44 6.21 0.60
N ARG A 88 -5.51 6.77 0.06
CA ARG A 88 -5.71 6.76 -1.38
C ARG A 88 -4.61 7.57 -2.08
N HIS A 89 -4.23 8.66 -1.45
CA HIS A 89 -3.19 9.52 -1.99
C HIS A 89 -1.94 8.70 -2.28
N LEU A 90 -1.82 7.58 -1.57
CA LEU A 90 -0.68 6.71 -1.74
C LEU A 90 -0.55 6.32 -3.21
N ALA A 91 -1.60 5.67 -3.71
CA ALA A 91 -1.62 5.24 -5.10
C ALA A 91 -1.32 6.44 -6.01
N GLN A 92 -2.12 7.48 -5.85
CA GLN A 92 -1.96 8.68 -6.64
C GLN A 92 -0.51 9.15 -6.59
N ILE A 93 0.15 8.83 -5.49
CA ILE A 93 1.53 9.21 -5.30
C ILE A 93 2.42 8.38 -6.24
N GLY A 94 2.03 7.13 -6.42
CA GLY A 94 2.76 6.23 -7.27
C GLY A 94 2.86 6.78 -8.70
N ASP A 95 1.69 7.10 -9.25
CA ASP A 95 1.63 7.63 -10.60
C ASP A 95 2.41 8.95 -10.66
N GLU A 96 2.06 9.85 -9.75
CA GLU A 96 2.72 11.14 -9.68
C GLU A 96 4.22 10.96 -9.45
N MET A 97 4.55 9.97 -8.63
CA MET A 97 5.94 9.69 -8.32
C MET A 97 6.77 9.56 -9.59
N ASP A 98 6.26 8.76 -10.51
CA ASP A 98 6.95 8.53 -11.77
C ASP A 98 7.57 9.85 -12.25
N HIS A 99 6.92 10.94 -11.88
CA HIS A 99 7.40 12.26 -12.26
C HIS A 99 8.85 12.43 -11.81
N ASN A 100 9.09 12.10 -10.55
CA ASN A 100 10.42 12.21 -9.99
C ASN A 100 10.63 11.10 -8.97
N ILE A 101 11.08 9.95 -9.46
CA ILE A 101 11.33 8.81 -8.60
C ILE A 101 12.54 8.03 -9.11
N GLN A 102 13.68 8.25 -8.46
CA GLN A 102 14.90 7.59 -8.85
C GLN A 102 16.11 8.30 -8.24
N PRO A 103 16.02 8.57 -6.92
CA PRO A 103 17.08 9.24 -6.21
C PRO A 103 18.27 8.30 -5.96
N THR A 104 18.17 7.12 -6.55
CA THR A 104 19.21 6.13 -6.41
C THR A 104 18.73 4.77 -6.94
N LEU A 105 17.47 4.75 -7.35
CA LEU A 105 16.88 3.52 -7.88
C LEU A 105 15.82 3.01 -6.91
N VAL A 106 15.06 3.97 -6.36
CA VAL A 106 14.00 3.62 -5.43
C VAL A 106 13.13 2.52 -6.02
N ARG A 107 12.36 2.90 -7.03
CA ARG A 107 11.48 1.96 -7.69
C ARG A 107 12.24 0.67 -8.03
N GLN A 108 13.46 0.85 -8.53
CA GLN A 108 14.28 -0.29 -8.89
C GLN A 108 14.75 -1.03 -7.64
N LEU A 109 14.73 -0.31 -6.52
CA LEU A 109 15.15 -0.89 -5.25
C LEU A 109 14.11 -1.93 -4.81
N ALA A 110 12.91 -1.46 -4.54
CA ALA A 110 11.83 -2.34 -4.11
C ALA A 110 11.44 -3.25 -5.28
N ALA A 111 11.49 -2.69 -6.47
CA ALA A 111 11.14 -3.44 -7.66
C ALA A 111 12.12 -4.60 -7.84
N GLN A 112 13.37 -4.34 -7.50
CA GLN A 112 14.41 -5.34 -7.61
C GLN A 112 13.98 -6.64 -6.90
N PHE A 113 13.70 -6.50 -5.62
CA PHE A 113 13.27 -7.64 -4.83
C PHE A 113 12.09 -8.36 -5.48
N MET A 114 11.15 -7.57 -5.96
CA MET A 114 9.97 -8.11 -6.62
C MET A 114 10.37 -9.08 -7.74
N ASN A 115 9.74 -10.24 -7.73
CA ASN A 115 10.01 -11.26 -8.74
C ASN A 115 8.81 -11.38 -9.67
N GLY A 116 7.79 -12.07 -9.17
CA GLY A 116 6.57 -12.27 -9.94
C GLY A 116 5.78 -13.48 -9.42
N SER A 117 6.52 -14.44 -8.90
CA SER A 117 5.90 -15.64 -8.36
C SER A 117 6.83 -16.30 -7.34
N LEU A 118 7.01 -15.61 -6.23
CA LEU A 118 7.88 -16.12 -5.16
C LEU A 118 7.69 -17.62 -5.03
N SER A 119 6.53 -18.00 -4.50
CA SER A 119 6.21 -19.40 -4.31
C SER A 119 4.72 -19.63 -4.54
N GLU A 120 4.31 -19.49 -5.79
CA GLU A 120 2.91 -19.68 -6.16
C GLU A 120 2.00 -18.96 -5.15
N GLU A 121 2.62 -18.12 -4.34
CA GLU A 121 1.89 -17.37 -3.34
C GLU A 121 2.80 -16.99 -2.18
N ASP A 122 3.52 -15.89 -2.36
CA ASP A 122 4.43 -15.41 -1.33
C ASP A 122 4.68 -13.92 -1.53
N LYS A 123 3.70 -13.26 -2.14
CA LYS A 123 3.80 -11.84 -2.40
C LYS A 123 3.51 -11.08 -1.10
N ARG A 124 4.57 -10.76 -0.39
CA ARG A 124 4.45 -10.03 0.86
C ARG A 124 5.84 -9.82 1.49
N ASN A 125 6.58 -10.91 1.60
CA ASN A 125 7.91 -10.86 2.18
C ASN A 125 8.82 -10.06 1.24
N CYS A 126 8.70 -10.34 -0.04
CA CYS A 126 9.51 -9.66 -1.04
C CYS A 126 9.37 -8.15 -0.83
N LEU A 127 8.13 -7.69 -0.89
CA LEU A 127 7.84 -6.27 -0.71
C LEU A 127 8.45 -5.80 0.61
N ALA A 128 7.96 -6.38 1.69
CA ALA A 128 8.45 -6.02 3.02
C ALA A 128 9.98 -5.95 2.99
N LYS A 129 10.57 -6.95 2.34
CA LYS A 129 12.01 -7.03 2.24
C LYS A 129 12.52 -5.80 1.46
N ALA A 130 11.60 -5.16 0.76
CA ALA A 130 11.94 -3.98 -0.02
C ALA A 130 12.17 -2.80 0.93
N LEU A 131 11.21 -2.60 1.82
CA LEU A 131 11.29 -1.52 2.78
C LEU A 131 12.69 -1.49 3.40
N ASP A 132 13.20 -2.68 3.69
CA ASP A 132 14.52 -2.80 4.28
C ASP A 132 15.57 -2.32 3.28
N GLU A 133 15.45 -2.82 2.06
CA GLU A 133 16.38 -2.45 1.01
C GLU A 133 16.38 -0.93 0.80
N VAL A 134 15.20 -0.41 0.49
CA VAL A 134 15.05 1.02 0.26
C VAL A 134 15.56 1.77 1.48
N LYS A 135 15.26 1.22 2.65
CA LYS A 135 15.69 1.83 3.90
C LYS A 135 17.19 1.60 4.09
N THR A 136 17.78 0.91 3.12
CA THR A 136 19.20 0.62 3.18
C THR A 136 19.92 1.28 2.00
N ALA A 137 19.14 1.70 1.02
CA ALA A 137 19.69 2.35 -0.16
C ALA A 137 19.49 3.87 -0.04
N PHE A 138 18.24 4.25 0.16
CA PHE A 138 17.90 5.66 0.30
C PHE A 138 17.13 5.92 1.60
N PRO A 139 17.84 5.69 2.74
CA PRO A 139 17.23 5.89 4.04
C PRO A 139 17.14 7.38 4.37
N ARG A 140 16.21 7.70 5.27
CA ARG A 140 16.00 9.07 5.68
C ARG A 140 14.73 9.19 6.52
N ASP A 141 14.30 10.43 6.73
CA ASP A 141 13.11 10.69 7.51
C ASP A 141 11.88 10.62 6.59
N MET A 142 11.33 11.79 6.30
CA MET A 142 10.16 11.87 5.44
C MET A 142 10.51 11.51 4.00
N GLU A 143 11.75 11.82 3.62
CA GLU A 143 12.22 11.54 2.28
C GLU A 143 12.28 10.02 2.06
N ASN A 144 13.10 9.36 2.87
CA ASN A 144 13.25 7.93 2.78
C ASN A 144 11.94 7.24 3.17
N ASP A 145 11.50 7.56 4.38
CA ASP A 145 10.26 6.99 4.89
C ASP A 145 9.23 6.90 3.76
N LYS A 146 8.97 8.06 3.16
CA LYS A 146 8.01 8.12 2.06
C LYS A 146 8.55 7.32 0.88
N ALA A 147 9.87 7.24 0.79
CA ALA A 147 10.51 6.50 -0.28
C ALA A 147 10.11 5.03 -0.20
N MET A 148 10.38 4.44 0.95
CA MET A 148 10.05 3.03 1.17
C MET A 148 8.60 2.75 0.81
N LEU A 149 7.71 3.62 1.30
CA LEU A 149 6.29 3.46 1.03
C LEU A 149 6.07 3.35 -0.48
N ILE A 150 6.83 4.14 -1.22
CA ILE A 150 6.72 4.14 -2.67
C ILE A 150 7.10 2.76 -3.19
N MET A 151 7.91 2.06 -2.40
CA MET A 151 8.36 0.73 -2.79
C MET A 151 7.16 -0.20 -3.02
N THR A 152 6.35 -0.33 -1.98
CA THR A 152 5.17 -1.19 -2.06
C THR A 152 4.28 -0.75 -3.23
N MET A 153 4.02 0.54 -3.28
CA MET A 153 3.17 1.10 -4.33
C MET A 153 3.83 0.92 -5.70
N LEU A 154 5.15 0.88 -5.69
CA LEU A 154 5.90 0.71 -6.92
C LEU A 154 5.42 -0.55 -7.64
N LEU A 155 5.44 -1.66 -6.91
CA LEU A 155 5.02 -2.93 -7.46
C LEU A 155 3.68 -2.75 -8.19
N ALA A 156 2.70 -2.28 -7.42
CA ALA A 156 1.37 -2.07 -7.97
C ALA A 156 1.48 -1.14 -9.19
N LYS A 157 2.14 0.00 -8.98
CA LYS A 157 2.31 0.97 -10.04
C LYS A 157 2.75 0.24 -11.32
N LYS A 158 3.77 -0.60 -11.17
CA LYS A 158 4.29 -1.35 -12.29
C LYS A 158 3.32 -2.50 -12.63
N VAL A 159 2.86 -3.16 -11.58
CA VAL A 159 1.95 -4.27 -11.74
C VAL A 159 0.57 -3.74 -12.17
N ALA A 160 -0.45 -4.18 -11.44
CA ALA A 160 -1.81 -3.75 -11.73
C ALA A 160 -1.77 -2.39 -12.42
N SER A 161 -1.27 -1.40 -11.70
CA SER A 161 -1.17 -0.05 -12.23
C SER A 161 -0.52 -0.07 -13.61
N HIS A 162 0.06 -1.22 -13.93
CA HIS A 162 0.73 -1.39 -15.21
C HIS A 162 0.66 -2.87 -15.63
N ALA A 163 1.05 -3.72 -14.70
CA ALA A 163 1.06 -5.15 -14.97
C ALA A 163 -0.04 -5.81 -14.13
N PRO A 164 -1.24 -5.97 -14.78
CA PRO A 164 -2.37 -6.59 -14.11
C PRO A 164 -2.19 -8.10 -14.00
N SER A 165 -1.14 -8.48 -13.30
CA SER A 165 -0.84 -9.90 -13.11
C SER A 165 -1.19 -10.33 -11.69
N LEU A 166 -0.74 -9.51 -10.73
CA LEU A 166 -1.01 -9.79 -9.33
C LEU A 166 -1.85 -8.67 -8.74
N LEU A 167 -3.08 -8.57 -9.22
CA LEU A 167 -3.99 -7.55 -8.75
C LEU A 167 -4.09 -7.61 -7.23
N ARG A 168 -4.73 -8.67 -6.76
CA ARG A 168 -4.90 -8.87 -5.33
C ARG A 168 -3.58 -8.63 -4.60
N ASP A 169 -2.52 -9.22 -5.14
CA ASP A 169 -1.20 -9.09 -4.56
C ASP A 169 -0.75 -7.63 -4.65
N VAL A 170 -1.12 -7.00 -5.76
CA VAL A 170 -0.77 -5.60 -5.99
C VAL A 170 -1.19 -4.77 -4.78
N PHE A 171 -2.50 -4.80 -4.51
CA PHE A 171 -3.04 -4.05 -3.39
C PHE A 171 -2.31 -4.40 -2.09
N HIS A 172 -2.24 -5.69 -1.81
CA HIS A 172 -1.58 -6.17 -0.61
C HIS A 172 -0.17 -5.58 -0.53
N THR A 173 0.42 -5.40 -1.71
CA THR A 173 1.77 -4.85 -1.79
C THR A 173 1.80 -3.45 -1.17
N THR A 174 0.94 -2.58 -1.69
CA THR A 174 0.87 -1.22 -1.20
C THR A 174 0.67 -1.20 0.32
N VAL A 175 -0.47 -1.72 0.74
CA VAL A 175 -0.79 -1.78 2.16
C VAL A 175 0.11 -2.80 2.84
N ASN A 176 1.09 -3.28 2.08
CA ASN A 176 2.02 -4.27 2.61
C ASN A 176 3.08 -3.56 3.46
N PHE A 177 3.72 -2.57 2.86
CA PHE A 177 4.74 -1.81 3.56
C PHE A 177 4.17 -1.14 4.80
N ILE A 178 3.09 -0.40 4.60
CA ILE A 178 2.43 0.30 5.69
C ILE A 178 2.17 -0.68 6.83
N ASN A 179 1.54 -1.80 6.48
CA ASN A 179 1.22 -2.82 7.46
C ASN A 179 2.51 -3.28 8.15
N GLN A 180 3.56 -3.39 7.36
CA GLN A 180 4.85 -3.82 7.89
C GLN A 180 5.69 -2.60 8.26
N ASN A 181 5.09 -1.42 8.11
CA ASN A 181 5.77 -0.19 8.43
C ASN A 181 5.31 0.30 9.81
N LEU A 182 5.28 1.62 9.94
CA LEU A 182 4.85 2.23 11.19
C LEU A 182 3.37 2.61 11.10
N PHE A 183 2.60 1.70 10.52
CA PHE A 183 1.17 1.92 10.37
C PHE A 183 0.86 3.42 10.33
N SER A 184 1.63 4.13 9.53
CA SER A 184 1.45 5.57 9.40
C SER A 184 2.77 6.23 9.02
N TYR A 185 2.69 7.10 8.02
CA TYR A 185 3.88 7.81 7.55
C TYR A 185 4.25 8.93 8.51
N VAL A 186 5.51 9.36 8.41
CA VAL A 186 6.01 10.42 9.26
C VAL A 186 4.99 11.57 9.29
N ARG A 187 4.45 11.86 8.12
CA ARG A 187 3.47 12.94 8.00
C ARG A 187 2.32 12.71 8.97
N ASN A 188 1.75 11.51 8.91
CA ASN A 188 0.65 11.16 9.79
C ASN A 188 1.04 11.44 11.25
N LEU A 189 2.26 11.04 11.58
CA LEU A 189 2.76 11.24 12.93
C LEU A 189 2.69 12.74 13.28
N VAL A 190 3.23 13.54 12.39
CA VAL A 190 3.23 14.98 12.59
C VAL A 190 1.79 15.48 12.70
N ARG A 191 0.95 14.99 11.79
CA ARG A 191 -0.45 15.37 11.77
C ARG A 191 -1.08 15.11 13.15
N ASN A 192 -0.87 13.90 13.64
CA ASN A 192 -1.41 13.51 14.93
C ASN A 192 -0.98 14.53 15.99
N GLU A 193 0.31 14.84 15.96
CA GLU A 193 0.87 15.80 16.90
C GLU A 193 0.39 15.46 18.32
N MET A 194 0.66 14.23 18.72
CA MET A 194 0.28 13.78 20.05
C MET A 194 -1.07 14.37 20.46
N ASP A 195 -1.97 14.45 19.49
CA ASP A 195 -3.29 14.99 19.74
C ASP A 195 -4.29 14.33 18.78
N MET A 1 4.94 18.39 6.36
CA MET A 1 5.89 19.08 7.23
C MET A 1 7.15 18.24 7.42
N ASP A 2 8.29 18.92 7.42
CA ASP A 2 9.57 18.25 7.59
C ASP A 2 9.86 18.12 9.09
N SER A 3 10.54 17.04 9.43
CA SER A 3 10.89 16.78 10.82
C SER A 3 12.10 15.84 10.88
N GLU A 4 12.16 15.10 11.98
CA GLU A 4 13.25 14.16 12.19
C GLU A 4 12.71 12.74 12.38
N VAL A 5 11.61 12.66 13.12
CA VAL A 5 10.98 11.39 13.38
C VAL A 5 11.93 10.51 14.20
N SER A 6 12.75 9.75 13.49
CA SER A 6 13.71 8.87 14.13
C SER A 6 12.99 7.98 15.15
N ASN A 7 12.31 6.97 14.62
CA ASN A 7 11.58 6.03 15.46
C ASN A 7 10.96 4.94 14.59
N GLY A 8 10.39 3.95 15.26
CA GLY A 8 9.77 2.84 14.55
C GLY A 8 10.10 1.51 15.22
N SER A 9 9.28 0.50 14.93
CA SER A 9 9.49 -0.82 15.49
C SER A 9 9.09 -1.88 14.47
N GLY A 10 7.78 -2.05 14.31
CA GLY A 10 7.25 -3.03 13.37
C GLY A 10 6.22 -3.93 14.06
N LEU A 11 5.42 -4.59 13.22
CA LEU A 11 4.39 -5.49 13.73
C LEU A 11 3.38 -4.68 14.53
N GLY A 12 2.14 -5.13 14.49
CA GLY A 12 1.06 -4.47 15.20
C GLY A 12 -0.21 -4.42 14.36
N ALA A 13 -0.02 -4.41 13.05
CA ALA A 13 -1.15 -4.36 12.13
C ALA A 13 -1.83 -2.99 12.23
N LYS A 14 -2.36 -2.55 11.11
CA LYS A 14 -3.05 -1.27 11.07
C LYS A 14 -4.26 -1.37 10.12
N HIS A 15 -5.44 -1.22 10.71
CA HIS A 15 -6.67 -1.29 9.94
C HIS A 15 -6.70 -0.16 8.91
N ILE A 16 -6.25 1.01 9.35
CA ILE A 16 -6.22 2.18 8.48
C ILE A 16 -5.48 1.82 7.19
N THR A 17 -4.36 1.11 7.37
CA THR A 17 -3.55 0.71 6.23
C THR A 17 -4.40 -0.02 5.20
N ASP A 18 -5.21 -0.94 5.69
CA ASP A 18 -6.07 -1.72 4.82
C ASP A 18 -6.85 -0.77 3.92
N LEU A 19 -7.32 0.33 4.50
CA LEU A 19 -8.07 1.31 3.75
C LEU A 19 -7.17 1.94 2.69
N LEU A 20 -5.87 1.94 2.97
CA LEU A 20 -4.91 2.50 2.05
C LEU A 20 -4.93 1.69 0.74
N VAL A 21 -4.99 0.38 0.90
CA VAL A 21 -5.01 -0.50 -0.25
C VAL A 21 -6.26 -0.20 -1.09
N PHE A 22 -7.41 -0.40 -0.47
CA PHE A 22 -8.67 -0.16 -1.15
C PHE A 22 -8.80 1.30 -1.57
N GLY A 23 -8.22 2.18 -0.75
CA GLY A 23 -8.26 3.60 -1.03
C GLY A 23 -7.27 3.98 -2.15
N PHE A 24 -6.14 3.28 -2.15
CA PHE A 24 -5.12 3.53 -3.14
C PHE A 24 -5.70 3.47 -4.55
N LEU A 25 -6.33 2.34 -4.85
CA LEU A 25 -6.92 2.15 -6.17
C LEU A 25 -7.98 3.24 -6.40
N GLN A 26 -8.77 3.49 -5.37
CA GLN A 26 -9.81 4.50 -5.45
C GLN A 26 -9.22 5.83 -5.89
N SER A 27 -7.98 6.05 -5.51
CA SER A 27 -7.28 7.29 -5.86
C SER A 27 -7.05 7.34 -7.37
N SER A 28 -5.85 6.94 -7.76
CA SER A 28 -5.48 6.93 -9.16
C SER A 28 -4.61 5.72 -9.47
N GLY A 29 -4.87 4.63 -8.77
CA GLY A 29 -4.12 3.41 -8.95
C GLY A 29 -4.56 2.68 -10.23
N CYS A 30 -5.33 1.62 -10.03
CA CYS A 30 -5.82 0.84 -11.15
C CYS A 30 -7.15 1.44 -11.61
N THR A 31 -8.23 0.82 -11.14
CA THR A 31 -9.57 1.29 -11.50
C THR A 31 -10.54 1.04 -10.35
N ARG A 32 -11.62 1.81 -10.36
CA ARG A 32 -12.63 1.69 -9.32
C ARG A 32 -12.94 0.21 -9.06
N GLN A 33 -13.26 -0.50 -10.14
CA GLN A 33 -13.58 -1.91 -10.04
C GLN A 33 -12.40 -2.68 -9.45
N GLU A 34 -11.21 -2.14 -9.68
CA GLU A 34 -10.00 -2.76 -9.18
C GLU A 34 -9.97 -2.70 -7.65
N LEU A 35 -10.08 -1.49 -7.13
CA LEU A 35 -10.07 -1.29 -5.69
C LEU A 35 -11.02 -2.28 -5.02
N GLU A 36 -12.09 -2.60 -5.74
CA GLU A 36 -13.08 -3.54 -5.23
C GLU A 36 -12.51 -4.96 -5.22
N VAL A 37 -11.93 -5.34 -6.35
CA VAL A 37 -11.34 -6.66 -6.48
C VAL A 37 -10.17 -6.80 -5.50
N LEU A 38 -9.23 -5.88 -5.64
CA LEU A 38 -8.06 -5.89 -4.78
C LEU A 38 -8.49 -5.62 -3.33
N GLY A 39 -9.38 -4.64 -3.19
CA GLY A 39 -9.87 -4.28 -1.87
C GLY A 39 -10.57 -5.46 -1.20
N ARG A 40 -11.50 -6.05 -1.94
CA ARG A 40 -12.24 -7.20 -1.42
C ARG A 40 -11.28 -8.30 -0.97
N GLU A 41 -11.15 -8.42 0.34
CA GLU A 41 -10.28 -9.43 0.91
C GLU A 41 -10.91 -10.03 2.17
N LEU A 42 -11.46 -11.22 2.01
CA LEU A 42 -12.09 -11.91 3.12
C LEU A 42 -11.10 -12.91 3.73
N PRO A 43 -10.62 -12.57 4.95
CA PRO A 43 -9.68 -13.43 5.65
C PRO A 43 -10.38 -14.66 6.22
N VAL A 44 -10.36 -15.73 5.43
CA VAL A 44 -11.00 -16.97 5.84
C VAL A 44 -10.69 -17.22 7.33
N GLN A 45 -11.65 -16.83 8.16
CA GLN A 45 -11.49 -17.00 9.60
C GLN A 45 -10.05 -16.72 10.02
N ALA A 46 -9.81 -15.46 10.36
CA ALA A 46 -8.48 -15.05 10.78
C ALA A 46 -8.26 -15.46 12.24
N TYR A 47 -8.42 -16.75 12.48
CA TYR A 47 -8.23 -17.28 13.82
C TYR A 47 -7.03 -16.64 14.51
N TRP A 48 -7.31 -15.56 15.23
CA TRP A 48 -6.26 -14.84 15.93
C TRP A 48 -6.87 -13.60 16.59
N GLU A 49 -8.10 -13.79 17.06
CA GLU A 49 -8.82 -12.70 17.72
C GLU A 49 -8.97 -12.97 19.21
N ALA A 50 -9.01 -11.90 19.99
CA ALA A 50 -9.16 -12.01 21.42
C ALA A 50 -8.72 -10.71 22.08
N ASP A 51 -9.64 -9.76 22.11
CA ASP A 51 -9.37 -8.46 22.69
C ASP A 51 -10.69 -7.72 22.94
N LEU A 52 -10.98 -7.51 24.21
CA LEU A 52 -12.21 -6.83 24.59
C LEU A 52 -12.54 -5.75 23.55
N GLU A 53 -11.89 -4.60 23.71
CA GLU A 53 -12.09 -3.50 22.79
C GLU A 53 -11.02 -2.43 23.00
N ASP A 54 -10.19 -2.27 21.97
CA ASP A 54 -9.12 -1.30 22.02
C ASP A 54 -9.66 0.08 21.67
N GLU A 55 -9.01 1.10 22.20
CA GLU A 55 -9.42 2.47 21.95
C GLU A 55 -8.20 3.37 21.74
N LEU A 56 -8.41 4.44 20.99
CA LEU A 56 -7.33 5.37 20.70
C LEU A 56 -7.91 6.62 20.02
N GLN A 57 -8.19 7.62 20.82
CA GLN A 57 -8.74 8.87 20.32
C GLN A 57 -8.77 9.93 21.41
N THR A 58 -8.12 11.05 21.12
CA THR A 58 -8.07 12.15 22.08
C THR A 58 -9.28 13.05 21.91
N ASP A 59 -9.23 13.89 20.90
CA ASP A 59 -10.32 14.82 20.63
C ASP A 59 -10.19 15.35 19.19
N GLY A 60 -9.12 16.09 18.96
CA GLY A 60 -8.87 16.66 17.65
C GLY A 60 -9.38 18.10 17.57
N SER A 61 -8.49 19.00 17.20
CA SER A 61 -8.83 20.41 17.09
C SER A 61 -7.61 21.21 16.67
N GLN A 62 -7.86 22.25 15.89
CA GLN A 62 -6.79 23.12 15.42
C GLN A 62 -7.37 24.31 14.66
N ALA A 63 -6.92 25.49 15.03
CA ALA A 63 -7.37 26.71 14.39
C ALA A 63 -6.19 27.66 14.19
N SER A 64 -6.35 28.57 13.24
CA SER A 64 -5.31 29.53 12.94
C SER A 64 -5.83 30.95 13.17
N ARG A 65 -4.94 31.79 13.67
CA ARG A 65 -5.28 33.17 13.94
C ARG A 65 -4.04 34.07 13.87
N SER A 66 -3.01 33.66 14.59
CA SER A 66 -1.77 34.40 14.62
C SER A 66 -1.49 34.99 13.24
N PHE A 67 -1.27 36.30 13.22
CA PHE A 67 -1.00 36.99 11.97
C PHE A 67 0.03 36.23 11.14
N ASN A 68 0.21 36.69 9.91
CA ASN A 68 1.17 36.06 9.01
C ASN A 68 2.58 36.46 9.41
N GLN A 69 3.54 35.75 8.86
CA GLN A 69 4.95 36.02 9.14
C GLN A 69 5.75 36.07 7.84
N GLY A 70 6.99 36.52 7.98
CA GLY A 70 7.88 36.62 6.83
C GLY A 70 7.67 35.44 5.88
N ARG A 71 7.90 34.24 6.40
CA ARG A 71 7.74 33.04 5.61
C ARG A 71 6.47 32.30 6.03
N ILE A 72 5.37 32.65 5.37
CA ILE A 72 4.09 32.02 5.66
C ILE A 72 4.26 30.50 5.64
N GLU A 73 3.57 29.85 6.57
CA GLU A 73 3.63 28.40 6.67
C GLU A 73 2.29 27.79 6.26
N PRO A 74 2.34 27.02 5.13
CA PRO A 74 1.13 26.39 4.62
C PRO A 74 0.77 25.16 5.47
N ASP A 75 -0.39 24.59 5.16
CA ASP A 75 -0.86 23.43 5.88
C ASP A 75 -1.37 23.86 7.25
N SER A 76 -2.66 23.62 7.47
CA SER A 76 -3.28 23.98 8.73
C SER A 76 -4.77 23.64 8.70
N GLU A 77 -5.34 23.46 9.88
CA GLU A 77 -6.75 23.15 10.00
C GLU A 77 -7.00 21.69 9.59
N SER A 78 -8.20 21.23 9.89
CA SER A 78 -8.58 19.86 9.56
C SER A 78 -7.68 18.87 10.32
N GLN A 79 -8.32 17.88 10.92
CA GLN A 79 -7.60 16.88 11.68
C GLN A 79 -8.57 15.86 12.26
N GLU A 80 -9.20 15.11 11.38
CA GLU A 80 -10.16 14.09 11.78
C GLU A 80 -9.98 12.82 10.96
N GLU A 81 -10.46 12.88 9.73
CA GLU A 81 -10.36 11.74 8.83
C GLU A 81 -9.51 12.11 7.61
N ILE A 82 -8.32 12.61 7.89
CA ILE A 82 -7.41 13.00 6.83
C ILE A 82 -6.51 11.81 6.47
N ILE A 83 -6.40 10.89 7.41
CA ILE A 83 -5.58 9.71 7.21
C ILE A 83 -6.00 9.02 5.91
N HIS A 84 -7.32 8.87 5.75
CA HIS A 84 -7.86 8.24 4.56
C HIS A 84 -7.46 9.05 3.33
N ASN A 85 -7.45 10.36 3.49
CA ASN A 85 -7.09 11.25 2.40
C ASN A 85 -5.72 10.86 1.85
N ILE A 86 -4.76 10.75 2.77
CA ILE A 86 -3.41 10.39 2.39
C ILE A 86 -3.42 8.98 1.79
N ALA A 87 -4.39 8.19 2.21
CA ALA A 87 -4.51 6.83 1.72
C ALA A 87 -4.60 6.84 0.20
N ARG A 88 -5.57 7.60 -0.30
CA ARG A 88 -5.77 7.70 -1.74
C ARG A 88 -4.55 8.36 -2.39
N HIS A 89 -4.04 9.38 -1.72
CA HIS A 89 -2.88 10.10 -2.23
C HIS A 89 -1.71 9.14 -2.39
N LEU A 90 -1.82 7.99 -1.73
CA LEU A 90 -0.78 6.99 -1.80
C LEU A 90 -0.62 6.52 -3.24
N ALA A 91 -1.67 5.84 -3.73
CA ALA A 91 -1.67 5.33 -5.09
C ALA A 91 -1.24 6.45 -6.04
N GLN A 92 -1.94 7.56 -5.95
CA GLN A 92 -1.65 8.71 -6.80
C GLN A 92 -0.17 9.07 -6.71
N ILE A 93 0.42 8.73 -5.57
CA ILE A 93 1.82 9.02 -5.34
C ILE A 93 2.67 8.12 -6.24
N GLY A 94 2.20 6.89 -6.41
CA GLY A 94 2.90 5.93 -7.25
C GLY A 94 2.97 6.41 -8.70
N ASP A 95 1.80 6.71 -9.25
CA ASP A 95 1.72 7.18 -10.62
C ASP A 95 2.45 8.52 -10.75
N GLU A 96 2.13 9.42 -9.83
CA GLU A 96 2.74 10.73 -9.84
C GLU A 96 4.26 10.61 -9.66
N MET A 97 4.65 9.76 -8.71
CA MET A 97 6.06 9.54 -8.43
C MET A 97 6.81 9.13 -9.70
N ASP A 98 6.09 8.46 -10.58
CA ASP A 98 6.67 8.01 -11.84
C ASP A 98 7.65 9.07 -12.35
N HIS A 99 7.32 10.32 -12.06
CA HIS A 99 8.16 11.43 -12.49
C HIS A 99 9.61 11.18 -12.05
N ASN A 100 9.76 10.81 -10.78
CA ASN A 100 11.07 10.54 -10.24
C ASN A 100 10.98 9.41 -9.22
N ILE A 101 11.07 8.19 -9.74
CA ILE A 101 10.99 7.01 -8.90
C ILE A 101 12.31 6.25 -8.97
N GLN A 102 13.38 6.96 -8.69
CA GLN A 102 14.71 6.37 -8.72
C GLN A 102 15.77 7.44 -8.91
N PRO A 103 15.80 8.41 -7.97
CA PRO A 103 16.75 9.50 -8.03
C PRO A 103 18.16 9.03 -7.61
N THR A 104 18.25 7.73 -7.36
CA THR A 104 19.51 7.14 -6.97
C THR A 104 19.41 5.62 -6.92
N LEU A 105 18.25 5.12 -7.36
CA LEU A 105 18.01 3.69 -7.37
C LEU A 105 17.08 3.32 -6.20
N VAL A 106 16.24 4.29 -5.83
CA VAL A 106 15.31 4.08 -4.74
C VAL A 106 14.31 2.99 -5.13
N ARG A 107 13.33 3.38 -5.92
CA ARG A 107 12.31 2.45 -6.37
C ARG A 107 12.96 1.24 -7.06
N GLN A 108 14.19 1.45 -7.52
CA GLN A 108 14.92 0.40 -8.20
C GLN A 108 15.22 -0.74 -7.23
N LEU A 109 15.57 -0.37 -6.01
CA LEU A 109 15.89 -1.35 -4.99
C LEU A 109 14.64 -2.17 -4.68
N ALA A 110 13.62 -1.48 -4.21
CA ALA A 110 12.35 -2.13 -3.87
C ALA A 110 11.91 -3.00 -5.04
N ALA A 111 11.84 -2.38 -6.21
CA ALA A 111 11.43 -3.09 -7.41
C ALA A 111 12.45 -4.19 -7.73
N GLN A 112 13.61 -4.06 -7.10
CA GLN A 112 14.67 -5.03 -7.30
C GLN A 112 14.23 -6.41 -6.81
N PHE A 113 13.67 -6.43 -5.61
CA PHE A 113 13.20 -7.67 -5.02
C PHE A 113 12.07 -8.29 -5.86
N MET A 114 11.16 -7.43 -6.29
CA MET A 114 10.04 -7.88 -7.10
C MET A 114 10.52 -8.70 -8.30
N ASN A 115 10.08 -9.94 -8.35
CA ASN A 115 10.45 -10.83 -9.43
C ASN A 115 9.25 -11.69 -9.82
N GLY A 116 9.54 -12.84 -10.40
CA GLY A 116 8.50 -13.76 -10.82
C GLY A 116 9.04 -15.18 -10.99
N SER A 117 9.55 -15.72 -9.89
CA SER A 117 10.10 -17.06 -9.91
C SER A 117 10.06 -17.67 -8.51
N LEU A 118 9.16 -17.12 -7.69
CA LEU A 118 9.00 -17.59 -6.33
C LEU A 118 8.32 -18.96 -6.35
N SER A 119 7.00 -18.94 -6.24
CA SER A 119 6.22 -20.16 -6.24
C SER A 119 4.90 -19.94 -6.96
N GLU A 120 5.00 -19.50 -8.21
CA GLU A 120 3.83 -19.25 -9.02
C GLU A 120 3.00 -18.12 -8.40
N GLU A 121 3.35 -17.77 -7.18
CA GLU A 121 2.66 -16.71 -6.47
C GLU A 121 2.88 -16.84 -4.96
N ASP A 122 4.05 -16.42 -4.53
CA ASP A 122 4.40 -16.48 -3.12
C ASP A 122 5.20 -15.24 -2.74
N LYS A 123 4.87 -14.14 -3.40
CA LYS A 123 5.55 -12.88 -3.13
C LYS A 123 5.40 -12.51 -1.66
N ARG A 124 4.74 -11.38 -1.43
CA ARG A 124 4.51 -10.91 -0.06
C ARG A 124 5.84 -10.49 0.57
N ASN A 125 6.74 -11.45 0.66
CA ASN A 125 8.05 -11.19 1.25
C ASN A 125 8.85 -10.27 0.33
N CYS A 126 8.64 -10.46 -0.97
CA CYS A 126 9.34 -9.66 -1.96
C CYS A 126 9.19 -8.19 -1.57
N LEU A 127 7.95 -7.74 -1.49
CA LEU A 127 7.65 -6.37 -1.14
C LEU A 127 8.41 -6.02 0.15
N ALA A 128 8.00 -6.65 1.23
CA ALA A 128 8.62 -6.40 2.52
C ALA A 128 10.14 -6.38 2.36
N LYS A 129 10.62 -7.18 1.41
CA LYS A 129 12.03 -7.26 1.14
C LYS A 129 12.57 -5.86 0.82
N ALA A 130 11.72 -5.08 0.17
CA ALA A 130 12.10 -3.72 -0.20
C ALA A 130 12.11 -2.85 1.05
N LEU A 131 11.15 -3.10 1.92
CA LEU A 131 11.05 -2.34 3.15
C LEU A 131 12.41 -2.28 3.83
N ASP A 132 13.09 -3.42 3.86
CA ASP A 132 14.40 -3.51 4.46
C ASP A 132 15.39 -2.70 3.62
N GLU A 133 15.56 -3.13 2.38
CA GLU A 133 16.47 -2.46 1.48
C GLU A 133 16.19 -0.97 1.44
N VAL A 134 14.98 -0.64 1.00
CA VAL A 134 14.56 0.75 0.91
C VAL A 134 14.65 1.40 2.29
N LYS A 135 14.18 0.67 3.29
CA LYS A 135 14.21 1.15 4.66
C LYS A 135 15.59 0.90 5.25
N THR A 136 16.59 0.89 4.38
CA THR A 136 17.96 0.67 4.81
C THR A 136 18.94 1.18 3.76
N ALA A 137 18.54 2.27 3.11
CA ALA A 137 19.38 2.87 2.08
C ALA A 137 19.20 4.39 2.10
N PHE A 138 17.97 4.81 1.83
CA PHE A 138 17.65 6.23 1.81
C PHE A 138 16.49 6.53 2.75
N PRO A 139 16.63 6.04 4.02
CA PRO A 139 15.61 6.25 5.03
C PRO A 139 15.65 7.69 5.54
N ARG A 140 14.55 8.09 6.17
CA ARG A 140 14.45 9.44 6.71
C ARG A 140 13.00 9.74 7.10
N ASP A 141 12.63 11.00 6.92
CA ASP A 141 11.28 11.43 7.25
C ASP A 141 10.36 11.15 6.06
N MET A 142 9.37 12.02 5.90
CA MET A 142 8.40 11.87 4.82
C MET A 142 9.12 11.73 3.47
N GLU A 143 10.24 12.45 3.35
CA GLU A 143 11.01 12.42 2.13
C GLU A 143 11.46 10.99 1.82
N ASN A 144 12.27 10.45 2.72
CA ASN A 144 12.78 9.10 2.57
C ASN A 144 11.68 8.10 2.91
N ASP A 145 11.11 8.28 4.10
CA ASP A 145 10.05 7.40 4.56
C ASP A 145 9.10 7.11 3.40
N LYS A 146 8.61 8.18 2.79
CA LYS A 146 7.69 8.04 1.67
C LYS A 146 8.31 7.13 0.61
N ALA A 147 9.64 7.16 0.56
CA ALA A 147 10.36 6.35 -0.40
C ALA A 147 9.93 4.88 -0.24
N MET A 148 10.08 4.37 0.97
CA MET A 148 9.71 3.01 1.26
C MET A 148 8.28 2.71 0.80
N LEU A 149 7.36 3.49 1.32
CA LEU A 149 5.96 3.33 0.98
C LEU A 149 5.81 3.34 -0.54
N ILE A 150 6.58 4.19 -1.18
CA ILE A 150 6.55 4.30 -2.63
C ILE A 150 6.96 2.96 -3.25
N MET A 151 7.77 2.22 -2.51
CA MET A 151 8.22 0.93 -2.97
C MET A 151 7.05 -0.02 -3.20
N THR A 152 6.30 -0.26 -2.13
CA THR A 152 5.15 -1.14 -2.21
C THR A 152 4.20 -0.69 -3.32
N MET A 153 3.98 0.61 -3.36
CA MET A 153 3.09 1.18 -4.37
C MET A 153 3.66 0.96 -5.78
N LEU A 154 4.98 0.96 -5.86
CA LEU A 154 5.66 0.77 -7.13
C LEU A 154 5.15 -0.52 -7.77
N LEU A 155 5.26 -1.60 -7.02
CA LEU A 155 4.83 -2.90 -7.49
C LEU A 155 3.41 -2.78 -8.08
N ALA A 156 2.50 -2.31 -7.24
CA ALA A 156 1.12 -2.15 -7.66
C ALA A 156 1.07 -1.24 -8.90
N LYS A 157 1.74 -0.11 -8.78
CA LYS A 157 1.77 0.84 -9.89
C LYS A 157 2.13 0.11 -11.18
N LYS A 158 3.25 -0.60 -11.12
CA LYS A 158 3.71 -1.35 -12.29
C LYS A 158 2.87 -2.61 -12.44
N VAL A 159 2.87 -3.42 -11.39
CA VAL A 159 2.11 -4.66 -11.40
C VAL A 159 0.70 -4.38 -11.90
N ALA A 160 0.11 -3.33 -11.37
CA ALA A 160 -1.24 -2.94 -11.75
C ALA A 160 -1.46 -3.29 -13.22
N SER A 161 -0.54 -2.83 -14.05
CA SER A 161 -0.62 -3.09 -15.48
C SER A 161 0.51 -4.03 -15.91
N HIS A 162 1.44 -4.24 -15.00
CA HIS A 162 2.58 -5.11 -15.27
C HIS A 162 2.21 -6.55 -14.92
N ALA A 163 1.70 -6.72 -13.71
CA ALA A 163 1.32 -8.03 -13.23
C ALA A 163 -0.20 -8.05 -12.97
N PRO A 164 -0.97 -8.19 -14.07
CA PRO A 164 -2.42 -8.22 -13.97
C PRO A 164 -2.91 -9.57 -13.43
N SER A 165 -1.94 -10.43 -13.13
CA SER A 165 -2.26 -11.74 -12.59
C SER A 165 -2.12 -11.73 -11.08
N LEU A 166 -1.46 -10.70 -10.57
CA LEU A 166 -1.26 -10.56 -9.14
C LEU A 166 -1.99 -9.32 -8.65
N LEU A 167 -3.14 -9.07 -9.26
CA LEU A 167 -3.95 -7.92 -8.89
C LEU A 167 -4.09 -7.87 -7.37
N ARG A 168 -4.55 -8.98 -6.81
CA ARG A 168 -4.72 -9.07 -5.37
C ARG A 168 -3.43 -8.73 -4.64
N ASP A 169 -2.32 -9.19 -5.20
CA ASP A 169 -1.01 -8.94 -4.63
C ASP A 169 -0.70 -7.45 -4.73
N VAL A 170 -1.12 -6.86 -5.85
CA VAL A 170 -0.88 -5.45 -6.08
C VAL A 170 -1.28 -4.65 -4.84
N PHE A 171 -2.55 -4.78 -4.48
CA PHE A 171 -3.07 -4.09 -3.32
C PHE A 171 -2.31 -4.48 -2.06
N HIS A 172 -2.16 -5.79 -1.87
CA HIS A 172 -1.46 -6.32 -0.71
C HIS A 172 -0.08 -5.66 -0.61
N THR A 173 0.46 -5.32 -1.78
CA THR A 173 1.77 -4.68 -1.83
C THR A 173 1.74 -3.33 -1.11
N THR A 174 1.03 -2.39 -1.71
CA THR A 174 0.90 -1.06 -1.14
C THR A 174 0.65 -1.15 0.36
N VAL A 175 -0.44 -1.81 0.71
CA VAL A 175 -0.81 -1.97 2.10
C VAL A 175 0.10 -3.00 2.76
N ASN A 176 1.12 -3.39 2.01
CA ASN A 176 2.08 -4.37 2.50
C ASN A 176 3.14 -3.67 3.35
N PHE A 177 3.79 -2.69 2.73
CA PHE A 177 4.82 -1.92 3.41
C PHE A 177 4.25 -1.22 4.64
N ILE A 178 3.22 -0.42 4.41
CA ILE A 178 2.58 0.31 5.49
C ILE A 178 2.37 -0.62 6.69
N ASN A 179 1.66 -1.71 6.42
CA ASN A 179 1.38 -2.69 7.45
C ASN A 179 2.70 -3.23 8.02
N GLN A 180 3.66 -3.38 7.13
CA GLN A 180 4.97 -3.88 7.53
C GLN A 180 5.97 -2.73 7.62
N ASN A 181 5.43 -1.52 7.63
CA ASN A 181 6.27 -0.34 7.71
C ASN A 181 6.32 0.15 9.17
N LEU A 182 6.29 1.46 9.33
CA LEU A 182 6.32 2.05 10.65
C LEU A 182 4.89 2.31 11.14
N PHE A 183 3.99 1.44 10.68
CA PHE A 183 2.59 1.57 11.06
C PHE A 183 2.20 3.04 11.29
N SER A 184 1.58 3.60 10.27
CA SER A 184 1.16 4.99 10.34
C SER A 184 2.34 5.93 10.08
N TYR A 185 2.84 5.85 8.85
CA TYR A 185 3.96 6.67 8.45
C TYR A 185 3.70 8.15 8.74
N VAL A 186 2.89 8.75 7.87
CA VAL A 186 2.54 10.15 8.02
C VAL A 186 2.22 10.44 9.49
N ARG A 187 1.50 9.50 10.10
CA ARG A 187 1.12 9.64 11.49
C ARG A 187 2.36 9.92 12.36
N ASN A 188 3.41 9.17 12.09
CA ASN A 188 4.66 9.34 12.83
C ASN A 188 5.21 10.74 12.58
N LEU A 189 5.19 11.14 11.32
CA LEU A 189 5.69 12.46 10.95
C LEU A 189 4.97 13.52 11.77
N VAL A 190 3.64 13.47 11.71
CA VAL A 190 2.83 14.42 12.44
C VAL A 190 3.10 14.29 13.94
N ARG A 191 3.15 13.04 14.39
CA ARG A 191 3.42 12.76 15.79
C ARG A 191 4.68 13.47 16.25
N ASN A 192 5.71 13.38 15.42
CA ASN A 192 6.98 14.01 15.73
C ASN A 192 6.78 15.52 15.87
N GLU A 193 6.05 16.07 14.92
CA GLU A 193 5.77 17.50 14.92
C GLU A 193 4.25 17.75 14.89
N MET A 194 3.70 17.92 16.08
CA MET A 194 2.27 18.17 16.21
C MET A 194 2.01 19.49 16.93
N ASP A 195 1.09 20.26 16.37
CA ASP A 195 0.73 21.55 16.96
C ASP A 195 2.00 22.25 17.45
N MET A 1 24.05 -15.42 3.29
CA MET A 1 23.53 -14.38 2.43
C MET A 1 24.15 -13.02 2.76
N ASP A 2 23.77 -12.03 1.98
CA ASP A 2 24.29 -10.69 2.18
C ASP A 2 24.05 -10.25 3.63
N SER A 3 22.77 -10.16 3.98
CA SER A 3 22.39 -9.76 5.32
C SER A 3 20.88 -9.93 5.50
N GLU A 4 20.48 -10.02 6.76
CA GLU A 4 19.06 -10.19 7.08
C GLU A 4 18.89 -10.36 8.59
N VAL A 5 18.28 -9.35 9.20
CA VAL A 5 18.04 -9.38 10.63
C VAL A 5 17.19 -8.18 11.03
N SER A 6 16.59 -8.28 12.21
CA SER A 6 15.74 -7.21 12.71
C SER A 6 14.33 -7.36 12.15
N ASN A 7 13.35 -6.96 12.95
CA ASN A 7 11.96 -7.05 12.56
C ASN A 7 11.07 -6.59 13.72
N GLY A 8 9.92 -6.03 13.35
CA GLY A 8 8.98 -5.55 14.35
C GLY A 8 7.94 -6.63 14.67
N SER A 9 7.09 -6.31 15.65
CA SER A 9 6.04 -7.22 16.05
C SER A 9 4.68 -6.55 15.95
N GLY A 10 4.45 -5.92 14.80
CA GLY A 10 3.19 -5.23 14.56
C GLY A 10 2.82 -4.35 15.75
N LEU A 11 1.56 -3.90 15.74
CA LEU A 11 1.07 -3.05 16.80
C LEU A 11 -0.45 -2.92 16.68
N GLY A 12 -1.02 -2.19 17.63
CA GLY A 12 -2.47 -1.99 17.64
C GLY A 12 -2.89 -1.02 16.52
N ALA A 13 -2.55 -1.40 15.30
CA ALA A 13 -2.90 -0.58 14.15
C ALA A 13 -2.45 -1.30 12.87
N LYS A 14 -3.27 -1.18 11.85
CA LYS A 14 -2.98 -1.81 10.57
C LYS A 14 -4.25 -1.86 9.71
N HIS A 15 -5.38 -1.89 10.41
CA HIS A 15 -6.66 -1.94 9.73
C HIS A 15 -6.76 -0.78 8.73
N ILE A 16 -6.34 0.39 9.19
CA ILE A 16 -6.37 1.58 8.35
C ILE A 16 -5.62 1.30 7.05
N THR A 17 -4.59 0.47 7.16
CA THR A 17 -3.79 0.11 6.01
C THR A 17 -4.68 -0.44 4.89
N ASP A 18 -5.53 -1.38 5.25
CA ASP A 18 -6.44 -1.99 4.30
C ASP A 18 -7.14 -0.90 3.49
N LEU A 19 -7.52 0.15 4.21
CA LEU A 19 -8.21 1.28 3.58
C LEU A 19 -7.28 1.92 2.55
N LEU A 20 -5.99 1.88 2.85
CA LEU A 20 -4.99 2.44 1.96
C LEU A 20 -4.99 1.68 0.64
N VAL A 21 -5.14 0.37 0.75
CA VAL A 21 -5.16 -0.47 -0.44
C VAL A 21 -6.35 -0.09 -1.32
N PHE A 22 -7.54 -0.30 -0.77
CA PHE A 22 -8.76 0.03 -1.49
C PHE A 22 -8.84 1.52 -1.80
N GLY A 23 -8.27 2.31 -0.89
CA GLY A 23 -8.26 3.75 -1.06
C GLY A 23 -7.28 4.18 -2.15
N PHE A 24 -6.16 3.48 -2.20
CA PHE A 24 -5.13 3.77 -3.19
C PHE A 24 -5.71 3.70 -4.60
N LEU A 25 -6.29 2.54 -4.91
CA LEU A 25 -6.88 2.32 -6.22
C LEU A 25 -7.91 3.43 -6.51
N GLN A 26 -8.74 3.68 -5.50
CA GLN A 26 -9.77 4.70 -5.63
C GLN A 26 -9.14 6.05 -5.96
N SER A 27 -7.93 6.26 -5.45
CA SER A 27 -7.21 7.50 -5.69
C SER A 27 -7.02 7.71 -7.19
N SER A 28 -5.96 7.10 -7.71
CA SER A 28 -5.65 7.22 -9.13
C SER A 28 -5.12 5.88 -9.66
N GLY A 29 -5.71 4.81 -9.15
CA GLY A 29 -5.31 3.47 -9.56
C GLY A 29 -6.01 3.06 -10.85
N CYS A 30 -6.70 1.94 -10.79
CA CYS A 30 -7.42 1.43 -11.94
C CYS A 30 -8.84 2.02 -11.94
N THR A 31 -9.77 1.24 -11.40
CA THR A 31 -11.15 1.68 -11.32
C THR A 31 -11.81 1.14 -10.05
N ARG A 32 -13.00 1.66 -9.77
CA ARG A 32 -13.74 1.23 -8.60
C ARG A 32 -13.83 -0.29 -8.54
N GLN A 33 -14.22 -0.87 -9.67
CA GLN A 33 -14.36 -2.31 -9.76
C GLN A 33 -13.04 -2.99 -9.41
N GLU A 34 -11.94 -2.29 -9.68
CA GLU A 34 -10.62 -2.82 -9.40
C GLU A 34 -10.38 -2.84 -7.89
N LEU A 35 -10.50 -1.68 -7.28
CA LEU A 35 -10.30 -1.55 -5.84
C LEU A 35 -11.11 -2.63 -5.13
N GLU A 36 -12.25 -2.97 -5.72
CA GLU A 36 -13.13 -3.97 -5.15
C GLU A 36 -12.43 -5.34 -5.14
N VAL A 37 -11.86 -5.68 -6.29
CA VAL A 37 -11.17 -6.95 -6.42
C VAL A 37 -9.95 -6.97 -5.48
N LEU A 38 -9.08 -5.98 -5.67
CA LEU A 38 -7.88 -5.88 -4.85
C LEU A 38 -8.30 -5.62 -3.39
N GLY A 39 -9.20 -4.67 -3.23
CA GLY A 39 -9.69 -4.32 -1.91
C GLY A 39 -10.15 -5.56 -1.14
N ARG A 40 -10.90 -6.40 -1.83
CA ARG A 40 -11.41 -7.63 -1.24
C ARG A 40 -12.38 -8.32 -2.19
N GLU A 41 -12.05 -9.55 -2.53
CA GLU A 41 -12.88 -10.34 -3.44
C GLU A 41 -13.05 -11.75 -2.90
N LEU A 42 -14.26 -12.27 -3.08
CA LEU A 42 -14.56 -13.62 -2.62
C LEU A 42 -14.52 -14.58 -3.81
N PRO A 43 -13.44 -15.41 -3.85
CA PRO A 43 -13.27 -16.37 -4.91
C PRO A 43 -14.22 -17.57 -4.74
N VAL A 44 -14.28 -18.38 -5.78
CA VAL A 44 -15.14 -19.55 -5.75
C VAL A 44 -14.98 -20.27 -4.40
N GLN A 45 -13.95 -21.10 -4.33
CA GLN A 45 -13.67 -21.85 -3.11
C GLN A 45 -14.79 -22.86 -2.85
N ALA A 46 -15.75 -22.43 -2.04
CA ALA A 46 -16.87 -23.29 -1.70
C ALA A 46 -16.36 -24.66 -1.27
N TYR A 47 -15.27 -24.64 -0.50
CA TYR A 47 -14.66 -25.87 -0.02
C TYR A 47 -15.73 -26.94 0.24
N TRP A 48 -15.70 -27.97 -0.60
CA TRP A 48 -16.65 -29.07 -0.47
C TRP A 48 -16.55 -29.92 -1.73
N GLU A 49 -16.36 -31.21 -1.52
CA GLU A 49 -16.27 -32.15 -2.63
C GLU A 49 -17.13 -33.38 -2.38
N ALA A 50 -18.44 -33.15 -2.32
CA ALA A 50 -19.37 -34.23 -2.10
C ALA A 50 -20.71 -33.65 -1.62
N ASP A 51 -21.23 -32.73 -2.42
CA ASP A 51 -22.49 -32.09 -2.09
C ASP A 51 -22.82 -31.04 -3.17
N LEU A 52 -24.07 -30.61 -3.17
CA LEU A 52 -24.52 -29.62 -4.13
C LEU A 52 -25.99 -29.30 -3.87
N GLU A 53 -26.30 -29.01 -2.61
CA GLU A 53 -27.65 -28.68 -2.22
C GLU A 53 -27.66 -27.74 -1.03
N ASP A 54 -28.84 -27.52 -0.47
CA ASP A 54 -28.98 -26.65 0.68
C ASP A 54 -29.33 -27.49 1.91
N GLU A 55 -29.05 -26.93 3.07
CA GLU A 55 -29.32 -27.61 4.32
C GLU A 55 -28.92 -26.73 5.51
N LEU A 56 -29.31 -27.17 6.70
CA LEU A 56 -29.00 -26.44 7.92
C LEU A 56 -29.71 -25.08 7.89
N GLN A 57 -30.29 -24.73 9.02
CA GLN A 57 -31.02 -23.48 9.14
C GLN A 57 -30.16 -22.46 9.90
N THR A 58 -30.64 -21.22 9.90
CA THR A 58 -29.94 -20.15 10.58
C THR A 58 -30.36 -20.08 12.04
N ASP A 59 -30.23 -21.21 12.71
CA ASP A 59 -30.59 -21.30 14.11
C ASP A 59 -32.12 -21.25 14.25
N GLY A 60 -32.59 -21.68 15.41
CA GLY A 60 -34.02 -21.69 15.67
C GLY A 60 -34.57 -20.26 15.77
N SER A 61 -34.40 -19.67 16.94
CA SER A 61 -34.87 -18.32 17.17
C SER A 61 -34.49 -17.42 15.98
N GLN A 62 -35.47 -16.65 15.53
CA GLN A 62 -35.26 -15.75 14.41
C GLN A 62 -34.36 -14.58 14.82
N ALA A 63 -33.06 -14.79 14.65
CA ALA A 63 -32.09 -13.77 14.99
C ALA A 63 -32.20 -12.61 14.02
N SER A 64 -31.59 -11.49 14.40
CA SER A 64 -31.61 -10.30 13.57
C SER A 64 -31.25 -10.66 12.13
N ARG A 65 -31.97 -10.04 11.19
CA ARG A 65 -31.73 -10.29 9.78
C ARG A 65 -30.72 -9.29 9.23
N SER A 66 -29.69 -9.82 8.59
CA SER A 66 -28.66 -8.99 8.02
C SER A 66 -27.35 -9.79 7.89
N PHE A 67 -27.24 -10.50 6.78
CA PHE A 67 -26.06 -11.31 6.53
C PHE A 67 -24.79 -10.56 6.96
N ASN A 68 -24.10 -11.15 7.93
CA ASN A 68 -22.87 -10.55 8.44
C ASN A 68 -21.81 -10.59 7.35
N GLN A 69 -21.64 -9.44 6.70
CA GLN A 69 -20.65 -9.32 5.63
C GLN A 69 -20.38 -7.85 5.32
N GLY A 70 -19.19 -7.61 4.77
CA GLY A 70 -18.79 -6.26 4.44
C GLY A 70 -17.37 -5.97 4.91
N ARG A 71 -16.83 -4.86 4.43
CA ARG A 71 -15.47 -4.46 4.80
C ARG A 71 -15.52 -3.38 5.88
N ILE A 72 -14.35 -3.08 6.42
CA ILE A 72 -14.24 -2.07 7.45
C ILE A 72 -14.93 -0.78 6.98
N GLU A 73 -15.81 -0.27 7.82
CA GLU A 73 -16.53 0.95 7.50
C GLU A 73 -16.40 1.96 8.65
N PRO A 74 -15.25 2.68 8.62
CA PRO A 74 -14.98 3.69 9.64
C PRO A 74 -15.81 4.94 9.41
N ASP A 75 -15.42 6.01 10.09
CA ASP A 75 -16.13 7.27 9.97
C ASP A 75 -16.34 7.59 8.49
N SER A 76 -17.59 7.85 8.15
CA SER A 76 -17.95 8.17 6.78
C SER A 76 -18.91 9.36 6.75
N GLU A 77 -18.39 10.51 7.15
CA GLU A 77 -19.17 11.73 7.17
C GLU A 77 -18.58 12.77 6.22
N SER A 78 -19.30 13.87 6.07
CA SER A 78 -18.86 14.94 5.19
C SER A 78 -17.57 15.57 5.74
N GLN A 79 -16.45 14.94 5.42
CA GLN A 79 -15.16 15.42 5.87
C GLN A 79 -14.04 14.49 5.38
N GLU A 80 -14.31 13.20 5.48
CA GLU A 80 -13.33 12.21 5.05
C GLU A 80 -12.06 12.30 5.91
N GLU A 81 -11.87 11.28 6.72
CA GLU A 81 -10.71 11.23 7.60
C GLU A 81 -9.46 11.71 6.84
N ILE A 82 -8.45 12.08 7.61
CA ILE A 82 -7.21 12.57 7.04
C ILE A 82 -6.35 11.37 6.63
N ILE A 83 -6.29 10.40 7.52
CA ILE A 83 -5.51 9.19 7.27
C ILE A 83 -5.93 8.59 5.92
N HIS A 84 -7.23 8.48 5.75
CA HIS A 84 -7.78 7.92 4.52
C HIS A 84 -7.33 8.78 3.33
N ASN A 85 -7.19 10.07 3.59
CA ASN A 85 -6.78 11.01 2.56
C ASN A 85 -5.42 10.58 2.01
N ILE A 86 -4.48 10.39 2.92
CA ILE A 86 -3.14 9.98 2.54
C ILE A 86 -3.20 8.62 1.83
N ALA A 87 -4.17 7.83 2.25
CA ALA A 87 -4.34 6.50 1.67
C ALA A 87 -4.50 6.63 0.15
N ARG A 88 -5.40 7.52 -0.24
CA ARG A 88 -5.67 7.75 -1.65
C ARG A 88 -4.43 8.37 -2.32
N HIS A 89 -3.96 9.44 -1.73
CA HIS A 89 -2.80 10.14 -2.26
C HIS A 89 -1.66 9.14 -2.46
N LEU A 90 -1.78 8.00 -1.80
CA LEU A 90 -0.78 6.95 -1.91
C LEU A 90 -0.64 6.53 -3.36
N ALA A 91 -1.73 5.96 -3.89
CA ALA A 91 -1.74 5.51 -5.26
C ALA A 91 -1.34 6.66 -6.19
N GLN A 92 -2.10 7.74 -6.10
CA GLN A 92 -1.83 8.92 -6.91
C GLN A 92 -0.35 9.30 -6.82
N ILE A 93 0.23 9.02 -5.66
CA ILE A 93 1.63 9.33 -5.42
C ILE A 93 2.50 8.38 -6.25
N GLY A 94 2.00 7.17 -6.43
CA GLY A 94 2.72 6.18 -7.19
C GLY A 94 2.95 6.64 -8.62
N ASP A 95 1.87 7.03 -9.28
CA ASP A 95 1.93 7.50 -10.64
C ASP A 95 2.78 8.77 -10.70
N GLU A 96 2.42 9.73 -9.86
CA GLU A 96 3.15 10.99 -9.80
C GLU A 96 4.61 10.74 -9.47
N MET A 97 4.83 9.80 -8.55
CA MET A 97 6.18 9.47 -8.13
C MET A 97 7.07 9.18 -9.34
N ASP A 98 6.58 8.30 -10.21
CA ASP A 98 7.33 7.94 -11.41
C ASP A 98 8.01 9.19 -11.98
N HIS A 99 7.37 10.32 -11.76
CA HIS A 99 7.90 11.58 -12.25
C HIS A 99 9.33 11.77 -11.73
N ASN A 100 9.47 11.58 -10.43
CA ASN A 100 10.76 11.73 -9.79
C ASN A 100 10.89 10.70 -8.66
N ILE A 101 11.38 9.52 -9.02
CA ILE A 101 11.55 8.45 -8.04
C ILE A 101 12.76 7.60 -8.45
N GLN A 102 13.89 7.92 -7.86
CA GLN A 102 15.12 7.20 -8.14
C GLN A 102 16.33 8.05 -7.76
N PRO A 103 16.29 8.59 -6.52
CA PRO A 103 17.38 9.41 -6.02
C PRO A 103 18.59 8.56 -5.66
N THR A 104 18.34 7.27 -5.47
CA THR A 104 19.39 6.34 -5.11
C THR A 104 19.08 4.95 -5.64
N LEU A 105 17.97 4.86 -6.36
CA LEU A 105 17.54 3.59 -6.93
C LEU A 105 16.39 3.03 -6.11
N VAL A 106 15.49 3.92 -5.72
CA VAL A 106 14.33 3.54 -4.94
C VAL A 106 13.63 2.34 -5.61
N ARG A 107 12.73 2.67 -6.51
CA ARG A 107 11.99 1.64 -7.23
C ARG A 107 12.95 0.59 -7.78
N GLN A 108 14.21 0.99 -7.93
CA GLN A 108 15.22 0.10 -8.43
C GLN A 108 15.46 -1.06 -7.45
N LEU A 109 15.70 -0.68 -6.20
CA LEU A 109 15.94 -1.66 -5.16
C LEU A 109 14.66 -2.46 -4.90
N ALA A 110 13.63 -1.74 -4.46
CA ALA A 110 12.35 -2.37 -4.17
C ALA A 110 11.96 -3.26 -5.35
N ALA A 111 12.50 -2.93 -6.51
CA ALA A 111 12.20 -3.69 -7.71
C ALA A 111 12.92 -5.05 -7.64
N GLN A 112 14.18 -5.00 -7.26
CA GLN A 112 14.97 -6.21 -7.14
C GLN A 112 14.25 -7.23 -6.26
N PHE A 113 13.70 -6.74 -5.16
CA PHE A 113 12.98 -7.59 -4.23
C PHE A 113 11.83 -8.31 -4.93
N MET A 114 11.11 -7.56 -5.76
CA MET A 114 9.99 -8.11 -6.49
C MET A 114 10.37 -9.42 -7.20
N ASN A 115 9.82 -10.51 -6.69
CA ASN A 115 10.10 -11.82 -7.26
C ASN A 115 8.85 -12.71 -7.13
N GLY A 116 9.01 -13.94 -7.55
CA GLY A 116 7.91 -14.89 -7.48
C GLY A 116 6.59 -14.24 -7.87
N SER A 117 5.50 -14.91 -7.51
CA SER A 117 4.17 -14.40 -7.83
C SER A 117 3.14 -15.01 -6.87
N LEU A 118 3.24 -14.61 -5.61
CA LEU A 118 2.33 -15.11 -4.60
C LEU A 118 2.64 -16.57 -4.30
N SER A 119 3.54 -16.78 -3.36
CA SER A 119 3.94 -18.12 -2.98
C SER A 119 3.97 -18.25 -1.45
N GLU A 120 3.21 -19.22 -0.96
CA GLU A 120 3.14 -19.46 0.47
C GLU A 120 2.02 -18.60 1.09
N GLU A 121 1.75 -17.48 0.45
CA GLU A 121 0.71 -16.57 0.92
C GLU A 121 0.91 -15.18 0.32
N ASP A 122 0.76 -15.12 -1.00
CA ASP A 122 0.92 -13.86 -1.71
C ASP A 122 2.29 -13.27 -1.38
N LYS A 123 3.17 -14.13 -0.89
CA LYS A 123 4.52 -13.72 -0.55
C LYS A 123 4.45 -12.52 0.40
N ARG A 124 4.40 -11.33 -0.19
CA ARG A 124 4.33 -10.11 0.59
C ARG A 124 5.71 -9.76 1.16
N ASN A 125 6.53 -10.79 1.32
CA ASN A 125 7.87 -10.61 1.86
C ASN A 125 8.70 -9.80 0.87
N CYS A 126 8.55 -10.13 -0.40
CA CYS A 126 9.28 -9.43 -1.45
C CYS A 126 9.11 -7.93 -1.23
N LEU A 127 7.87 -7.49 -1.27
CA LEU A 127 7.56 -6.09 -1.07
C LEU A 127 8.23 -5.60 0.21
N ALA A 128 7.81 -6.19 1.32
CA ALA A 128 8.35 -5.83 2.62
C ALA A 128 9.88 -5.84 2.55
N LYS A 129 10.41 -6.77 1.77
CA LYS A 129 11.84 -6.89 1.60
C LYS A 129 12.39 -5.60 1.01
N ALA A 130 11.52 -4.87 0.33
CA ALA A 130 11.91 -3.61 -0.29
C ALA A 130 12.18 -2.58 0.81
N LEU A 131 11.19 -2.41 1.69
CA LEU A 131 11.32 -1.46 2.77
C LEU A 131 12.70 -1.61 3.43
N ASP A 132 13.10 -2.87 3.59
CA ASP A 132 14.39 -3.17 4.20
C ASP A 132 15.50 -2.55 3.35
N GLU A 133 15.48 -2.88 2.07
CA GLU A 133 16.48 -2.37 1.14
C GLU A 133 16.44 -0.83 1.11
N VAL A 134 15.29 -0.31 0.73
CA VAL A 134 15.11 1.13 0.66
C VAL A 134 15.45 1.75 2.01
N LYS A 135 15.16 1.00 3.07
CA LYS A 135 15.43 1.45 4.42
C LYS A 135 16.92 1.29 4.71
N THR A 136 17.64 0.74 3.74
CA THR A 136 19.06 0.53 3.88
C THR A 136 19.84 1.42 2.92
N ALA A 137 19.11 1.95 1.95
CA ALA A 137 19.72 2.82 0.95
C ALA A 137 19.29 4.27 1.22
N PHE A 138 17.99 4.46 1.37
CA PHE A 138 17.45 5.77 1.63
C PHE A 138 16.70 5.81 2.97
N PRO A 139 17.45 5.50 4.06
CA PRO A 139 16.88 5.49 5.39
C PRO A 139 16.66 6.92 5.90
N ARG A 140 15.59 7.08 6.68
CA ARG A 140 15.25 8.37 7.23
C ARG A 140 13.79 8.39 7.68
N ASP A 141 13.27 9.60 7.88
CA ASP A 141 11.90 9.76 8.32
C ASP A 141 11.00 9.94 7.09
N MET A 142 10.59 11.18 6.86
CA MET A 142 9.73 11.49 5.74
C MET A 142 10.41 11.13 4.41
N GLU A 143 11.73 11.24 4.41
CA GLU A 143 12.51 10.91 3.22
C GLU A 143 12.47 9.40 2.95
N ASN A 144 13.01 8.66 3.90
CA ASN A 144 13.06 7.21 3.79
C ASN A 144 11.63 6.65 3.91
N ASP A 145 11.01 6.94 5.05
CA ASP A 145 9.67 6.48 5.31
C ASP A 145 8.84 6.59 4.02
N LYS A 146 8.83 7.78 3.47
CA LYS A 146 8.09 8.03 2.24
C LYS A 146 8.74 7.26 1.09
N ALA A 147 10.04 7.09 1.19
CA ALA A 147 10.80 6.37 0.18
C ALA A 147 10.34 4.91 0.15
N MET A 148 10.54 4.24 1.27
CA MET A 148 10.15 2.84 1.37
C MET A 148 8.69 2.65 0.99
N LEU A 149 7.86 3.58 1.44
CA LEU A 149 6.43 3.52 1.15
C LEU A 149 6.23 3.58 -0.36
N ILE A 150 6.99 4.47 -0.99
CA ILE A 150 6.89 4.65 -2.43
C ILE A 150 7.07 3.30 -3.12
N MET A 151 7.81 2.42 -2.46
CA MET A 151 8.05 1.09 -3.00
C MET A 151 6.75 0.30 -3.13
N THR A 152 6.00 0.26 -2.03
CA THR A 152 4.74 -0.46 -2.01
C THR A 152 3.92 -0.11 -3.26
N MET A 153 3.78 1.18 -3.50
CA MET A 153 3.03 1.65 -4.64
C MET A 153 3.76 1.33 -5.95
N LEU A 154 5.06 1.11 -5.82
CA LEU A 154 5.88 0.79 -6.98
C LEU A 154 5.35 -0.49 -7.65
N LEU A 155 5.26 -1.54 -6.84
CA LEU A 155 4.78 -2.81 -7.33
C LEU A 155 3.46 -2.61 -8.07
N ALA A 156 2.47 -2.14 -7.32
CA ALA A 156 1.16 -1.89 -7.89
C ALA A 156 1.30 -1.02 -9.14
N LYS A 157 1.97 0.12 -8.95
CA LYS A 157 2.18 1.05 -10.04
C LYS A 157 2.67 0.28 -11.27
N LYS A 158 3.68 -0.54 -11.05
CA LYS A 158 4.26 -1.32 -12.13
C LYS A 158 3.31 -2.49 -12.45
N VAL A 159 2.83 -3.13 -11.40
CA VAL A 159 1.92 -4.25 -11.56
C VAL A 159 0.58 -3.76 -12.09
N ALA A 160 -0.48 -4.18 -11.42
CA ALA A 160 -1.82 -3.79 -11.82
C ALA A 160 -1.76 -2.43 -12.54
N SER A 161 -1.31 -1.43 -11.80
CA SER A 161 -1.20 -0.09 -12.34
C SER A 161 -0.45 -0.13 -13.68
N HIS A 162 0.15 -1.27 -13.95
CA HIS A 162 0.89 -1.46 -15.19
C HIS A 162 0.89 -2.94 -15.57
N ALA A 163 1.23 -3.77 -14.60
CA ALA A 163 1.29 -5.20 -14.82
C ALA A 163 0.17 -5.87 -14.02
N PRO A 164 -0.98 -6.10 -14.71
CA PRO A 164 -2.12 -6.74 -14.07
C PRO A 164 -1.89 -8.24 -13.90
N SER A 165 -0.75 -8.56 -13.32
CA SER A 165 -0.39 -9.95 -13.08
C SER A 165 -0.69 -10.33 -11.63
N LEU A 166 -0.74 -9.30 -10.78
CA LEU A 166 -1.02 -9.51 -9.37
C LEU A 166 -2.09 -8.53 -8.91
N LEU A 167 -3.34 -8.92 -9.12
CA LEU A 167 -4.46 -8.10 -8.74
C LEU A 167 -4.46 -7.89 -7.22
N ARG A 168 -5.05 -8.85 -6.53
CA ARG A 168 -5.11 -8.80 -5.08
C ARG A 168 -3.72 -8.62 -4.49
N ASP A 169 -2.75 -9.25 -5.14
CA ASP A 169 -1.37 -9.16 -4.70
C ASP A 169 -0.91 -7.71 -4.74
N VAL A 170 -1.37 -7.01 -5.79
CA VAL A 170 -1.01 -5.61 -5.96
C VAL A 170 -1.37 -4.83 -4.70
N PHE A 171 -2.66 -4.82 -4.40
CA PHE A 171 -3.15 -4.11 -3.23
C PHE A 171 -2.38 -4.54 -1.98
N HIS A 172 -2.18 -5.85 -1.85
CA HIS A 172 -1.47 -6.39 -0.71
C HIS A 172 -0.04 -5.83 -0.68
N THR A 173 0.49 -5.58 -1.88
CA THR A 173 1.83 -5.05 -2.01
C THR A 173 1.89 -3.62 -1.45
N THR A 174 0.94 -2.81 -1.87
CA THR A 174 0.87 -1.43 -1.42
C THR A 174 0.59 -1.37 0.08
N VAL A 175 -0.56 -1.90 0.45
CA VAL A 175 -0.97 -1.92 1.85
C VAL A 175 -0.01 -2.81 2.64
N ASN A 176 0.97 -3.35 1.94
CA ASN A 176 1.94 -4.22 2.56
C ASN A 176 2.91 -3.39 3.39
N PHE A 177 3.59 -2.47 2.71
CA PHE A 177 4.55 -1.60 3.38
C PHE A 177 3.92 -0.93 4.60
N ILE A 178 2.75 -0.35 4.38
CA ILE A 178 2.04 0.33 5.46
C ILE A 178 1.63 -0.70 6.52
N ASN A 179 1.08 -1.81 6.04
CA ASN A 179 0.65 -2.87 6.93
C ASN A 179 1.82 -3.32 7.80
N GLN A 180 3.00 -3.30 7.20
CA GLN A 180 4.20 -3.70 7.91
C GLN A 180 4.39 -2.85 9.17
N ASN A 181 5.27 -1.87 9.05
CA ASN A 181 5.55 -0.98 10.18
C ASN A 181 5.25 0.46 9.76
N LEU A 182 4.86 0.61 8.50
CA LEU A 182 4.54 1.93 7.97
C LEU A 182 3.03 2.16 8.06
N PHE A 183 2.45 1.65 9.14
CA PHE A 183 1.02 1.79 9.36
C PHE A 183 0.52 3.12 8.79
N SER A 184 1.36 4.13 8.91
CA SER A 184 1.00 5.46 8.42
C SER A 184 1.95 6.50 9.02
N TYR A 185 2.86 6.98 8.18
CA TYR A 185 3.82 7.98 8.62
C TYR A 185 3.11 9.23 9.14
N VAL A 186 2.23 9.76 8.31
CA VAL A 186 1.48 10.95 8.68
C VAL A 186 0.86 10.75 10.06
N ARG A 187 0.14 9.65 10.20
CA ARG A 187 -0.52 9.33 11.45
C ARG A 187 0.52 9.26 12.58
N ASN A 188 1.62 8.60 12.28
CA ASN A 188 2.69 8.45 13.25
C ASN A 188 3.11 9.82 13.77
N LEU A 189 3.28 10.74 12.83
CA LEU A 189 3.67 12.09 13.18
C LEU A 189 2.61 12.72 14.08
N VAL A 190 1.36 12.52 13.70
CA VAL A 190 0.25 13.05 14.47
C VAL A 190 0.34 12.56 15.90
N ARG A 191 0.61 11.26 16.04
CA ARG A 191 0.73 10.66 17.35
C ARG A 191 1.86 11.33 18.15
N ASN A 192 3.00 11.48 17.49
CA ASN A 192 4.15 12.10 18.11
C ASN A 192 3.76 13.47 18.65
N GLU A 193 3.10 14.24 17.80
CA GLU A 193 2.65 15.58 18.18
C GLU A 193 3.77 16.32 18.92
N MET A 194 3.39 17.41 19.55
CA MET A 194 4.34 18.21 20.31
C MET A 194 4.55 17.63 21.72
N ASP A 195 5.65 18.04 22.32
CA ASP A 195 5.98 17.58 23.66
C ASP A 195 6.74 18.67 24.41
N MET A 1 17.53 -11.93 -19.70
CA MET A 1 16.77 -12.96 -19.03
C MET A 1 15.91 -12.36 -17.91
N ASP A 2 14.67 -12.81 -17.86
CA ASP A 2 13.74 -12.33 -16.85
C ASP A 2 12.31 -12.78 -17.21
N SER A 3 11.62 -13.32 -16.22
CA SER A 3 10.26 -13.79 -16.42
C SER A 3 9.83 -14.64 -15.23
N GLU A 4 8.67 -15.28 -15.40
CA GLU A 4 8.13 -16.12 -14.35
C GLU A 4 7.62 -15.28 -13.18
N VAL A 5 7.32 -15.95 -12.08
CA VAL A 5 6.84 -15.27 -10.90
C VAL A 5 5.47 -14.63 -11.21
N SER A 6 4.52 -14.91 -10.34
CA SER A 6 3.18 -14.38 -10.50
C SER A 6 2.20 -15.12 -9.59
N ASN A 7 2.25 -14.78 -8.32
CA ASN A 7 1.38 -15.41 -7.34
C ASN A 7 1.77 -14.94 -5.94
N GLY A 8 0.85 -14.26 -5.28
CA GLY A 8 1.08 -13.77 -3.95
C GLY A 8 0.04 -14.31 -2.96
N SER A 9 -0.33 -13.46 -2.01
CA SER A 9 -1.32 -13.83 -1.01
C SER A 9 -2.31 -12.69 -0.79
N GLY A 10 -1.97 -11.83 0.16
CA GLY A 10 -2.81 -10.69 0.47
C GLY A 10 -2.41 -10.07 1.81
N LEU A 11 -2.95 -10.63 2.87
CA LEU A 11 -2.66 -10.13 4.21
C LEU A 11 -3.52 -8.89 4.48
N GLY A 12 -3.46 -8.43 5.73
CA GLY A 12 -4.21 -7.26 6.13
C GLY A 12 -4.60 -7.34 7.62
N ALA A 13 -4.71 -6.17 8.23
CA ALA A 13 -5.06 -6.10 9.63
C ALA A 13 -5.58 -4.69 9.94
N LYS A 14 -4.65 -3.82 10.30
CA LYS A 14 -4.99 -2.44 10.63
C LYS A 14 -6.08 -1.95 9.68
N HIS A 15 -7.12 -1.39 10.25
CA HIS A 15 -8.23 -0.87 9.46
C HIS A 15 -7.71 0.24 8.53
N ILE A 16 -7.01 1.19 9.13
CA ILE A 16 -6.47 2.31 8.38
C ILE A 16 -5.59 1.77 7.25
N THR A 17 -4.74 0.82 7.61
CA THR A 17 -3.83 0.22 6.64
C THR A 17 -4.61 -0.31 5.44
N ASP A 18 -5.46 -1.29 5.70
CA ASP A 18 -6.26 -1.89 4.65
C ASP A 18 -6.94 -0.78 3.84
N LEU A 19 -7.34 0.26 4.56
CA LEU A 19 -8.00 1.39 3.93
C LEU A 19 -7.06 2.02 2.89
N LEU A 20 -5.77 1.92 3.18
CA LEU A 20 -4.76 2.47 2.28
C LEU A 20 -4.80 1.70 0.96
N VAL A 21 -4.90 0.39 1.07
CA VAL A 21 -4.94 -0.47 -0.11
C VAL A 21 -6.12 -0.06 -0.99
N PHE A 22 -7.31 -0.21 -0.43
CA PHE A 22 -8.53 0.13 -1.14
C PHE A 22 -8.59 1.63 -1.42
N GLY A 23 -7.96 2.40 -0.53
CA GLY A 23 -7.94 3.84 -0.68
C GLY A 23 -7.03 4.27 -1.82
N PHE A 24 -5.91 3.56 -1.94
CA PHE A 24 -4.94 3.85 -2.98
C PHE A 24 -5.60 3.82 -4.37
N LEU A 25 -6.21 2.68 -4.67
CA LEU A 25 -6.88 2.51 -5.95
C LEU A 25 -7.94 3.60 -6.12
N GLN A 26 -8.73 3.80 -5.07
CA GLN A 26 -9.77 4.81 -5.09
C GLN A 26 -9.18 6.17 -5.44
N SER A 27 -7.93 6.35 -5.06
CA SER A 27 -7.24 7.61 -5.31
C SER A 27 -7.38 7.98 -6.79
N SER A 28 -6.76 7.17 -7.64
CA SER A 28 -6.81 7.40 -9.07
C SER A 28 -7.80 6.44 -9.72
N GLY A 29 -7.78 5.20 -9.25
CA GLY A 29 -8.67 4.19 -9.79
C GLY A 29 -8.05 3.49 -11.00
N CYS A 30 -7.31 2.42 -10.72
CA CYS A 30 -6.66 1.66 -11.77
C CYS A 30 -7.73 0.91 -12.55
N THR A 31 -8.44 0.06 -11.83
CA THR A 31 -9.50 -0.74 -12.43
C THR A 31 -10.65 -0.94 -11.45
N ARG A 32 -11.83 -0.49 -11.87
CA ARG A 32 -13.01 -0.61 -11.04
C ARG A 32 -13.07 -1.98 -10.37
N GLN A 33 -13.08 -3.01 -11.21
CA GLN A 33 -13.12 -4.37 -10.71
C GLN A 33 -11.93 -4.64 -9.79
N GLU A 34 -10.87 -3.87 -9.99
CA GLU A 34 -9.67 -4.01 -9.19
C GLU A 34 -9.93 -3.54 -7.76
N LEU A 35 -10.22 -2.26 -7.63
CA LEU A 35 -10.49 -1.68 -6.32
C LEU A 35 -11.41 -2.62 -5.53
N GLU A 36 -12.39 -3.17 -6.26
CA GLU A 36 -13.33 -4.09 -5.64
C GLU A 36 -12.66 -5.41 -5.31
N VAL A 37 -11.86 -5.89 -6.25
CA VAL A 37 -11.14 -7.14 -6.07
C VAL A 37 -10.06 -6.96 -5.01
N LEU A 38 -9.18 -6.01 -5.27
CA LEU A 38 -8.09 -5.72 -4.34
C LEU A 38 -8.67 -5.17 -3.05
N GLY A 39 -9.63 -4.28 -3.19
CA GLY A 39 -10.27 -3.66 -2.04
C GLY A 39 -10.66 -4.72 -1.01
N ARG A 40 -11.43 -5.70 -1.47
CA ARG A 40 -11.88 -6.77 -0.59
C ARG A 40 -12.91 -7.64 -1.31
N GLU A 41 -13.27 -8.74 -0.66
CA GLU A 41 -14.24 -9.66 -1.22
C GLU A 41 -15.18 -10.17 -0.13
N LEU A 42 -16.35 -9.54 -0.06
CA LEU A 42 -17.34 -9.92 0.93
C LEU A 42 -18.43 -10.78 0.27
N PRO A 43 -18.38 -12.11 0.57
CA PRO A 43 -19.34 -13.03 0.01
C PRO A 43 -20.71 -12.89 0.68
N VAL A 44 -21.54 -13.89 0.48
CA VAL A 44 -22.88 -13.89 1.06
C VAL A 44 -22.79 -13.45 2.53
N GLN A 45 -22.51 -14.43 3.39
CA GLN A 45 -22.41 -14.16 4.81
C GLN A 45 -23.77 -13.80 5.40
N ALA A 46 -23.81 -13.72 6.71
CA ALA A 46 -25.04 -13.37 7.41
C ALA A 46 -24.72 -12.89 8.81
N TYR A 47 -24.16 -11.69 8.87
CA TYR A 47 -23.79 -11.09 10.15
C TYR A 47 -24.78 -11.50 11.24
N TRP A 48 -26.03 -11.12 11.04
CA TRP A 48 -27.08 -11.42 12.00
C TRP A 48 -28.30 -10.58 11.66
N GLU A 49 -28.07 -9.27 11.58
CA GLU A 49 -29.15 -8.33 11.27
C GLU A 49 -30.43 -8.74 12.00
N ALA A 50 -30.61 -8.17 13.18
CA ALA A 50 -31.79 -8.46 13.98
C ALA A 50 -31.56 -7.97 15.41
N ASP A 51 -30.75 -8.74 16.14
CA ASP A 51 -30.44 -8.40 17.51
C ASP A 51 -31.71 -8.54 18.37
N LEU A 52 -31.61 -9.40 19.37
CA LEU A 52 -32.72 -9.63 20.26
C LEU A 52 -33.52 -8.33 20.44
N GLU A 53 -34.82 -8.43 20.23
CA GLU A 53 -35.69 -7.28 20.35
C GLU A 53 -36.20 -7.16 21.79
N ASP A 54 -36.39 -5.92 22.21
CA ASP A 54 -36.88 -5.66 23.56
C ASP A 54 -38.32 -5.15 23.49
N GLU A 55 -39.23 -6.07 23.75
CA GLU A 55 -40.65 -5.75 23.73
C GLU A 55 -40.94 -4.57 24.67
N LEU A 56 -42.17 -4.09 24.59
CA LEU A 56 -42.59 -2.97 25.42
C LEU A 56 -42.34 -3.30 26.89
N GLN A 57 -42.59 -2.32 27.74
CA GLN A 57 -42.40 -2.51 29.17
C GLN A 57 -40.90 -2.47 29.51
N THR A 58 -40.44 -1.28 29.87
CA THR A 58 -39.04 -1.10 30.21
C THR A 58 -38.82 -1.42 31.70
N ASP A 59 -37.58 -1.75 32.02
CA ASP A 59 -37.22 -2.07 33.39
C ASP A 59 -36.09 -1.15 33.84
N GLY A 60 -35.03 -1.12 33.04
CA GLY A 60 -33.88 -0.29 33.35
C GLY A 60 -32.58 -0.96 32.92
N SER A 61 -31.99 -0.41 31.87
CA SER A 61 -30.74 -0.94 31.34
C SER A 61 -30.03 0.11 30.50
N GLN A 62 -28.72 -0.01 30.42
CA GLN A 62 -27.92 0.92 29.65
C GLN A 62 -26.66 0.23 29.11
N ALA A 63 -25.86 -0.28 30.04
CA ALA A 63 -24.64 -0.98 29.67
C ALA A 63 -23.78 -0.04 28.80
N SER A 64 -22.52 -0.44 28.64
CA SER A 64 -21.59 0.34 27.84
C SER A 64 -20.17 -0.23 27.99
N ARG A 65 -19.48 -0.31 26.87
CA ARG A 65 -18.13 -0.83 26.86
C ARG A 65 -17.32 -0.18 25.73
N SER A 66 -16.02 -0.39 25.79
CA SER A 66 -15.12 0.16 24.77
C SER A 66 -13.70 0.24 25.34
N PHE A 67 -12.74 0.09 24.44
CA PHE A 67 -11.34 0.15 24.82
C PHE A 67 -10.43 0.16 23.59
N ASN A 68 -9.18 0.55 23.83
CA ASN A 68 -8.22 0.62 22.74
C ASN A 68 -6.90 1.19 23.29
N GLN A 69 -5.81 0.84 22.60
CA GLN A 69 -4.50 1.31 23.01
C GLN A 69 -4.08 2.51 22.15
N GLY A 70 -3.02 3.17 22.60
CA GLY A 70 -2.51 4.34 21.89
C GLY A 70 -3.65 5.25 21.45
N ARG A 71 -3.91 6.25 22.29
CA ARG A 71 -4.97 7.20 21.99
C ARG A 71 -4.43 8.35 21.14
N ILE A 72 -4.51 8.18 19.84
CA ILE A 72 -4.03 9.18 18.91
C ILE A 72 -4.98 10.38 18.93
N GLU A 73 -4.42 11.56 18.71
CA GLU A 73 -5.22 12.78 18.70
C GLU A 73 -4.91 13.59 17.44
N PRO A 74 -5.57 13.18 16.32
CA PRO A 74 -5.39 13.86 15.05
C PRO A 74 -6.12 15.21 15.04
N ASP A 75 -5.61 16.14 15.84
CA ASP A 75 -6.20 17.46 15.92
C ASP A 75 -6.15 18.12 14.54
N SER A 76 -7.32 18.44 14.04
CA SER A 76 -7.44 19.09 12.74
C SER A 76 -8.88 19.52 12.48
N GLU A 77 -9.77 18.54 12.50
CA GLU A 77 -11.18 18.81 12.27
C GLU A 77 -12.01 17.55 12.53
N SER A 78 -11.48 16.43 12.05
CA SER A 78 -12.17 15.16 12.23
C SER A 78 -13.42 15.11 11.35
N GLN A 79 -13.20 14.94 10.06
CA GLN A 79 -14.31 14.88 9.12
C GLN A 79 -13.85 14.21 7.81
N GLU A 80 -13.07 14.96 7.05
CA GLU A 80 -12.57 14.46 5.78
C GLU A 80 -11.50 13.40 6.02
N GLU A 81 -11.00 13.37 7.25
CA GLU A 81 -9.98 12.41 7.62
C GLU A 81 -8.71 12.64 6.80
N ILE A 82 -7.60 12.88 7.50
CA ILE A 82 -6.33 13.11 6.84
C ILE A 82 -5.66 11.77 6.56
N ILE A 83 -5.74 10.88 7.54
CA ILE A 83 -5.14 9.57 7.41
C ILE A 83 -5.65 8.90 6.13
N HIS A 84 -6.96 8.92 5.97
CA HIS A 84 -7.59 8.33 4.81
C HIS A 84 -7.11 9.06 3.55
N ASN A 85 -7.02 10.38 3.66
CA ASN A 85 -6.58 11.19 2.54
C ASN A 85 -5.22 10.69 2.05
N ILE A 86 -4.30 10.54 2.99
CA ILE A 86 -2.97 10.06 2.66
C ILE A 86 -3.07 8.69 1.99
N ALA A 87 -4.06 7.93 2.43
CA ALA A 87 -4.27 6.59 1.89
C ALA A 87 -4.45 6.69 0.38
N ARG A 88 -5.38 7.55 -0.03
CA ARG A 88 -5.65 7.75 -1.44
C ARG A 88 -4.44 8.38 -2.13
N HIS A 89 -3.97 9.47 -1.57
CA HIS A 89 -2.82 10.17 -2.12
C HIS A 89 -1.69 9.18 -2.36
N LEU A 90 -1.78 8.05 -1.68
CA LEU A 90 -0.76 7.01 -1.81
C LEU A 90 -0.63 6.62 -3.29
N ALA A 91 -1.71 6.05 -3.82
CA ALA A 91 -1.72 5.64 -5.21
C ALA A 91 -1.42 6.84 -6.11
N GLN A 92 -2.13 7.93 -5.84
CA GLN A 92 -1.95 9.14 -6.61
C GLN A 92 -0.46 9.48 -6.73
N ILE A 93 0.21 9.42 -5.59
CA ILE A 93 1.64 9.71 -5.55
C ILE A 93 2.41 8.61 -6.28
N GLY A 94 1.78 7.45 -6.37
CA GLY A 94 2.38 6.31 -7.04
C GLY A 94 2.71 6.64 -8.49
N ASP A 95 1.69 7.09 -9.22
CA ASP A 95 1.85 7.44 -10.61
C ASP A 95 2.80 8.63 -10.72
N GLU A 96 2.60 9.59 -9.84
CA GLU A 96 3.43 10.79 -9.83
C GLU A 96 4.88 10.43 -9.50
N MET A 97 5.03 9.49 -8.58
CA MET A 97 6.34 9.04 -8.17
C MET A 97 7.19 8.65 -9.37
N ASP A 98 6.55 7.95 -10.31
CA ASP A 98 7.23 7.51 -11.51
C ASP A 98 7.91 8.71 -12.17
N HIS A 99 7.43 9.90 -11.83
CA HIS A 99 7.98 11.12 -12.38
C HIS A 99 9.47 11.21 -12.04
N ASN A 100 9.76 11.09 -10.76
CA ASN A 100 11.13 11.16 -10.29
C ASN A 100 11.31 10.24 -9.08
N ILE A 101 11.61 8.98 -9.36
CA ILE A 101 11.80 8.00 -8.31
C ILE A 101 12.98 7.10 -8.66
N GLN A 102 14.14 7.44 -8.10
CA GLN A 102 15.34 6.67 -8.35
C GLN A 102 16.59 7.51 -7.99
N PRO A 103 16.53 8.12 -6.78
CA PRO A 103 17.64 8.94 -6.30
C PRO A 103 18.81 8.07 -5.86
N THR A 104 18.49 6.83 -5.52
CA THR A 104 19.50 5.89 -5.07
C THR A 104 19.16 4.47 -5.53
N LEU A 105 18.05 4.37 -6.24
CA LEU A 105 17.59 3.08 -6.73
C LEU A 105 16.38 2.63 -5.92
N VAL A 106 15.47 3.56 -5.69
CA VAL A 106 14.27 3.27 -4.94
C VAL A 106 13.55 2.08 -5.58
N ARG A 107 12.72 2.40 -6.56
CA ARG A 107 11.96 1.37 -7.25
C ARG A 107 12.90 0.27 -7.76
N GLN A 108 14.19 0.58 -7.75
CA GLN A 108 15.20 -0.36 -8.20
C GLN A 108 15.23 -1.58 -7.28
N LEU A 109 15.48 -1.32 -6.01
CA LEU A 109 15.54 -2.38 -5.02
C LEU A 109 14.15 -2.99 -4.85
N ALA A 110 13.19 -2.13 -4.55
CA ALA A 110 11.82 -2.58 -4.37
C ALA A 110 11.37 -3.37 -5.60
N ALA A 111 12.08 -3.14 -6.69
CA ALA A 111 11.77 -3.83 -7.94
C ALA A 111 12.28 -5.26 -7.87
N GLN A 112 13.48 -5.41 -7.31
CA GLN A 112 14.09 -6.72 -7.18
C GLN A 112 13.07 -7.72 -6.64
N PHE A 113 12.56 -7.42 -5.46
CA PHE A 113 11.58 -8.29 -4.82
C PHE A 113 10.30 -8.39 -5.65
N MET A 114 9.91 -7.24 -6.21
CA MET A 114 8.71 -7.19 -7.04
C MET A 114 8.67 -8.36 -8.02
N ASN A 115 9.85 -8.89 -8.31
CA ASN A 115 9.96 -10.00 -9.24
C ASN A 115 10.95 -11.04 -8.67
N GLY A 116 10.43 -11.88 -7.80
CA GLY A 116 11.25 -12.91 -7.18
C GLY A 116 11.83 -12.43 -5.85
N SER A 117 11.73 -13.29 -4.84
CA SER A 117 12.24 -12.96 -3.53
C SER A 117 12.57 -14.25 -2.76
N LEU A 118 11.51 -14.93 -2.35
CA LEU A 118 11.66 -16.17 -1.61
C LEU A 118 12.03 -17.30 -2.58
N SER A 119 11.17 -18.32 -2.61
CA SER A 119 11.38 -19.45 -3.49
C SER A 119 10.08 -20.23 -3.66
N GLU A 120 9.33 -19.83 -4.68
CA GLU A 120 8.06 -20.48 -4.97
C GLU A 120 7.12 -19.52 -5.68
N GLU A 121 7.40 -18.23 -5.50
CA GLU A 121 6.59 -17.20 -6.12
C GLU A 121 6.72 -15.88 -5.35
N ASP A 122 7.61 -15.90 -4.36
CA ASP A 122 7.86 -14.71 -3.55
C ASP A 122 6.52 -14.21 -2.99
N LYS A 123 6.39 -14.34 -1.68
CA LYS A 123 5.17 -13.89 -1.01
C LYS A 123 5.31 -12.42 -0.62
N ARG A 124 4.59 -12.04 0.42
CA ARG A 124 4.63 -10.67 0.89
C ARG A 124 6.02 -10.30 1.37
N ASN A 125 6.89 -11.31 1.40
CA ASN A 125 8.26 -11.12 1.83
C ASN A 125 8.99 -10.23 0.82
N CYS A 126 8.72 -10.50 -0.45
CA CYS A 126 9.34 -9.73 -1.52
C CYS A 126 9.09 -8.24 -1.27
N LEU A 127 7.81 -7.92 -1.14
CA LEU A 127 7.41 -6.54 -0.89
C LEU A 127 8.17 -6.00 0.31
N ALA A 128 7.78 -6.48 1.49
CA ALA A 128 8.41 -6.06 2.72
C ALA A 128 9.94 -6.13 2.56
N LYS A 129 10.36 -7.01 1.67
CA LYS A 129 11.78 -7.18 1.41
C LYS A 129 12.36 -5.86 0.92
N ALA A 130 11.54 -5.09 0.23
CA ALA A 130 11.95 -3.81 -0.30
C ALA A 130 12.09 -2.80 0.85
N LEU A 131 11.07 -2.79 1.70
CA LEU A 131 11.06 -1.90 2.84
C LEU A 131 12.46 -1.83 3.44
N ASP A 132 13.04 -3.01 3.63
CA ASP A 132 14.38 -3.10 4.20
C ASP A 132 15.39 -2.49 3.23
N GLU A 133 15.31 -2.95 1.98
CA GLU A 133 16.22 -2.46 0.95
C GLU A 133 16.15 -0.94 0.88
N VAL A 134 14.98 -0.44 0.53
CA VAL A 134 14.77 1.00 0.42
C VAL A 134 15.16 1.66 1.75
N LYS A 135 14.83 0.99 2.84
CA LYS A 135 15.13 1.51 4.16
C LYS A 135 16.61 1.25 4.47
N THR A 136 17.32 0.80 3.46
CA THR A 136 18.74 0.51 3.61
C THR A 136 19.57 1.43 2.71
N ALA A 137 18.90 2.02 1.74
CA ALA A 137 19.57 2.92 0.81
C ALA A 137 19.09 4.35 1.07
N PHE A 138 17.78 4.51 1.12
CA PHE A 138 17.18 5.81 1.36
C PHE A 138 16.35 5.80 2.65
N PRO A 139 17.03 5.42 3.76
CA PRO A 139 16.37 5.37 5.06
C PRO A 139 16.16 6.77 5.62
N ARG A 140 15.29 6.85 6.62
CA ARG A 140 15.00 8.12 7.26
C ARG A 140 13.62 8.08 7.92
N ASP A 141 13.18 9.25 8.36
CA ASP A 141 11.88 9.36 9.00
C ASP A 141 10.79 9.52 7.94
N MET A 142 10.32 10.75 7.81
CA MET A 142 9.29 11.06 6.84
C MET A 142 9.82 10.90 5.41
N GLU A 143 11.10 11.18 5.25
CA GLU A 143 11.72 11.06 3.94
C GLU A 143 11.75 9.60 3.49
N ASN A 144 12.44 8.79 4.26
CA ASN A 144 12.53 7.36 3.95
C ASN A 144 11.15 6.72 4.08
N ASP A 145 10.56 6.90 5.25
CA ASP A 145 9.25 6.34 5.51
C ASP A 145 8.38 6.46 4.25
N LYS A 146 8.29 7.68 3.75
CA LYS A 146 7.50 7.94 2.55
C LYS A 146 8.14 7.21 1.37
N ALA A 147 9.46 7.14 1.40
CA ALA A 147 10.20 6.47 0.33
C ALA A 147 9.75 5.00 0.25
N MET A 148 9.93 4.31 1.37
CA MET A 148 9.55 2.91 1.44
C MET A 148 8.14 2.68 0.88
N LEU A 149 7.20 3.45 1.42
CA LEU A 149 5.82 3.35 0.99
C LEU A 149 5.74 3.56 -0.52
N ILE A 150 6.48 4.54 -1.00
CA ILE A 150 6.51 4.85 -2.42
C ILE A 150 6.73 3.55 -3.21
N MET A 151 7.46 2.64 -2.59
CA MET A 151 7.75 1.35 -3.21
C MET A 151 6.48 0.54 -3.42
N THR A 152 5.78 0.31 -2.32
CA THR A 152 4.54 -0.45 -2.36
C THR A 152 3.71 -0.05 -3.59
N MET A 153 3.51 1.25 -3.72
CA MET A 153 2.74 1.77 -4.85
C MET A 153 3.47 1.55 -6.17
N LEU A 154 4.79 1.45 -6.07
CA LEU A 154 5.61 1.24 -7.25
C LEU A 154 5.24 -0.10 -7.88
N LEU A 155 5.23 -1.14 -7.05
CA LEU A 155 4.90 -2.47 -7.52
C LEU A 155 3.56 -2.42 -8.27
N ALA A 156 2.57 -1.85 -7.61
CA ALA A 156 1.24 -1.74 -8.21
C ALA A 156 1.34 -0.90 -9.48
N LYS A 157 1.90 0.29 -9.33
CA LYS A 157 2.04 1.20 -10.46
C LYS A 157 2.58 0.41 -11.67
N LYS A 158 3.66 -0.31 -11.43
CA LYS A 158 4.28 -1.09 -12.48
C LYS A 158 3.43 -2.35 -12.74
N VAL A 159 3.18 -3.08 -11.66
CA VAL A 159 2.38 -4.30 -11.76
C VAL A 159 1.07 -3.98 -12.47
N ALA A 160 0.34 -3.03 -11.92
CA ALA A 160 -0.93 -2.63 -12.48
C ALA A 160 -0.88 -2.75 -14.00
N SER A 161 0.30 -2.44 -14.54
CA SER A 161 0.51 -2.51 -15.98
C SER A 161 1.59 -3.55 -16.30
N HIS A 162 2.30 -3.96 -15.26
CA HIS A 162 3.35 -4.95 -15.42
C HIS A 162 2.81 -6.34 -15.13
N ALA A 163 2.18 -6.46 -13.97
CA ALA A 163 1.60 -7.73 -13.56
C ALA A 163 0.12 -7.54 -13.24
N PRO A 164 -0.67 -7.27 -14.31
CA PRO A 164 -2.11 -7.06 -14.15
C PRO A 164 -2.82 -8.38 -13.91
N SER A 165 -2.03 -9.45 -13.81
CA SER A 165 -2.58 -10.77 -13.57
C SER A 165 -2.55 -11.10 -12.08
N LEU A 166 -2.11 -10.12 -11.31
CA LEU A 166 -2.03 -10.28 -9.86
C LEU A 166 -2.42 -8.97 -9.18
N LEU A 167 -3.59 -8.47 -9.57
CA LEU A 167 -4.09 -7.23 -9.00
C LEU A 167 -4.08 -7.34 -7.47
N ARG A 168 -4.17 -8.56 -6.99
CA ARG A 168 -4.16 -8.81 -5.55
C ARG A 168 -2.83 -8.35 -4.94
N ASP A 169 -1.75 -8.89 -5.49
CA ASP A 169 -0.42 -8.55 -5.00
C ASP A 169 -0.22 -7.04 -5.09
N VAL A 170 -0.79 -6.46 -6.14
CA VAL A 170 -0.68 -5.03 -6.36
C VAL A 170 -1.09 -4.30 -5.07
N PHE A 171 -2.34 -4.46 -4.70
CA PHE A 171 -2.86 -3.83 -3.50
C PHE A 171 -2.04 -4.22 -2.27
N HIS A 172 -1.77 -5.51 -2.17
CA HIS A 172 -1.00 -6.03 -1.05
C HIS A 172 0.31 -5.23 -0.92
N THR A 173 0.92 -4.98 -2.07
CA THR A 173 2.17 -4.24 -2.10
C THR A 173 2.01 -2.91 -1.36
N THR A 174 0.98 -2.17 -1.76
CA THR A 174 0.72 -0.88 -1.14
C THR A 174 0.55 -1.02 0.37
N VAL A 175 -0.50 -1.72 0.75
CA VAL A 175 -0.78 -1.94 2.16
C VAL A 175 0.18 -2.99 2.71
N ASN A 176 1.22 -3.25 1.94
CA ASN A 176 2.22 -4.23 2.33
C ASN A 176 3.17 -3.61 3.36
N PHE A 177 3.77 -2.49 2.98
CA PHE A 177 4.70 -1.80 3.85
C PHE A 177 3.95 -1.15 5.03
N ILE A 178 3.06 -0.23 4.69
CA ILE A 178 2.28 0.46 5.71
C ILE A 178 1.68 -0.57 6.67
N ASN A 179 1.50 -1.77 6.16
CA ASN A 179 0.94 -2.85 6.95
C ASN A 179 1.91 -3.20 8.08
N GLN A 180 3.13 -3.52 7.69
CA GLN A 180 4.16 -3.89 8.66
C GLN A 180 5.23 -2.80 8.70
N ASN A 181 5.16 -1.90 7.74
CA ASN A 181 6.13 -0.81 7.67
C ASN A 181 5.54 0.45 8.30
N LEU A 182 4.78 1.18 7.50
CA LEU A 182 4.15 2.39 7.98
C LEU A 182 2.80 2.06 8.60
N PHE A 183 2.86 1.34 9.73
CA PHE A 183 1.66 0.95 10.43
C PHE A 183 0.75 2.15 10.68
N SER A 184 1.34 3.33 10.55
CA SER A 184 0.59 4.57 10.76
C SER A 184 1.54 5.77 10.70
N TYR A 185 2.49 5.68 9.77
CA TYR A 185 3.46 6.75 9.61
C TYR A 185 2.79 8.12 9.69
N VAL A 186 1.51 8.14 9.37
CA VAL A 186 0.74 9.37 9.41
C VAL A 186 0.75 9.93 10.84
N ARG A 187 0.23 9.13 11.75
CA ARG A 187 0.17 9.53 13.16
C ARG A 187 1.56 9.92 13.65
N ASN A 188 2.54 9.09 13.28
CA ASN A 188 3.91 9.33 13.68
C ASN A 188 4.31 10.76 13.31
N LEU A 189 3.99 11.12 12.08
CA LEU A 189 4.31 12.46 11.59
C LEU A 189 3.66 13.50 12.51
N VAL A 190 2.41 13.26 12.85
CA VAL A 190 1.67 14.16 13.72
C VAL A 190 2.39 14.26 15.06
N ARG A 191 2.79 13.10 15.57
CA ARG A 191 3.50 13.04 16.84
C ARG A 191 4.75 13.92 16.80
N ASN A 192 5.49 13.79 15.71
CA ASN A 192 6.71 14.55 15.54
C ASN A 192 6.40 16.04 15.69
N GLU A 193 5.32 16.45 15.04
CA GLU A 193 4.89 17.84 15.09
C GLU A 193 5.81 18.71 14.22
N MET A 194 7.07 18.75 14.61
CA MET A 194 8.04 19.54 13.88
C MET A 194 8.44 18.84 12.57
N ASP A 195 8.72 19.65 11.56
CA ASP A 195 9.11 19.13 10.26
C ASP A 195 10.62 19.33 10.06
N MET A 1 9.89 -11.52 23.34
CA MET A 1 10.62 -11.59 24.61
C MET A 1 9.70 -12.01 25.74
N ASP A 2 8.63 -11.24 25.91
CA ASP A 2 7.66 -11.51 26.95
C ASP A 2 6.33 -10.84 26.60
N SER A 3 5.25 -11.54 26.91
CA SER A 3 3.92 -11.03 26.63
C SER A 3 3.76 -10.79 25.13
N GLU A 4 3.08 -11.72 24.49
CA GLU A 4 2.84 -11.61 23.05
C GLU A 4 2.23 -10.26 22.71
N VAL A 5 3.10 -9.35 22.28
CA VAL A 5 2.65 -8.02 21.91
C VAL A 5 1.66 -8.11 20.76
N SER A 6 2.09 -8.78 19.70
CA SER A 6 1.25 -8.95 18.52
C SER A 6 0.51 -7.65 18.21
N ASN A 7 1.21 -6.76 17.53
CA ASN A 7 0.64 -5.47 17.17
C ASN A 7 1.69 -4.62 16.45
N GLY A 8 1.34 -3.37 16.20
CA GLY A 8 2.24 -2.46 15.52
C GLY A 8 2.55 -1.24 16.41
N SER A 9 1.65 -0.28 16.38
CA SER A 9 1.81 0.92 17.16
C SER A 9 0.66 1.08 18.15
N GLY A 10 -0.54 1.20 17.58
CA GLY A 10 -1.74 1.36 18.40
C GLY A 10 -2.46 0.01 18.56
N LEU A 11 -3.58 0.06 19.26
CA LEU A 11 -4.38 -1.13 19.49
C LEU A 11 -5.28 -1.38 18.27
N GLY A 12 -4.68 -1.98 17.25
CA GLY A 12 -5.41 -2.28 16.03
C GLY A 12 -4.79 -1.57 14.84
N ALA A 13 -3.47 -1.70 14.73
CA ALA A 13 -2.74 -1.07 13.64
C ALA A 13 -2.74 -2.01 12.43
N LYS A 14 -3.69 -1.77 11.53
CA LYS A 14 -3.81 -2.58 10.33
C LYS A 14 -5.03 -2.13 9.54
N HIS A 15 -6.07 -1.76 10.27
CA HIS A 15 -7.31 -1.30 9.64
C HIS A 15 -7.00 -0.14 8.69
N ILE A 16 -6.28 0.84 9.22
CA ILE A 16 -5.92 2.01 8.44
C ILE A 16 -5.14 1.57 7.20
N THR A 17 -4.24 0.61 7.41
CA THR A 17 -3.42 0.10 6.33
C THR A 17 -4.32 -0.38 5.17
N ASP A 18 -5.19 -1.33 5.50
CA ASP A 18 -6.11 -1.87 4.51
C ASP A 18 -6.76 -0.72 3.74
N LEU A 19 -7.04 0.35 4.45
CA LEU A 19 -7.65 1.52 3.85
C LEU A 19 -6.72 2.09 2.78
N LEU A 20 -5.43 1.95 3.03
CA LEU A 20 -4.44 2.44 2.09
C LEU A 20 -4.56 1.69 0.77
N VAL A 21 -4.80 0.39 0.88
CA VAL A 21 -4.94 -0.45 -0.29
C VAL A 21 -6.15 0.03 -1.11
N PHE A 22 -7.32 -0.10 -0.51
CA PHE A 22 -8.55 0.30 -1.16
C PHE A 22 -8.54 1.81 -1.43
N GLY A 23 -7.86 2.54 -0.57
CA GLY A 23 -7.78 3.99 -0.70
C GLY A 23 -6.87 4.37 -1.86
N PHE A 24 -5.78 3.63 -1.99
CA PHE A 24 -4.82 3.89 -3.06
C PHE A 24 -5.51 3.86 -4.42
N LEU A 25 -6.13 2.72 -4.72
CA LEU A 25 -6.82 2.56 -5.98
C LEU A 25 -7.84 3.69 -6.15
N GLN A 26 -8.55 3.96 -5.08
CA GLN A 26 -9.56 5.01 -5.09
C GLN A 26 -8.92 6.36 -5.46
N SER A 27 -7.67 6.50 -5.07
CA SER A 27 -6.94 7.73 -5.36
C SER A 27 -7.13 8.12 -6.82
N SER A 28 -6.60 7.28 -7.70
CA SER A 28 -6.70 7.53 -9.13
C SER A 28 -7.76 6.62 -9.74
N GLY A 29 -7.73 5.36 -9.32
CA GLY A 29 -8.68 4.38 -9.83
C GLY A 29 -8.10 3.61 -11.01
N CYS A 30 -7.36 2.56 -10.68
CA CYS A 30 -6.74 1.73 -11.71
C CYS A 30 -7.85 1.01 -12.47
N THR A 31 -8.60 0.20 -11.74
CA THR A 31 -9.70 -0.54 -12.34
C THR A 31 -10.87 -0.65 -11.35
N ARG A 32 -12.02 -0.19 -11.81
CA ARG A 32 -13.22 -0.23 -10.98
C ARG A 32 -13.36 -1.59 -10.30
N GLN A 33 -13.28 -2.64 -11.10
CA GLN A 33 -13.39 -3.99 -10.58
C GLN A 33 -12.21 -4.29 -9.65
N GLU A 34 -11.11 -3.60 -9.90
CA GLU A 34 -9.92 -3.79 -9.08
C GLU A 34 -10.15 -3.26 -7.67
N LEU A 35 -10.38 -1.96 -7.59
CA LEU A 35 -10.62 -1.33 -6.30
C LEU A 35 -11.64 -2.15 -5.51
N GLU A 36 -12.60 -2.69 -6.24
CA GLU A 36 -13.64 -3.50 -5.61
C GLU A 36 -13.05 -4.83 -5.14
N VAL A 37 -12.43 -5.54 -6.06
CA VAL A 37 -11.83 -6.83 -5.75
C VAL A 37 -10.66 -6.61 -4.78
N LEU A 38 -9.77 -5.71 -5.17
CA LEU A 38 -8.60 -5.42 -4.36
C LEU A 38 -9.06 -4.75 -3.05
N GLY A 39 -9.94 -3.79 -3.20
CA GLY A 39 -10.48 -3.07 -2.04
C GLY A 39 -11.24 -4.01 -1.12
N ARG A 40 -12.19 -4.72 -1.70
CA ARG A 40 -13.00 -5.66 -0.95
C ARG A 40 -12.11 -6.67 -0.23
N GLU A 41 -11.98 -6.46 1.08
CA GLU A 41 -11.16 -7.36 1.89
C GLU A 41 -11.81 -7.58 3.25
N LEU A 42 -11.86 -8.85 3.65
CA LEU A 42 -12.46 -9.21 4.92
C LEU A 42 -11.34 -9.46 5.94
N PRO A 43 -11.19 -8.48 6.89
CA PRO A 43 -10.18 -8.59 7.92
C PRO A 43 -10.58 -9.61 8.99
N VAL A 44 -9.72 -9.77 9.97
CA VAL A 44 -9.97 -10.69 11.06
C VAL A 44 -11.44 -10.60 11.48
N GLN A 45 -11.85 -9.37 11.77
CA GLN A 45 -13.22 -9.12 12.19
C GLN A 45 -13.31 -7.81 12.97
N ALA A 46 -13.93 -6.83 12.35
CA ALA A 46 -14.09 -5.52 12.98
C ALA A 46 -15.56 -5.32 13.36
N TYR A 47 -15.97 -6.04 14.39
CA TYR A 47 -17.34 -5.95 14.87
C TYR A 47 -17.89 -4.53 14.69
N TRP A 48 -18.75 -4.39 13.69
CA TRP A 48 -19.35 -3.09 13.41
C TRP A 48 -20.02 -3.17 12.04
N GLU A 49 -21.14 -2.48 11.91
CA GLU A 49 -21.88 -2.46 10.67
C GLU A 49 -22.68 -1.17 10.54
N ALA A 50 -22.74 -0.66 9.32
CA ALA A 50 -23.47 0.57 9.04
C ALA A 50 -22.99 1.15 7.72
N ASP A 51 -23.57 2.29 7.36
CA ASP A 51 -23.22 2.96 6.12
C ASP A 51 -23.89 4.33 6.08
N LEU A 52 -23.07 5.36 5.87
CA LEU A 52 -23.57 6.72 5.80
C LEU A 52 -24.98 6.70 5.17
N GLU A 53 -25.81 7.61 5.66
CA GLU A 53 -27.17 7.72 5.15
C GLU A 53 -27.66 9.16 5.22
N ASP A 54 -28.64 9.47 4.39
CA ASP A 54 -29.19 10.81 4.35
C ASP A 54 -29.97 11.00 3.04
N GLU A 55 -30.63 12.14 2.95
CA GLU A 55 -31.41 12.46 1.77
C GLU A 55 -31.78 13.95 1.75
N LEU A 56 -32.30 14.40 2.88
CA LEU A 56 -32.70 15.79 3.01
C LEU A 56 -33.99 16.03 2.21
N GLN A 57 -34.72 17.05 2.61
CA GLN A 57 -35.96 17.39 1.95
C GLN A 57 -36.35 18.84 2.25
N THR A 58 -36.84 19.51 1.22
CA THR A 58 -37.25 20.91 1.36
C THR A 58 -38.34 21.24 0.34
N ASP A 59 -39.08 22.30 0.65
CA ASP A 59 -40.15 22.74 -0.24
C ASP A 59 -40.44 24.22 0.02
N GLY A 60 -41.27 24.79 -0.84
CA GLY A 60 -41.64 26.19 -0.71
C GLY A 60 -43.14 26.38 -0.90
N SER A 61 -43.51 27.60 -1.30
CA SER A 61 -44.91 27.92 -1.52
C SER A 61 -45.04 29.40 -1.90
N GLN A 62 -45.95 29.65 -2.84
CA GLN A 62 -46.18 31.00 -3.31
C GLN A 62 -44.89 31.61 -3.87
N ALA A 63 -45.06 32.71 -4.58
CA ALA A 63 -43.92 33.39 -5.17
C ALA A 63 -44.36 34.76 -5.70
N SER A 64 -43.37 35.57 -6.05
CA SER A 64 -43.65 36.89 -6.58
C SER A 64 -42.47 37.40 -7.41
N ARG A 65 -41.31 37.44 -6.76
CA ARG A 65 -40.10 37.89 -7.42
C ARG A 65 -38.97 36.89 -7.21
N SER A 66 -37.88 37.11 -7.93
CA SER A 66 -36.73 36.23 -7.83
C SER A 66 -37.09 34.82 -8.31
N PHE A 67 -36.10 34.13 -8.85
CA PHE A 67 -36.31 32.77 -9.34
C PHE A 67 -35.92 31.74 -8.28
N ASN A 68 -36.31 30.50 -8.53
CA ASN A 68 -36.01 29.42 -7.62
C ASN A 68 -35.30 28.30 -8.39
N GLN A 69 -34.74 27.37 -7.62
CA GLN A 69 -34.02 26.25 -8.20
C GLN A 69 -32.82 26.75 -9.00
N GLY A 70 -31.70 26.07 -8.82
CA GLY A 70 -30.48 26.43 -9.52
C GLY A 70 -29.25 26.14 -8.66
N ARG A 71 -28.86 24.87 -8.65
CA ARG A 71 -27.70 24.45 -7.87
C ARG A 71 -27.04 23.24 -8.53
N ILE A 72 -25.72 23.21 -8.44
CA ILE A 72 -24.95 22.11 -9.02
C ILE A 72 -23.61 22.00 -8.30
N GLU A 73 -23.12 20.77 -8.21
CA GLU A 73 -21.85 20.51 -7.56
C GLU A 73 -20.77 20.17 -8.59
N PRO A 74 -19.69 20.99 -8.57
CA PRO A 74 -18.60 20.80 -9.51
C PRO A 74 -17.73 19.60 -9.08
N ASP A 75 -17.13 19.73 -7.91
CA ASP A 75 -16.28 18.69 -7.38
C ASP A 75 -15.72 19.12 -6.03
N SER A 76 -15.98 18.30 -5.02
CA SER A 76 -15.52 18.59 -3.67
C SER A 76 -15.53 17.31 -2.84
N GLU A 77 -14.35 16.71 -2.72
CA GLU A 77 -14.21 15.48 -1.95
C GLU A 77 -13.41 15.75 -0.67
N SER A 78 -14.12 15.66 0.46
CA SER A 78 -13.50 15.89 1.74
C SER A 78 -13.95 14.81 2.73
N GLN A 79 -13.03 13.88 3.00
CA GLN A 79 -13.32 12.79 3.92
C GLN A 79 -13.11 13.25 5.36
N GLU A 80 -13.85 12.63 6.27
CA GLU A 80 -13.76 12.96 7.67
C GLU A 80 -12.53 12.29 8.30
N GLU A 81 -11.39 12.53 7.68
CA GLU A 81 -10.14 11.96 8.16
C GLU A 81 -9.00 12.30 7.21
N ILE A 82 -7.83 12.52 7.80
CA ILE A 82 -6.66 12.86 7.01
C ILE A 82 -5.85 11.59 6.72
N ILE A 83 -5.85 10.70 7.70
CA ILE A 83 -5.13 9.44 7.57
C ILE A 83 -5.59 8.73 6.29
N HIS A 84 -6.91 8.62 6.16
CA HIS A 84 -7.50 7.97 5.00
C HIS A 84 -7.10 8.72 3.73
N ASN A 85 -7.19 10.05 3.82
CA ASN A 85 -6.84 10.90 2.69
C ASN A 85 -5.44 10.54 2.20
N ILE A 86 -4.51 10.47 3.15
CA ILE A 86 -3.13 10.13 2.83
C ILE A 86 -3.09 8.72 2.22
N ALA A 87 -4.01 7.89 2.66
CA ALA A 87 -4.07 6.52 2.17
C ALA A 87 -4.17 6.54 0.65
N ARG A 88 -5.21 7.20 0.16
CA ARG A 88 -5.43 7.29 -1.27
C ARG A 88 -4.27 8.03 -1.94
N HIS A 89 -3.80 9.07 -1.25
CA HIS A 89 -2.69 9.86 -1.77
C HIS A 89 -1.54 8.93 -2.17
N LEU A 90 -1.49 7.78 -1.52
CA LEU A 90 -0.44 6.81 -1.80
C LEU A 90 -0.41 6.53 -3.30
N ALA A 91 -1.48 5.93 -3.79
CA ALA A 91 -1.58 5.61 -5.20
C ALA A 91 -1.26 6.85 -6.04
N GLN A 92 -1.84 7.97 -5.63
CA GLN A 92 -1.62 9.22 -6.31
C GLN A 92 -0.13 9.49 -6.49
N ILE A 93 0.63 9.07 -5.48
CA ILE A 93 2.07 9.26 -5.51
C ILE A 93 2.68 8.33 -6.56
N GLY A 94 2.02 7.20 -6.76
CA GLY A 94 2.48 6.22 -7.73
C GLY A 94 2.59 6.84 -9.12
N ASP A 95 1.49 7.47 -9.53
CA ASP A 95 1.44 8.10 -10.84
C ASP A 95 2.48 9.22 -10.90
N GLU A 96 2.43 10.09 -9.89
CA GLU A 96 3.35 11.21 -9.82
C GLU A 96 4.78 10.70 -9.68
N MET A 97 4.94 9.69 -8.84
CA MET A 97 6.25 9.11 -8.61
C MET A 97 6.93 8.73 -9.93
N ASP A 98 6.23 7.93 -10.72
CA ASP A 98 6.74 7.49 -12.00
C ASP A 98 7.48 8.65 -12.67
N HIS A 99 7.01 9.85 -12.38
CA HIS A 99 7.61 11.05 -12.94
C HIS A 99 9.11 11.06 -12.63
N ASN A 100 9.43 10.90 -11.35
CA ASN A 100 10.81 10.90 -10.92
C ASN A 100 10.95 10.01 -9.67
N ILE A 101 11.18 8.73 -9.92
CA ILE A 101 11.33 7.77 -8.84
C ILE A 101 12.54 6.88 -9.12
N GLN A 102 13.68 7.30 -8.60
CA GLN A 102 14.91 6.55 -8.78
C GLN A 102 16.12 7.49 -8.67
N PRO A 103 16.15 8.25 -7.54
CA PRO A 103 17.24 9.19 -7.32
C PRO A 103 18.51 8.45 -6.89
N THR A 104 18.68 7.26 -7.45
CA THR A 104 19.86 6.45 -7.13
C THR A 104 19.51 4.96 -7.23
N LEU A 105 18.27 4.70 -7.62
CA LEU A 105 17.80 3.34 -7.76
C LEU A 105 16.90 2.98 -6.57
N VAL A 106 16.11 3.96 -6.16
CA VAL A 106 15.21 3.77 -5.04
C VAL A 106 14.21 2.65 -5.38
N ARG A 107 13.19 3.04 -6.14
CA ARG A 107 12.17 2.09 -6.54
C ARG A 107 12.80 0.86 -7.18
N GLN A 108 14.04 1.04 -7.62
CA GLN A 108 14.77 -0.05 -8.26
C GLN A 108 15.06 -1.16 -7.25
N LEU A 109 15.43 -0.74 -6.05
CA LEU A 109 15.73 -1.69 -4.98
C LEU A 109 14.48 -2.52 -4.68
N ALA A 110 13.44 -1.84 -4.26
CA ALA A 110 12.19 -2.50 -3.94
C ALA A 110 11.80 -3.45 -5.07
N ALA A 111 11.75 -2.88 -6.28
CA ALA A 111 11.41 -3.67 -7.45
C ALA A 111 12.46 -4.77 -7.66
N GLN A 112 13.60 -4.58 -7.00
CA GLN A 112 14.69 -5.54 -7.11
C GLN A 112 14.22 -6.91 -6.61
N PHE A 113 13.56 -6.89 -5.46
CA PHE A 113 13.07 -8.12 -4.87
C PHE A 113 12.04 -8.79 -5.77
N MET A 114 11.16 -7.97 -6.34
CA MET A 114 10.13 -8.48 -7.21
C MET A 114 10.73 -9.32 -8.34
N ASN A 115 10.77 -10.63 -8.11
CA ASN A 115 11.31 -11.54 -9.09
C ASN A 115 10.47 -12.82 -9.10
N GLY A 116 10.36 -13.45 -7.95
CA GLY A 116 9.59 -14.67 -7.82
C GLY A 116 9.69 -15.24 -6.39
N SER A 117 8.82 -14.74 -5.53
CA SER A 117 8.80 -15.19 -4.15
C SER A 117 7.41 -14.96 -3.55
N LEU A 118 6.41 -15.35 -4.31
CA LEU A 118 5.03 -15.20 -3.87
C LEU A 118 4.09 -15.71 -4.96
N SER A 119 3.72 -16.99 -4.83
CA SER A 119 2.83 -17.60 -5.80
C SER A 119 1.45 -17.82 -5.16
N GLU A 120 0.43 -17.76 -6.01
CA GLU A 120 -0.93 -17.96 -5.54
C GLU A 120 -1.11 -17.34 -4.15
N GLU A 121 -0.46 -16.21 -3.96
CA GLU A 121 -0.54 -15.51 -2.69
C GLU A 121 0.12 -16.33 -1.58
N ASP A 122 1.44 -16.38 -1.63
CA ASP A 122 2.21 -17.12 -0.64
C ASP A 122 2.63 -16.19 0.49
N LYS A 123 3.37 -15.16 0.11
CA LYS A 123 3.85 -14.18 1.08
C LYS A 123 4.29 -12.91 0.34
N ARG A 124 4.22 -11.79 1.05
CA ARG A 124 4.61 -10.52 0.48
C ARG A 124 5.93 -10.05 1.08
N ASN A 125 6.75 -11.02 1.44
CA ASN A 125 8.05 -10.71 2.03
C ASN A 125 8.89 -9.92 1.02
N CYS A 126 8.76 -10.30 -0.23
CA CYS A 126 9.49 -9.63 -1.30
C CYS A 126 9.26 -8.13 -1.18
N LEU A 127 7.98 -7.76 -1.15
CA LEU A 127 7.60 -6.36 -1.04
C LEU A 127 8.16 -5.80 0.27
N ALA A 128 7.57 -6.25 1.37
CA ALA A 128 7.98 -5.80 2.68
C ALA A 128 9.51 -5.80 2.76
N LYS A 129 10.11 -6.74 2.04
CA LYS A 129 11.56 -6.85 2.02
C LYS A 129 12.15 -5.57 1.43
N ALA A 130 11.37 -4.93 0.58
CA ALA A 130 11.81 -3.70 -0.07
C ALA A 130 11.88 -2.58 0.98
N LEU A 131 10.79 -2.46 1.74
CA LEU A 131 10.71 -1.44 2.77
C LEU A 131 12.03 -1.42 3.56
N ASP A 132 12.51 -2.61 3.87
CA ASP A 132 13.75 -2.75 4.62
C ASP A 132 14.90 -2.16 3.79
N GLU A 133 15.02 -2.65 2.57
CA GLU A 133 16.06 -2.20 1.67
C GLU A 133 15.97 -0.68 1.49
N VAL A 134 14.84 -0.25 0.94
CA VAL A 134 14.63 1.17 0.70
C VAL A 134 14.87 1.95 2.01
N LYS A 135 14.46 1.33 3.11
CA LYS A 135 14.61 1.94 4.41
C LYS A 135 16.07 1.77 4.88
N THR A 136 16.88 1.22 3.99
CA THR A 136 18.28 1.00 4.29
C THR A 136 19.17 1.80 3.34
N ALA A 137 18.58 2.17 2.21
CA ALA A 137 19.30 2.95 1.21
C ALA A 137 18.91 4.43 1.35
N PHE A 138 17.62 4.67 1.34
CA PHE A 138 17.11 6.03 1.46
C PHE A 138 16.28 6.20 2.74
N PRO A 139 16.98 5.98 3.89
CA PRO A 139 16.32 6.10 5.18
C PRO A 139 16.11 7.57 5.56
N ARG A 140 15.06 7.81 6.31
CA ARG A 140 14.74 9.17 6.74
C ARG A 140 13.30 9.22 7.26
N ASP A 141 12.82 10.45 7.41
CA ASP A 141 11.46 10.67 7.90
C ASP A 141 10.49 10.65 6.71
N MET A 142 9.95 11.82 6.41
CA MET A 142 9.01 11.96 5.31
C MET A 142 9.67 11.58 3.98
N GLU A 143 10.97 11.84 3.90
CA GLU A 143 11.72 11.54 2.69
C GLU A 143 11.80 10.03 2.48
N ASN A 144 12.40 9.36 3.45
CA ASN A 144 12.54 7.92 3.38
C ASN A 144 11.18 7.26 3.56
N ASP A 145 10.54 7.58 4.68
CA ASP A 145 9.23 7.03 4.98
C ASP A 145 8.41 6.95 3.69
N LYS A 146 8.25 8.09 3.05
CA LYS A 146 7.49 8.16 1.81
C LYS A 146 8.22 7.36 0.74
N ALA A 147 9.54 7.30 0.88
CA ALA A 147 10.36 6.57 -0.08
C ALA A 147 9.93 5.10 -0.10
N MET A 148 10.01 4.48 1.07
CA MET A 148 9.65 3.08 1.20
C MET A 148 8.24 2.83 0.65
N LEU A 149 7.33 3.74 1.00
CA LEU A 149 5.96 3.63 0.55
C LEU A 149 5.92 3.58 -0.98
N ILE A 150 6.77 4.40 -1.59
CA ILE A 150 6.85 4.46 -3.04
C ILE A 150 7.16 3.06 -3.58
N MET A 151 7.84 2.28 -2.76
CA MET A 151 8.21 0.93 -3.14
C MET A 151 6.97 0.06 -3.37
N THR A 152 6.16 -0.03 -2.34
CA THR A 152 4.93 -0.81 -2.41
C THR A 152 4.11 -0.41 -3.63
N MET A 153 4.06 0.90 -3.86
CA MET A 153 3.32 1.43 -4.99
C MET A 153 3.98 1.06 -6.32
N LEU A 154 5.30 0.90 -6.25
CA LEU A 154 6.07 0.54 -7.43
C LEU A 154 5.46 -0.71 -8.07
N LEU A 155 5.35 -1.76 -7.27
CA LEU A 155 4.78 -3.01 -7.75
C LEU A 155 3.45 -2.73 -8.44
N ALA A 156 2.52 -2.17 -7.68
CA ALA A 156 1.21 -1.85 -8.20
C ALA A 156 1.36 -0.94 -9.43
N LYS A 157 2.06 0.16 -9.21
CA LYS A 157 2.29 1.13 -10.28
C LYS A 157 2.68 0.37 -11.56
N LYS A 158 3.56 -0.60 -11.39
CA LYS A 158 4.02 -1.40 -12.52
C LYS A 158 2.96 -2.45 -12.86
N VAL A 159 2.37 -3.01 -11.82
CA VAL A 159 1.34 -4.02 -12.00
C VAL A 159 0.08 -3.36 -12.53
N ALA A 160 -1.02 -3.62 -11.83
CA ALA A 160 -2.31 -3.06 -12.22
C ALA A 160 -2.09 -1.70 -12.89
N SER A 161 -1.41 -0.82 -12.16
CA SER A 161 -1.13 0.52 -12.67
C SER A 161 -0.38 0.42 -14.00
N HIS A 162 0.06 -0.79 -14.31
CA HIS A 162 0.79 -1.03 -15.54
C HIS A 162 0.60 -2.49 -15.97
N ALA A 163 0.86 -3.39 -15.04
CA ALA A 163 0.72 -4.81 -15.32
C ALA A 163 -0.40 -5.38 -14.45
N PRO A 164 -1.64 -5.32 -14.99
CA PRO A 164 -2.79 -5.81 -14.27
C PRO A 164 -2.84 -7.35 -14.30
N SER A 165 -1.83 -7.94 -13.70
CA SER A 165 -1.73 -9.40 -13.66
C SER A 165 -1.59 -9.87 -12.20
N LEU A 166 -1.58 -8.90 -11.30
CA LEU A 166 -1.46 -9.19 -9.89
C LEU A 166 -2.32 -8.23 -9.08
N LEU A 167 -3.61 -8.24 -9.38
CA LEU A 167 -4.56 -7.37 -8.71
C LEU A 167 -4.45 -7.59 -7.20
N ARG A 168 -4.54 -8.86 -6.81
CA ARG A 168 -4.46 -9.21 -5.40
C ARG A 168 -3.13 -8.74 -4.82
N ASP A 169 -2.06 -9.09 -5.51
CA ASP A 169 -0.73 -8.71 -5.07
C ASP A 169 -0.58 -7.19 -5.15
N VAL A 170 -1.22 -6.62 -6.15
CA VAL A 170 -1.17 -5.18 -6.35
C VAL A 170 -1.49 -4.48 -5.03
N PHE A 171 -2.75 -4.61 -4.62
CA PHE A 171 -3.20 -3.99 -3.38
C PHE A 171 -2.40 -4.51 -2.19
N HIS A 172 -2.29 -5.84 -2.11
CA HIS A 172 -1.56 -6.47 -1.03
C HIS A 172 -0.18 -5.84 -0.90
N THR A 173 0.36 -5.44 -2.05
CA THR A 173 1.68 -4.82 -2.08
C THR A 173 1.64 -3.47 -1.37
N THR A 174 0.83 -2.57 -1.91
CA THR A 174 0.70 -1.24 -1.33
C THR A 174 0.51 -1.33 0.19
N VAL A 175 -0.55 -2.02 0.59
CA VAL A 175 -0.85 -2.18 2.00
C VAL A 175 0.09 -3.24 2.59
N ASN A 176 1.10 -3.58 1.82
CA ASN A 176 2.07 -4.58 2.25
C ASN A 176 3.07 -3.92 3.19
N PHE A 177 3.65 -2.82 2.74
CA PHE A 177 4.63 -2.09 3.53
C PHE A 177 4.00 -1.58 4.84
N ILE A 178 2.88 -0.88 4.68
CA ILE A 178 2.18 -0.34 5.83
C ILE A 178 1.72 -1.48 6.73
N ASN A 179 1.19 -2.51 6.09
CA ASN A 179 0.70 -3.67 6.81
C ASN A 179 1.81 -4.22 7.72
N GLN A 180 3.03 -4.20 7.17
CA GLN A 180 4.19 -4.68 7.91
C GLN A 180 4.22 -4.06 9.31
N ASN A 181 5.11 -3.09 9.46
CA ASN A 181 5.26 -2.42 10.73
C ASN A 181 5.13 -0.90 10.52
N LEU A 182 5.00 -0.53 9.25
CA LEU A 182 4.86 0.88 8.90
C LEU A 182 3.37 1.21 8.72
N PHE A 183 2.56 0.64 9.61
CA PHE A 183 1.13 0.88 9.56
C PHE A 183 0.81 2.25 8.96
N SER A 184 1.64 3.21 9.33
CA SER A 184 1.45 4.58 8.85
C SER A 184 2.65 5.44 9.23
N TYR A 185 3.46 5.77 8.24
CA TYR A 185 4.64 6.59 8.47
C TYR A 185 4.27 8.06 8.55
N VAL A 186 3.25 8.43 7.79
CA VAL A 186 2.79 9.81 7.78
C VAL A 186 2.43 10.24 9.20
N ARG A 187 1.49 9.52 9.78
CA ARG A 187 1.05 9.82 11.13
C ARG A 187 2.21 9.69 12.12
N ASN A 188 3.00 8.65 11.92
CA ASN A 188 4.15 8.40 12.77
C ASN A 188 5.03 9.65 12.80
N LEU A 189 5.26 10.20 11.62
CA LEU A 189 6.08 11.40 11.49
C LEU A 189 5.49 12.51 12.36
N VAL A 190 4.19 12.69 12.22
CA VAL A 190 3.49 13.71 12.98
C VAL A 190 3.75 13.51 14.47
N ARG A 191 3.63 12.25 14.88
CA ARG A 191 3.85 11.90 16.27
C ARG A 191 5.23 12.36 16.73
N ASN A 192 6.22 12.04 15.91
CA ASN A 192 7.59 12.41 16.21
C ASN A 192 7.68 13.91 16.44
N GLU A 193 7.08 14.66 15.52
CA GLU A 193 7.06 16.11 15.62
C GLU A 193 6.00 16.57 16.61
N MET A 194 6.47 17.08 17.74
CA MET A 194 5.56 17.57 18.77
C MET A 194 6.34 18.17 19.95
N ASP A 195 7.46 17.53 20.26
CA ASP A 195 8.30 18.00 21.35
C ASP A 195 9.38 18.92 20.79
N MET A 1 9.40 31.69 26.53
CA MET A 1 9.85 30.61 25.69
C MET A 1 9.92 29.30 26.49
N ASP A 2 9.66 28.20 25.79
CA ASP A 2 9.69 26.89 26.40
C ASP A 2 9.13 25.86 25.44
N SER A 3 9.25 24.59 25.83
CA SER A 3 8.76 23.50 25.00
C SER A 3 9.74 23.25 23.84
N GLU A 4 9.70 22.01 23.35
CA GLU A 4 10.57 21.63 22.25
C GLU A 4 10.08 20.32 21.62
N VAL A 5 10.69 19.97 20.50
CA VAL A 5 10.33 18.75 19.80
C VAL A 5 11.13 17.58 20.37
N SER A 6 10.48 16.44 20.44
CA SER A 6 11.12 15.24 20.96
C SER A 6 10.16 14.06 20.88
N ASN A 7 10.74 12.86 20.84
CA ASN A 7 9.94 11.65 20.76
C ASN A 7 9.34 11.52 19.36
N GLY A 8 8.86 10.33 19.06
CA GLY A 8 8.26 10.06 17.76
C GLY A 8 8.39 8.58 17.38
N SER A 9 7.60 7.77 18.07
CA SER A 9 7.60 6.34 17.82
C SER A 9 6.20 5.76 18.03
N GLY A 10 6.06 4.49 17.67
CA GLY A 10 4.78 3.81 17.82
C GLY A 10 4.62 2.71 16.77
N LEU A 11 5.32 1.60 17.01
CA LEU A 11 5.26 0.48 16.10
C LEU A 11 3.91 -0.24 16.26
N GLY A 12 3.50 -0.90 15.19
CA GLY A 12 2.24 -1.62 15.20
C GLY A 12 1.44 -1.36 13.92
N ALA A 13 0.58 -2.31 13.59
CA ALA A 13 -0.25 -2.18 12.39
C ALA A 13 -1.49 -1.36 12.72
N LYS A 14 -2.30 -1.14 11.70
CA LYS A 14 -3.53 -0.37 11.87
C LYS A 14 -4.55 -0.81 10.82
N HIS A 15 -5.80 -0.88 11.26
CA HIS A 15 -6.87 -1.29 10.36
C HIS A 15 -6.91 -0.36 9.15
N ILE A 16 -6.65 0.91 9.40
CA ILE A 16 -6.66 1.91 8.34
C ILE A 16 -5.72 1.45 7.23
N THR A 17 -4.85 0.50 7.57
CA THR A 17 -3.89 -0.02 6.61
C THR A 17 -4.63 -0.54 5.36
N ASP A 18 -5.46 -1.55 5.59
CA ASP A 18 -6.22 -2.14 4.50
C ASP A 18 -6.92 -1.03 3.72
N LEU A 19 -7.39 -0.04 4.45
CA LEU A 19 -8.07 1.08 3.83
C LEU A 19 -7.14 1.77 2.82
N LEU A 20 -5.85 1.73 3.15
CA LEU A 20 -4.86 2.34 2.29
C LEU A 20 -4.84 1.62 0.94
N VAL A 21 -4.85 0.30 1.02
CA VAL A 21 -4.83 -0.53 -0.17
C VAL A 21 -6.11 -0.26 -0.99
N PHE A 22 -7.23 -0.56 -0.37
CA PHE A 22 -8.52 -0.37 -1.02
C PHE A 22 -8.71 1.09 -1.42
N GLY A 23 -8.20 1.98 -0.59
CA GLY A 23 -8.30 3.41 -0.86
C GLY A 23 -7.31 3.83 -1.94
N PHE A 24 -6.17 3.18 -1.94
CA PHE A 24 -5.12 3.48 -2.91
C PHE A 24 -5.68 3.40 -4.34
N LEU A 25 -6.19 2.23 -4.67
CA LEU A 25 -6.75 2.02 -5.99
C LEU A 25 -7.84 3.05 -6.26
N GLN A 26 -8.68 3.25 -5.25
CA GLN A 26 -9.76 4.21 -5.36
C GLN A 26 -9.24 5.58 -5.79
N SER A 27 -8.02 5.86 -5.35
CA SER A 27 -7.39 7.13 -5.67
C SER A 27 -7.10 7.19 -7.18
N SER A 28 -5.86 6.86 -7.52
CA SER A 28 -5.45 6.88 -8.92
C SER A 28 -4.54 5.68 -9.21
N GLY A 29 -4.60 4.70 -8.31
CA GLY A 29 -3.79 3.50 -8.47
C GLY A 29 -4.04 2.84 -9.82
N CYS A 30 -4.71 1.70 -9.77
CA CYS A 30 -5.02 0.97 -10.99
C CYS A 30 -6.33 1.52 -11.57
N THR A 31 -7.43 0.92 -11.14
CA THR A 31 -8.74 1.33 -11.60
C THR A 31 -9.77 1.22 -10.47
N ARG A 32 -10.76 2.11 -10.52
CA ARG A 32 -11.80 2.12 -9.51
C ARG A 32 -12.25 0.69 -9.20
N GLN A 33 -12.72 0.01 -10.24
CA GLN A 33 -13.18 -1.36 -10.10
C GLN A 33 -12.08 -2.23 -9.48
N GLU A 34 -10.85 -1.80 -9.69
CA GLU A 34 -9.71 -2.53 -9.16
C GLU A 34 -9.72 -2.49 -7.63
N LEU A 35 -9.72 -1.28 -7.10
CA LEU A 35 -9.73 -1.10 -5.66
C LEU A 35 -10.71 -2.09 -5.03
N GLU A 36 -11.84 -2.26 -5.70
CA GLU A 36 -12.86 -3.17 -5.22
C GLU A 36 -12.50 -4.62 -5.58
N VAL A 37 -11.83 -4.75 -6.71
CA VAL A 37 -11.42 -6.07 -7.18
C VAL A 37 -10.41 -6.66 -6.20
N LEU A 38 -9.30 -5.95 -6.04
CA LEU A 38 -8.25 -6.40 -5.13
C LEU A 38 -8.79 -6.45 -3.71
N GLY A 39 -9.50 -5.39 -3.34
CA GLY A 39 -10.08 -5.31 -2.01
C GLY A 39 -10.82 -6.60 -1.66
N ARG A 40 -11.56 -7.10 -2.63
CA ARG A 40 -12.33 -8.32 -2.44
C ARG A 40 -13.17 -8.62 -3.68
N GLU A 41 -13.04 -9.86 -4.17
CA GLU A 41 -13.78 -10.27 -5.34
C GLU A 41 -14.26 -11.72 -5.17
N LEU A 42 -15.56 -11.89 -5.32
CA LEU A 42 -16.16 -13.21 -5.17
C LEU A 42 -16.43 -13.78 -6.57
N PRO A 43 -15.87 -15.02 -6.79
CA PRO A 43 -16.04 -15.69 -8.07
C PRO A 43 -17.45 -16.25 -8.21
N VAL A 44 -17.70 -16.86 -9.36
CA VAL A 44 -19.00 -17.45 -9.63
C VAL A 44 -19.48 -18.19 -8.39
N GLN A 45 -20.39 -17.54 -7.67
CA GLN A 45 -20.94 -18.13 -6.45
C GLN A 45 -21.90 -17.14 -5.79
N ALA A 46 -22.72 -16.50 -6.62
CA ALA A 46 -23.69 -15.54 -6.13
C ALA A 46 -24.79 -15.35 -7.17
N TYR A 47 -26.02 -15.61 -6.74
CA TYR A 47 -27.16 -15.47 -7.62
C TYR A 47 -26.94 -14.34 -8.63
N TRP A 48 -26.90 -14.73 -9.90
CA TRP A 48 -26.69 -13.76 -10.97
C TRP A 48 -26.02 -14.48 -12.14
N GLU A 49 -25.99 -13.81 -13.28
CA GLU A 49 -25.39 -14.37 -14.48
C GLU A 49 -24.97 -13.25 -15.44
N ALA A 50 -23.69 -13.24 -15.77
CA ALA A 50 -23.16 -12.24 -16.68
C ALA A 50 -24.18 -11.98 -17.78
N ASP A 51 -24.17 -10.75 -18.28
CA ASP A 51 -25.08 -10.36 -19.34
C ASP A 51 -24.67 -8.98 -19.87
N LEU A 52 -24.77 -8.83 -21.18
CA LEU A 52 -24.43 -7.57 -21.82
C LEU A 52 -24.60 -7.70 -23.33
N GLU A 53 -24.82 -6.56 -23.98
CA GLU A 53 -25.01 -6.53 -25.42
C GLU A 53 -26.41 -7.05 -25.77
N ASP A 54 -26.96 -6.47 -26.83
CA ASP A 54 -28.29 -6.85 -27.28
C ASP A 54 -28.51 -6.32 -28.70
N GLU A 55 -29.57 -6.81 -29.32
CA GLU A 55 -29.90 -6.38 -30.67
C GLU A 55 -30.90 -5.22 -30.64
N LEU A 56 -31.99 -5.45 -29.90
CA LEU A 56 -33.03 -4.44 -29.78
C LEU A 56 -33.91 -4.76 -28.58
N GLN A 57 -34.54 -5.93 -28.66
CA GLN A 57 -35.41 -6.38 -27.58
C GLN A 57 -34.83 -7.62 -26.89
N THR A 58 -35.27 -7.84 -25.67
CA THR A 58 -34.81 -8.99 -24.90
C THR A 58 -35.87 -9.40 -23.88
N ASP A 59 -36.32 -8.42 -23.11
CA ASP A 59 -37.33 -8.67 -22.10
C ASP A 59 -36.66 -9.31 -20.88
N GLY A 60 -36.00 -10.43 -21.11
CA GLY A 60 -35.32 -11.15 -20.05
C GLY A 60 -34.31 -12.14 -20.61
N SER A 61 -34.76 -12.90 -21.59
CA SER A 61 -33.91 -13.89 -22.23
C SER A 61 -32.60 -13.24 -22.70
N GLN A 62 -31.76 -14.04 -23.31
CA GLN A 62 -30.48 -13.57 -23.81
C GLN A 62 -29.63 -13.02 -22.66
N ALA A 63 -28.42 -13.55 -22.57
CA ALA A 63 -27.49 -13.12 -21.52
C ALA A 63 -26.05 -13.28 -22.02
N SER A 64 -25.72 -14.50 -22.40
CA SER A 64 -24.38 -14.79 -22.89
C SER A 64 -23.34 -14.46 -21.82
N ARG A 65 -22.09 -14.46 -22.24
CA ARG A 65 -20.99 -14.18 -21.33
C ARG A 65 -20.57 -12.71 -21.46
N SER A 66 -19.58 -12.33 -20.67
CA SER A 66 -19.08 -10.98 -20.68
C SER A 66 -18.41 -10.64 -19.35
N PHE A 67 -17.44 -9.75 -19.41
CA PHE A 67 -16.72 -9.34 -18.22
C PHE A 67 -16.46 -7.83 -18.23
N ASN A 68 -17.53 -7.08 -18.47
CA ASN A 68 -17.43 -5.63 -18.51
C ASN A 68 -18.05 -5.05 -17.23
N GLN A 69 -17.94 -3.74 -17.10
CA GLN A 69 -18.48 -3.06 -15.94
C GLN A 69 -18.84 -1.60 -16.29
N GLY A 70 -19.24 -0.86 -15.27
CA GLY A 70 -19.62 0.53 -15.47
C GLY A 70 -19.00 1.41 -14.38
N ARG A 71 -19.01 2.72 -14.64
CA ARG A 71 -18.47 3.67 -13.69
C ARG A 71 -19.25 4.99 -13.77
N ILE A 72 -20.17 5.14 -12.82
CA ILE A 72 -20.98 6.35 -12.76
C ILE A 72 -20.59 7.16 -11.54
N GLU A 73 -20.26 6.45 -10.48
CA GLU A 73 -19.86 7.10 -9.23
C GLU A 73 -18.72 6.32 -8.57
N PRO A 74 -17.47 6.76 -8.87
CA PRO A 74 -16.30 6.11 -8.31
C PRO A 74 -16.12 6.49 -6.83
N ASP A 75 -17.15 6.23 -6.06
CA ASP A 75 -17.13 6.54 -4.64
C ASP A 75 -16.61 7.97 -4.44
N SER A 76 -16.38 8.31 -3.18
CA SER A 76 -15.89 9.63 -2.83
C SER A 76 -16.20 9.95 -1.38
N GLU A 77 -15.57 11.00 -0.88
CA GLU A 77 -15.77 11.43 0.50
C GLU A 77 -14.92 10.57 1.44
N SER A 78 -15.25 9.28 1.49
CA SER A 78 -14.54 8.36 2.35
C SER A 78 -15.07 8.44 3.78
N GLN A 79 -16.36 8.75 3.88
CA GLN A 79 -17.00 8.86 5.17
C GLN A 79 -16.76 10.25 5.77
N GLU A 80 -15.52 10.46 6.21
CA GLU A 80 -15.16 11.74 6.81
C GLU A 80 -13.89 11.58 7.65
N GLU A 81 -12.77 11.94 7.05
CA GLU A 81 -11.49 11.84 7.72
C GLU A 81 -10.36 12.26 6.79
N ILE A 82 -9.21 12.54 7.38
CA ILE A 82 -8.04 12.95 6.62
C ILE A 82 -7.12 11.74 6.41
N ILE A 83 -7.19 10.81 7.35
CA ILE A 83 -6.38 9.61 7.28
C ILE A 83 -6.60 8.93 5.93
N HIS A 84 -7.86 8.60 5.67
CA HIS A 84 -8.23 7.94 4.43
C HIS A 84 -7.74 8.78 3.24
N ASN A 85 -7.84 10.09 3.41
CA ASN A 85 -7.41 11.00 2.36
C ASN A 85 -5.96 10.68 1.96
N ILE A 86 -5.14 10.47 2.97
CA ILE A 86 -3.74 10.15 2.74
C ILE A 86 -3.65 8.84 1.96
N ALA A 87 -4.47 7.89 2.37
CA ALA A 87 -4.48 6.58 1.72
C ALA A 87 -4.71 6.77 0.22
N ARG A 88 -5.61 7.68 -0.11
CA ARG A 88 -5.92 7.96 -1.50
C ARG A 88 -4.70 8.57 -2.20
N HIS A 89 -4.19 9.63 -1.61
CA HIS A 89 -3.03 10.32 -2.16
C HIS A 89 -1.86 9.34 -2.28
N LEU A 90 -2.00 8.22 -1.58
CA LEU A 90 -0.97 7.18 -1.59
C LEU A 90 -0.79 6.67 -3.02
N ALA A 91 -1.82 5.98 -3.50
CA ALA A 91 -1.78 5.43 -4.85
C ALA A 91 -1.41 6.54 -5.84
N GLN A 92 -2.10 7.66 -5.72
CA GLN A 92 -1.85 8.80 -6.59
C GLN A 92 -0.36 9.12 -6.63
N ILE A 93 0.28 8.94 -5.48
CA ILE A 93 1.71 9.21 -5.37
C ILE A 93 2.48 8.17 -6.18
N GLY A 94 1.89 6.99 -6.26
CA GLY A 94 2.52 5.90 -7.01
C GLY A 94 2.73 6.29 -8.47
N ASP A 95 1.65 6.68 -9.11
CA ASP A 95 1.70 7.07 -10.51
C ASP A 95 2.64 8.27 -10.65
N GLU A 96 2.49 9.21 -9.73
CA GLU A 96 3.32 10.41 -9.74
C GLU A 96 4.79 10.04 -9.57
N MET A 97 5.03 9.06 -8.71
CA MET A 97 6.38 8.61 -8.43
C MET A 97 7.12 8.30 -9.74
N ASP A 98 6.48 7.50 -10.58
CA ASP A 98 7.07 7.12 -11.85
C ASP A 98 7.81 8.31 -12.44
N HIS A 99 7.31 9.49 -12.11
CA HIS A 99 7.93 10.72 -12.60
C HIS A 99 9.45 10.61 -12.51
N ASN A 100 9.94 10.61 -11.29
CA ASN A 100 11.37 10.50 -11.05
C ASN A 100 11.61 9.78 -9.73
N ILE A 101 11.73 8.47 -9.83
CA ILE A 101 11.97 7.65 -8.65
C ILE A 101 13.13 6.68 -8.93
N GLN A 102 14.33 7.14 -8.62
CA GLN A 102 15.52 6.33 -8.84
C GLN A 102 16.75 7.23 -8.95
N PRO A 103 16.95 8.07 -7.90
CA PRO A 103 18.08 8.97 -7.87
C PRO A 103 19.38 8.23 -7.55
N THR A 104 19.21 7.05 -6.97
CA THR A 104 20.35 6.23 -6.61
C THR A 104 20.00 4.74 -6.73
N LEU A 105 18.81 4.49 -7.27
CA LEU A 105 18.35 3.12 -7.45
C LEU A 105 17.26 2.82 -6.42
N VAL A 106 16.54 3.86 -6.04
CA VAL A 106 15.47 3.73 -5.06
C VAL A 106 14.43 2.73 -5.59
N ARG A 107 13.69 3.18 -6.59
CA ARG A 107 12.66 2.34 -7.19
C ARG A 107 13.25 1.00 -7.60
N GLN A 108 14.49 1.05 -8.10
CA GLN A 108 15.17 -0.15 -8.53
C GLN A 108 15.41 -1.09 -7.35
N LEU A 109 15.50 -0.49 -6.17
CA LEU A 109 15.73 -1.26 -4.96
C LEU A 109 14.52 -2.17 -4.72
N ALA A 110 13.43 -1.56 -4.28
CA ALA A 110 12.21 -2.31 -4.01
C ALA A 110 11.83 -3.12 -5.25
N ALA A 111 12.01 -2.50 -6.41
CA ALA A 111 11.68 -3.15 -7.66
C ALA A 111 12.58 -4.38 -7.84
N GLN A 112 13.71 -4.36 -7.14
CA GLN A 112 14.65 -5.46 -7.22
C GLN A 112 13.97 -6.77 -6.83
N PHE A 113 13.30 -6.74 -5.69
CA PHE A 113 12.60 -7.91 -5.19
C PHE A 113 11.43 -8.28 -6.10
N MET A 114 10.70 -7.26 -6.53
CA MET A 114 9.56 -7.47 -7.41
C MET A 114 9.99 -8.12 -8.72
N ASN A 115 10.51 -9.33 -8.60
CA ASN A 115 10.96 -10.08 -9.76
C ASN A 115 10.65 -11.56 -9.57
N GLY A 116 10.49 -12.25 -10.68
CA GLY A 116 10.18 -13.67 -10.66
C GLY A 116 8.68 -13.90 -10.48
N SER A 117 8.34 -15.12 -10.10
CA SER A 117 6.95 -15.49 -9.90
C SER A 117 6.85 -16.70 -8.98
N LEU A 118 7.06 -16.46 -7.70
CA LEU A 118 7.00 -17.52 -6.71
C LEU A 118 5.94 -18.55 -7.13
N SER A 119 4.69 -18.11 -7.06
CA SER A 119 3.58 -18.97 -7.44
C SER A 119 2.48 -18.15 -8.09
N GLU A 120 2.82 -17.57 -9.24
CA GLU A 120 1.86 -16.75 -9.97
C GLU A 120 1.21 -15.73 -9.04
N GLU A 121 1.71 -15.68 -7.82
CA GLU A 121 1.18 -14.76 -6.83
C GLU A 121 1.43 -15.30 -5.41
N ASP A 122 2.59 -14.96 -4.87
CA ASP A 122 2.96 -15.41 -3.54
C ASP A 122 4.08 -14.50 -3.00
N LYS A 123 4.12 -13.29 -3.51
CA LYS A 123 5.12 -12.32 -3.09
C LYS A 123 4.81 -11.87 -1.66
N ARG A 124 4.43 -10.61 -1.54
CA ARG A 124 4.11 -10.05 -0.24
C ARG A 124 5.39 -9.83 0.58
N ASN A 125 6.12 -10.92 0.76
CA ASN A 125 7.36 -10.87 1.51
C ASN A 125 8.39 -10.05 0.74
N CYS A 126 8.40 -10.26 -0.58
CA CYS A 126 9.32 -9.55 -1.44
C CYS A 126 9.17 -8.05 -1.19
N LEU A 127 7.95 -7.58 -1.37
CA LEU A 127 7.65 -6.17 -1.17
C LEU A 127 8.12 -5.75 0.22
N ALA A 128 7.48 -6.32 1.22
CA ALA A 128 7.82 -6.02 2.61
C ALA A 128 9.35 -6.05 2.77
N LYS A 129 9.96 -7.01 2.10
CA LYS A 129 11.40 -7.16 2.16
C LYS A 129 12.06 -5.95 1.52
N ALA A 130 11.31 -5.30 0.64
CA ALA A 130 11.81 -4.12 -0.05
C ALA A 130 11.91 -2.96 0.93
N LEU A 131 10.92 -2.88 1.81
CA LEU A 131 10.87 -1.82 2.81
C LEU A 131 12.17 -1.84 3.62
N ASP A 132 12.61 -3.05 3.96
CA ASP A 132 13.83 -3.21 4.72
C ASP A 132 15.01 -2.66 3.92
N GLU A 133 15.24 -3.26 2.76
CA GLU A 133 16.33 -2.83 1.90
C GLU A 133 16.24 -1.33 1.64
N VAL A 134 15.12 -0.92 1.05
CA VAL A 134 14.91 0.48 0.74
C VAL A 134 15.06 1.31 2.02
N LYS A 135 14.49 0.78 3.09
CA LYS A 135 14.55 1.46 4.38
C LYS A 135 15.83 1.05 5.10
N THR A 136 16.82 0.65 4.31
CA THR A 136 18.10 0.24 4.86
C THR A 136 19.19 0.29 3.78
N ALA A 137 18.95 1.13 2.79
CA ALA A 137 19.90 1.28 1.70
C ALA A 137 20.11 2.77 1.41
N PHE A 138 19.00 3.45 1.15
CA PHE A 138 19.05 4.87 0.86
C PHE A 138 18.02 5.64 1.71
N PRO A 139 18.01 5.33 3.03
CA PRO A 139 17.08 5.97 3.94
C PRO A 139 17.54 7.40 4.25
N ARG A 140 16.66 8.13 4.92
CA ARG A 140 16.95 9.51 5.28
C ARG A 140 15.73 10.15 5.94
N ASP A 141 14.98 10.90 5.12
CA ASP A 141 13.79 11.56 5.60
C ASP A 141 12.65 11.37 4.60
N MET A 142 11.83 12.40 4.48
CA MET A 142 10.70 12.36 3.56
C MET A 142 11.16 11.95 2.16
N GLU A 143 12.38 12.33 1.84
CA GLU A 143 12.95 12.02 0.54
C GLU A 143 13.18 10.51 0.41
N ASN A 144 14.05 10.00 1.27
CA ASN A 144 14.38 8.59 1.26
C ASN A 144 13.22 7.81 1.87
N ASP A 145 12.88 8.15 3.10
CA ASP A 145 11.79 7.50 3.80
C ASP A 145 10.64 7.25 2.83
N LYS A 146 10.20 8.33 2.20
CA LYS A 146 9.11 8.24 1.24
C LYS A 146 9.44 7.19 0.18
N ALA A 147 10.73 7.01 -0.04
CA ALA A 147 11.20 6.04 -1.03
C ALA A 147 10.58 4.68 -0.71
N MET A 148 10.74 4.26 0.54
CA MET A 148 10.21 2.98 0.99
C MET A 148 8.72 2.88 0.67
N LEU A 149 7.97 3.87 1.13
CA LEU A 149 6.53 3.90 0.92
C LEU A 149 6.25 3.87 -0.59
N ILE A 150 7.00 4.69 -1.32
CA ILE A 150 6.85 4.76 -2.75
C ILE A 150 6.99 3.36 -3.36
N MET A 151 7.77 2.54 -2.67
CA MET A 151 7.99 1.17 -3.13
C MET A 151 6.68 0.41 -3.24
N THR A 152 5.92 0.43 -2.16
CA THR A 152 4.64 -0.24 -2.12
C THR A 152 3.83 0.06 -3.39
N MET A 153 3.79 1.33 -3.74
CA MET A 153 3.07 1.77 -4.91
C MET A 153 3.79 1.34 -6.20
N LEU A 154 5.07 1.05 -6.04
CA LEU A 154 5.89 0.62 -7.16
C LEU A 154 5.33 -0.69 -7.72
N LEU A 155 5.16 -1.65 -6.83
CA LEU A 155 4.64 -2.95 -7.22
C LEU A 155 3.31 -2.76 -7.95
N ALA A 156 2.40 -2.09 -7.28
CA ALA A 156 1.08 -1.83 -7.86
C ALA A 156 1.24 -0.94 -9.10
N LYS A 157 1.94 0.18 -8.90
CA LYS A 157 2.16 1.11 -9.99
C LYS A 157 2.58 0.34 -11.24
N LYS A 158 3.58 -0.51 -11.06
CA LYS A 158 4.09 -1.31 -12.16
C LYS A 158 3.13 -2.48 -12.43
N VAL A 159 2.83 -3.21 -11.35
CA VAL A 159 1.94 -4.35 -11.46
C VAL A 159 0.50 -3.89 -11.19
N ALA A 160 -0.44 -4.61 -11.79
CA ALA A 160 -1.85 -4.28 -11.63
C ALA A 160 -2.15 -2.96 -12.34
N SER A 161 -1.31 -1.97 -12.06
CA SER A 161 -1.48 -0.66 -12.66
C SER A 161 -0.67 -0.57 -13.96
N HIS A 162 0.15 -1.59 -14.16
CA HIS A 162 0.99 -1.63 -15.35
C HIS A 162 1.29 -3.10 -15.71
N ALA A 163 1.47 -3.90 -14.67
CA ALA A 163 1.77 -5.31 -14.85
C ALA A 163 0.64 -6.15 -14.25
N PRO A 164 -0.30 -6.56 -15.14
CA PRO A 164 -1.43 -7.37 -14.70
C PRO A 164 -1.00 -8.81 -14.42
N SER A 165 -0.02 -8.94 -13.54
CA SER A 165 0.48 -10.26 -13.18
C SER A 165 0.07 -10.60 -11.75
N LEU A 166 -0.38 -9.57 -11.03
CA LEU A 166 -0.81 -9.75 -9.66
C LEU A 166 -2.01 -8.84 -9.38
N LEU A 167 -3.02 -9.43 -8.76
CA LEU A 167 -4.23 -8.69 -8.44
C LEU A 167 -4.19 -8.29 -6.96
N ARG A 168 -4.75 -9.15 -6.12
CA ARG A 168 -4.79 -8.90 -4.70
C ARG A 168 -3.37 -8.69 -4.16
N ASP A 169 -2.44 -9.41 -4.75
CA ASP A 169 -1.05 -9.31 -4.34
C ASP A 169 -0.55 -7.87 -4.56
N VAL A 170 -0.89 -7.35 -5.73
CA VAL A 170 -0.49 -5.99 -6.07
C VAL A 170 -1.01 -5.03 -5.00
N PHE A 171 -2.29 -5.16 -4.70
CA PHE A 171 -2.92 -4.32 -3.70
C PHE A 171 -2.27 -4.51 -2.33
N HIS A 172 -2.24 -5.77 -1.89
CA HIS A 172 -1.66 -6.10 -0.61
C HIS A 172 -0.21 -5.62 -0.56
N THR A 173 0.36 -5.46 -1.75
CA THR A 173 1.75 -5.00 -1.86
C THR A 173 1.88 -3.57 -1.35
N THR A 174 0.99 -2.72 -1.84
CA THR A 174 0.99 -1.32 -1.45
C THR A 174 0.78 -1.19 0.06
N VAL A 175 -0.28 -1.83 0.54
CA VAL A 175 -0.60 -1.80 1.94
C VAL A 175 0.40 -2.66 2.72
N ASN A 176 1.34 -3.22 1.98
CA ASN A 176 2.36 -4.07 2.59
C ASN A 176 3.42 -3.18 3.25
N PHE A 177 4.03 -2.33 2.44
CA PHE A 177 5.06 -1.43 2.94
C PHE A 177 4.53 -0.61 4.13
N ILE A 178 3.44 0.10 3.88
CA ILE A 178 2.84 0.92 4.91
C ILE A 178 2.53 0.05 6.14
N ASN A 179 2.08 -1.16 5.86
CA ASN A 179 1.74 -2.09 6.93
C ASN A 179 3.02 -2.50 7.66
N GLN A 180 4.07 -2.70 6.89
CA GLN A 180 5.35 -3.09 7.45
C GLN A 180 6.11 -1.86 7.95
N ASN A 181 5.59 -0.69 7.59
CA ASN A 181 6.20 0.56 7.99
C ASN A 181 5.51 1.09 9.25
N LEU A 182 5.53 2.40 9.40
CA LEU A 182 4.91 3.04 10.55
C LEU A 182 3.47 3.40 10.20
N PHE A 183 2.84 2.54 9.42
CA PHE A 183 1.46 2.76 9.03
C PHE A 183 1.17 4.25 8.86
N SER A 184 2.21 4.99 8.50
CA SER A 184 2.07 6.43 8.31
C SER A 184 3.41 7.11 8.60
N TYR A 185 4.20 7.26 7.55
CA TYR A 185 5.50 7.89 7.67
C TYR A 185 5.43 9.12 8.58
N VAL A 186 6.57 9.46 9.17
CA VAL A 186 6.64 10.61 10.05
C VAL A 186 5.77 11.74 9.50
N ARG A 187 5.76 11.82 8.17
CA ARG A 187 4.97 12.85 7.50
C ARG A 187 3.49 12.72 7.89
N ASN A 188 2.97 11.52 7.71
CA ASN A 188 1.57 11.25 8.04
C ASN A 188 1.31 11.66 9.49
N LEU A 189 2.24 11.28 10.36
CA LEU A 189 2.12 11.59 11.77
C LEU A 189 1.88 13.09 11.94
N VAL A 190 2.67 13.87 11.20
CA VAL A 190 2.54 15.31 11.26
C VAL A 190 1.12 15.72 10.91
N ARG A 191 0.62 15.15 9.82
CA ARG A 191 -0.72 15.44 9.37
C ARG A 191 -1.73 15.16 10.48
N ASN A 192 -1.55 14.02 11.14
CA ASN A 192 -2.43 13.63 12.23
C ASN A 192 -2.47 14.75 13.27
N GLU A 193 -1.29 15.20 13.66
CA GLU A 193 -1.18 16.26 14.65
C GLU A 193 -1.85 15.84 15.96
N MET A 194 -1.97 16.80 16.87
CA MET A 194 -2.58 16.53 18.16
C MET A 194 -3.10 17.83 18.79
N ASP A 195 -4.20 17.68 19.52
CA ASP A 195 -4.80 18.84 20.18
C ASP A 195 -4.83 20.02 19.22
N MET A 1 32.43 -26.72 -1.27
CA MET A 1 31.43 -25.70 -1.47
C MET A 1 31.01 -25.06 -0.13
N ASP A 2 30.09 -24.12 -0.22
CA ASP A 2 29.60 -23.44 0.97
C ASP A 2 28.25 -22.79 0.66
N SER A 3 27.51 -22.50 1.72
CA SER A 3 26.20 -21.89 1.58
C SER A 3 25.47 -21.90 2.91
N GLU A 4 24.50 -21.00 3.03
CA GLU A 4 23.71 -20.90 4.24
C GLU A 4 22.67 -19.79 4.12
N VAL A 5 23.16 -18.56 4.03
CA VAL A 5 22.30 -17.40 3.91
C VAL A 5 21.17 -17.50 4.94
N SER A 6 20.18 -16.64 4.78
CA SER A 6 19.06 -16.60 5.70
C SER A 6 17.99 -15.63 5.19
N ASN A 7 16.96 -15.46 6.00
CA ASN A 7 15.87 -14.56 5.64
C ASN A 7 14.91 -14.44 6.83
N GLY A 8 14.14 -13.37 6.80
CA GLY A 8 13.17 -13.12 7.86
C GLY A 8 11.74 -13.09 7.31
N SER A 9 10.86 -12.46 8.07
CA SER A 9 9.46 -12.35 7.67
C SER A 9 8.91 -10.98 8.08
N GLY A 10 8.55 -10.88 9.35
CA GLY A 10 8.00 -9.63 9.87
C GLY A 10 6.53 -9.80 10.24
N LEU A 11 5.99 -8.76 10.87
CA LEU A 11 4.61 -8.77 11.29
C LEU A 11 4.04 -7.35 11.23
N GLY A 12 2.83 -7.21 11.75
CA GLY A 12 2.17 -5.91 11.76
C GLY A 12 0.74 -6.01 11.21
N ALA A 13 0.06 -4.88 11.23
CA ALA A 13 -1.31 -4.83 10.74
C ALA A 13 -1.97 -3.53 11.23
N LYS A 14 -3.03 -3.15 10.52
CA LYS A 14 -3.76 -1.94 10.86
C LYS A 14 -4.92 -1.76 9.90
N HIS A 15 -6.08 -1.44 10.47
CA HIS A 15 -7.27 -1.24 9.67
C HIS A 15 -7.04 -0.11 8.67
N ILE A 16 -6.45 0.97 9.17
CA ILE A 16 -6.18 2.12 8.34
C ILE A 16 -5.34 1.69 7.13
N THR A 17 -4.40 0.79 7.39
CA THR A 17 -3.53 0.28 6.34
C THR A 17 -4.37 -0.29 5.20
N ASP A 18 -5.16 -1.29 5.52
CA ASP A 18 -6.01 -1.94 4.53
C ASP A 18 -6.73 -0.86 3.71
N LEU A 19 -7.08 0.22 4.40
CA LEU A 19 -7.76 1.33 3.75
C LEU A 19 -6.87 1.91 2.65
N LEU A 20 -5.57 1.87 2.91
CA LEU A 20 -4.60 2.39 1.97
C LEU A 20 -4.64 1.55 0.68
N VAL A 21 -4.73 0.24 0.88
CA VAL A 21 -4.78 -0.68 -0.24
C VAL A 21 -6.04 -0.40 -1.07
N PHE A 22 -7.18 -0.64 -0.44
CA PHE A 22 -8.45 -0.42 -1.11
C PHE A 22 -8.63 1.05 -1.48
N GLY A 23 -8.10 1.91 -0.63
CA GLY A 23 -8.20 3.34 -0.84
C GLY A 23 -7.28 3.79 -1.99
N PHE A 24 -6.12 3.15 -2.06
CA PHE A 24 -5.15 3.47 -3.10
C PHE A 24 -5.80 3.38 -4.49
N LEU A 25 -6.34 2.20 -4.78
CA LEU A 25 -6.98 1.98 -6.07
C LEU A 25 -8.11 2.99 -6.25
N GLN A 26 -8.82 3.25 -5.16
CA GLN A 26 -9.93 4.19 -5.19
C GLN A 26 -9.45 5.56 -5.71
N SER A 27 -8.21 5.88 -5.36
CA SER A 27 -7.63 7.14 -5.78
C SER A 27 -7.45 7.15 -7.30
N SER A 28 -6.22 6.84 -7.71
CA SER A 28 -5.90 6.81 -9.13
C SER A 28 -4.99 5.62 -9.43
N GLY A 29 -5.03 4.66 -8.52
CA GLY A 29 -4.21 3.45 -8.69
C GLY A 29 -4.50 2.77 -10.02
N CYS A 30 -5.19 1.63 -9.92
CA CYS A 30 -5.54 0.88 -11.11
C CYS A 30 -6.89 1.36 -11.62
N THR A 31 -7.94 0.69 -11.18
CA THR A 31 -9.28 1.06 -11.58
C THR A 31 -10.27 0.83 -10.43
N ARG A 32 -11.33 1.60 -10.44
CA ARG A 32 -12.35 1.50 -9.41
C ARG A 32 -12.63 0.03 -9.09
N GLN A 33 -13.09 -0.68 -10.10
CA GLN A 33 -13.40 -2.09 -9.94
C GLN A 33 -12.21 -2.83 -9.32
N GLU A 34 -11.04 -2.27 -9.54
CA GLU A 34 -9.82 -2.87 -9.02
C GLU A 34 -9.80 -2.76 -7.49
N LEU A 35 -9.96 -1.54 -7.01
CA LEU A 35 -9.95 -1.29 -5.58
C LEU A 35 -10.78 -2.37 -4.88
N GLU A 36 -11.89 -2.73 -5.51
CA GLU A 36 -12.77 -3.74 -4.97
C GLU A 36 -12.25 -5.14 -5.32
N VAL A 37 -11.65 -5.23 -6.49
CA VAL A 37 -11.11 -6.50 -6.97
C VAL A 37 -10.02 -6.97 -6.00
N LEU A 38 -9.01 -6.12 -5.84
CA LEU A 38 -7.90 -6.45 -4.95
C LEU A 38 -8.32 -6.19 -3.50
N GLY A 39 -9.08 -5.11 -3.31
CA GLY A 39 -9.54 -4.74 -1.99
C GLY A 39 -10.14 -5.96 -1.27
N ARG A 40 -11.04 -6.64 -1.95
CA ARG A 40 -11.68 -7.81 -1.40
C ARG A 40 -12.78 -8.32 -2.34
N GLU A 41 -13.80 -8.92 -1.73
CA GLU A 41 -14.91 -9.45 -2.50
C GLU A 41 -16.23 -9.10 -1.84
N LEU A 42 -16.86 -8.04 -2.34
CA LEU A 42 -18.12 -7.59 -1.80
C LEU A 42 -19.26 -8.11 -2.68
N PRO A 43 -20.32 -8.62 -2.00
CA PRO A 43 -21.47 -9.15 -2.72
C PRO A 43 -22.34 -8.01 -3.28
N VAL A 44 -23.16 -8.38 -4.25
CA VAL A 44 -24.05 -7.40 -4.88
C VAL A 44 -24.62 -6.47 -3.81
N GLN A 45 -24.17 -5.23 -3.84
CA GLN A 45 -24.63 -4.24 -2.88
C GLN A 45 -23.67 -3.04 -2.86
N ALA A 46 -24.17 -1.94 -2.31
CA ALA A 46 -23.38 -0.73 -2.21
C ALA A 46 -23.36 -0.24 -0.76
N TYR A 47 -22.72 -1.03 0.09
CA TYR A 47 -22.62 -0.69 1.50
C TYR A 47 -22.55 0.82 1.69
N TRP A 48 -21.47 1.41 1.19
CA TRP A 48 -21.27 2.84 1.30
C TRP A 48 -20.75 3.14 2.71
N GLU A 49 -20.29 4.37 2.89
CA GLU A 49 -19.77 4.79 4.18
C GLU A 49 -20.34 6.16 4.55
N ALA A 50 -20.10 7.12 3.69
CA ALA A 50 -20.57 8.48 3.91
C ALA A 50 -19.79 9.44 3.02
N ASP A 51 -20.15 10.72 3.12
CA ASP A 51 -19.50 11.75 2.33
C ASP A 51 -19.94 13.12 2.82
N LEU A 52 -18.99 14.04 2.84
CA LEU A 52 -19.27 15.39 3.28
C LEU A 52 -17.99 16.23 3.22
N GLU A 53 -18.18 17.53 3.07
CA GLU A 53 -17.04 18.45 2.99
C GLU A 53 -16.31 18.26 1.67
N ASP A 54 -16.02 19.38 1.02
CA ASP A 54 -15.31 19.35 -0.25
C ASP A 54 -14.67 20.72 -0.49
N GLU A 55 -13.72 20.73 -1.42
CA GLU A 55 -13.02 21.95 -1.76
C GLU A 55 -13.38 22.40 -3.18
N LEU A 56 -12.97 23.61 -3.51
CA LEU A 56 -13.24 24.16 -4.82
C LEU A 56 -12.23 25.26 -5.13
N GLN A 57 -12.26 26.31 -4.33
CA GLN A 57 -11.36 27.43 -4.50
C GLN A 57 -11.17 27.73 -5.99
N THR A 58 -12.29 27.78 -6.69
CA THR A 58 -12.27 28.06 -8.12
C THR A 58 -12.85 29.44 -8.40
N ASP A 59 -12.31 30.07 -9.43
CA ASP A 59 -12.77 31.41 -9.82
C ASP A 59 -12.02 31.85 -11.07
N GLY A 60 -10.77 32.24 -10.86
CA GLY A 60 -9.94 32.69 -11.97
C GLY A 60 -10.69 33.70 -12.84
N SER A 61 -10.99 34.84 -12.24
CA SER A 61 -11.69 35.89 -12.95
C SER A 61 -13.14 35.46 -13.24
N GLN A 62 -13.25 34.44 -14.10
CA GLN A 62 -14.56 33.92 -14.45
C GLN A 62 -14.47 32.43 -14.78
N ALA A 63 -15.62 31.77 -14.76
CA ALA A 63 -15.68 30.35 -15.06
C ALA A 63 -15.23 30.12 -16.50
N SER A 64 -16.10 30.50 -17.42
CA SER A 64 -15.81 30.33 -18.84
C SER A 64 -15.41 28.89 -19.11
N ARG A 65 -15.18 28.60 -20.39
CA ARG A 65 -14.79 27.26 -20.81
C ARG A 65 -13.32 27.25 -21.21
N SER A 66 -13.05 27.77 -22.40
CA SER A 66 -11.69 27.82 -22.91
C SER A 66 -11.03 26.44 -22.78
N PHE A 67 -11.08 25.70 -23.88
CA PHE A 67 -10.49 24.37 -23.91
C PHE A 67 -9.01 24.43 -24.30
N ASN A 68 -8.76 24.86 -25.52
CA ASN A 68 -7.40 24.96 -26.02
C ASN A 68 -6.61 23.74 -25.59
N GLN A 69 -6.97 22.60 -26.17
CA GLN A 69 -6.30 21.34 -25.85
C GLN A 69 -6.66 20.28 -26.88
N GLY A 70 -5.98 19.15 -26.78
CA GLY A 70 -6.22 18.04 -27.69
C GLY A 70 -6.16 16.70 -26.95
N ARG A 71 -5.10 16.54 -26.17
CA ARG A 71 -4.92 15.32 -25.40
C ARG A 71 -4.13 15.61 -24.13
N ILE A 72 -4.84 16.11 -23.13
CA ILE A 72 -4.21 16.43 -21.85
C ILE A 72 -4.82 15.54 -20.76
N GLU A 73 -4.13 15.50 -19.63
CA GLU A 73 -4.58 14.69 -18.51
C GLU A 73 -5.56 15.49 -17.64
N PRO A 74 -6.52 14.75 -17.03
CA PRO A 74 -7.51 15.38 -16.18
C PRO A 74 -6.91 15.78 -14.83
N ASP A 75 -7.78 16.17 -13.92
CA ASP A 75 -7.36 16.58 -12.59
C ASP A 75 -8.30 15.97 -11.55
N SER A 76 -7.87 16.03 -10.30
CA SER A 76 -8.66 15.51 -9.20
C SER A 76 -8.84 16.57 -8.13
N GLU A 77 -9.78 16.30 -7.23
CA GLU A 77 -10.07 17.23 -6.15
C GLU A 77 -9.30 16.82 -4.88
N SER A 78 -9.56 15.59 -4.45
CA SER A 78 -8.90 15.07 -3.26
C SER A 78 -9.33 15.87 -2.03
N GLN A 79 -8.56 15.71 -0.96
CA GLN A 79 -8.84 16.42 0.27
C GLN A 79 -10.20 15.98 0.83
N GLU A 80 -10.22 15.74 2.14
CA GLU A 80 -11.44 15.33 2.80
C GLU A 80 -11.11 14.72 4.17
N GLU A 81 -10.63 13.49 4.14
CA GLU A 81 -10.28 12.79 5.36
C GLU A 81 -8.82 13.08 5.74
N ILE A 82 -8.36 12.36 6.75
CA ILE A 82 -6.99 12.53 7.21
C ILE A 82 -6.14 11.37 6.70
N ILE A 83 -5.89 10.42 7.60
CA ILE A 83 -5.10 9.25 7.26
C ILE A 83 -5.66 8.61 5.99
N HIS A 84 -6.99 8.59 5.91
CA HIS A 84 -7.66 8.02 4.76
C HIS A 84 -7.27 8.78 3.50
N ASN A 85 -7.18 10.08 3.64
CA ASN A 85 -6.81 10.94 2.52
C ASN A 85 -5.46 10.49 1.96
N ILE A 86 -4.49 10.37 2.86
CA ILE A 86 -3.16 9.95 2.47
C ILE A 86 -3.24 8.54 1.86
N ALA A 87 -4.25 7.81 2.27
CA ALA A 87 -4.44 6.45 1.78
C ALA A 87 -4.65 6.49 0.26
N ARG A 88 -5.72 7.16 -0.14
CA ARG A 88 -6.03 7.27 -1.56
C ARG A 88 -4.94 8.05 -2.28
N HIS A 89 -4.53 9.15 -1.67
CA HIS A 89 -3.50 9.98 -2.25
C HIS A 89 -2.25 9.15 -2.52
N LEU A 90 -2.15 8.05 -1.79
CA LEU A 90 -1.01 7.15 -1.94
C LEU A 90 -0.91 6.70 -3.40
N ALA A 91 -1.94 6.00 -3.84
CA ALA A 91 -1.98 5.50 -5.20
C ALA A 91 -1.73 6.66 -6.17
N GLN A 92 -2.47 7.75 -5.93
CA GLN A 92 -2.34 8.93 -6.77
C GLN A 92 -0.87 9.32 -6.93
N ILE A 93 -0.17 9.33 -5.80
CA ILE A 93 1.24 9.68 -5.80
C ILE A 93 2.04 8.58 -6.50
N GLY A 94 1.46 7.39 -6.52
CA GLY A 94 2.10 6.26 -7.15
C GLY A 94 2.29 6.51 -8.65
N ASP A 95 1.19 6.83 -9.31
CA ASP A 95 1.22 7.09 -10.74
C ASP A 95 2.13 8.30 -11.01
N GLU A 96 1.94 9.34 -10.21
CA GLU A 96 2.73 10.54 -10.35
C GLU A 96 4.21 10.24 -10.09
N MET A 97 4.45 9.42 -9.08
CA MET A 97 5.80 9.04 -8.71
C MET A 97 6.58 8.53 -9.93
N ASP A 98 5.92 7.66 -10.69
CA ASP A 98 6.53 7.10 -11.87
C ASP A 98 7.34 8.18 -12.59
N HIS A 99 6.88 9.41 -12.45
CA HIS A 99 7.54 10.54 -13.08
C HIS A 99 9.05 10.42 -12.88
N ASN A 100 9.43 10.14 -11.64
CA ASN A 100 10.84 10.00 -11.32
C ASN A 100 11.00 8.92 -10.24
N ILE A 101 11.09 7.68 -10.71
CA ILE A 101 11.24 6.55 -9.80
C ILE A 101 12.61 5.91 -10.03
N GLN A 102 13.62 6.49 -9.40
CA GLN A 102 14.97 5.99 -9.53
C GLN A 102 15.98 7.12 -9.33
N PRO A 103 15.84 7.84 -8.19
CA PRO A 103 16.72 8.93 -7.87
C PRO A 103 18.08 8.43 -7.40
N THR A 104 18.29 7.13 -7.60
CA THR A 104 19.55 6.51 -7.20
C THR A 104 19.42 4.98 -7.23
N LEU A 105 18.23 4.53 -7.64
CA LEU A 105 17.97 3.11 -7.72
C LEU A 105 17.05 2.70 -6.56
N VAL A 106 16.22 3.65 -6.15
CA VAL A 106 15.29 3.40 -5.06
C VAL A 106 14.34 2.26 -5.45
N ARG A 107 13.41 2.59 -6.33
CA ARG A 107 12.44 1.62 -6.79
C ARG A 107 13.15 0.39 -7.39
N GLN A 108 14.42 0.59 -7.69
CA GLN A 108 15.23 -0.49 -8.26
C GLN A 108 15.31 -1.66 -7.28
N LEU A 109 15.62 -1.32 -6.04
CA LEU A 109 15.74 -2.33 -4.99
C LEU A 109 14.38 -3.00 -4.77
N ALA A 110 13.42 -2.18 -4.36
CA ALA A 110 12.07 -2.67 -4.12
C ALA A 110 11.61 -3.49 -5.32
N ALA A 111 12.02 -3.04 -6.50
CA ALA A 111 11.65 -3.71 -7.73
C ALA A 111 12.36 -5.07 -7.80
N GLN A 112 13.48 -5.15 -7.09
CA GLN A 112 14.25 -6.38 -7.06
C GLN A 112 13.39 -7.54 -6.59
N PHE A 113 12.73 -7.33 -5.46
CA PHE A 113 11.87 -8.35 -4.90
C PHE A 113 10.64 -8.59 -5.78
N MET A 114 10.11 -7.51 -6.32
CA MET A 114 8.94 -7.58 -7.18
C MET A 114 9.16 -8.61 -8.30
N ASN A 115 9.01 -9.87 -7.93
CA ASN A 115 9.18 -10.95 -8.89
C ASN A 115 8.17 -12.07 -8.58
N GLY A 116 8.51 -13.26 -9.03
CA GLY A 116 7.65 -14.41 -8.81
C GLY A 116 6.17 -14.03 -8.94
N SER A 117 5.33 -14.85 -8.33
CA SER A 117 3.90 -14.60 -8.37
C SER A 117 3.22 -15.31 -7.19
N LEU A 118 3.30 -14.66 -6.04
CA LEU A 118 2.69 -15.22 -4.83
C LEU A 118 3.60 -16.31 -4.27
N SER A 119 4.34 -15.95 -3.23
CA SER A 119 5.25 -16.88 -2.59
C SER A 119 4.66 -17.35 -1.25
N GLU A 120 5.12 -18.52 -0.82
CA GLU A 120 4.65 -19.09 0.43
C GLU A 120 3.12 -19.03 0.50
N GLU A 121 2.51 -19.00 -0.67
CA GLU A 121 1.06 -18.94 -0.76
C GLU A 121 0.54 -17.60 -0.25
N ASP A 122 1.03 -16.54 -0.90
CA ASP A 122 0.62 -15.19 -0.53
C ASP A 122 1.70 -14.20 -0.96
N LYS A 123 1.48 -12.94 -0.63
CA LYS A 123 2.42 -11.89 -0.99
C LYS A 123 2.41 -10.82 0.10
N ARG A 124 3.60 -10.48 0.57
CA ARG A 124 3.73 -9.47 1.61
C ARG A 124 5.20 -9.33 2.02
N ASN A 125 5.86 -10.47 2.13
CA ASN A 125 7.27 -10.49 2.52
C ASN A 125 8.10 -9.87 1.39
N CYS A 126 7.76 -10.27 0.17
CA CYS A 126 8.48 -9.77 -0.99
C CYS A 126 8.49 -8.24 -0.93
N LEU A 127 7.29 -7.66 -0.91
CA LEU A 127 7.16 -6.22 -0.84
C LEU A 127 7.85 -5.70 0.42
N ALA A 128 7.34 -6.14 1.56
CA ALA A 128 7.90 -5.73 2.84
C ALA A 128 9.42 -5.89 2.80
N LYS A 129 9.86 -6.88 2.02
CA LYS A 129 11.29 -7.15 1.90
C LYS A 129 11.98 -5.92 1.31
N ALA A 130 11.23 -5.18 0.51
CA ALA A 130 11.76 -3.98 -0.12
C ALA A 130 11.89 -2.88 0.94
N LEU A 131 10.89 -2.80 1.80
CA LEU A 131 10.88 -1.79 2.85
C LEU A 131 12.25 -1.77 3.54
N ASP A 132 12.72 -2.97 3.88
CA ASP A 132 14.01 -3.11 4.54
C ASP A 132 15.11 -2.58 3.62
N GLU A 133 15.14 -3.13 2.42
CA GLU A 133 16.14 -2.74 1.43
C GLU A 133 16.14 -1.21 1.27
N VAL A 134 15.01 -0.70 0.83
CA VAL A 134 14.87 0.73 0.63
C VAL A 134 15.15 1.46 1.94
N LYS A 135 14.72 0.85 3.02
CA LYS A 135 14.92 1.42 4.35
C LYS A 135 16.34 1.08 4.83
N THR A 136 17.19 0.73 3.88
CA THR A 136 18.57 0.38 4.20
C THR A 136 19.52 1.03 3.19
N ALA A 137 18.94 1.58 2.14
CA ALA A 137 19.74 2.23 1.11
C ALA A 137 19.47 3.74 1.14
N PHE A 138 18.19 4.08 1.14
CA PHE A 138 17.79 5.48 1.18
C PHE A 138 17.00 5.80 2.45
N PRO A 139 17.69 5.61 3.61
CA PRO A 139 17.07 5.88 4.90
C PRO A 139 16.97 7.38 5.15
N ARG A 140 15.90 7.75 5.83
CA ARG A 140 15.66 9.16 6.15
C ARG A 140 14.32 9.32 6.85
N ASP A 141 13.83 10.56 6.84
CA ASP A 141 12.56 10.87 7.47
C ASP A 141 11.45 10.79 6.43
N MET A 142 10.97 11.96 6.03
CA MET A 142 9.90 12.03 5.04
C MET A 142 10.40 11.56 3.67
N GLU A 143 11.65 11.85 3.39
CA GLU A 143 12.26 11.47 2.13
C GLU A 143 12.34 9.94 2.03
N ASN A 144 13.04 9.35 2.99
CA ASN A 144 13.21 7.91 3.03
C ASN A 144 11.85 7.25 3.29
N ASP A 145 11.28 7.59 4.44
CA ASP A 145 9.99 7.03 4.82
C ASP A 145 9.08 6.99 3.59
N LYS A 146 8.97 8.14 2.93
CA LYS A 146 8.14 8.23 1.74
C LYS A 146 8.74 7.37 0.63
N ALA A 147 10.05 7.17 0.72
CA ALA A 147 10.75 6.37 -0.28
C ALA A 147 10.24 4.94 -0.22
N MET A 148 10.30 4.36 0.97
CA MET A 148 9.84 3.00 1.18
C MET A 148 8.40 2.83 0.72
N LEU A 149 7.54 3.69 1.24
CA LEU A 149 6.13 3.64 0.89
C LEU A 149 5.98 3.73 -0.63
N ILE A 150 6.79 4.60 -1.21
CA ILE A 150 6.76 4.80 -2.65
C ILE A 150 6.97 3.45 -3.35
N MET A 151 7.71 2.58 -2.68
CA MET A 151 7.99 1.26 -3.22
C MET A 151 6.70 0.45 -3.39
N THR A 152 5.99 0.30 -2.28
CA THR A 152 4.75 -0.45 -2.29
C THR A 152 3.90 -0.06 -3.50
N MET A 153 3.70 1.24 -3.65
CA MET A 153 2.92 1.76 -4.75
C MET A 153 3.63 1.53 -6.09
N LEU A 154 4.94 1.41 -6.01
CA LEU A 154 5.75 1.19 -7.20
C LEU A 154 5.32 -0.12 -7.86
N LEU A 155 5.29 -1.17 -7.05
CA LEU A 155 4.90 -2.48 -7.55
C LEU A 155 3.56 -2.37 -8.28
N ALA A 156 2.63 -1.68 -7.64
CA ALA A 156 1.31 -1.48 -8.23
C ALA A 156 1.44 -0.63 -9.49
N LYS A 157 2.05 0.53 -9.33
CA LYS A 157 2.23 1.44 -10.44
C LYS A 157 2.68 0.65 -11.68
N LYS A 158 3.64 -0.24 -11.46
CA LYS A 158 4.15 -1.07 -12.54
C LYS A 158 3.16 -2.19 -12.84
N VAL A 159 2.79 -2.91 -11.78
CA VAL A 159 1.86 -4.01 -11.92
C VAL A 159 0.47 -3.54 -11.50
N ALA A 160 -0.53 -4.29 -11.95
CA ALA A 160 -1.92 -3.96 -11.62
C ALA A 160 -2.27 -2.60 -12.23
N SER A 161 -1.44 -1.61 -11.92
CA SER A 161 -1.65 -0.27 -12.43
C SER A 161 -0.99 -0.12 -13.81
N HIS A 162 -0.18 -1.11 -14.14
CA HIS A 162 0.52 -1.10 -15.42
C HIS A 162 0.69 -2.53 -15.92
N ALA A 163 0.89 -3.44 -14.98
CA ALA A 163 1.07 -4.84 -15.31
C ALA A 163 -0.05 -5.66 -14.67
N PRO A 164 -1.15 -5.87 -15.46
CA PRO A 164 -2.29 -6.62 -14.98
C PRO A 164 -1.98 -8.12 -14.95
N SER A 165 -1.47 -8.58 -13.81
CA SER A 165 -1.15 -9.98 -13.65
C SER A 165 -1.51 -10.45 -12.25
N LEU A 166 -0.85 -9.84 -11.27
CA LEU A 166 -1.09 -10.18 -9.88
C LEU A 166 -1.54 -8.93 -9.12
N LEU A 167 -2.67 -8.39 -9.54
CA LEU A 167 -3.21 -7.20 -8.91
C LEU A 167 -3.18 -7.36 -7.39
N ARG A 168 -3.91 -8.38 -6.93
CA ARG A 168 -3.97 -8.66 -5.50
C ARG A 168 -2.59 -8.47 -4.87
N ASP A 169 -1.59 -9.03 -5.53
CA ASP A 169 -0.23 -8.93 -5.04
C ASP A 169 0.21 -7.47 -5.03
N VAL A 170 -0.17 -6.77 -6.09
CA VAL A 170 0.17 -5.36 -6.21
C VAL A 170 -0.48 -4.58 -5.07
N PHE A 171 -1.80 -4.61 -5.05
CA PHE A 171 -2.55 -3.91 -4.02
C PHE A 171 -1.93 -4.15 -2.64
N HIS A 172 -1.69 -5.42 -2.34
CA HIS A 172 -1.11 -5.79 -1.06
C HIS A 172 0.25 -5.09 -0.89
N THR A 173 0.91 -4.88 -2.02
CA THR A 173 2.21 -4.23 -2.01
C THR A 173 2.13 -2.90 -1.26
N THR A 174 1.13 -2.10 -1.61
CA THR A 174 0.94 -0.81 -0.98
C THR A 174 0.74 -0.98 0.53
N VAL A 175 -0.34 -1.66 0.88
CA VAL A 175 -0.65 -1.89 2.28
C VAL A 175 0.32 -2.94 2.84
N ASN A 176 1.31 -3.27 2.04
CA ASN A 176 2.31 -4.24 2.45
C ASN A 176 3.23 -3.62 3.50
N PHE A 177 3.85 -2.50 3.11
CA PHE A 177 4.75 -1.81 4.00
C PHE A 177 4.00 -1.24 5.20
N ILE A 178 2.98 -0.46 4.91
CA ILE A 178 2.17 0.15 5.96
C ILE A 178 1.74 -0.93 6.96
N ASN A 179 1.39 -2.09 6.41
CA ASN A 179 0.96 -3.21 7.23
C ASN A 179 2.16 -3.76 8.00
N GLN A 180 3.32 -3.69 7.37
CA GLN A 180 4.54 -4.18 7.97
C GLN A 180 4.65 -3.67 9.42
N ASN A 181 5.89 -3.55 9.87
CA ASN A 181 6.15 -3.08 11.22
C ASN A 181 6.49 -1.59 11.19
N LEU A 182 7.08 -1.18 10.08
CA LEU A 182 7.46 0.21 9.90
C LEU A 182 6.24 1.02 9.46
N PHE A 183 5.14 0.30 9.29
CA PHE A 183 3.89 0.93 8.87
C PHE A 183 4.17 2.21 8.07
N SER A 184 3.08 2.86 7.66
CA SER A 184 3.20 4.08 6.89
C SER A 184 4.21 5.03 7.54
N TYR A 185 4.41 6.16 6.89
CA TYR A 185 5.35 7.15 7.39
C TYR A 185 5.12 7.43 8.88
N VAL A 186 6.14 7.12 9.67
CA VAL A 186 6.06 7.32 11.10
C VAL A 186 5.37 8.66 11.38
N ARG A 187 5.70 9.64 10.56
CA ARG A 187 5.12 10.96 10.71
C ARG A 187 3.58 10.88 10.70
N ASN A 188 3.08 10.20 9.68
CA ASN A 188 1.64 10.05 9.54
C ASN A 188 1.06 9.46 10.83
N LEU A 189 1.79 8.50 11.38
CA LEU A 189 1.36 7.86 12.62
C LEU A 189 1.40 8.87 13.75
N VAL A 190 2.50 9.61 13.81
CA VAL A 190 2.67 10.62 14.84
C VAL A 190 1.51 11.62 14.77
N ARG A 191 1.37 12.23 13.61
CA ARG A 191 0.30 13.20 13.40
C ARG A 191 -1.07 12.55 13.62
N ASN A 192 -1.20 11.34 13.09
CA ASN A 192 -2.44 10.61 13.22
C ASN A 192 -2.83 10.53 14.70
N GLU A 193 -1.86 10.16 15.51
CA GLU A 193 -2.08 10.03 16.94
C GLU A 193 -3.51 9.54 17.21
N MET A 194 -3.92 8.56 16.43
CA MET A 194 -5.26 8.00 16.57
C MET A 194 -5.23 6.48 16.45
N ASP A 195 -5.86 5.83 17.40
CA ASP A 195 -5.92 4.37 17.40
C ASP A 195 -6.27 3.87 16.00
N MET A 1 36.68 -25.97 16.63
CA MET A 1 35.48 -25.78 15.83
C MET A 1 34.45 -24.92 16.57
N ASP A 2 33.51 -24.40 15.81
CA ASP A 2 32.47 -23.55 16.38
C ASP A 2 31.62 -22.96 15.26
N SER A 3 30.49 -22.39 15.64
CA SER A 3 29.59 -21.79 14.68
C SER A 3 28.18 -21.68 15.28
N GLU A 4 27.47 -20.65 14.84
CA GLU A 4 26.12 -20.43 15.32
C GLU A 4 25.52 -19.18 14.64
N VAL A 5 24.20 -19.23 14.45
CA VAL A 5 23.50 -18.13 13.82
C VAL A 5 22.00 -18.41 13.85
N SER A 6 21.22 -17.34 13.93
CA SER A 6 19.78 -17.45 13.97
C SER A 6 19.15 -16.06 14.12
N ASN A 7 17.93 -15.94 13.61
CA ASN A 7 17.21 -14.69 13.67
C ASN A 7 16.00 -14.74 12.74
N GLY A 8 15.07 -13.84 12.98
CA GLY A 8 13.86 -13.77 12.17
C GLY A 8 12.70 -13.18 12.97
N SER A 9 12.07 -12.17 12.38
CA SER A 9 10.94 -11.51 13.03
C SER A 9 10.03 -10.90 11.97
N GLY A 10 8.89 -10.38 12.44
CA GLY A 10 7.93 -9.76 11.54
C GLY A 10 6.53 -9.79 12.16
N LEU A 11 5.82 -8.68 11.98
CA LEU A 11 4.48 -8.57 12.51
C LEU A 11 3.96 -7.14 12.28
N GLY A 12 2.65 -7.02 12.23
CA GLY A 12 2.02 -5.73 12.01
C GLY A 12 0.68 -5.88 11.30
N ALA A 13 -0.15 -4.85 11.42
CA ALA A 13 -1.46 -4.87 10.79
C ALA A 13 -2.30 -3.72 11.36
N LYS A 14 -2.93 -2.98 10.45
CA LYS A 14 -3.76 -1.86 10.85
C LYS A 14 -4.95 -1.74 9.89
N HIS A 15 -6.09 -1.39 10.46
CA HIS A 15 -7.30 -1.25 9.66
C HIS A 15 -7.11 -0.13 8.64
N ILE A 16 -6.58 0.99 9.11
CA ILE A 16 -6.35 2.14 8.24
C ILE A 16 -5.50 1.69 7.05
N THR A 17 -4.57 0.80 7.33
CA THR A 17 -3.68 0.29 6.29
C THR A 17 -4.50 -0.26 5.12
N ASP A 18 -5.34 -1.24 5.43
CA ASP A 18 -6.18 -1.85 4.41
C ASP A 18 -6.88 -0.76 3.60
N LEU A 19 -7.25 0.31 4.31
CA LEU A 19 -7.92 1.42 3.66
C LEU A 19 -7.01 2.03 2.59
N LEU A 20 -5.71 1.97 2.87
CA LEU A 20 -4.73 2.51 1.95
C LEU A 20 -4.77 1.70 0.65
N VAL A 21 -4.80 0.38 0.81
CA VAL A 21 -4.84 -0.51 -0.34
C VAL A 21 -6.09 -0.20 -1.18
N PHE A 22 -7.24 -0.44 -0.56
CA PHE A 22 -8.51 -0.19 -1.23
C PHE A 22 -8.66 1.29 -1.59
N GLY A 23 -8.07 2.12 -0.76
CA GLY A 23 -8.12 3.56 -0.97
C GLY A 23 -7.24 3.98 -2.14
N PHE A 24 -6.12 3.28 -2.28
CA PHE A 24 -5.17 3.58 -3.34
C PHE A 24 -5.85 3.48 -4.71
N LEU A 25 -6.43 2.32 -4.97
CA LEU A 25 -7.11 2.09 -6.23
C LEU A 25 -8.20 3.15 -6.42
N GLN A 26 -8.92 3.42 -5.35
CA GLN A 26 -9.98 4.41 -5.39
C GLN A 26 -9.41 5.78 -5.77
N SER A 27 -8.16 5.99 -5.41
CA SER A 27 -7.49 7.24 -5.70
C SER A 27 -7.24 7.36 -7.21
N SER A 28 -6.12 6.81 -7.65
CA SER A 28 -5.76 6.85 -9.05
C SER A 28 -5.05 5.56 -9.44
N GLY A 29 -5.67 4.44 -9.09
CA GLY A 29 -5.10 3.14 -9.39
C GLY A 29 -5.78 2.53 -10.62
N CYS A 30 -6.75 1.66 -10.36
CA CYS A 30 -7.47 1.01 -11.44
C CYS A 30 -8.91 1.55 -11.46
N THR A 31 -9.83 0.74 -10.97
CA THR A 31 -11.23 1.12 -10.93
C THR A 31 -11.89 0.58 -9.67
N ARG A 32 -13.08 1.10 -9.39
CA ARG A 32 -13.83 0.67 -8.22
C ARG A 32 -13.83 -0.85 -8.11
N GLN A 33 -14.08 -1.49 -9.24
CA GLN A 33 -14.12 -2.95 -9.29
C GLN A 33 -12.76 -3.52 -8.89
N GLU A 34 -11.72 -2.75 -9.18
CA GLU A 34 -10.36 -3.17 -8.85
C GLU A 34 -10.14 -3.12 -7.34
N LEU A 35 -10.31 -1.92 -6.79
CA LEU A 35 -10.12 -1.72 -5.36
C LEU A 35 -10.85 -2.84 -4.60
N GLU A 36 -12.00 -3.22 -5.13
CA GLU A 36 -12.79 -4.27 -4.52
C GLU A 36 -12.14 -5.63 -4.72
N VAL A 37 -11.50 -5.77 -5.88
CA VAL A 37 -10.82 -7.01 -6.21
C VAL A 37 -9.70 -7.27 -5.20
N LEU A 38 -8.74 -6.36 -5.20
CA LEU A 38 -7.60 -6.48 -4.29
C LEU A 38 -8.07 -6.14 -2.87
N GLY A 39 -8.92 -5.13 -2.79
CA GLY A 39 -9.44 -4.70 -1.50
C GLY A 39 -9.90 -5.89 -0.66
N ARG A 40 -10.81 -6.66 -1.25
CA ARG A 40 -11.33 -7.84 -0.56
C ARG A 40 -12.52 -8.41 -1.33
N GLU A 41 -12.23 -8.95 -2.50
CA GLU A 41 -13.27 -9.52 -3.35
C GLU A 41 -12.74 -10.75 -4.09
N LEU A 42 -13.41 -11.87 -3.88
CA LEU A 42 -13.02 -13.11 -4.52
C LEU A 42 -13.93 -13.38 -5.70
N PRO A 43 -13.36 -13.19 -6.93
CA PRO A 43 -14.12 -13.41 -8.15
C PRO A 43 -14.30 -14.91 -8.43
N VAL A 44 -14.86 -15.60 -7.44
CA VAL A 44 -15.09 -17.02 -7.56
C VAL A 44 -15.85 -17.31 -8.86
N GLN A 45 -16.70 -16.35 -9.24
CA GLN A 45 -17.49 -16.48 -10.44
C GLN A 45 -18.46 -15.30 -10.57
N ALA A 46 -18.20 -14.46 -11.56
CA ALA A 46 -19.03 -13.31 -11.80
C ALA A 46 -18.91 -12.89 -13.27
N TYR A 47 -19.65 -11.84 -13.62
CA TYR A 47 -19.63 -11.34 -14.98
C TYR A 47 -18.23 -11.43 -15.59
N TRP A 48 -18.19 -11.50 -16.91
CA TRP A 48 -16.94 -11.60 -17.62
C TRP A 48 -17.20 -12.27 -18.97
N GLU A 49 -16.89 -11.53 -20.03
CA GLU A 49 -17.09 -12.04 -21.37
C GLU A 49 -15.74 -12.31 -22.05
N ALA A 50 -15.78 -12.35 -23.38
CA ALA A 50 -14.57 -12.61 -24.14
C ALA A 50 -14.94 -12.74 -25.63
N ASP A 51 -13.94 -13.10 -26.42
CA ASP A 51 -14.14 -13.26 -27.85
C ASP A 51 -12.91 -13.94 -28.45
N LEU A 52 -13.00 -14.21 -29.75
CA LEU A 52 -11.90 -14.85 -30.45
C LEU A 52 -12.28 -15.01 -31.93
N GLU A 53 -11.38 -14.57 -32.79
CA GLU A 53 -11.61 -14.66 -34.22
C GLU A 53 -12.04 -16.08 -34.61
N ASP A 54 -13.11 -16.15 -35.39
CA ASP A 54 -13.63 -17.43 -35.82
C ASP A 54 -13.89 -17.39 -37.34
N GLU A 55 -14.25 -18.53 -37.88
CA GLU A 55 -14.53 -18.63 -39.30
C GLU A 55 -13.22 -18.63 -40.10
N LEU A 56 -13.36 -18.82 -41.40
CA LEU A 56 -12.20 -18.83 -42.27
C LEU A 56 -12.26 -17.63 -43.22
N GLN A 57 -11.25 -17.51 -44.05
CA GLN A 57 -11.18 -16.42 -45.01
C GLN A 57 -11.57 -16.92 -46.41
N THR A 58 -12.67 -16.37 -46.90
CA THR A 58 -13.16 -16.73 -48.22
C THR A 58 -12.47 -15.90 -49.31
N ASP A 59 -12.94 -16.08 -50.54
CA ASP A 59 -12.38 -15.35 -51.66
C ASP A 59 -12.33 -13.86 -51.32
N GLY A 60 -11.56 -13.13 -52.12
CA GLY A 60 -11.41 -11.70 -51.91
C GLY A 60 -10.09 -11.37 -51.21
N SER A 61 -9.36 -10.44 -51.81
CA SER A 61 -8.09 -10.03 -51.26
C SER A 61 -7.85 -8.54 -51.52
N GLN A 62 -7.68 -7.80 -50.43
CA GLN A 62 -7.45 -6.37 -50.52
C GLN A 62 -7.46 -5.74 -49.13
N ALA A 63 -6.42 -4.97 -48.85
CA ALA A 63 -6.30 -4.30 -47.57
C ALA A 63 -5.78 -2.87 -47.78
N SER A 64 -5.63 -2.16 -46.68
CA SER A 64 -5.16 -0.79 -46.74
C SER A 64 -4.33 -0.47 -45.49
N ARG A 65 -3.90 0.77 -45.41
CA ARG A 65 -3.10 1.22 -44.28
C ARG A 65 -3.81 2.35 -43.54
N SER A 66 -3.15 2.84 -42.50
CA SER A 66 -3.70 3.93 -41.70
C SER A 66 -3.13 3.87 -40.28
N PHE A 67 -3.49 4.88 -39.49
CA PHE A 67 -3.02 4.96 -38.13
C PHE A 67 -4.07 5.64 -37.23
N ASN A 68 -4.00 5.31 -35.95
CA ASN A 68 -4.92 5.88 -34.98
C ASN A 68 -4.19 6.13 -33.66
N GLN A 69 -4.89 6.81 -32.76
CA GLN A 69 -4.31 7.13 -31.46
C GLN A 69 -5.42 7.42 -30.45
N GLY A 70 -5.01 7.59 -29.20
CA GLY A 70 -5.95 7.87 -28.14
C GLY A 70 -5.23 8.36 -26.88
N ARG A 71 -5.73 9.46 -26.34
CA ARG A 71 -5.15 10.05 -25.15
C ARG A 71 -5.94 9.62 -23.90
N ILE A 72 -5.34 9.86 -22.75
CA ILE A 72 -5.98 9.50 -21.49
C ILE A 72 -5.89 10.69 -20.53
N GLU A 73 -7.04 11.02 -19.95
CA GLU A 73 -7.11 12.13 -19.02
C GLU A 73 -7.51 11.63 -17.63
N PRO A 74 -6.82 12.18 -16.59
CA PRO A 74 -7.11 11.80 -15.22
C PRO A 74 -8.41 12.43 -14.74
N ASP A 75 -8.67 12.28 -13.45
CA ASP A 75 -9.86 12.83 -12.84
C ASP A 75 -9.70 12.88 -11.32
N SER A 76 -10.57 13.66 -10.69
CA SER A 76 -10.52 13.81 -9.24
C SER A 76 -11.79 14.49 -8.75
N GLU A 77 -11.99 14.44 -7.44
CA GLU A 77 -13.15 15.05 -6.83
C GLU A 77 -12.73 16.16 -5.88
N SER A 78 -12.58 15.79 -4.61
CA SER A 78 -12.19 16.75 -3.58
C SER A 78 -12.32 16.11 -2.19
N GLN A 79 -13.50 15.59 -1.93
CA GLN A 79 -13.77 14.96 -0.65
C GLN A 79 -12.58 14.10 -0.22
N GLU A 80 -12.31 14.13 1.08
CA GLU A 80 -11.20 13.37 1.63
C GLU A 80 -11.14 13.54 3.15
N GLU A 81 -10.55 12.56 3.80
CA GLU A 81 -10.42 12.57 5.25
C GLU A 81 -8.97 12.85 5.65
N ILE A 82 -8.53 12.14 6.66
CA ILE A 82 -7.17 12.30 7.15
C ILE A 82 -6.29 11.17 6.59
N ILE A 83 -6.08 10.17 7.42
CA ILE A 83 -5.26 9.03 7.02
C ILE A 83 -5.79 8.46 5.70
N HIS A 84 -7.11 8.45 5.59
CA HIS A 84 -7.76 7.94 4.38
C HIS A 84 -7.34 8.80 3.19
N ASN A 85 -7.36 10.10 3.39
CA ASN A 85 -6.99 11.03 2.33
C ASN A 85 -5.59 10.68 1.82
N ILE A 86 -4.67 10.53 2.75
CA ILE A 86 -3.31 10.20 2.41
C ILE A 86 -3.28 8.83 1.70
N ALA A 87 -4.14 7.94 2.17
CA ALA A 87 -4.22 6.61 1.60
C ALA A 87 -4.45 6.73 0.08
N ARG A 88 -5.36 7.62 -0.28
CA ARG A 88 -5.66 7.84 -1.68
C ARG A 88 -4.47 8.46 -2.41
N HIS A 89 -3.96 9.53 -1.83
CA HIS A 89 -2.82 10.23 -2.42
C HIS A 89 -1.70 9.22 -2.69
N LEU A 90 -1.78 8.09 -1.99
CA LEU A 90 -0.79 7.04 -2.16
C LEU A 90 -0.74 6.60 -3.63
N ALA A 91 -1.84 6.03 -4.07
CA ALA A 91 -1.95 5.56 -5.44
C ALA A 91 -1.63 6.72 -6.38
N GLN A 92 -2.22 7.87 -6.09
CA GLN A 92 -2.01 9.06 -6.91
C GLN A 92 -0.51 9.31 -7.10
N ILE A 93 0.22 9.25 -6.00
CA ILE A 93 1.66 9.47 -6.03
C ILE A 93 2.32 8.31 -6.78
N GLY A 94 1.62 7.20 -6.83
CA GLY A 94 2.13 6.01 -7.49
C GLY A 94 2.33 6.28 -8.99
N ASP A 95 1.25 6.71 -9.63
CA ASP A 95 1.29 7.00 -11.05
C ASP A 95 2.27 8.14 -11.31
N GLU A 96 2.09 9.22 -10.56
CA GLU A 96 2.95 10.38 -10.70
C GLU A 96 4.41 10.00 -10.35
N MET A 97 4.54 9.15 -9.34
CA MET A 97 5.86 8.71 -8.92
C MET A 97 6.67 8.19 -10.10
N ASP A 98 6.03 7.35 -10.90
CA ASP A 98 6.69 6.77 -12.06
C ASP A 98 7.59 7.82 -12.70
N HIS A 99 7.15 9.07 -12.60
CA HIS A 99 7.91 10.18 -13.17
C HIS A 99 9.39 10.02 -12.84
N ASN A 100 9.65 9.57 -11.61
CA ASN A 100 11.01 9.36 -11.16
C ASN A 100 11.06 8.14 -10.26
N ILE A 101 11.24 6.99 -10.88
CA ILE A 101 11.31 5.74 -10.14
C ILE A 101 12.70 5.11 -10.32
N GLN A 102 13.64 5.62 -9.53
CA GLN A 102 15.01 5.13 -9.60
C GLN A 102 15.98 6.20 -9.09
N PRO A 103 15.64 6.76 -7.90
CA PRO A 103 16.47 7.78 -7.30
C PRO A 103 17.74 7.19 -6.70
N THR A 104 18.68 6.86 -7.56
CA THR A 104 19.93 6.28 -7.13
C THR A 104 19.81 4.75 -7.03
N LEU A 105 18.66 4.26 -7.46
CA LEU A 105 18.40 2.83 -7.42
C LEU A 105 17.49 2.50 -6.24
N VAL A 106 16.70 3.50 -5.86
CA VAL A 106 15.78 3.33 -4.75
C VAL A 106 14.70 2.33 -5.13
N ARG A 107 13.77 2.78 -5.96
CA ARG A 107 12.68 1.93 -6.41
C ARG A 107 13.23 0.68 -7.09
N GLN A 108 14.51 0.74 -7.43
CA GLN A 108 15.17 -0.38 -8.08
C GLN A 108 15.19 -1.60 -7.17
N LEU A 109 15.60 -1.36 -5.93
CA LEU A 109 15.67 -2.43 -4.95
C LEU A 109 14.27 -3.01 -4.74
N ALA A 110 13.37 -2.14 -4.31
CA ALA A 110 11.99 -2.55 -4.07
C ALA A 110 11.46 -3.31 -5.28
N ALA A 111 11.92 -2.88 -6.46
CA ALA A 111 11.51 -3.51 -7.70
C ALA A 111 12.13 -4.90 -7.79
N GLN A 112 13.23 -5.08 -7.08
CA GLN A 112 13.94 -6.35 -7.07
C GLN A 112 12.98 -7.47 -6.67
N PHE A 113 12.34 -7.27 -5.52
CA PHE A 113 11.41 -8.26 -5.01
C PHE A 113 10.16 -8.33 -5.88
N MET A 114 9.73 -7.17 -6.35
CA MET A 114 8.55 -7.10 -7.20
C MET A 114 8.63 -8.12 -8.34
N ASN A 115 9.84 -8.57 -8.59
CA ASN A 115 10.07 -9.54 -9.66
C ASN A 115 10.38 -10.91 -9.03
N GLY A 116 9.62 -11.91 -9.47
CA GLY A 116 9.81 -13.25 -8.97
C GLY A 116 8.96 -14.25 -9.76
N SER A 117 8.00 -14.86 -9.06
CA SER A 117 7.13 -15.84 -9.69
C SER A 117 5.80 -15.90 -8.93
N LEU A 118 5.74 -16.82 -7.97
CA LEU A 118 4.55 -16.99 -7.18
C LEU A 118 4.55 -18.40 -6.57
N SER A 119 5.02 -18.48 -5.33
CA SER A 119 5.07 -19.76 -4.63
C SER A 119 4.62 -19.57 -3.18
N GLU A 120 3.31 -19.42 -3.03
CA GLU A 120 2.74 -19.24 -1.70
C GLU A 120 1.43 -18.45 -1.79
N GLU A 121 1.11 -18.04 -3.01
CA GLU A 121 -0.10 -17.28 -3.25
C GLU A 121 0.21 -15.78 -3.26
N ASP A 122 1.29 -15.44 -3.96
CA ASP A 122 1.70 -14.05 -4.06
C ASP A 122 2.22 -13.58 -2.70
N LYS A 123 3.28 -14.24 -2.25
CA LYS A 123 3.87 -13.89 -0.96
C LYS A 123 3.96 -12.37 -0.84
N ARG A 124 4.20 -11.93 0.38
CA ARG A 124 4.32 -10.50 0.65
C ARG A 124 5.70 -10.17 1.22
N ASN A 125 6.51 -11.21 1.35
CA ASN A 125 7.85 -11.05 1.89
C ASN A 125 8.69 -10.24 0.90
N CYS A 126 8.53 -10.57 -0.38
CA CYS A 126 9.27 -9.88 -1.42
C CYS A 126 9.07 -8.38 -1.24
N LEU A 127 7.81 -7.97 -1.22
CA LEU A 127 7.47 -6.57 -1.05
C LEU A 127 8.10 -6.05 0.25
N ALA A 128 7.55 -6.53 1.35
CA ALA A 128 8.04 -6.12 2.67
C ALA A 128 9.57 -6.20 2.67
N LYS A 129 10.09 -7.12 1.88
CA LYS A 129 11.53 -7.30 1.78
C LYS A 129 12.17 -6.01 1.28
N ALA A 130 11.40 -5.27 0.49
CA ALA A 130 11.88 -4.02 -0.07
C ALA A 130 11.96 -2.97 1.05
N LEU A 131 10.89 -2.90 1.83
CA LEU A 131 10.82 -1.95 2.93
C LEU A 131 12.17 -1.91 3.64
N ASP A 132 12.69 -3.10 3.92
CA ASP A 132 13.97 -3.22 4.60
C ASP A 132 15.09 -2.70 3.69
N GLU A 133 15.01 -3.10 2.44
CA GLU A 133 15.99 -2.69 1.45
C GLU A 133 15.98 -1.16 1.29
N VAL A 134 14.82 -0.66 0.85
CA VAL A 134 14.66 0.77 0.65
C VAL A 134 15.07 1.50 1.94
N LYS A 135 14.70 0.92 3.06
CA LYS A 135 15.02 1.50 4.36
C LYS A 135 16.44 1.10 4.76
N THR A 136 17.13 0.46 3.82
CA THR A 136 18.49 0.02 4.06
C THR A 136 19.48 0.84 3.23
N ALA A 137 18.96 1.41 2.15
CA ALA A 137 19.77 2.21 1.26
C ALA A 137 19.45 3.69 1.48
N PHE A 138 18.16 3.98 1.47
CA PHE A 138 17.71 5.35 1.66
C PHE A 138 16.85 5.48 2.93
N PRO A 139 17.49 5.12 4.08
CA PRO A 139 16.81 5.19 5.36
C PRO A 139 16.68 6.64 5.84
N ARG A 140 15.67 6.86 6.68
CA ARG A 140 15.43 8.19 7.21
C ARG A 140 14.01 8.28 7.77
N ASP A 141 13.59 9.51 8.04
CA ASP A 141 12.26 9.75 8.57
C ASP A 141 11.27 9.90 7.41
N MET A 142 10.86 11.14 7.18
CA MET A 142 9.91 11.43 6.11
C MET A 142 10.51 11.09 4.75
N GLU A 143 11.82 11.26 4.65
CA GLU A 143 12.53 10.97 3.41
C GLU A 143 12.47 9.48 3.10
N ASN A 144 13.03 8.70 4.01
CA ASN A 144 13.05 7.26 3.85
C ASN A 144 11.64 6.71 4.01
N ASP A 145 11.05 7.00 5.16
CA ASP A 145 9.70 6.55 5.44
C ASP A 145 8.85 6.64 4.17
N LYS A 146 8.83 7.83 3.59
CA LYS A 146 8.07 8.06 2.39
C LYS A 146 8.66 7.22 1.24
N ALA A 147 9.97 7.05 1.30
CA ALA A 147 10.66 6.27 0.29
C ALA A 147 10.14 4.84 0.30
N MET A 148 10.19 4.24 1.48
CA MET A 148 9.72 2.86 1.64
C MET A 148 8.30 2.70 1.07
N LEU A 149 7.40 3.51 1.60
CA LEU A 149 6.01 3.46 1.15
C LEU A 149 5.96 3.64 -0.36
N ILE A 150 6.75 4.59 -0.85
CA ILE A 150 6.81 4.87 -2.26
C ILE A 150 7.06 3.57 -3.03
N MET A 151 7.80 2.68 -2.39
CA MET A 151 8.12 1.39 -2.99
C MET A 151 6.85 0.59 -3.26
N THR A 152 6.06 0.38 -2.22
CA THR A 152 4.83 -0.37 -2.33
C THR A 152 4.04 0.09 -3.56
N MET A 153 3.92 1.40 -3.69
CA MET A 153 3.20 1.98 -4.80
C MET A 153 3.94 1.74 -6.13
N LEU A 154 5.25 1.56 -6.00
CA LEU A 154 6.08 1.32 -7.17
C LEU A 154 5.65 0.02 -7.84
N LEU A 155 5.56 -1.03 -7.04
CA LEU A 155 5.15 -2.32 -7.55
C LEU A 155 3.83 -2.18 -8.30
N ALA A 156 2.84 -1.62 -7.62
CA ALA A 156 1.54 -1.43 -8.21
C ALA A 156 1.67 -0.53 -9.43
N LYS A 157 2.26 0.64 -9.21
CA LYS A 157 2.45 1.60 -10.28
C LYS A 157 2.93 0.87 -11.54
N LYS A 158 3.98 0.08 -11.36
CA LYS A 158 4.55 -0.67 -12.47
C LYS A 158 3.65 -1.87 -12.77
N VAL A 159 3.39 -2.65 -11.73
CA VAL A 159 2.55 -3.83 -11.88
C VAL A 159 1.23 -3.43 -12.53
N ALA A 160 0.55 -2.47 -11.91
CA ALA A 160 -0.71 -1.99 -12.43
C ALA A 160 -0.70 -2.06 -13.95
N SER A 161 0.46 -1.77 -14.52
CA SER A 161 0.62 -1.80 -15.96
C SER A 161 1.69 -2.82 -16.35
N HIS A 162 2.41 -3.28 -15.34
CA HIS A 162 3.46 -4.26 -15.56
C HIS A 162 2.92 -5.67 -15.33
N ALA A 163 2.28 -5.84 -14.18
CA ALA A 163 1.71 -7.13 -13.82
C ALA A 163 0.22 -6.95 -13.48
N PRO A 164 -0.57 -6.57 -14.52
CA PRO A 164 -1.99 -6.37 -14.34
C PRO A 164 -2.73 -7.70 -14.22
N SER A 165 -1.95 -8.76 -14.18
CA SER A 165 -2.51 -10.10 -14.07
C SER A 165 -2.56 -10.53 -12.61
N LEU A 166 -2.08 -9.65 -11.75
CA LEU A 166 -2.06 -9.92 -10.33
C LEU A 166 -2.34 -8.63 -9.55
N LEU A 167 -3.39 -7.94 -9.98
CA LEU A 167 -3.78 -6.70 -9.35
C LEU A 167 -3.89 -6.91 -7.84
N ARG A 168 -4.07 -8.17 -7.46
CA ARG A 168 -4.20 -8.52 -6.06
C ARG A 168 -2.91 -8.17 -5.30
N ASP A 169 -1.79 -8.58 -5.88
CA ASP A 169 -0.49 -8.31 -5.28
C ASP A 169 -0.24 -6.81 -5.28
N VAL A 170 -0.72 -6.16 -6.33
CA VAL A 170 -0.56 -4.72 -6.47
C VAL A 170 -0.96 -4.04 -5.16
N PHE A 171 -2.21 -4.24 -4.79
CA PHE A 171 -2.73 -3.65 -3.57
C PHE A 171 -1.91 -4.08 -2.35
N HIS A 172 -1.71 -5.38 -2.24
CA HIS A 172 -0.94 -5.94 -1.14
C HIS A 172 0.38 -5.18 -1.01
N THR A 173 0.99 -4.91 -2.16
CA THR A 173 2.25 -4.20 -2.18
C THR A 173 2.14 -2.89 -1.39
N THR A 174 1.13 -2.11 -1.75
CA THR A 174 0.90 -0.83 -1.09
C THR A 174 0.72 -1.04 0.41
N VAL A 175 -0.39 -1.66 0.76
CA VAL A 175 -0.71 -1.92 2.15
C VAL A 175 0.24 -3.01 2.69
N ASN A 176 1.27 -3.28 1.91
CA ASN A 176 2.25 -4.28 2.29
C ASN A 176 3.20 -3.70 3.35
N PHE A 177 3.81 -2.59 2.98
CA PHE A 177 4.74 -1.92 3.89
C PHE A 177 3.99 -1.33 5.08
N ILE A 178 2.91 -0.64 4.78
CA ILE A 178 2.11 -0.01 5.83
C ILE A 178 1.73 -1.07 6.87
N ASN A 179 1.05 -2.11 6.40
CA ASN A 179 0.63 -3.18 7.28
C ASN A 179 1.87 -3.80 7.96
N GLN A 180 2.94 -3.88 7.19
CA GLN A 180 4.18 -4.43 7.70
C GLN A 180 4.59 -3.74 9.00
N ASN A 181 5.57 -2.87 8.88
CA ASN A 181 6.07 -2.13 10.03
C ASN A 181 5.99 -0.63 9.74
N LEU A 182 5.62 -0.31 8.50
CA LEU A 182 5.49 1.07 8.08
C LEU A 182 4.04 1.53 8.24
N PHE A 183 3.41 1.02 9.29
CA PHE A 183 2.03 1.36 9.57
C PHE A 183 1.79 2.86 9.41
N SER A 184 1.81 3.30 8.16
CA SER A 184 1.60 4.71 7.86
C SER A 184 2.61 5.56 8.61
N TYR A 185 3.14 6.56 7.92
CA TYR A 185 4.12 7.46 8.51
C TYR A 185 3.51 8.25 9.67
N VAL A 186 3.37 7.57 10.80
CA VAL A 186 2.81 8.20 11.98
C VAL A 186 3.40 9.60 12.14
N ARG A 187 4.70 9.69 11.88
CA ARG A 187 5.39 10.97 11.99
C ARG A 187 4.66 12.04 11.18
N ASN A 188 4.30 11.67 9.96
CA ASN A 188 3.62 12.59 9.08
C ASN A 188 2.29 13.00 9.71
N LEU A 189 1.55 11.98 10.17
CA LEU A 189 0.27 12.22 10.79
C LEU A 189 0.43 13.21 11.93
N VAL A 190 1.44 12.97 12.75
CA VAL A 190 1.71 13.83 13.89
C VAL A 190 1.88 15.27 13.40
N ARG A 191 2.66 15.42 12.34
CA ARG A 191 2.90 16.73 11.76
C ARG A 191 1.58 17.37 11.33
N ASN A 192 0.78 16.60 10.62
CA ASN A 192 -0.50 17.08 10.14
C ASN A 192 -1.32 17.59 11.34
N GLU A 193 -1.37 16.77 12.38
CA GLU A 193 -2.10 17.13 13.58
C GLU A 193 -1.33 18.18 14.39
N MET A 194 -2.04 19.25 14.72
CA MET A 194 -1.43 20.33 15.48
C MET A 194 -1.90 20.30 16.94
N ASP A 195 -3.20 20.14 17.10
CA ASP A 195 -3.79 20.09 18.43
C ASP A 195 -5.22 19.57 18.33
N MET A 1 12.65 -40.21 7.89
CA MET A 1 11.37 -39.53 8.04
C MET A 1 11.57 -38.02 8.19
N ASP A 2 10.53 -37.28 7.82
CA ASP A 2 10.58 -35.84 7.89
C ASP A 2 9.35 -35.25 7.20
N SER A 3 8.67 -34.37 7.92
CA SER A 3 7.47 -33.73 7.39
C SER A 3 6.90 -32.74 8.40
N GLU A 4 6.50 -31.59 7.91
CA GLU A 4 5.93 -30.55 8.76
C GLU A 4 5.51 -29.35 7.93
N VAL A 5 4.31 -28.87 8.21
CA VAL A 5 3.77 -27.72 7.49
C VAL A 5 2.46 -27.28 8.16
N SER A 6 2.40 -25.99 8.48
CA SER A 6 1.22 -25.44 9.12
C SER A 6 1.41 -23.93 9.33
N ASN A 7 0.31 -23.20 9.21
CA ASN A 7 0.33 -21.76 9.39
C ASN A 7 -1.02 -21.18 8.97
N GLY A 8 -1.38 -20.08 9.62
CA GLY A 8 -2.63 -19.41 9.31
C GLY A 8 -3.26 -18.84 10.58
N SER A 9 -3.88 -17.67 10.42
CA SER A 9 -4.52 -17.00 11.54
C SER A 9 -5.67 -16.12 11.04
N GLY A 10 -5.31 -14.91 10.66
CA GLY A 10 -6.29 -13.96 10.16
C GLY A 10 -6.83 -13.08 11.29
N LEU A 11 -5.96 -12.21 11.78
CA LEU A 11 -6.33 -11.31 12.85
C LEU A 11 -5.16 -10.35 13.13
N GLY A 12 -5.37 -9.09 12.75
CA GLY A 12 -4.35 -8.08 12.94
C GLY A 12 -4.99 -6.73 13.27
N ALA A 13 -4.16 -5.69 13.25
CA ALA A 13 -4.62 -4.35 13.53
C ALA A 13 -4.12 -3.40 12.44
N LYS A 14 -4.83 -3.38 11.33
CA LYS A 14 -4.47 -2.54 10.20
C LYS A 14 -5.74 -2.15 9.44
N HIS A 15 -6.80 -1.89 10.19
CA HIS A 15 -8.06 -1.51 9.61
C HIS A 15 -7.87 -0.28 8.72
N ILE A 16 -7.17 0.70 9.27
CA ILE A 16 -6.91 1.94 8.56
C ILE A 16 -6.12 1.62 7.29
N THR A 17 -5.01 0.92 7.47
CA THR A 17 -4.16 0.56 6.36
C THR A 17 -4.97 -0.16 5.28
N ASP A 18 -5.83 -1.06 5.73
CA ASP A 18 -6.67 -1.82 4.82
C ASP A 18 -7.34 -0.85 3.84
N LEU A 19 -7.88 0.23 4.40
CA LEU A 19 -8.56 1.23 3.60
C LEU A 19 -7.53 1.91 2.68
N LEU A 20 -6.29 1.89 3.12
CA LEU A 20 -5.21 2.50 2.35
C LEU A 20 -5.08 1.79 1.01
N VAL A 21 -5.01 0.46 1.07
CA VAL A 21 -4.89 -0.34 -0.12
C VAL A 21 -6.03 -0.01 -1.08
N PHE A 22 -7.24 -0.22 -0.59
CA PHE A 22 -8.43 0.05 -1.38
C PHE A 22 -8.55 1.54 -1.71
N GLY A 23 -7.97 2.36 -0.84
CA GLY A 23 -8.00 3.79 -1.02
C GLY A 23 -7.05 4.21 -2.15
N PHE A 24 -5.88 3.58 -2.17
CA PHE A 24 -4.89 3.89 -3.18
C PHE A 24 -5.49 3.80 -4.59
N LEU A 25 -6.11 2.67 -4.87
CA LEU A 25 -6.73 2.45 -6.16
C LEU A 25 -7.80 3.52 -6.40
N GLN A 26 -8.54 3.81 -5.35
CA GLN A 26 -9.60 4.80 -5.42
C GLN A 26 -9.03 6.15 -5.89
N SER A 27 -7.79 6.40 -5.48
CA SER A 27 -7.13 7.64 -5.86
C SER A 27 -7.00 7.72 -7.37
N SER A 28 -6.10 6.92 -7.91
CA SER A 28 -5.86 6.90 -9.35
C SER A 28 -5.61 5.46 -9.81
N GLY A 29 -6.18 4.52 -9.08
CA GLY A 29 -6.01 3.11 -9.41
C GLY A 29 -6.58 2.80 -10.79
N CYS A 30 -7.11 1.59 -10.93
CA CYS A 30 -7.68 1.16 -12.19
C CYS A 30 -9.13 1.62 -12.24
N THR A 31 -10.01 0.78 -11.71
CA THR A 31 -11.42 1.08 -11.68
C THR A 31 -12.07 0.50 -10.42
N ARG A 32 -13.34 0.86 -10.23
CA ARG A 32 -14.08 0.39 -9.08
C ARG A 32 -13.88 -1.12 -8.91
N GLN A 33 -14.19 -1.85 -9.97
CA GLN A 33 -14.05 -3.29 -9.95
C GLN A 33 -12.64 -3.69 -9.51
N GLU A 34 -11.70 -2.80 -9.78
CA GLU A 34 -10.32 -3.04 -9.42
C GLU A 34 -10.15 -3.01 -7.89
N LEU A 35 -10.57 -1.90 -7.31
CA LEU A 35 -10.48 -1.75 -5.86
C LEU A 35 -11.00 -3.00 -5.17
N GLU A 36 -12.07 -3.55 -5.76
CA GLU A 36 -12.67 -4.75 -5.21
C GLU A 36 -11.76 -5.96 -5.42
N VAL A 37 -11.22 -6.06 -6.63
CA VAL A 37 -10.33 -7.14 -6.97
C VAL A 37 -9.09 -7.07 -6.09
N LEU A 38 -8.40 -5.95 -6.18
CA LEU A 38 -7.19 -5.74 -5.40
C LEU A 38 -7.56 -5.58 -3.92
N GLY A 39 -8.60 -4.79 -3.70
CA GLY A 39 -9.07 -4.55 -2.34
C GLY A 39 -9.26 -5.87 -1.58
N ARG A 40 -10.00 -6.76 -2.21
CA ARG A 40 -10.28 -8.06 -1.62
C ARG A 40 -8.97 -8.78 -1.28
N GLU A 41 -8.42 -8.42 -0.13
CA GLU A 41 -7.17 -9.01 0.33
C GLU A 41 -7.20 -9.23 1.84
N LEU A 42 -6.88 -10.45 2.24
CA LEU A 42 -6.87 -10.79 3.65
C LEU A 42 -5.42 -10.81 4.16
N PRO A 43 -5.08 -9.75 4.93
CA PRO A 43 -3.73 -9.64 5.49
C PRO A 43 -3.54 -10.61 6.65
N VAL A 44 -3.63 -11.89 6.34
CA VAL A 44 -3.46 -12.92 7.34
C VAL A 44 -2.34 -12.52 8.29
N GLN A 45 -2.60 -12.71 9.58
CA GLN A 45 -1.62 -12.38 10.60
C GLN A 45 -1.44 -10.86 10.67
N ALA A 46 -0.52 -10.45 11.53
CA ALA A 46 -0.24 -9.04 11.72
C ALA A 46 1.09 -8.88 12.46
N TYR A 47 2.08 -8.37 11.74
CA TYR A 47 3.40 -8.16 12.32
C TYR A 47 3.28 -7.78 13.80
N TRP A 48 2.44 -6.80 14.07
CA TRP A 48 2.24 -6.34 15.44
C TRP A 48 3.57 -5.78 15.96
N GLU A 49 3.45 -4.74 16.78
CA GLU A 49 4.64 -4.11 17.34
C GLU A 49 4.32 -3.56 18.74
N ALA A 50 3.27 -2.75 18.80
CA ALA A 50 2.86 -2.15 20.05
C ALA A 50 4.00 -1.28 20.60
N ASP A 51 3.71 0.01 20.70
CA ASP A 51 4.69 0.95 21.19
C ASP A 51 4.00 2.29 21.47
N LEU A 52 4.56 3.02 22.44
CA LEU A 52 4.01 4.31 22.80
C LEU A 52 4.83 4.89 23.96
N GLU A 53 5.01 6.21 23.93
CA GLU A 53 5.75 6.89 24.97
C GLU A 53 5.15 8.26 25.25
N ASP A 54 4.89 8.51 26.52
CA ASP A 54 4.31 9.77 26.94
C ASP A 54 4.71 10.07 28.39
N GLU A 55 4.25 11.20 28.88
CA GLU A 55 4.55 11.61 30.24
C GLU A 55 5.91 12.30 30.30
N LEU A 56 5.87 13.62 30.34
CA LEU A 56 7.08 14.42 30.39
C LEU A 56 6.74 15.87 30.73
N GLN A 57 7.58 16.47 31.55
CA GLN A 57 7.36 17.85 31.96
C GLN A 57 8.45 18.29 32.93
N THR A 58 8.93 19.51 32.74
CA THR A 58 9.97 20.06 33.59
C THR A 58 9.88 21.59 33.61
N ASP A 59 10.12 22.14 34.80
CA ASP A 59 10.08 23.58 34.96
C ASP A 59 10.70 23.96 36.32
N GLY A 60 10.93 25.25 36.49
CA GLY A 60 11.52 25.74 37.71
C GLY A 60 11.01 27.14 38.05
N SER A 61 11.83 27.88 38.79
CA SER A 61 11.47 29.24 39.19
C SER A 61 12.65 30.17 38.96
N GLN A 62 12.34 31.46 38.91
CA GLN A 62 13.37 32.47 38.70
C GLN A 62 14.02 32.29 37.32
N ALA A 63 14.51 33.40 36.78
CA ALA A 63 15.16 33.37 35.49
C ALA A 63 16.57 32.81 35.63
N SER A 64 17.24 32.66 34.49
CA SER A 64 18.60 32.14 34.49
C SER A 64 19.52 33.11 33.76
N ARG A 65 20.82 32.92 33.99
CA ARG A 65 21.81 33.77 33.36
C ARG A 65 22.41 33.08 32.13
N SER A 66 22.71 33.89 31.13
CA SER A 66 23.29 33.37 29.90
C SER A 66 23.01 34.33 28.74
N PHE A 67 23.52 33.98 27.58
CA PHE A 67 23.35 34.80 26.40
C PHE A 67 23.63 34.01 25.11
N ASN A 68 22.56 33.73 24.38
CA ASN A 68 22.69 32.98 23.14
C ASN A 68 21.42 33.19 22.30
N GLN A 69 21.50 32.73 21.05
CA GLN A 69 20.38 32.86 20.14
C GLN A 69 19.78 31.49 19.85
N GLY A 70 18.45 31.42 19.92
CA GLY A 70 17.75 30.18 19.66
C GLY A 70 16.25 30.43 19.48
N ARG A 71 15.60 29.51 18.78
CA ARG A 71 14.18 29.61 18.53
C ARG A 71 13.56 28.22 18.45
N ILE A 72 12.56 27.99 19.30
CA ILE A 72 11.86 26.72 19.31
C ILE A 72 10.45 26.92 19.84
N GLU A 73 9.52 27.07 18.91
CA GLU A 73 8.12 27.27 19.26
C GLU A 73 7.39 25.93 19.29
N PRO A 74 6.98 25.54 20.53
CA PRO A 74 6.27 24.29 20.72
C PRO A 74 4.82 24.39 20.24
N ASP A 75 4.22 23.24 19.98
CA ASP A 75 2.85 23.20 19.51
C ASP A 75 2.53 21.80 18.97
N SER A 76 1.25 21.54 18.80
CA SER A 76 0.80 20.26 18.31
C SER A 76 -0.71 20.27 18.08
N GLU A 77 -1.09 19.95 16.85
CA GLU A 77 -2.49 19.92 16.48
C GLU A 77 -2.68 19.27 15.12
N SER A 78 -3.91 18.85 14.86
CA SER A 78 -4.22 18.20 13.59
C SER A 78 -5.71 17.82 13.56
N GLN A 79 -6.00 16.62 14.06
CA GLN A 79 -7.36 16.13 14.09
C GLN A 79 -7.83 15.78 12.68
N GLU A 80 -9.12 15.47 12.58
CA GLU A 80 -9.70 15.12 11.30
C GLU A 80 -9.05 13.84 10.75
N GLU A 81 -9.87 13.05 10.07
CA GLU A 81 -9.41 11.80 9.50
C GLU A 81 -8.64 12.08 8.19
N ILE A 82 -7.35 12.28 8.34
CA ILE A 82 -6.49 12.54 7.18
C ILE A 82 -5.80 11.26 6.75
N ILE A 83 -5.94 10.23 7.60
CA ILE A 83 -5.34 8.95 7.32
C ILE A 83 -5.81 8.46 5.95
N HIS A 84 -7.12 8.49 5.76
CA HIS A 84 -7.71 8.05 4.51
C HIS A 84 -7.21 8.94 3.37
N ASN A 85 -6.93 10.19 3.71
CA ASN A 85 -6.46 11.16 2.74
C ASN A 85 -5.14 10.65 2.15
N ILE A 86 -4.22 10.30 3.03
CA ILE A 86 -2.92 9.80 2.61
C ILE A 86 -3.10 8.47 1.87
N ALA A 87 -4.15 7.75 2.26
CA ALA A 87 -4.44 6.47 1.63
C ALA A 87 -4.54 6.65 0.12
N ARG A 88 -5.35 7.64 -0.27
CA ARG A 88 -5.54 7.93 -1.68
C ARG A 88 -4.27 8.49 -2.29
N HIS A 89 -3.62 9.37 -1.54
CA HIS A 89 -2.39 9.99 -1.99
C HIS A 89 -1.33 8.91 -2.23
N LEU A 90 -1.60 7.73 -1.69
CA LEU A 90 -0.68 6.62 -1.83
C LEU A 90 -0.52 6.29 -3.32
N ALA A 91 -1.61 5.85 -3.92
CA ALA A 91 -1.60 5.51 -5.33
C ALA A 91 -1.14 6.71 -6.15
N GLN A 92 -1.83 7.83 -5.94
CA GLN A 92 -1.49 9.05 -6.65
C GLN A 92 -0.01 9.37 -6.49
N ILE A 93 0.56 8.91 -5.38
CA ILE A 93 1.96 9.13 -5.09
C ILE A 93 2.81 8.30 -6.05
N GLY A 94 2.32 7.09 -6.31
CA GLY A 94 3.02 6.18 -7.21
C GLY A 94 3.18 6.80 -8.60
N ASP A 95 2.06 7.22 -9.16
CA ASP A 95 2.06 7.82 -10.49
C ASP A 95 2.86 9.12 -10.44
N GLU A 96 2.51 9.97 -9.48
CA GLU A 96 3.18 11.24 -9.32
C GLU A 96 4.68 11.03 -9.11
N MET A 97 5.00 10.05 -8.29
CA MET A 97 6.39 9.73 -8.01
C MET A 97 7.17 9.49 -9.29
N ASP A 98 6.57 8.74 -10.19
CA ASP A 98 7.20 8.42 -11.46
C ASP A 98 7.90 9.68 -11.99
N HIS A 99 7.34 10.83 -11.64
CA HIS A 99 7.89 12.10 -12.07
C HIS A 99 9.37 12.18 -11.65
N ASN A 100 9.59 11.95 -10.37
CA ASN A 100 10.95 11.99 -9.83
C ASN A 100 11.08 10.96 -8.70
N ILE A 101 11.41 9.73 -9.10
CA ILE A 101 11.56 8.66 -8.14
C ILE A 101 12.71 7.75 -8.59
N GLN A 102 13.86 7.94 -7.95
CA GLN A 102 15.03 7.14 -8.27
C GLN A 102 16.30 7.85 -7.78
N PRO A 103 16.28 8.24 -6.49
CA PRO A 103 17.42 8.92 -5.89
C PRO A 103 18.57 7.95 -5.62
N THR A 104 18.36 6.71 -6.05
CA THR A 104 19.37 5.68 -5.86
C THR A 104 18.86 4.33 -6.39
N LEU A 105 17.64 4.36 -6.89
CA LEU A 105 17.02 3.16 -7.43
C LEU A 105 15.93 2.68 -6.47
N VAL A 106 15.10 3.62 -6.04
CA VAL A 106 14.02 3.31 -5.13
C VAL A 106 13.20 2.15 -5.70
N ARG A 107 12.14 2.52 -6.42
CA ARG A 107 11.27 1.53 -7.02
C ARG A 107 12.10 0.45 -7.72
N GLN A 108 13.34 0.79 -8.00
CA GLN A 108 14.25 -0.14 -8.67
C GLN A 108 14.61 -1.29 -7.72
N LEU A 109 15.11 -0.92 -6.55
CA LEU A 109 15.49 -1.91 -5.56
C LEU A 109 14.26 -2.69 -5.10
N ALA A 110 13.30 -1.95 -4.57
CA ALA A 110 12.06 -2.55 -4.09
C ALA A 110 11.56 -3.56 -5.14
N ALA A 111 11.53 -3.10 -6.38
CA ALA A 111 11.07 -3.93 -7.48
C ALA A 111 11.99 -5.14 -7.61
N GLN A 112 13.19 -5.00 -7.06
CA GLN A 112 14.17 -6.06 -7.11
C GLN A 112 13.58 -7.35 -6.54
N PHE A 113 12.99 -7.22 -5.36
CA PHE A 113 12.38 -8.37 -4.70
C PHE A 113 11.22 -8.92 -5.52
N MET A 114 10.42 -8.00 -6.05
CA MET A 114 9.27 -8.38 -6.86
C MET A 114 9.68 -9.39 -7.94
N ASN A 115 10.94 -9.32 -8.34
CA ASN A 115 11.44 -10.23 -9.35
C ASN A 115 12.63 -11.01 -8.78
N GLY A 116 12.39 -12.30 -8.56
CA GLY A 116 13.43 -13.16 -8.01
C GLY A 116 13.02 -13.71 -6.65
N SER A 117 11.86 -13.27 -6.19
CA SER A 117 11.35 -13.71 -4.90
C SER A 117 9.82 -13.56 -4.87
N LEU A 118 9.17 -14.32 -5.73
CA LEU A 118 7.72 -14.29 -5.81
C LEU A 118 7.27 -14.79 -7.18
N SER A 119 6.82 -16.04 -7.20
CA SER A 119 6.37 -16.66 -8.44
C SER A 119 4.86 -16.92 -8.36
N GLU A 120 4.14 -16.33 -9.30
CA GLU A 120 2.69 -16.49 -9.35
C GLU A 120 2.09 -16.36 -7.94
N GLU A 121 2.79 -15.61 -7.11
CA GLU A 121 2.35 -15.38 -5.75
C GLU A 121 2.87 -16.48 -4.82
N ASP A 122 4.03 -16.22 -4.24
CA ASP A 122 4.65 -17.18 -3.34
C ASP A 122 4.52 -16.67 -1.90
N LYS A 123 5.11 -15.52 -1.66
CA LYS A 123 5.07 -14.92 -0.33
C LYS A 123 4.83 -13.41 -0.46
N ARG A 124 4.70 -12.76 0.68
CA ARG A 124 4.48 -11.32 0.71
C ARG A 124 5.67 -10.61 1.34
N ASN A 125 6.70 -11.39 1.65
CA ASN A 125 7.90 -10.85 2.26
C ASN A 125 8.66 -10.04 1.21
N CYS A 126 8.55 -10.47 -0.03
CA CYS A 126 9.22 -9.80 -1.13
C CYS A 126 9.03 -8.29 -0.96
N LEU A 127 7.77 -7.89 -0.95
CA LEU A 127 7.44 -6.48 -0.79
C LEU A 127 8.17 -5.92 0.43
N ALA A 128 7.73 -6.37 1.59
CA ALA A 128 8.33 -5.93 2.84
C ALA A 128 9.85 -5.97 2.72
N LYS A 129 10.32 -6.89 1.88
CA LYS A 129 11.75 -7.03 1.65
C LYS A 129 12.32 -5.73 1.12
N ALA A 130 11.48 -5.01 0.38
CA ALA A 130 11.89 -3.74 -0.21
C ALA A 130 12.00 -2.69 0.91
N LEU A 131 10.97 -2.65 1.75
CA LEU A 131 10.95 -1.70 2.85
C LEU A 131 12.35 -1.61 3.47
N ASP A 132 12.95 -2.77 3.69
CA ASP A 132 14.28 -2.84 4.26
C ASP A 132 15.30 -2.33 3.24
N GLU A 133 15.10 -2.74 1.99
CA GLU A 133 15.99 -2.33 0.92
C GLU A 133 15.91 -0.82 0.71
N VAL A 134 14.72 -0.35 0.36
CA VAL A 134 14.51 1.05 0.13
C VAL A 134 15.19 1.87 1.23
N LYS A 135 15.00 1.40 2.46
CA LYS A 135 15.58 2.06 3.61
C LYS A 135 17.10 1.82 3.62
N THR A 136 17.48 0.65 3.12
CA THR A 136 18.87 0.27 3.06
C THR A 136 19.67 1.30 2.26
N ALA A 137 18.95 2.05 1.44
CA ALA A 137 19.58 3.06 0.61
C ALA A 137 19.09 4.44 1.04
N PHE A 138 17.78 4.54 1.22
CA PHE A 138 17.18 5.80 1.64
C PHE A 138 16.47 5.65 2.98
N PRO A 139 17.27 5.24 4.01
CA PRO A 139 16.74 5.06 5.34
C PRO A 139 16.49 6.40 6.03
N ARG A 140 15.49 6.42 6.89
CA ARG A 140 15.14 7.63 7.62
C ARG A 140 13.73 7.51 8.20
N ASP A 141 13.25 8.63 8.73
CA ASP A 141 11.93 8.66 9.33
C ASP A 141 10.89 8.92 8.24
N MET A 142 9.90 9.73 8.58
CA MET A 142 8.85 10.06 7.64
C MET A 142 9.43 10.50 6.30
N GLU A 143 10.57 11.16 6.37
CA GLU A 143 11.24 11.63 5.17
C GLU A 143 11.50 10.48 4.21
N ASN A 144 12.38 9.58 4.63
CA ASN A 144 12.73 8.43 3.82
C ASN A 144 11.62 7.39 3.92
N ASP A 145 11.15 7.18 5.14
CA ASP A 145 10.07 6.22 5.37
C ASP A 145 9.08 6.27 4.21
N LYS A 146 8.65 7.49 3.90
CA LYS A 146 7.70 7.69 2.82
C LYS A 146 8.25 7.05 1.54
N ALA A 147 9.57 7.07 1.43
CA ALA A 147 10.23 6.49 0.27
C ALA A 147 9.83 5.03 0.13
N MET A 148 10.05 4.27 1.20
CA MET A 148 9.71 2.87 1.21
C MET A 148 8.27 2.65 0.76
N LEU A 149 7.38 3.49 1.26
CA LEU A 149 5.97 3.41 0.91
C LEU A 149 5.82 3.46 -0.60
N ILE A 150 6.55 4.38 -1.21
CA ILE A 150 6.51 4.55 -2.65
C ILE A 150 6.83 3.21 -3.33
N MET A 151 7.68 2.44 -2.66
CA MET A 151 8.08 1.14 -3.19
C MET A 151 6.86 0.25 -3.41
N THR A 152 6.05 0.11 -2.36
CA THR A 152 4.85 -0.70 -2.42
C THR A 152 3.98 -0.27 -3.60
N MET A 153 3.77 1.03 -3.70
CA MET A 153 2.96 1.58 -4.77
C MET A 153 3.59 1.30 -6.14
N LEU A 154 4.90 1.16 -6.13
CA LEU A 154 5.64 0.90 -7.36
C LEU A 154 5.10 -0.39 -7.99
N LEU A 155 5.16 -1.46 -7.22
CA LEU A 155 4.68 -2.75 -7.69
C LEU A 155 3.30 -2.58 -8.32
N ALA A 156 2.43 -1.91 -7.59
CA ALA A 156 1.07 -1.67 -8.07
C ALA A 156 1.12 -0.77 -9.30
N LYS A 157 1.92 0.29 -9.20
CA LYS A 157 2.07 1.23 -10.30
C LYS A 157 2.33 0.45 -11.58
N LYS A 158 3.33 -0.42 -11.52
CA LYS A 158 3.70 -1.23 -12.68
C LYS A 158 2.71 -2.38 -12.82
N VAL A 159 2.51 -3.10 -11.73
CA VAL A 159 1.61 -4.23 -11.72
C VAL A 159 0.21 -3.75 -11.32
N ALA A 160 -0.80 -4.50 -11.75
CA ALA A 160 -2.17 -4.16 -11.45
C ALA A 160 -2.58 -2.91 -12.25
N SER A 161 -1.71 -1.92 -12.19
CA SER A 161 -1.96 -0.67 -12.89
C SER A 161 -1.24 -0.68 -14.24
N HIS A 162 -0.40 -1.69 -14.43
CA HIS A 162 0.35 -1.83 -15.66
C HIS A 162 0.65 -3.30 -15.92
N ALA A 163 0.89 -4.02 -14.83
CA ALA A 163 1.19 -5.44 -14.93
C ALA A 163 0.06 -6.24 -14.29
N PRO A 164 -0.86 -6.74 -15.16
CA PRO A 164 -1.98 -7.53 -14.69
C PRO A 164 -1.54 -8.93 -14.28
N SER A 165 -0.56 -8.98 -13.40
CA SER A 165 -0.03 -10.26 -12.92
C SER A 165 -0.40 -10.44 -11.45
N LEU A 166 0.16 -9.58 -10.61
CA LEU A 166 -0.09 -9.65 -9.19
C LEU A 166 -1.03 -8.51 -8.79
N LEU A 167 -2.15 -8.43 -9.49
CA LEU A 167 -3.13 -7.39 -9.22
C LEU A 167 -3.47 -7.39 -7.72
N ARG A 168 -3.97 -8.54 -7.26
CA ARG A 168 -4.34 -8.69 -5.87
C ARG A 168 -3.13 -8.41 -4.97
N ASP A 169 -2.02 -9.05 -5.32
CA ASP A 169 -0.79 -8.88 -4.54
C ASP A 169 -0.35 -7.41 -4.61
N VAL A 170 -0.56 -6.82 -5.77
CA VAL A 170 -0.20 -5.42 -5.97
C VAL A 170 -0.76 -4.58 -4.83
N PHE A 171 -2.08 -4.65 -4.68
CA PHE A 171 -2.75 -3.89 -3.63
C PHE A 171 -2.07 -4.13 -2.27
N HIS A 172 -1.94 -5.39 -1.92
CA HIS A 172 -1.32 -5.76 -0.66
C HIS A 172 0.07 -5.10 -0.56
N THR A 173 0.67 -4.90 -1.72
CA THR A 173 1.99 -4.29 -1.78
C THR A 173 1.98 -2.93 -1.09
N THR A 174 1.10 -2.06 -1.58
CA THR A 174 0.97 -0.73 -1.02
C THR A 174 0.75 -0.80 0.50
N VAL A 175 -0.39 -1.38 0.87
CA VAL A 175 -0.73 -1.51 2.28
C VAL A 175 0.15 -2.60 2.91
N ASN A 176 1.14 -3.03 2.14
CA ASN A 176 2.06 -4.05 2.61
C ASN A 176 3.07 -3.43 3.57
N PHE A 177 3.75 -2.40 3.08
CA PHE A 177 4.73 -1.71 3.88
C PHE A 177 4.10 -1.07 5.12
N ILE A 178 3.04 -0.31 4.87
CA ILE A 178 2.34 0.36 5.95
C ILE A 178 1.90 -0.67 6.99
N ASN A 179 1.36 -1.77 6.49
CA ASN A 179 0.90 -2.84 7.36
C ASN A 179 2.07 -3.35 8.21
N GLN A 180 3.23 -3.42 7.57
CA GLN A 180 4.43 -3.89 8.25
C GLN A 180 5.24 -2.70 8.76
N ASN A 181 4.69 -1.51 8.53
CA ASN A 181 5.35 -0.29 8.96
C ASN A 181 4.74 0.17 10.29
N LEU A 182 4.63 1.47 10.44
CA LEU A 182 4.07 2.05 11.64
C LEU A 182 2.58 2.33 11.43
N PHE A 183 1.92 1.38 10.78
CA PHE A 183 0.50 1.51 10.51
C PHE A 183 0.06 2.98 10.55
N SER A 184 0.03 3.59 9.38
CA SER A 184 -0.37 4.99 9.28
C SER A 184 0.87 5.89 9.27
N TYR A 185 1.61 5.80 8.17
CA TYR A 185 2.82 6.60 8.03
C TYR A 185 2.52 8.09 8.23
N VAL A 186 1.39 8.51 7.68
CA VAL A 186 0.98 9.91 7.80
C VAL A 186 0.84 10.27 9.28
N ARG A 187 0.27 9.33 10.03
CA ARG A 187 0.06 9.54 11.45
C ARG A 187 1.37 9.97 12.12
N ASN A 188 2.44 9.27 11.77
CA ASN A 188 3.75 9.58 12.32
C ASN A 188 4.17 10.98 11.88
N LEU A 189 3.91 11.27 10.62
CA LEU A 189 4.25 12.58 10.07
C LEU A 189 3.58 13.67 10.89
N VAL A 190 2.26 13.54 11.03
CA VAL A 190 1.49 14.51 11.78
C VAL A 190 2.01 14.56 13.22
N ARG A 191 2.22 13.37 13.78
CA ARG A 191 2.70 13.27 15.16
C ARG A 191 4.00 14.08 15.32
N ASN A 192 4.90 13.88 14.37
CA ASN A 192 6.17 14.59 14.40
C ASN A 192 5.92 16.09 14.29
N GLU A 193 5.14 16.46 13.28
CA GLU A 193 4.81 17.85 13.06
C GLU A 193 3.82 18.34 14.11
N MET A 194 3.30 19.55 13.88
CA MET A 194 2.35 20.14 14.79
C MET A 194 1.18 20.78 14.02
N ASP A 195 0.70 20.05 13.03
CA ASP A 195 -0.39 20.54 12.22
C ASP A 195 -1.23 19.34 11.72
#